data_8EBT
#
_entry.id   8EBT
#
_cell.length_a   1.00
_cell.length_b   1.00
_cell.length_c   1.00
_cell.angle_alpha   90.00
_cell.angle_beta   90.00
_cell.angle_gamma   90.00
#
_symmetry.space_group_name_H-M   'P 1'
#
loop_
_entity.id
_entity.type
_entity.pdbx_description
1 polymer 'General transcription and DNA repair factor IIH helicase subunit XPB'
2 polymer 'General transcription and DNA repair factor IIH helicase subunit XPD'
3 polymer 'General transcription factor IIH subunit 1'
4 polymer 'General transcription factor IIH subunit 4'
5 polymer 'General transcription factor IIH subunit 2'
6 polymer 'General transcription factor IIH subunit 3'
7 polymer 'General transcription factor IIH subunit 5'
8 polymer 'DNA repair protein complementing XP-C cells'
9 polymer Centrin-2
10 polymer 'DNA repair protein complementing XP-A cells'
11 polymer 'DNA (Cy5)'
12 polymer DNA
13 non-polymer 'IRON/SULFUR CLUSTER'
14 non-polymer 'ZINC ION'
15 non-polymer 'CALCIUM ION'
#
loop_
_entity_poly.entity_id
_entity_poly.type
_entity_poly.pdbx_seq_one_letter_code
_entity_poly.pdbx_strand_id
1 'polypeptide(L)'
;KVDEYGAKDYRLQMPLKDDHTSRPLWVAPDGHIFLEAFSPVYKYAQDFLVAIAEPVCRPTHVHEYKLTAYSLYAAVSVGL
QTSDITEYLRKLSKTGVPDGIMQFIKLCTVSYGKVKLVLKHNRYFVESCHPDVIQHLLQDPVIRECRLRNSEGEATETVS
FEVKQEMIEELQKRCIHLEYPLLAEYDFRNDSVNPDINIDLKPTAVLRPYQEKSLRKMFGNGRARSGVIVLPCGAGKSLV
GVTAACTVRKRCLVLGNSAVSVEQWKAQFKMWSTIDDSQICRFTSDAKDKPIGCSVAISTYSMLGHTTKRSWEAERVMEW
LKTQEWGLMILDEVHTIPAKMFRRVLTIVQAHCKLGLTATLVREDDKIVDLNFLIGPKLYEANWMELQNNGYIAKVQCAE
VWCPMSPEFYREYVAIKTKKRILLYTMNPNKFRACQFLIKFHERRNDKIIVFADNVFALKEYAIRLNKPYIYGPTSQGER
MQILQNFKHNPKINTIFISKVGDTSFDLPEANVLIQISSHGGSRRQEAQRLGRVLRYNAFFYSLVSQDTQEMAYSTKRQR
FLVDQGYSFKVITKLAGMEEEDLAFSTKEEQQQLLQKVLAATD
;
A
2 'polypeptide(L)'
;MKLNVDGLLVYFPYDYIYPEQFSYMRELKRTLDAKGHGVLEMPSGTGKTVSLLALIMAYQRAYPLEVTKLIYCSRTVPEI
EKVIEELRKLLNFYEKQEGEKLPFLGLALSSRKNLCIHPEVTPLRFGKDVDGKCHSLTASYVRAQYQHDTSLPHCRFYEE
FDAHGREVPLPAGIYNLDDLKALGRRQGWCPYFLARYSILHANVVVYSYHYLLDPKIADLVSKELARKAVVVFDEAHNID
NVCIDSMSVNLTRRTLDRCQGNLETLQKTVLRIKETDEQRLRDEYRRLVEGLREASAARETDAHLANPVLPDEVLQEAVP
GSIRTAEHFLGFLRRLLEYVKWRLRVQHVVQESPPAFLSGLAQRVCIQRKPLRFCAERLRSLLHTLEITDLADFSPLTLL
ANFATLVSTYAKGFTIIIEPFDDRTPTIANPILHFSCMDASLAIKPVFERFQSVIITSGTLSPLDIYPKILDFHPVTMAT
FTMTLARVCLCPMIIGRGNDQVAISSKFETREDIAVIRNYGNLLLEMSAVVPDGIVAFFTSYQYMESTVASWYEQGILEN
IQRNKLLFIETQDGAETSVALEKYQEACENGRGAILLSVARGKVSEGIDFVHHYGRAVIMFGVPYVYTQSRILKARLEYL
RDQFQIRENDFLTFDAMRHAAQCVGRAIRGKTDYGLMVFADKRFARGDKRGKLPRWIQEHLTDANLNLTVDEGVQVAKYF
LRQMAQPFHR
;
B
3 'polypeptide(L)'
;LEEKNRMLQEDPVLFQLYKDLVVSQVISAEEFWANRLNVNATDSSSTSNHKQDVGISAAFLADVRPQTDGCNGLRYNLTS
DIIESIFRTYPAVKMKYAENVPHNMTEKEFWTRFFQSHYFHRDRLNTGSKDLFAECAKIDEKGLKTMVSLGVKNPLLDLT
ALEDKPLDEGYGISSVPSASNSKSIKENSNAAIIKRFNHHSAMVLAAGLRKQEAQNEQTSEPSNMDGNSGDADCFQPAVK
RAKLQESIEYEDLGKNNSVKTIALNLKKSDRYYHGPTPIQSLQYATSQDIINSFQSIRQEMEAYTPKLTQVLSSSAASST
ITALSPGGALMQGGTQQAINQMVPNDIQSELKHLYVAVGELLRHFWSCFPVNTPFLEEKVVKMKSNLERFQVTKLCPFQE
KIRRQYLSTNLVSHIEEMLQTAYNKLHTWQSRRLMKKT
;
C
4 'polypeptide(L)'
;RNLQEFLGGLSPGVLDRLYGHPATCLAVFRELPSLAKNWVMRMLFLEQPLPQAAVALWVKKEFSKAQEESTGLLSGLRIW
HTQLLPGGLQGLILNPIFRQNLRIALLGGGKAWSDDTSQLGPDKHARDVPSLDKYAEERWEVVLHFMVGSPSAAVSQDLA
QLLSQAGLMKSTEPGEPPCITSAGFQFLLLDTPAQLWYFMLQYLQTAQSRGMDLVEILSFLFQLSFSTLGKDYSVEGMSD
SLLNFLQHLREFGLVFQRKRKSRRYYPTRLAINLSSGVSGAGGTVHQPGFIVVETNYRLYAYTESELQIALIALFSEMLY
RFPNMVVAQVTRESVQQAIASGITAQQIIHFLRTRAHPVMLKQTPVLPPTITDQIRLWELERDRLRFTEGVLYNQFLSQV
DFELLLAHARELGVLVFENSAKRLMVVTPAGHSDVKRFWKRQKHSS
;
D
5 'polypeptide(L)'
;TKRWEGGYERTWEILKEDESGSLKATIEDILFKAKRKRVFEHHGGVRLGMMRHLYVVVDGSRTMEDQDLKPNRLTCTLKL
LEYFVEEYFDQNPISQIGIIVTKSKRAEKLTELSGNPRKHITSLKKAVDMTCHGEPSLYNSLSIAMQTLKHMPGHTSREV
LIIFSSLTTCDPSNIYDLIKTLKAAKIRVSVIGLSAEVRVCTVLARETGGTYHVILDESHYKELLTHHVSPPPASSSSEC
SLIRMGFPQHTIASLSDQDAKPSFSMAHLDGNTEPGLTLGGYFCPQCRAKYCELPVECKICGLTLVSAPHLARSYHHLFP
LDAFQEIPLEEYNGERFCYGCQGELKDQHVYVCAVCQNVFCVDCDVFVHDSLHCCPGCIH
;
E
6 'polypeptide(L)'
;DELNLLVIVVDANPIWWGKQALKESQFTLSKCIDAVMVLGNSHLFMNRSNKLAVIASHIQESRFLYPGKNGRLGDFFGDP
GNPPEFNPSGSKDGKYELLTSANEVIVEEIKDLMTKSDIKGQHTETLLAGSLAKALCYIHRMNKEVKDNQEMKSRILVIK
AAEDSALQYMNFMNVIFAAQKQNILIDACVLDSDSGLLQQACDITGGLYLKVPQMPSLLQYLLWVFLPDQDQRSQLILPP
PVHVDYRAACFCHRNLIEIGYVCSVCLSIFCNFSPICTTCETAF
;
F
7 'polypeptide(L)' VLKGVLIECDPAMKQFLLYLDESNALGKKFIIQDIDDTHVFVIAELVNVLQERVGELMDQNAFSLT G
8 'polypeptide(L)'
;PTAIGLYKNHPLYALKRHLLKYEAIYPETAAILGYCRGEAVYSRDCVHTLHSRDTWLKKARVVRLGEVPYKMVKGFSNRA
RKARLAEPQLREENDLGLFGYWQTEEYQPPVAVDGKVPRNEFGNVYLFLPSMMPIGCVQLNLPNLHRVARKLDIDCVQAI
TGFDFHGGYSHPVTDGYIVCEEFKDVLLTAWENEQAVIERKEKEKKEKRALGNWKLLAKGLLIRERLKRRYGGTSSQAEA
ARILAASWPQNREDEEKQKEKKAAASHLFPFEKL
;
H
9 'polypeptide(L)' KEEILKAFKLFDDDETGKISFKNLKRVAKELGENLTDEELQEMIDEADRDGDGEVSEQEFLRIMKKTSLY J
10 'polypeptide(L)'
;YVICEECGKEFMDSYLMNHFDLPTCDNCRDADDKHKLITKTEAKQEYLLKDCDLEKREPPLKFIVKKNPHHSQWGDMKLY
LKLQIVKRSLEVWGSQEALEEAKEVRQENREKMKQKKFDKKVKELRRAVRSSVWKRETIVHQHEYGPEENLEDDMYRKTC
TMCGHELTYEKM
;
K
11 'polydeoxyribonucleotide'
;(DA)(DG)(DG)(DT)(DA)(DG)(DT)(DC)(DA)(DC)(DA)(DG)(DC)(DT)(DG)(DA)(DT)(DT)(DG)(DC)
(DG)(DC)(DT)(DG)(DA)(DG)(DG)(DA)(DT)(VM6)(DT)(DA)(DG)(DA)(DC)(DG)(DT)(DG)(DC)
(DG)(DA)(DT)(DA)(DT)
;
L
12 'polydeoxyribonucleotide'
;(DA)(DT)(DA)(DT)(DC)(DG)(DC)(DA)(DC)(DG)(DT)(DC)(DT)(DA)(DT)(DT)(DA)(DT)(DC)(DC)
(DT)(DC)(DA)(DG)(DC)(DG)(DC)(DA)(DA)(DT)(DC)(DA)(DG)(DC)(DT)(DG)(DT)(DG)(DA)(DC)
(DT)(DA)(DC)(DC)(DT)
;
M
#
# COMPACT_ATOMS: atom_id res chain seq x y z
N LYS A 1 -1.55 -53.64 1.62
CA LYS A 1 -2.35 -54.84 1.38
C LYS A 1 -2.68 -55.53 2.70
N VAL A 2 -1.72 -55.54 3.62
CA VAL A 2 -1.89 -56.14 4.94
C VAL A 2 -2.38 -55.07 5.90
N ASP A 3 -3.11 -55.51 6.94
CA ASP A 3 -3.73 -54.62 7.90
C ASP A 3 -3.31 -54.99 9.32
N GLU A 4 -2.01 -55.18 9.53
CA GLU A 4 -1.51 -55.49 10.86
C GLU A 4 -1.78 -54.35 11.83
N TYR A 5 -1.64 -53.10 11.37
CA TYR A 5 -1.95 -51.92 12.17
C TYR A 5 -2.95 -51.01 11.45
N GLY A 6 -3.64 -51.52 10.44
CA GLY A 6 -4.56 -50.72 9.67
C GLY A 6 -3.92 -49.85 8.62
N ALA A 7 -2.64 -50.07 8.32
CA ALA A 7 -1.90 -49.26 7.37
C ALA A 7 -1.56 -50.08 6.13
N LYS A 8 -1.69 -49.45 4.96
CA LYS A 8 -1.32 -50.09 3.70
C LYS A 8 0.20 -50.22 3.64
N ASP A 9 0.71 -51.43 3.86
CA ASP A 9 2.14 -51.69 3.87
C ASP A 9 2.54 -52.36 2.57
N TYR A 10 3.59 -51.85 1.94
CA TYR A 10 4.11 -52.38 0.69
C TYR A 10 5.61 -52.58 0.77
N ARG A 11 6.07 -53.12 1.91
CA ARG A 11 7.49 -53.38 2.08
C ARG A 11 7.99 -54.42 1.08
N LEU A 12 7.23 -55.49 0.89
CA LEU A 12 7.64 -56.54 -0.05
C LEU A 12 7.46 -56.11 -1.49
N GLN A 13 6.54 -55.17 -1.75
CA GLN A 13 6.27 -54.76 -3.12
C GLN A 13 7.48 -54.07 -3.74
N MET A 14 8.17 -53.23 -2.98
CA MET A 14 9.32 -52.46 -3.47
C MET A 14 10.48 -52.60 -2.49
N PRO A 15 11.12 -53.76 -2.45
CA PRO A 15 12.23 -53.98 -1.51
C PRO A 15 13.57 -53.44 -2.00
N LEU A 16 13.63 -52.88 -3.21
CA LEU A 16 14.90 -52.41 -3.76
C LEU A 16 15.42 -51.22 -2.96
N LYS A 17 16.74 -51.17 -2.79
CA LYS A 17 17.42 -50.02 -2.17
C LYS A 17 18.73 -49.83 -2.92
N ASP A 18 18.70 -48.98 -3.95
CA ASP A 18 19.90 -48.73 -4.74
C ASP A 18 20.94 -47.96 -3.93
N ASP A 19 20.51 -46.92 -3.22
CA ASP A 19 21.40 -46.10 -2.41
C ASP A 19 20.74 -45.85 -1.06
N HIS A 20 21.58 -45.56 -0.06
CA HIS A 20 21.09 -45.28 1.28
C HIS A 20 20.19 -44.05 1.28
N THR A 21 20.75 -42.88 0.98
CA THR A 21 20.00 -41.64 0.85
C THR A 21 20.61 -40.86 -0.32
N SER A 22 20.09 -41.11 -1.52
CA SER A 22 20.52 -40.36 -2.71
C SER A 22 19.37 -39.95 -3.62
N ARG A 23 18.19 -40.54 -3.48
CA ARG A 23 17.05 -40.23 -4.36
C ARG A 23 15.89 -39.77 -3.50
N PRO A 24 15.68 -38.46 -3.34
CA PRO A 24 14.59 -37.98 -2.48
C PRO A 24 13.22 -38.19 -3.10
N LEU A 25 12.79 -39.44 -3.21
CA LEU A 25 11.51 -39.74 -3.81
C LEU A 25 11.03 -41.10 -3.33
N TRP A 26 9.73 -41.22 -3.10
CA TRP A 26 9.09 -42.48 -2.73
C TRP A 26 7.87 -42.68 -3.62
N VAL A 27 7.67 -43.92 -4.07
CA VAL A 27 6.57 -44.26 -4.96
C VAL A 27 5.64 -45.21 -4.22
N ALA A 28 4.44 -45.38 -4.78
CA ALA A 28 3.42 -46.26 -4.23
C ALA A 28 2.90 -47.18 -5.31
N PRO A 29 2.43 -48.38 -4.94
CA PRO A 29 1.94 -49.33 -5.96
C PRO A 29 0.73 -48.82 -6.73
N ASP A 30 -0.33 -48.44 -6.02
CA ASP A 30 -1.50 -47.87 -6.68
C ASP A 30 -1.15 -46.57 -7.38
N GLY A 31 -0.79 -45.55 -6.60
CA GLY A 31 -0.13 -44.38 -7.13
C GLY A 31 -0.01 -43.28 -6.10
N HIS A 32 1.19 -42.70 -5.99
CA HIS A 32 1.51 -41.62 -5.07
C HIS A 32 2.98 -41.28 -5.22
N ILE A 33 3.36 -40.03 -4.94
CA ILE A 33 4.74 -39.60 -4.97
C ILE A 33 5.03 -38.81 -3.70
N PHE A 34 6.12 -39.15 -3.02
CA PHE A 34 6.57 -38.41 -1.84
C PHE A 34 7.93 -37.81 -2.15
N LEU A 35 8.04 -36.49 -2.03
CA LEU A 35 9.25 -35.75 -2.36
C LEU A 35 9.83 -35.11 -1.10
N GLU A 36 11.13 -35.28 -0.92
CA GLU A 36 11.85 -34.69 0.20
C GLU A 36 12.37 -33.32 -0.23
N ALA A 37 11.96 -32.27 0.48
CA ALA A 37 12.36 -30.91 0.12
C ALA A 37 13.79 -30.61 0.54
N PHE A 38 14.27 -31.21 1.62
CA PHE A 38 15.61 -30.93 2.13
C PHE A 38 16.66 -31.79 1.42
N SER A 39 16.71 -31.64 0.10
CA SER A 39 17.65 -32.36 -0.73
C SER A 39 18.34 -31.39 -1.69
N PRO A 40 19.61 -31.63 -2.00
CA PRO A 40 20.30 -30.76 -2.97
C PRO A 40 19.68 -30.80 -4.36
N VAL A 41 19.01 -31.89 -4.71
CA VAL A 41 18.39 -32.04 -6.02
C VAL A 41 16.89 -31.76 -5.96
N TYR A 42 16.44 -31.01 -4.95
CA TYR A 42 15.01 -30.78 -4.75
C TYR A 42 14.39 -30.04 -5.93
N LYS A 43 15.09 -29.04 -6.47
CA LYS A 43 14.52 -28.24 -7.55
C LYS A 43 14.27 -29.07 -8.80
N TYR A 44 15.23 -29.91 -9.18
CA TYR A 44 15.07 -30.73 -10.38
C TYR A 44 13.94 -31.74 -10.20
N ALA A 45 13.87 -32.39 -9.04
CA ALA A 45 12.79 -33.33 -8.78
C ALA A 45 11.44 -32.63 -8.78
N GLN A 46 11.38 -31.42 -8.21
CA GLN A 46 10.14 -30.66 -8.22
C GLN A 46 9.70 -30.33 -9.65
N ASP A 47 10.65 -29.89 -10.48
CA ASP A 47 10.32 -29.58 -11.87
C ASP A 47 9.85 -30.83 -12.61
N PHE A 48 10.50 -31.96 -12.36
CA PHE A 48 10.09 -33.20 -13.02
C PHE A 48 8.70 -33.63 -12.57
N LEU A 49 8.40 -33.51 -11.28
CA LEU A 49 7.12 -33.99 -10.76
C LEU A 49 5.98 -33.08 -11.18
N VAL A 50 6.22 -31.76 -11.24
CA VAL A 50 5.16 -30.83 -11.63
C VAL A 50 4.70 -31.11 -13.05
N ALA A 51 5.65 -31.38 -13.95
CA ALA A 51 5.31 -31.62 -15.36
C ALA A 51 4.62 -32.96 -15.58
N ILE A 52 4.63 -33.86 -14.60
CA ILE A 52 4.06 -35.19 -14.79
C ILE A 52 2.89 -35.48 -13.84
N ALA A 53 2.76 -34.78 -12.73
CA ALA A 53 1.70 -35.08 -11.78
C ALA A 53 1.28 -33.80 -11.06
N GLU A 54 0.05 -33.83 -10.50
CA GLU A 54 -0.41 -32.69 -9.74
C GLU A 54 -0.21 -32.94 -8.24
N PRO A 55 0.09 -31.90 -7.48
CA PRO A 55 0.31 -32.08 -6.04
C PRO A 55 -0.99 -32.32 -5.30
N VAL A 56 -0.86 -33.00 -4.15
CA VAL A 56 -1.96 -33.14 -3.22
C VAL A 56 -1.68 -32.44 -1.89
N CYS A 57 -0.43 -32.24 -1.51
CA CYS A 57 -0.11 -31.42 -0.35
C CYS A 57 1.33 -30.93 -0.46
N ARG A 58 1.57 -29.70 -0.05
CA ARG A 58 2.89 -29.07 -0.12
C ARG A 58 3.25 -28.45 1.22
N PRO A 59 3.58 -29.28 2.22
CA PRO A 59 4.09 -28.72 3.48
C PRO A 59 5.55 -28.36 3.37
N THR A 60 6.16 -27.94 4.50
CA THR A 60 7.51 -27.40 4.46
C THR A 60 8.59 -28.46 4.27
N HIS A 61 8.31 -29.72 4.59
CA HIS A 61 9.33 -30.75 4.61
C HIS A 61 9.14 -31.82 3.54
N VAL A 62 7.99 -32.48 3.52
CA VAL A 62 7.76 -33.62 2.63
C VAL A 62 6.51 -33.36 1.81
N HIS A 63 6.69 -33.08 0.52
CA HIS A 63 5.57 -32.84 -0.38
C HIS A 63 4.99 -34.16 -0.87
N GLU A 64 3.68 -34.16 -1.13
CA GLU A 64 3.01 -35.34 -1.64
C GLU A 64 2.24 -34.99 -2.90
N TYR A 65 2.48 -35.76 -3.97
CA TYR A 65 1.85 -35.61 -5.26
C TYR A 65 1.07 -36.88 -5.59
N LYS A 66 0.13 -36.77 -6.52
CA LYS A 66 -0.70 -37.89 -6.92
C LYS A 66 -0.59 -38.10 -8.43
N LEU A 67 -0.53 -39.36 -8.83
CA LEU A 67 -0.46 -39.72 -10.24
C LEU A 67 -1.86 -40.04 -10.76
N THR A 68 -2.28 -39.32 -11.80
CA THR A 68 -3.58 -39.53 -12.41
C THR A 68 -3.43 -39.65 -13.92
N ALA A 69 -4.48 -40.19 -14.55
CA ALA A 69 -4.45 -40.36 -16.00
C ALA A 69 -4.34 -39.01 -16.72
N TYR A 70 -5.08 -38.00 -16.22
CA TYR A 70 -4.99 -36.68 -16.83
C TYR A 70 -3.61 -36.07 -16.66
N SER A 71 -2.96 -36.31 -15.51
CA SER A 71 -1.60 -35.81 -15.32
C SER A 71 -0.65 -36.45 -16.32
N LEU A 72 -0.79 -37.75 -16.56
CA LEU A 72 0.04 -38.42 -17.56
C LEU A 72 -0.25 -37.92 -18.96
N TYR A 73 -1.52 -37.63 -19.26
CA TYR A 73 -1.85 -37.05 -20.56
C TYR A 73 -1.19 -35.69 -20.73
N ALA A 74 -1.21 -34.87 -19.69
CA ALA A 74 -0.55 -33.57 -19.75
C ALA A 74 0.95 -33.73 -19.93
N ALA A 75 1.56 -34.69 -19.21
CA ALA A 75 2.99 -34.92 -19.33
C ALA A 75 3.38 -35.36 -20.73
N VAL A 76 2.62 -36.27 -21.33
CA VAL A 76 2.92 -36.73 -22.67
C VAL A 76 2.55 -35.69 -23.71
N SER A 77 1.70 -34.73 -23.36
CA SER A 77 1.42 -33.61 -24.27
C SER A 77 2.69 -32.80 -24.54
N VAL A 78 3.49 -32.58 -23.50
CA VAL A 78 4.79 -31.92 -23.66
C VAL A 78 5.72 -32.89 -24.37
N GLY A 79 6.87 -32.38 -24.82
CA GLY A 79 7.82 -33.18 -25.59
C GLY A 79 8.36 -34.40 -24.86
N LEU A 80 8.04 -34.56 -23.57
CA LEU A 80 8.49 -35.73 -22.83
C LEU A 80 7.86 -36.99 -23.40
N GLN A 81 8.66 -38.04 -23.53
CA GLN A 81 8.22 -39.32 -24.06
C GLN A 81 8.13 -40.35 -22.94
N THR A 82 7.58 -41.51 -23.29
CA THR A 82 7.39 -42.57 -22.29
C THR A 82 8.72 -43.06 -21.74
N SER A 83 9.70 -43.27 -22.62
CA SER A 83 11.00 -43.77 -22.17
C SER A 83 11.66 -42.77 -21.21
N ASP A 84 11.60 -41.48 -21.53
CA ASP A 84 12.23 -40.47 -20.69
C ASP A 84 11.61 -40.43 -19.30
N ILE A 85 10.27 -40.38 -19.24
CA ILE A 85 9.62 -40.28 -17.95
C ILE A 85 9.83 -41.55 -17.13
N THR A 86 9.77 -42.72 -17.78
CA THR A 86 9.99 -43.96 -17.05
C THR A 86 11.42 -44.04 -16.51
N GLU A 87 12.41 -43.69 -17.33
CA GLU A 87 13.79 -43.79 -16.88
C GLU A 87 14.12 -42.76 -15.81
N TYR A 88 13.49 -41.57 -15.86
CA TYR A 88 13.73 -40.60 -14.80
C TYR A 88 12.99 -40.93 -13.52
N LEU A 89 11.81 -41.55 -13.62
CA LEU A 89 11.14 -42.05 -12.42
C LEU A 89 11.95 -43.15 -11.76
N ARG A 90 12.50 -44.07 -12.57
CA ARG A 90 13.35 -45.11 -12.02
C ARG A 90 14.66 -44.54 -11.48
N LYS A 91 15.13 -43.43 -12.07
CA LYS A 91 16.38 -42.83 -11.62
C LYS A 91 16.26 -42.33 -10.19
N LEU A 92 15.15 -41.67 -9.85
CA LEU A 92 14.91 -41.16 -8.50
C LEU A 92 13.72 -41.91 -7.93
N SER A 93 14.00 -43.08 -7.37
CA SER A 93 12.97 -43.84 -6.68
C SER A 93 13.39 -44.30 -5.29
N LYS A 94 14.66 -44.68 -5.11
CA LYS A 94 15.24 -45.04 -3.82
C LYS A 94 14.59 -46.30 -3.24
N THR A 95 13.55 -46.80 -3.90
CA THR A 95 12.84 -47.99 -3.44
C THR A 95 12.52 -48.98 -4.54
N GLY A 96 12.66 -48.61 -5.82
CA GLY A 96 12.28 -49.49 -6.90
C GLY A 96 10.83 -49.28 -7.29
N VAL A 97 10.59 -49.00 -8.57
CA VAL A 97 9.22 -48.73 -9.02
C VAL A 97 8.40 -50.02 -8.94
N PRO A 98 7.27 -50.03 -8.25
CA PRO A 98 6.45 -51.24 -8.20
C PRO A 98 5.87 -51.56 -9.57
N ASP A 99 5.59 -52.84 -9.78
CA ASP A 99 5.01 -53.28 -11.06
C ASP A 99 3.50 -53.08 -11.10
N GLY A 100 3.04 -51.87 -10.81
CA GLY A 100 1.65 -51.48 -10.97
C GLY A 100 1.58 -50.06 -11.50
N ILE A 101 2.71 -49.38 -11.46
CA ILE A 101 2.82 -48.03 -11.96
C ILE A 101 3.30 -47.99 -13.40
N MET A 102 4.27 -48.85 -13.76
CA MET A 102 4.77 -48.88 -15.12
C MET A 102 3.67 -49.24 -16.11
N GLN A 103 2.86 -50.26 -15.78
CA GLN A 103 1.77 -50.67 -16.66
C GLN A 103 0.73 -49.56 -16.80
N PHE A 104 0.38 -48.91 -15.70
CA PHE A 104 -0.59 -47.82 -15.76
C PHE A 104 -0.07 -46.66 -16.61
N ILE A 105 1.19 -46.30 -16.43
CA ILE A 105 1.78 -45.23 -17.22
C ILE A 105 1.80 -45.59 -18.69
N LYS A 106 2.16 -46.84 -19.01
CA LYS A 106 2.20 -47.28 -20.40
C LYS A 106 0.80 -47.22 -21.03
N LEU A 107 -0.20 -47.71 -20.30
CA LEU A 107 -1.57 -47.68 -20.81
C LEU A 107 -2.05 -46.25 -21.03
N CYS A 108 -1.74 -45.35 -20.10
CA CYS A 108 -2.16 -43.96 -20.27
C CYS A 108 -1.47 -43.30 -21.44
N THR A 109 -0.16 -43.55 -21.62
CA THR A 109 0.60 -42.84 -22.64
C THR A 109 0.41 -43.42 -24.04
N VAL A 110 0.02 -44.69 -24.15
CA VAL A 110 -0.15 -45.30 -25.48
C VAL A 110 -1.29 -44.61 -26.22
N SER A 111 -2.42 -44.43 -25.56
CA SER A 111 -3.61 -43.84 -26.19
C SER A 111 -3.68 -42.37 -25.80
N TYR A 112 -2.82 -41.57 -26.43
CA TYR A 112 -2.87 -40.12 -26.27
C TYR A 112 -3.19 -39.41 -27.58
N GLY A 113 -2.39 -39.64 -28.62
CA GLY A 113 -2.58 -39.01 -29.91
C GLY A 113 -3.40 -39.79 -30.90
N LYS A 114 -4.02 -40.89 -30.48
CA LYS A 114 -4.81 -41.69 -31.40
C LYS A 114 -5.99 -40.92 -31.95
N VAL A 115 -6.69 -40.17 -31.10
CA VAL A 115 -7.89 -39.43 -31.47
C VAL A 115 -7.65 -37.94 -31.20
N LYS A 116 -7.94 -37.12 -32.20
CA LYS A 116 -7.78 -35.67 -32.09
C LYS A 116 -9.05 -34.98 -32.54
N LEU A 117 -9.29 -33.78 -32.00
CA LEU A 117 -10.44 -32.97 -32.35
C LEU A 117 -9.95 -31.69 -33.00
N VAL A 118 -10.56 -31.32 -34.12
CA VAL A 118 -10.15 -30.15 -34.90
C VAL A 118 -11.38 -29.31 -35.20
N LEU A 119 -11.16 -28.00 -35.37
CA LEU A 119 -12.20 -27.05 -35.74
C LEU A 119 -11.76 -26.29 -36.98
N LYS A 120 -12.63 -26.24 -37.99
CA LYS A 120 -12.31 -25.56 -39.23
C LYS A 120 -13.59 -25.15 -39.92
N HIS A 121 -13.65 -23.90 -40.38
CA HIS A 121 -14.81 -23.36 -41.10
C HIS A 121 -16.09 -23.54 -40.29
N ASN A 122 -16.01 -23.25 -38.99
CA ASN A 122 -17.15 -23.39 -38.08
C ASN A 122 -17.69 -24.81 -38.05
N ARG A 123 -16.82 -25.79 -38.30
CA ARG A 123 -17.20 -27.20 -38.32
C ARG A 123 -16.24 -27.98 -37.44
N TYR A 124 -16.79 -28.82 -36.57
CA TYR A 124 -16.00 -29.65 -35.67
C TYR A 124 -15.85 -31.04 -36.26
N PHE A 125 -14.61 -31.53 -36.33
CA PHE A 125 -14.31 -32.84 -36.84
C PHE A 125 -13.44 -33.60 -35.85
N VAL A 126 -13.50 -34.92 -35.92
CA VAL A 126 -12.65 -35.81 -35.14
C VAL A 126 -11.78 -36.59 -36.11
N GLU A 127 -10.47 -36.39 -36.02
CA GLU A 127 -9.50 -36.99 -36.93
C GLU A 127 -8.59 -37.92 -36.16
N SER A 128 -8.29 -39.07 -36.76
CA SER A 128 -7.43 -40.07 -36.14
C SER A 128 -6.40 -40.53 -37.16
N CYS A 129 -5.14 -40.62 -36.73
CA CYS A 129 -4.09 -41.15 -37.60
C CYS A 129 -4.34 -42.63 -37.92
N HIS A 130 -4.77 -43.40 -36.92
CA HIS A 130 -5.01 -44.83 -37.11
C HIS A 130 -6.48 -45.05 -37.47
N PRO A 131 -6.78 -45.58 -38.66
CA PRO A 131 -8.19 -45.77 -39.04
C PRO A 131 -8.93 -46.78 -38.18
N ASP A 132 -8.21 -47.67 -37.48
CA ASP A 132 -8.89 -48.75 -36.76
C ASP A 132 -9.76 -48.21 -35.63
N VAL A 133 -9.29 -47.17 -34.94
CA VAL A 133 -10.04 -46.64 -33.80
C VAL A 133 -11.38 -46.07 -34.25
N ILE A 134 -11.47 -45.61 -35.49
CA ILE A 134 -12.75 -45.10 -35.99
C ILE A 134 -13.79 -46.21 -36.03
N GLN A 135 -13.40 -47.39 -36.54
CA GLN A 135 -14.30 -48.53 -36.50
C GLN A 135 -14.53 -49.02 -35.07
N HIS A 136 -13.52 -48.88 -34.21
CA HIS A 136 -13.68 -49.28 -32.82
C HIS A 136 -14.76 -48.46 -32.12
N LEU A 137 -14.79 -47.16 -32.36
CA LEU A 137 -15.79 -46.30 -31.75
C LEU A 137 -17.09 -46.22 -32.55
N LEU A 138 -17.14 -46.85 -33.73
CA LEU A 138 -18.34 -46.79 -34.55
C LEU A 138 -19.52 -47.46 -33.89
N GLN A 139 -19.29 -48.59 -33.20
CA GLN A 139 -20.37 -49.35 -32.61
C GLN A 139 -20.97 -48.68 -31.38
N ASP A 140 -20.35 -47.61 -30.87
CA ASP A 140 -20.87 -46.93 -29.69
C ASP A 140 -22.17 -46.22 -30.05
N PRO A 141 -23.30 -46.55 -29.43
CA PRO A 141 -24.58 -45.92 -29.82
C PRO A 141 -24.59 -44.41 -29.61
N VAL A 142 -23.96 -43.90 -28.56
CA VAL A 142 -24.05 -42.47 -28.26
C VAL A 142 -23.32 -41.65 -29.32
N ILE A 143 -22.22 -42.19 -29.86
CA ILE A 143 -21.45 -41.47 -30.88
C ILE A 143 -22.27 -41.28 -32.15
N ARG A 144 -23.16 -42.24 -32.46
CA ARG A 144 -23.97 -42.14 -33.67
C ARG A 144 -24.91 -40.96 -33.66
N GLU A 145 -25.19 -40.37 -32.49
CA GLU A 145 -26.02 -39.16 -32.43
C GLU A 145 -25.30 -37.94 -32.98
N CYS A 146 -23.98 -38.00 -33.15
CA CYS A 146 -23.20 -36.89 -33.69
C CYS A 146 -22.86 -37.08 -35.16
N ARG A 147 -23.57 -37.98 -35.85
CA ARG A 147 -23.29 -38.29 -37.24
C ARG A 147 -24.49 -37.97 -38.12
N LEU A 148 -25.07 -36.78 -37.95
CA LEU A 148 -26.21 -36.36 -38.76
C LEU A 148 -25.87 -36.43 -40.25
N ARG A 149 -26.87 -36.75 -41.05
CA ARG A 149 -26.73 -37.03 -42.48
C ARG A 149 -25.84 -38.26 -42.73
N ASN A 150 -25.76 -39.13 -41.72
CA ASN A 150 -25.09 -40.43 -41.76
C ASN A 150 -23.57 -40.33 -41.80
N SER A 151 -23.04 -39.14 -42.08
CA SER A 151 -21.61 -38.84 -41.97
C SER A 151 -20.74 -39.96 -42.50
N GLU A 152 -20.86 -40.30 -43.78
CA GLU A 152 -20.39 -41.56 -44.32
C GLU A 152 -18.91 -41.83 -44.02
N GLY A 153 -18.00 -41.05 -44.61
CA GLY A 153 -16.61 -41.23 -44.25
C GLY A 153 -15.75 -39.98 -44.26
N GLU A 154 -16.32 -38.85 -44.67
CA GLU A 154 -15.60 -37.58 -44.83
C GLU A 154 -14.22 -37.82 -45.45
N ALA A 155 -14.24 -38.36 -46.66
CA ALA A 155 -13.03 -38.82 -47.33
C ALA A 155 -12.02 -37.69 -47.53
N THR A 156 -10.90 -37.74 -46.83
CA THR A 156 -9.84 -36.75 -46.93
C THR A 156 -8.50 -37.46 -47.00
N GLU A 157 -7.53 -36.80 -47.63
CA GLU A 157 -6.18 -37.32 -47.77
C GLU A 157 -6.17 -38.69 -48.44
N THR A 158 -5.72 -41.32 -42.66
CA THR A 158 -6.46 -40.21 -42.08
C THR A 158 -7.97 -40.37 -42.31
N VAL A 159 -8.69 -40.73 -41.25
CA VAL A 159 -10.12 -40.93 -41.29
C VAL A 159 -10.77 -39.97 -40.30
N SER A 160 -11.76 -39.22 -40.76
CA SER A 160 -12.44 -38.23 -39.94
C SER A 160 -13.93 -38.25 -40.27
N PHE A 161 -14.71 -37.64 -39.38
CA PHE A 161 -16.14 -37.47 -39.62
C PHE A 161 -16.64 -36.30 -38.77
N GLU A 162 -17.76 -35.73 -39.19
CA GLU A 162 -18.32 -34.58 -38.50
C GLU A 162 -18.98 -35.00 -37.19
N VAL A 163 -19.05 -34.04 -36.26
CA VAL A 163 -19.71 -34.25 -34.98
C VAL A 163 -20.67 -33.09 -34.74
N LYS A 164 -21.72 -33.35 -33.96
CA LYS A 164 -22.71 -32.33 -33.67
C LYS A 164 -22.12 -31.27 -32.74
N GLN A 165 -22.31 -30.01 -33.11
CA GLN A 165 -21.71 -28.91 -32.35
C GLN A 165 -22.32 -28.82 -30.95
N GLU A 166 -23.63 -28.98 -30.83
CA GLU A 166 -24.28 -28.86 -29.53
C GLU A 166 -24.07 -30.09 -28.65
N MET A 167 -23.65 -31.21 -29.22
CA MET A 167 -23.42 -32.44 -28.47
C MET A 167 -21.94 -32.79 -28.35
N ILE A 168 -21.06 -31.81 -28.57
CA ILE A 168 -19.63 -32.08 -28.47
C ILE A 168 -19.24 -32.39 -27.04
N GLU A 169 -19.96 -31.83 -26.06
CA GLU A 169 -19.64 -32.10 -24.66
C GLU A 169 -19.94 -33.54 -24.29
N GLU A 170 -21.02 -34.10 -24.86
CA GLU A 170 -21.42 -35.46 -24.50
C GLU A 170 -20.37 -36.49 -24.91
N LEU A 171 -19.82 -36.34 -26.11
CA LEU A 171 -18.83 -37.32 -26.57
C LEU A 171 -17.53 -37.23 -25.80
N GLN A 172 -17.21 -36.05 -25.25
CA GLN A 172 -16.01 -35.92 -24.43
C GLN A 172 -16.10 -36.78 -23.18
N LYS A 173 -17.29 -36.85 -22.57
CA LYS A 173 -17.48 -37.72 -21.42
C LYS A 173 -17.37 -39.19 -21.83
N ARG A 174 -17.84 -39.53 -23.03
CA ARG A 174 -17.80 -40.91 -23.49
C ARG A 174 -16.40 -41.33 -23.93
N CYS A 175 -15.65 -40.41 -24.56
CA CYS A 175 -14.36 -40.78 -25.13
C CYS A 175 -13.38 -41.21 -24.05
N ILE A 176 -13.37 -40.50 -22.91
CA ILE A 176 -12.47 -40.89 -21.83
C ILE A 176 -12.89 -42.23 -21.25
N HIS A 177 -14.19 -42.55 -21.27
CA HIS A 177 -14.65 -43.85 -20.80
C HIS A 177 -14.14 -44.98 -21.68
N LEU A 178 -13.78 -44.69 -22.93
CA LEU A 178 -13.26 -45.69 -23.86
C LEU A 178 -11.74 -45.69 -23.92
N GLU A 179 -11.07 -45.04 -22.95
CA GLU A 179 -9.62 -44.93 -22.90
C GLU A 179 -9.06 -44.24 -24.15
N TYR A 180 -9.84 -43.32 -24.71
CA TYR A 180 -9.45 -42.57 -25.91
C TYR A 180 -9.65 -41.09 -25.62
N PRO A 181 -8.76 -40.48 -24.83
CA PRO A 181 -8.91 -39.06 -24.52
C PRO A 181 -8.72 -38.19 -25.75
N LEU A 182 -9.42 -37.05 -25.75
CA LEU A 182 -9.36 -36.09 -26.84
C LEU A 182 -8.46 -34.92 -26.46
N LEU A 183 -7.61 -34.52 -27.39
CA LEU A 183 -6.70 -33.40 -27.18
C LEU A 183 -7.13 -32.23 -28.06
N ALA A 184 -7.02 -31.01 -27.52
CA ALA A 184 -7.39 -29.79 -28.21
C ALA A 184 -6.11 -29.00 -28.47
N GLU A 185 -5.44 -29.30 -29.58
CA GLU A 185 -4.23 -28.62 -29.97
C GLU A 185 -4.54 -27.65 -31.10
N TYR A 186 -4.18 -26.38 -30.91
CA TYR A 186 -4.40 -25.34 -31.91
C TYR A 186 -3.05 -24.84 -32.39
N ASP A 187 -2.67 -25.22 -33.61
CA ASP A 187 -1.40 -24.82 -34.20
C ASP A 187 -1.58 -23.44 -34.83
N PHE A 188 -1.52 -22.41 -33.99
CA PHE A 188 -1.74 -21.04 -34.42
C PHE A 188 -0.60 -20.52 -35.31
N ARG A 189 0.51 -21.24 -35.40
CA ARG A 189 1.62 -20.77 -36.24
C ARG A 189 1.24 -20.74 -37.71
N ASN A 190 0.50 -21.75 -38.17
CA ASN A 190 0.10 -21.86 -39.58
C ASN A 190 -1.39 -22.15 -39.64
N ASP A 191 -2.20 -21.11 -39.79
CA ASP A 191 -3.64 -21.24 -39.96
C ASP A 191 -4.12 -20.77 -41.31
N SER A 192 -3.80 -19.53 -41.69
CA SER A 192 -4.17 -18.91 -42.96
C SER A 192 -5.67 -18.85 -43.19
N VAL A 193 -6.47 -19.13 -42.17
CA VAL A 193 -7.92 -19.05 -42.28
C VAL A 193 -8.45 -18.03 -41.28
N ASN A 194 -7.71 -17.83 -40.20
CA ASN A 194 -8.14 -16.91 -39.16
C ASN A 194 -7.47 -15.55 -39.34
N PRO A 195 -8.22 -14.45 -39.25
CA PRO A 195 -7.61 -13.13 -39.40
C PRO A 195 -6.82 -12.72 -38.16
N ASP A 196 -5.56 -13.15 -38.08
CA ASP A 196 -4.74 -12.88 -36.91
C ASP A 196 -4.63 -11.38 -36.67
N ILE A 197 -4.83 -10.98 -35.42
CA ILE A 197 -4.83 -9.57 -35.03
C ILE A 197 -3.40 -9.11 -34.77
N ASN A 198 -3.21 -7.80 -34.64
CA ASN A 198 -1.90 -7.19 -34.45
C ASN A 198 -1.56 -6.94 -32.99
N ILE A 199 -2.08 -7.76 -32.07
CA ILE A 199 -1.80 -7.58 -30.65
C ILE A 199 -0.32 -7.84 -30.39
N ASP A 200 0.27 -7.05 -29.49
CA ASP A 200 1.67 -7.22 -29.14
C ASP A 200 1.93 -6.58 -27.79
N LEU A 201 2.29 -7.39 -26.80
CA LEU A 201 2.53 -6.88 -25.46
C LEU A 201 3.74 -5.96 -25.44
N LYS A 202 3.68 -4.93 -24.60
CA LYS A 202 4.79 -4.01 -24.47
C LYS A 202 5.99 -4.70 -23.81
N PRO A 203 7.22 -4.33 -24.19
CA PRO A 203 8.42 -4.95 -23.61
C PRO A 203 8.85 -4.33 -22.27
N THR A 204 7.87 -4.12 -21.40
CA THR A 204 8.13 -3.60 -20.06
C THR A 204 7.41 -4.39 -18.98
N ALA A 205 6.50 -5.30 -19.34
CA ALA A 205 5.77 -6.11 -18.37
C ALA A 205 6.60 -7.33 -18.01
N VAL A 206 7.55 -7.12 -17.11
CA VAL A 206 8.39 -8.22 -16.66
C VAL A 206 7.57 -9.22 -15.85
N LEU A 207 7.93 -10.49 -15.94
CA LEU A 207 7.21 -11.57 -15.28
C LEU A 207 8.17 -12.38 -14.43
N ARG A 208 7.63 -12.91 -13.33
CA ARG A 208 8.42 -13.73 -12.42
C ARG A 208 8.75 -15.07 -13.06
N PRO A 209 9.80 -15.75 -12.59
CA PRO A 209 10.18 -17.04 -13.19
C PRO A 209 9.09 -18.09 -13.10
N TYR A 210 8.27 -18.08 -12.04
CA TYR A 210 7.21 -19.08 -11.95
C TYR A 210 6.16 -18.89 -13.04
N GLN A 211 5.90 -17.63 -13.42
CA GLN A 211 4.99 -17.37 -14.54
C GLN A 211 5.55 -17.89 -15.85
N GLU A 212 6.88 -17.88 -16.00
CA GLU A 212 7.49 -18.44 -17.19
C GLU A 212 7.21 -19.93 -17.30
N LYS A 213 7.26 -20.65 -16.18
CA LYS A 213 7.04 -22.09 -16.22
C LYS A 213 5.64 -22.44 -16.71
N SER A 214 4.63 -21.70 -16.24
CA SER A 214 3.25 -21.95 -16.69
C SER A 214 3.10 -21.67 -18.18
N LEU A 215 3.68 -20.57 -18.66
CA LEU A 215 3.55 -20.23 -20.08
C LEU A 215 4.37 -21.19 -20.94
N ARG A 216 5.60 -21.51 -20.51
CA ARG A 216 6.45 -22.39 -21.30
C ARG A 216 5.84 -23.80 -21.39
N LYS A 217 5.22 -24.26 -20.30
CA LYS A 217 4.60 -25.58 -20.31
C LYS A 217 3.43 -25.63 -21.30
N MET A 218 2.66 -24.54 -21.39
CA MET A 218 1.55 -24.50 -22.34
C MET A 218 2.06 -24.60 -23.78
N PHE A 219 3.13 -23.88 -24.10
CA PHE A 219 3.73 -23.90 -25.43
C PHE A 219 4.93 -24.83 -25.41
N GLY A 220 4.63 -26.13 -25.50
CA GLY A 220 5.67 -27.14 -25.43
C GLY A 220 6.38 -27.41 -26.74
N ASN A 221 5.60 -27.52 -27.82
CA ASN A 221 6.14 -27.81 -29.14
C ASN A 221 5.59 -26.83 -30.17
N GLY A 222 5.46 -25.57 -29.79
CA GLY A 222 4.98 -24.55 -30.70
C GLY A 222 3.48 -24.44 -30.82
N ARG A 223 2.71 -25.22 -30.07
CA ARG A 223 1.26 -25.17 -30.10
C ARG A 223 0.72 -24.98 -28.69
N ALA A 224 -0.45 -24.35 -28.60
CA ALA A 224 -1.13 -24.10 -27.35
C ALA A 224 -2.33 -25.03 -27.24
N ARG A 225 -2.46 -25.71 -26.11
CA ARG A 225 -3.57 -26.62 -25.86
C ARG A 225 -4.36 -26.15 -24.65
N SER A 226 -5.63 -26.57 -24.60
CA SER A 226 -6.51 -26.18 -23.51
C SER A 226 -6.02 -26.75 -22.18
N GLY A 227 -6.12 -25.94 -21.14
CA GLY A 227 -5.68 -26.37 -19.83
C GLY A 227 -6.14 -25.40 -18.76
N VAL A 228 -5.77 -25.70 -17.52
CA VAL A 228 -6.15 -24.90 -16.37
C VAL A 228 -4.88 -24.53 -15.61
N ILE A 229 -4.72 -23.25 -15.31
CA ILE A 229 -3.57 -22.74 -14.55
C ILE A 229 -4.11 -22.10 -13.28
N VAL A 230 -3.57 -22.52 -12.13
CA VAL A 230 -4.02 -22.04 -10.83
C VAL A 230 -2.92 -21.15 -10.26
N LEU A 231 -3.23 -19.88 -10.05
CA LEU A 231 -2.33 -18.91 -9.47
C LEU A 231 -3.08 -18.06 -8.45
N PRO A 232 -2.41 -17.63 -7.38
CA PRO A 232 -3.09 -16.82 -6.37
C PRO A 232 -3.54 -15.47 -6.94
N CYS A 233 -4.63 -14.96 -6.35
CA CYS A 233 -5.15 -13.66 -6.78
C CYS A 233 -4.13 -12.55 -6.51
N GLY A 234 -3.48 -12.58 -5.35
CA GLY A 234 -2.46 -11.59 -5.06
C GLY A 234 -1.28 -11.67 -6.00
N ALA A 235 -0.94 -12.87 -6.45
CA ALA A 235 0.13 -13.04 -7.43
C ALA A 235 -0.34 -12.58 -8.80
N GLY A 236 0.52 -12.76 -9.80
CA GLY A 236 0.19 -12.35 -11.15
C GLY A 236 -0.62 -13.38 -11.89
N LYS A 237 -1.93 -13.18 -11.97
CA LYS A 237 -2.84 -14.06 -12.68
C LYS A 237 -3.35 -13.47 -13.98
N SER A 238 -3.87 -12.24 -13.94
CA SER A 238 -4.34 -11.60 -15.16
C SER A 238 -3.20 -11.33 -16.13
N LEU A 239 -1.98 -11.14 -15.62
CA LEU A 239 -0.84 -10.92 -16.49
C LEU A 239 -0.59 -12.13 -17.37
N VAL A 240 -0.74 -13.33 -16.82
CA VAL A 240 -0.54 -14.55 -17.60
C VAL A 240 -1.54 -14.63 -18.75
N GLY A 241 -2.80 -14.30 -18.48
CA GLY A 241 -3.79 -14.32 -19.55
C GLY A 241 -3.50 -13.33 -20.66
N VAL A 242 -3.05 -12.12 -20.29
CA VAL A 242 -2.71 -11.11 -21.29
C VAL A 242 -1.52 -11.58 -22.14
N THR A 243 -0.48 -12.11 -21.49
CA THR A 243 0.69 -12.58 -22.23
C THR A 243 0.33 -13.75 -23.14
N ALA A 244 -0.52 -14.66 -22.68
CA ALA A 244 -0.94 -15.77 -23.50
C ALA A 244 -1.71 -15.31 -24.74
N ALA A 245 -2.54 -14.29 -24.58
CA ALA A 245 -3.34 -13.78 -25.70
C ALA A 245 -2.43 -13.23 -26.80
N CYS A 246 -1.38 -12.50 -26.42
CA CYS A 246 -0.46 -11.95 -27.42
C CYS A 246 0.27 -13.06 -28.17
N THR A 247 0.68 -14.11 -27.46
CA THR A 247 1.39 -15.21 -28.11
C THR A 247 0.50 -15.93 -29.12
N VAL A 248 -0.77 -16.13 -28.78
CA VAL A 248 -1.69 -16.80 -29.70
C VAL A 248 -1.90 -15.95 -30.95
N ARG A 249 -1.94 -14.62 -30.79
CA ARG A 249 -2.06 -13.68 -31.90
C ARG A 249 -3.35 -13.90 -32.69
N LYS A 250 -4.41 -14.30 -32.01
CA LYS A 250 -5.70 -14.55 -32.64
C LYS A 250 -6.78 -13.78 -31.90
N ARG A 251 -8.02 -13.90 -32.38
CA ARG A 251 -9.15 -13.22 -31.76
C ARG A 251 -9.47 -13.89 -30.42
N CYS A 252 -9.27 -13.15 -29.33
CA CYS A 252 -9.40 -13.68 -27.99
C CYS A 252 -10.74 -13.31 -27.39
N LEU A 253 -11.31 -14.22 -26.60
CA LEU A 253 -12.56 -14.00 -25.89
C LEU A 253 -12.32 -14.25 -24.41
N VAL A 254 -12.71 -13.29 -23.58
CA VAL A 254 -12.52 -13.36 -22.14
C VAL A 254 -13.88 -13.36 -21.47
N LEU A 255 -14.12 -14.33 -20.60
CA LEU A 255 -15.38 -14.47 -19.89
C LEU A 255 -15.13 -14.25 -18.40
N GLY A 256 -15.92 -13.36 -17.79
CA GLY A 256 -15.82 -13.07 -16.38
C GLY A 256 -17.06 -13.54 -15.63
N ASN A 257 -17.02 -13.32 -14.32
CA ASN A 257 -18.12 -13.72 -13.44
C ASN A 257 -19.00 -12.54 -13.04
N SER A 258 -18.40 -11.43 -12.63
CA SER A 258 -19.14 -10.25 -12.19
C SER A 258 -19.13 -9.20 -13.28
N ALA A 259 -20.10 -8.27 -13.18
CA ALA A 259 -20.19 -7.18 -14.14
C ALA A 259 -19.06 -6.18 -14.02
N VAL A 260 -18.27 -6.24 -12.94
CA VAL A 260 -17.11 -5.36 -12.82
C VAL A 260 -15.82 -6.05 -13.23
N SER A 261 -15.82 -7.39 -13.33
CA SER A 261 -14.62 -8.10 -13.74
C SER A 261 -14.26 -7.82 -15.19
N VAL A 262 -15.25 -7.50 -16.02
CA VAL A 262 -14.97 -7.18 -17.42
C VAL A 262 -14.13 -5.92 -17.52
N GLU A 263 -14.44 -4.90 -16.71
CA GLU A 263 -13.59 -3.72 -16.65
C GLU A 263 -12.24 -4.05 -16.02
N GLN A 264 -12.22 -4.98 -15.07
CA GLN A 264 -10.95 -5.39 -14.48
C GLN A 264 -10.02 -6.00 -15.52
N TRP A 265 -10.54 -6.87 -16.39
CA TRP A 265 -9.73 -7.43 -17.45
C TRP A 265 -9.36 -6.39 -18.50
N LYS A 266 -10.26 -5.43 -18.76
CA LYS A 266 -9.96 -4.39 -19.74
C LYS A 266 -8.76 -3.55 -19.31
N ALA A 267 -8.65 -3.27 -18.00
CA ALA A 267 -7.51 -2.51 -17.51
C ALA A 267 -6.20 -3.27 -17.72
N GLN A 268 -6.23 -4.60 -17.53
CA GLN A 268 -5.03 -5.39 -17.74
C GLN A 268 -4.59 -5.35 -19.20
N PHE A 269 -5.54 -5.44 -20.13
CA PHE A 269 -5.19 -5.32 -21.55
C PHE A 269 -4.66 -3.94 -21.87
N LYS A 270 -5.27 -2.90 -21.31
CA LYS A 270 -4.79 -1.53 -21.52
C LYS A 270 -3.44 -1.27 -20.86
N MET A 271 -2.96 -2.18 -20.01
CA MET A 271 -1.74 -1.96 -19.26
C MET A 271 -0.54 -2.69 -19.85
N TRP A 272 -0.73 -3.90 -20.40
CA TRP A 272 0.41 -4.70 -20.87
C TRP A 272 0.15 -5.35 -22.23
N SER A 273 -0.64 -4.71 -23.10
CA SER A 273 -0.87 -5.30 -24.40
C SER A 273 -0.80 -4.31 -25.56
N THR A 274 -0.82 -3.00 -25.33
CA THR A 274 -0.72 -1.98 -26.38
C THR A 274 -1.74 -2.23 -27.49
N ILE A 275 -3.02 -2.16 -27.11
CA ILE A 275 -4.13 -2.35 -28.03
C ILE A 275 -5.03 -1.13 -27.95
N ASP A 276 -5.45 -0.63 -29.12
CA ASP A 276 -6.31 0.54 -29.17
C ASP A 276 -7.70 0.21 -28.62
N ASP A 277 -8.35 1.24 -28.08
CA ASP A 277 -9.67 1.04 -27.48
C ASP A 277 -10.74 0.72 -28.51
N SER A 278 -10.49 1.02 -29.79
CA SER A 278 -11.47 0.70 -30.82
C SER A 278 -11.68 -0.80 -30.94
N GLN A 279 -10.60 -1.57 -30.88
CA GLN A 279 -10.72 -3.02 -31.00
C GLN A 279 -11.27 -3.64 -29.72
N ILE A 280 -10.86 -3.12 -28.57
CA ILE A 280 -11.31 -3.67 -27.29
C ILE A 280 -12.75 -3.24 -27.04
N CYS A 281 -13.61 -4.21 -26.72
CA CYS A 281 -15.01 -3.95 -26.45
C CYS A 281 -15.46 -4.76 -25.26
N ARG A 282 -16.45 -4.24 -24.54
CA ARG A 282 -17.08 -4.94 -23.42
C ARG A 282 -18.53 -5.23 -23.79
N PHE A 283 -18.92 -6.49 -23.72
CA PHE A 283 -20.27 -6.92 -24.05
C PHE A 283 -20.94 -7.38 -22.76
N THR A 284 -21.49 -6.40 -22.02
CA THR A 284 -22.25 -6.71 -20.81
C THR A 284 -23.50 -5.84 -20.70
N SER A 285 -23.94 -5.22 -21.81
CA SER A 285 -25.15 -4.40 -21.85
C SER A 285 -25.11 -3.27 -20.83
N ASP A 286 -23.97 -2.59 -20.75
CA ASP A 286 -23.83 -1.42 -19.89
C ASP A 286 -23.40 -0.17 -20.66
N ALA A 287 -22.51 -0.33 -21.65
CA ALA A 287 -22.09 0.79 -22.48
C ALA A 287 -22.23 0.44 -23.95
N LYS A 288 -22.08 -0.85 -24.28
CA LYS A 288 -22.25 -1.36 -25.64
C LYS A 288 -21.31 -0.64 -26.61
N ASP A 289 -20.01 -0.84 -26.38
CA ASP A 289 -18.98 -0.16 -27.17
C ASP A 289 -18.75 -0.85 -28.51
N LYS A 290 -19.83 -1.05 -29.27
CA LYS A 290 -19.79 -1.66 -30.59
C LYS A 290 -19.04 -2.99 -30.57
N PRO A 291 -19.60 -4.03 -29.94
CA PRO A 291 -18.90 -5.32 -29.92
C PRO A 291 -18.74 -5.96 -31.30
N ILE A 292 -19.56 -5.55 -32.28
CA ILE A 292 -19.46 -6.12 -33.61
C ILE A 292 -18.19 -5.64 -34.29
N GLY A 293 -17.43 -6.56 -34.87
CA GLY A 293 -16.19 -6.22 -35.52
C GLY A 293 -15.11 -5.81 -34.54
N CYS A 294 -14.65 -6.75 -33.73
CA CYS A 294 -13.67 -6.48 -32.69
C CYS A 294 -12.58 -7.54 -32.73
N SER A 295 -11.41 -7.18 -32.20
CA SER A 295 -10.30 -8.12 -32.10
C SER A 295 -10.42 -8.97 -30.84
N VAL A 296 -10.54 -8.33 -29.69
CA VAL A 296 -10.68 -9.00 -28.40
C VAL A 296 -12.00 -8.57 -27.78
N ALA A 297 -12.84 -9.54 -27.43
CA ALA A 297 -14.14 -9.29 -26.82
C ALA A 297 -14.13 -9.80 -25.38
N ILE A 298 -14.63 -8.99 -24.47
CA ILE A 298 -14.69 -9.32 -23.05
C ILE A 298 -16.15 -9.27 -22.62
N SER A 299 -16.63 -10.37 -22.05
CA SER A 299 -18.00 -10.46 -21.56
C SER A 299 -18.00 -11.26 -20.27
N THR A 300 -19.19 -11.66 -19.83
CA THR A 300 -19.34 -12.39 -18.58
C THR A 300 -20.32 -13.54 -18.77
N TYR A 301 -20.38 -14.42 -17.78
CA TYR A 301 -21.29 -15.55 -17.80
C TYR A 301 -22.71 -15.05 -17.56
N SER A 302 -23.65 -16.01 -17.49
CA SER A 302 -25.06 -15.74 -17.18
C SER A 302 -25.72 -14.87 -18.25
N MET A 303 -25.00 -14.58 -19.34
CA MET A 303 -25.56 -13.78 -20.42
C MET A 303 -25.36 -14.49 -21.75
N LEU A 304 -24.22 -15.19 -21.90
CA LEU A 304 -24.01 -15.99 -23.09
C LEU A 304 -24.83 -17.27 -23.09
N GLY A 305 -25.32 -17.69 -21.92
CA GLY A 305 -26.14 -18.88 -21.83
C GLY A 305 -27.52 -18.58 -21.28
N HIS A 306 -28.09 -17.44 -21.68
CA HIS A 306 -29.39 -17.04 -21.20
C HIS A 306 -30.46 -18.03 -21.64
N THR A 307 -31.34 -18.40 -20.72
CA THR A 307 -32.42 -19.33 -21.00
C THR A 307 -33.74 -18.63 -21.28
N THR A 308 -33.76 -17.30 -21.31
CA THR A 308 -34.96 -16.52 -21.54
C THR A 308 -34.75 -15.61 -22.76
N LYS A 309 -35.73 -14.76 -23.02
CA LYS A 309 -35.64 -13.81 -24.12
C LYS A 309 -34.54 -12.79 -23.85
N ARG A 310 -33.76 -12.50 -24.87
CA ARG A 310 -32.62 -11.60 -24.76
C ARG A 310 -32.92 -10.27 -25.43
N SER A 311 -32.12 -9.27 -25.10
CA SER A 311 -32.30 -7.93 -25.66
C SER A 311 -32.08 -7.94 -27.16
N TRP A 312 -32.80 -7.05 -27.85
CA TRP A 312 -32.67 -6.97 -29.30
C TRP A 312 -31.25 -6.58 -29.71
N GLU A 313 -30.66 -5.62 -29.01
CA GLU A 313 -29.27 -5.26 -29.28
C GLU A 313 -28.33 -6.42 -28.96
N ALA A 314 -28.57 -7.10 -27.83
CA ALA A 314 -27.72 -8.22 -27.46
C ALA A 314 -27.94 -9.43 -28.36
N GLU A 315 -29.14 -9.57 -28.93
CA GLU A 315 -29.43 -10.72 -29.78
C GLU A 315 -28.55 -10.71 -31.02
N ARG A 316 -28.37 -9.55 -31.65
CA ARG A 316 -27.53 -9.46 -32.84
C ARG A 316 -26.08 -9.77 -32.51
N VAL A 317 -25.61 -9.31 -31.35
CA VAL A 317 -24.22 -9.58 -30.95
C VAL A 317 -24.00 -11.07 -30.76
N MET A 318 -24.95 -11.74 -30.10
CA MET A 318 -24.82 -13.19 -29.89
C MET A 318 -24.82 -13.95 -31.20
N GLU A 319 -25.70 -13.55 -32.13
CA GLU A 319 -25.71 -14.19 -33.45
C GLU A 319 -24.39 -13.97 -34.18
N TRP A 320 -23.84 -12.75 -34.10
CA TRP A 320 -22.55 -12.49 -34.73
C TRP A 320 -21.43 -13.21 -34.02
N LEU A 321 -21.52 -13.35 -32.69
CA LEU A 321 -20.44 -13.97 -31.92
C LEU A 321 -20.30 -15.46 -32.20
N LYS A 322 -21.35 -16.11 -32.71
CA LYS A 322 -21.31 -17.53 -33.00
C LYS A 322 -20.96 -17.84 -34.45
N THR A 323 -20.67 -16.83 -35.26
CA THR A 323 -20.41 -17.01 -36.68
C THR A 323 -18.92 -17.03 -37.03
N GLN A 324 -18.03 -17.01 -36.03
CA GLN A 324 -16.61 -17.05 -36.30
C GLN A 324 -15.90 -17.80 -35.19
N GLU A 325 -14.74 -18.35 -35.53
CA GLU A 325 -13.92 -19.07 -34.57
C GLU A 325 -13.21 -18.10 -33.63
N TRP A 326 -12.87 -18.60 -32.44
CA TRP A 326 -12.18 -17.82 -31.43
C TRP A 326 -10.88 -18.51 -31.04
N GLY A 327 -9.83 -17.72 -30.86
CA GLY A 327 -8.55 -18.23 -30.44
C GLY A 327 -8.27 -17.88 -28.99
N LEU A 328 -7.97 -18.91 -28.20
CA LEU A 328 -7.66 -18.78 -26.78
C LEU A 328 -8.80 -18.09 -26.03
N MET A 329 -9.94 -18.77 -26.03
CA MET A 329 -11.10 -18.30 -25.27
C MET A 329 -10.80 -18.44 -23.79
N ILE A 330 -10.42 -17.33 -23.17
CA ILE A 330 -9.96 -17.34 -21.78
C ILE A 330 -11.17 -17.30 -20.85
N LEU A 331 -11.18 -18.20 -19.87
CA LEU A 331 -12.23 -18.27 -18.87
C LEU A 331 -11.65 -17.87 -17.51
N ASP A 332 -12.28 -16.89 -16.87
CA ASP A 332 -11.87 -16.44 -15.55
C ASP A 332 -12.75 -17.10 -14.49
N GLU A 333 -12.18 -17.32 -13.30
CA GLU A 333 -12.84 -18.04 -12.22
C GLU A 333 -13.34 -19.40 -12.72
N VAL A 334 -12.42 -20.17 -13.31
CA VAL A 334 -12.77 -21.43 -13.95
C VAL A 334 -13.25 -22.48 -12.96
N HIS A 335 -13.11 -22.24 -11.66
CA HIS A 335 -13.52 -23.24 -10.68
C HIS A 335 -15.02 -23.52 -10.76
N THR A 336 -15.83 -22.48 -10.91
CA THR A 336 -17.28 -22.67 -11.00
C THR A 336 -17.74 -22.77 -12.45
N ILE A 337 -17.06 -23.61 -13.23
CA ILE A 337 -17.49 -23.93 -14.59
C ILE A 337 -18.56 -25.03 -14.57
N PRO A 338 -18.38 -26.15 -13.85
CA PRO A 338 -19.40 -27.21 -13.91
C PRO A 338 -20.70 -26.82 -13.23
N ALA A 339 -21.49 -25.98 -13.88
CA ALA A 339 -22.80 -25.58 -13.40
C ALA A 339 -23.86 -26.03 -14.40
N LYS A 340 -25.13 -25.82 -14.02
CA LYS A 340 -26.22 -26.23 -14.89
C LYS A 340 -26.22 -25.43 -16.19
N MET A 341 -25.95 -24.12 -16.12
CA MET A 341 -25.96 -23.26 -17.29
C MET A 341 -24.58 -22.80 -17.74
N PHE A 342 -23.56 -22.92 -16.90
CA PHE A 342 -22.21 -22.49 -17.30
C PHE A 342 -21.54 -23.48 -18.23
N ARG A 343 -21.86 -24.77 -18.12
CA ARG A 343 -21.23 -25.77 -18.98
C ARG A 343 -21.61 -25.57 -20.44
N ARG A 344 -22.88 -25.26 -20.71
CA ARG A 344 -23.32 -25.08 -22.10
C ARG A 344 -22.74 -23.81 -22.73
N VAL A 345 -22.15 -22.92 -21.95
CA VAL A 345 -21.52 -21.73 -22.51
C VAL A 345 -20.36 -22.13 -23.42
N LEU A 346 -19.61 -23.16 -23.03
CA LEU A 346 -18.53 -23.65 -23.88
C LEU A 346 -19.07 -24.21 -25.20
N THR A 347 -20.19 -24.93 -25.14
CA THR A 347 -20.76 -25.52 -26.34
C THR A 347 -21.48 -24.49 -27.21
N ILE A 348 -22.07 -23.46 -26.60
CA ILE A 348 -22.82 -22.46 -27.36
C ILE A 348 -21.93 -21.56 -28.19
N VAL A 349 -20.62 -21.56 -27.93
CA VAL A 349 -19.67 -20.78 -28.71
C VAL A 349 -18.63 -21.72 -29.29
N GLN A 350 -17.96 -21.27 -30.35
CA GLN A 350 -16.95 -22.05 -31.04
C GLN A 350 -15.59 -21.41 -30.82
N ALA A 351 -14.64 -22.21 -30.32
CA ALA A 351 -13.29 -21.74 -30.07
C ALA A 351 -12.32 -22.90 -30.22
N HIS A 352 -11.05 -22.56 -30.48
CA HIS A 352 -10.03 -23.59 -30.65
C HIS A 352 -9.41 -23.99 -29.33
N CYS A 353 -8.84 -23.02 -28.61
CA CYS A 353 -8.19 -23.26 -27.33
C CYS A 353 -8.97 -22.59 -26.21
N LYS A 354 -9.15 -23.31 -25.11
CA LYS A 354 -9.86 -22.81 -23.94
C LYS A 354 -8.89 -22.78 -22.77
N LEU A 355 -8.65 -21.59 -22.22
CA LEU A 355 -7.74 -21.41 -21.10
C LEU A 355 -8.53 -20.97 -19.88
N GLY A 356 -8.35 -21.69 -18.78
CA GLY A 356 -9.02 -21.37 -17.54
C GLY A 356 -8.07 -20.94 -16.45
N LEU A 357 -8.37 -19.83 -15.78
CA LEU A 357 -7.53 -19.31 -14.71
C LEU A 357 -8.37 -19.16 -13.44
N THR A 358 -7.79 -19.58 -12.32
CA THR A 358 -8.47 -19.48 -11.03
C THR A 358 -7.42 -19.51 -9.94
N ALA A 359 -7.84 -19.12 -8.73
CA ALA A 359 -6.99 -19.20 -7.55
C ALA A 359 -7.42 -20.28 -6.57
N THR A 360 -8.71 -20.64 -6.56
CA THR A 360 -9.26 -21.62 -5.63
C THR A 360 -9.96 -22.70 -6.45
N LEU A 361 -9.21 -23.72 -6.87
CA LEU A 361 -9.78 -24.80 -7.67
C LEU A 361 -10.63 -25.75 -6.85
N VAL A 362 -10.54 -25.68 -5.51
CA VAL A 362 -11.32 -26.58 -4.67
C VAL A 362 -12.79 -26.24 -4.74
N ARG A 363 -13.63 -27.25 -4.93
CA ARG A 363 -15.07 -27.05 -5.02
C ARG A 363 -15.77 -28.31 -4.54
N GLU A 364 -16.94 -28.13 -3.93
CA GLU A 364 -17.73 -29.24 -3.43
C GLU A 364 -18.45 -29.91 -4.61
N ASP A 365 -19.32 -30.88 -4.29
CA ASP A 365 -20.11 -31.63 -5.26
C ASP A 365 -19.26 -32.46 -6.22
N ASP A 366 -17.96 -32.61 -5.92
CA ASP A 366 -17.00 -33.39 -6.70
C ASP A 366 -17.16 -33.23 -8.20
N LYS A 367 -17.43 -32.01 -8.65
CA LYS A 367 -17.56 -31.72 -10.08
C LYS A 367 -16.27 -31.23 -10.71
N ILE A 368 -15.19 -31.12 -9.92
CA ILE A 368 -13.91 -30.72 -10.48
C ILE A 368 -13.40 -31.79 -11.45
N VAL A 369 -13.66 -33.06 -11.14
CA VAL A 369 -13.27 -34.14 -12.04
C VAL A 369 -13.95 -33.98 -13.39
N ASP A 370 -15.21 -33.53 -13.38
CA ASP A 370 -15.93 -33.28 -14.63
C ASP A 370 -15.26 -32.19 -15.46
N LEU A 371 -14.58 -31.24 -14.80
CA LEU A 371 -13.91 -30.16 -15.51
C LEU A 371 -12.73 -30.65 -16.34
N ASN A 372 -12.24 -31.86 -16.09
CA ASN A 372 -11.06 -32.36 -16.80
C ASN A 372 -11.34 -32.48 -18.30
N PHE A 373 -12.52 -32.97 -18.68
CA PHE A 373 -12.84 -33.09 -20.09
C PHE A 373 -13.57 -31.87 -20.64
N LEU A 374 -14.12 -31.01 -19.78
CA LEU A 374 -14.79 -29.81 -20.26
C LEU A 374 -13.79 -28.87 -20.94
N ILE A 375 -12.61 -28.69 -20.35
CA ILE A 375 -11.60 -27.81 -20.92
C ILE A 375 -10.31 -28.60 -21.16
N GLY A 376 -9.74 -29.13 -20.08
CA GLY A 376 -8.50 -29.86 -20.18
C GLY A 376 -7.99 -30.30 -18.82
N PRO A 377 -6.77 -30.81 -18.78
CA PRO A 377 -6.20 -31.26 -17.51
C PRO A 377 -5.58 -30.11 -16.73
N LYS A 378 -5.30 -30.37 -15.46
CA LYS A 378 -4.65 -29.39 -14.61
C LYS A 378 -3.23 -29.20 -15.08
N LEU A 379 -2.95 -28.07 -15.73
CA LEU A 379 -1.63 -27.85 -16.31
C LEU A 379 -0.61 -27.44 -15.25
N TYR A 380 -0.83 -26.30 -14.61
CA TYR A 380 0.12 -25.75 -13.65
C TYR A 380 -0.58 -25.50 -12.31
N GLU A 381 0.15 -25.80 -11.23
CA GLU A 381 -0.32 -25.58 -9.87
C GLU A 381 0.79 -24.88 -9.11
N ALA A 382 0.58 -23.60 -8.77
CA ALA A 382 1.61 -22.83 -8.09
C ALA A 382 1.85 -23.35 -6.68
N ASN A 383 3.13 -23.41 -6.30
CA ASN A 383 3.52 -23.80 -4.95
C ASN A 383 3.53 -22.54 -4.09
N TRP A 384 2.54 -22.42 -3.20
CA TRP A 384 2.40 -21.20 -2.41
C TRP A 384 3.51 -21.05 -1.37
N MET A 385 4.09 -22.17 -0.92
CA MET A 385 5.16 -22.09 0.07
C MET A 385 6.39 -21.40 -0.50
N GLU A 386 6.84 -21.82 -1.68
CA GLU A 386 8.00 -21.17 -2.29
C GLU A 386 7.67 -19.81 -2.87
N LEU A 387 6.40 -19.57 -3.22
CA LEU A 387 6.03 -18.28 -3.79
C LEU A 387 6.20 -17.15 -2.77
N GLN A 388 5.78 -17.40 -1.52
CA GLN A 388 5.97 -16.38 -0.48
C GLN A 388 7.41 -16.30 0.00
N ASN A 389 8.20 -17.35 -0.16
CA ASN A 389 9.60 -17.29 0.22
C ASN A 389 10.38 -16.32 -0.66
N ASN A 390 9.97 -16.15 -1.92
CA ASN A 390 10.62 -15.19 -2.79
C ASN A 390 10.29 -13.75 -2.43
N GLY A 391 9.33 -13.52 -1.53
CA GLY A 391 8.98 -12.19 -1.08
C GLY A 391 7.91 -11.50 -1.90
N TYR A 392 7.45 -12.10 -2.99
CA TYR A 392 6.42 -11.50 -3.83
C TYR A 392 5.01 -11.78 -3.33
N ILE A 393 4.86 -12.64 -2.32
CA ILE A 393 3.57 -12.94 -1.73
C ILE A 393 3.67 -12.69 -0.23
N ALA A 394 2.70 -11.94 0.31
CA ALA A 394 2.72 -11.62 1.73
C ALA A 394 2.65 -12.89 2.57
N LYS A 395 3.52 -12.97 3.58
CA LYS A 395 3.55 -14.11 4.49
C LYS A 395 2.49 -13.89 5.56
N VAL A 396 1.26 -14.25 5.22
CA VAL A 396 0.13 -14.05 6.11
C VAL A 396 0.18 -15.08 7.23
N GLN A 397 0.08 -14.62 8.47
CA GLN A 397 0.11 -15.49 9.65
C GLN A 397 -1.32 -15.92 9.94
N CYS A 398 -1.71 -17.09 9.44
CA CYS A 398 -3.06 -17.59 9.65
C CYS A 398 -3.28 -17.92 11.12
N ALA A 399 -4.47 -17.55 11.61
CA ALA A 399 -4.83 -17.80 13.00
C ALA A 399 -6.27 -18.27 13.07
N GLU A 400 -6.58 -19.03 14.13
CA GLU A 400 -7.93 -19.52 14.39
C GLU A 400 -8.20 -19.34 15.87
N VAL A 401 -8.77 -18.20 16.23
CA VAL A 401 -9.07 -17.87 17.62
C VAL A 401 -10.56 -18.10 17.85
N TRP A 402 -10.88 -18.93 18.82
CA TRP A 402 -12.26 -19.27 19.15
C TRP A 402 -12.73 -18.49 20.38
N CYS A 403 -14.04 -18.39 20.52
CA CYS A 403 -14.65 -17.68 21.63
C CYS A 403 -15.72 -18.56 22.27
N PRO A 404 -15.66 -18.80 23.57
CA PRO A 404 -16.66 -19.64 24.22
C PRO A 404 -18.04 -19.01 24.18
N MET A 405 -19.05 -19.87 24.12
CA MET A 405 -20.44 -19.40 24.11
C MET A 405 -20.82 -18.87 25.49
N SER A 406 -21.44 -17.69 25.52
CA SER A 406 -21.90 -17.12 26.77
C SER A 406 -23.03 -17.96 27.35
N PRO A 407 -23.16 -18.02 28.67
CA PRO A 407 -24.25 -18.81 29.27
C PRO A 407 -25.63 -18.37 28.83
N GLU A 408 -25.84 -17.07 28.59
CA GLU A 408 -27.14 -16.59 28.17
C GLU A 408 -27.49 -16.99 26.74
N PHE A 409 -26.53 -17.48 25.96
CA PHE A 409 -26.76 -17.89 24.58
C PHE A 409 -26.73 -19.40 24.39
N TYR A 410 -25.91 -20.12 25.14
CA TYR A 410 -25.76 -21.56 24.92
C TYR A 410 -27.03 -22.33 25.30
N ARG A 411 -27.86 -21.80 26.20
CA ARG A 411 -29.10 -22.46 26.54
C ARG A 411 -30.03 -22.57 25.33
N GLU A 412 -30.13 -21.49 24.55
CA GLU A 412 -30.98 -21.51 23.36
C GLU A 412 -30.36 -22.31 22.22
N TYR A 413 -29.03 -22.37 22.16
CA TYR A 413 -28.38 -23.08 21.06
C TYR A 413 -28.73 -24.57 21.08
N VAL A 414 -28.72 -25.19 22.25
CA VAL A 414 -29.11 -26.59 22.35
C VAL A 414 -30.62 -26.75 22.34
N ALA A 415 -31.37 -25.71 22.67
CA ALA A 415 -32.83 -25.81 22.71
C ALA A 415 -33.43 -25.81 21.32
N ILE A 416 -32.88 -25.02 20.40
CA ILE A 416 -33.44 -24.87 19.06
C ILE A 416 -32.59 -25.67 18.08
N LYS A 417 -33.26 -26.20 17.06
CA LYS A 417 -32.59 -26.97 16.02
C LYS A 417 -33.02 -26.62 14.61
N THR A 418 -34.14 -25.92 14.41
CA THR A 418 -34.67 -25.66 13.08
C THR A 418 -34.02 -24.42 12.44
N LYS A 419 -32.69 -24.53 12.26
CA LYS A 419 -31.91 -23.54 11.54
C LYS A 419 -31.94 -22.16 12.18
N LYS A 420 -32.52 -22.04 13.37
CA LYS A 420 -32.54 -20.76 14.06
C LYS A 420 -31.30 -20.54 14.91
N ARG A 421 -30.40 -21.52 14.99
CA ARG A 421 -29.17 -21.37 15.75
C ARG A 421 -28.06 -20.68 14.96
N ILE A 422 -28.29 -20.40 13.67
CA ILE A 422 -27.25 -19.75 12.87
C ILE A 422 -26.94 -18.36 13.42
N LEU A 423 -27.99 -17.59 13.74
CA LEU A 423 -27.79 -16.29 14.34
C LEU A 423 -27.32 -16.37 15.78
N LEU A 424 -27.43 -17.53 16.41
CA LEU A 424 -27.12 -17.65 17.83
C LEU A 424 -25.62 -17.56 18.07
N TYR A 425 -24.86 -18.48 17.49
CA TYR A 425 -23.41 -18.43 17.65
C TYR A 425 -22.78 -17.27 16.89
N THR A 426 -23.47 -16.76 15.86
CA THR A 426 -22.96 -15.60 15.14
C THR A 426 -22.91 -14.36 16.02
N MET A 427 -23.94 -14.16 16.85
CA MET A 427 -24.04 -12.99 17.71
C MET A 427 -23.47 -13.25 19.11
N ASN A 428 -22.47 -14.11 19.21
CA ASN A 428 -21.84 -14.42 20.49
C ASN A 428 -21.20 -13.15 21.06
N PRO A 429 -21.58 -12.73 22.28
CA PRO A 429 -20.93 -11.54 22.86
C PRO A 429 -19.43 -11.69 23.01
N ASN A 430 -18.96 -12.90 23.34
CA ASN A 430 -17.52 -13.13 23.44
C ASN A 430 -16.83 -12.93 22.10
N LYS A 431 -17.45 -13.43 21.03
CA LYS A 431 -16.90 -13.20 19.69
C LYS A 431 -17.00 -11.74 19.30
N PHE A 432 -18.09 -11.07 19.70
CA PHE A 432 -18.23 -9.64 19.41
C PHE A 432 -17.14 -8.83 20.10
N ARG A 433 -16.85 -9.14 21.37
CA ARG A 433 -15.77 -8.45 22.07
C ARG A 433 -14.42 -8.73 21.43
N ALA A 434 -14.18 -9.98 21.02
CA ALA A 434 -12.92 -10.33 20.39
C ALA A 434 -12.75 -9.58 19.07
N CYS A 435 -13.82 -9.48 18.28
CA CYS A 435 -13.74 -8.74 17.02
C CYS A 435 -13.46 -7.26 17.27
N GLN A 436 -14.11 -6.67 18.27
CA GLN A 436 -13.89 -5.27 18.59
C GLN A 436 -12.45 -5.03 19.05
N PHE A 437 -11.91 -5.96 19.86
CA PHE A 437 -10.54 -5.81 20.33
C PHE A 437 -9.55 -5.84 19.17
N LEU A 438 -9.75 -6.75 18.22
CA LEU A 438 -8.85 -6.83 17.08
C LEU A 438 -8.93 -5.58 16.21
N ILE A 439 -10.14 -5.02 16.06
CA ILE A 439 -10.29 -3.82 15.24
C ILE A 439 -9.51 -2.66 15.85
N LYS A 440 -9.69 -2.44 17.15
CA LYS A 440 -9.06 -1.29 17.80
C LYS A 440 -7.54 -1.43 17.82
N PHE A 441 -7.04 -2.65 18.09
CA PHE A 441 -5.60 -2.84 18.18
C PHE A 441 -4.91 -2.56 16.85
N HIS A 442 -5.47 -3.07 15.75
CA HIS A 442 -4.83 -2.90 14.45
C HIS A 442 -5.00 -1.48 13.93
N GLU A 443 -6.08 -0.79 14.32
CA GLU A 443 -6.23 0.61 13.93
C GLU A 443 -5.19 1.49 14.60
N ARG A 444 -4.80 1.17 15.83
CA ARG A 444 -3.78 1.97 16.52
C ARG A 444 -2.43 1.87 15.83
N ARG A 445 -2.16 0.77 15.13
CA ARG A 445 -0.91 0.59 14.40
C ARG A 445 -1.08 0.81 12.90
N ASN A 446 -2.23 1.36 12.48
CA ASN A 446 -2.49 1.72 11.08
C ASN A 446 -2.38 0.49 10.17
N ASP A 447 -3.29 -0.45 10.40
CA ASP A 447 -3.42 -1.65 9.59
C ASP A 447 -4.75 -1.64 8.88
N LYS A 448 -4.73 -1.85 7.56
CA LYS A 448 -5.96 -1.95 6.79
C LYS A 448 -6.68 -3.24 7.14
N ILE A 449 -7.99 -3.14 7.41
CA ILE A 449 -8.79 -4.26 7.87
C ILE A 449 -9.97 -4.44 6.93
N ILE A 450 -10.19 -5.67 6.47
CA ILE A 450 -11.37 -6.05 5.73
C ILE A 450 -12.06 -7.16 6.50
N VAL A 451 -13.32 -6.95 6.85
CA VAL A 451 -14.07 -7.87 7.71
C VAL A 451 -15.14 -8.53 6.86
N PHE A 452 -14.89 -9.77 6.44
CA PHE A 452 -15.90 -10.56 5.76
C PHE A 452 -16.89 -11.13 6.77
N ALA A 453 -18.17 -11.13 6.40
CA ALA A 453 -19.21 -11.65 7.28
C ALA A 453 -20.44 -11.98 6.46
N ASP A 454 -20.80 -13.26 6.40
CA ASP A 454 -22.05 -13.66 5.77
C ASP A 454 -23.19 -13.42 6.76
N ASN A 455 -24.41 -13.83 6.39
CA ASN A 455 -25.60 -13.61 7.21
C ASN A 455 -25.78 -12.11 7.48
N VAL A 456 -26.09 -11.41 6.40
CA VAL A 456 -26.11 -9.94 6.35
C VAL A 456 -27.02 -9.37 7.45
N PHE A 457 -27.97 -10.16 7.92
CA PHE A 457 -28.82 -9.71 9.03
C PHE A 457 -27.98 -9.44 10.27
N ALA A 458 -27.03 -10.33 10.57
CA ALA A 458 -26.15 -10.10 11.71
C ALA A 458 -25.19 -8.94 11.45
N LEU A 459 -24.77 -8.75 10.20
CA LEU A 459 -23.82 -7.69 9.88
C LEU A 459 -24.40 -6.31 10.15
N LYS A 460 -25.72 -6.18 10.13
CA LYS A 460 -26.36 -4.89 10.39
C LYS A 460 -26.00 -4.37 11.78
N GLU A 461 -26.41 -5.10 12.82
CA GLU A 461 -26.10 -4.67 14.18
C GLU A 461 -24.62 -4.86 14.52
N TYR A 462 -23.88 -5.65 13.73
CA TYR A 462 -22.47 -5.85 14.00
C TYR A 462 -21.64 -4.64 13.57
N ALA A 463 -22.05 -3.94 12.53
CA ALA A 463 -21.29 -2.80 12.02
C ALA A 463 -21.74 -1.48 12.62
N ILE A 464 -23.06 -1.28 12.79
CA ILE A 464 -23.55 -0.02 13.34
C ILE A 464 -23.15 0.12 14.81
N ARG A 465 -22.96 -1.00 15.51
CA ARG A 465 -22.54 -0.93 16.90
C ARG A 465 -21.17 -0.28 17.03
N LEU A 466 -20.24 -0.62 16.13
CA LEU A 466 -18.93 0.01 16.09
C LEU A 466 -18.92 1.29 15.25
N ASN A 467 -20.05 1.62 14.60
CA ASN A 467 -20.16 2.81 13.77
C ASN A 467 -19.08 2.84 12.69
N LYS A 468 -19.09 1.82 11.84
CA LYS A 468 -18.12 1.67 10.77
C LYS A 468 -18.83 1.39 9.46
N PRO A 469 -18.24 1.79 8.34
CA PRO A 469 -18.89 1.54 7.04
C PRO A 469 -19.03 0.05 6.76
N TYR A 470 -20.11 -0.31 6.10
CA TYR A 470 -20.39 -1.69 5.75
C TYR A 470 -21.06 -1.75 4.39
N ILE A 471 -20.97 -2.91 3.76
CA ILE A 471 -21.58 -3.14 2.45
C ILE A 471 -22.63 -4.24 2.63
N TYR A 472 -23.90 -3.84 2.60
CA TYR A 472 -24.98 -4.83 2.63
C TYR A 472 -24.93 -5.72 1.40
N GLY A 473 -24.66 -5.14 0.24
CA GLY A 473 -24.44 -5.88 -0.98
C GLY A 473 -25.43 -5.57 -2.08
N PRO A 474 -26.74 -5.54 -1.75
CA PRO A 474 -27.73 -4.94 -2.65
C PRO A 474 -28.04 -3.48 -2.31
N THR A 475 -26.98 -2.66 -2.18
CA THR A 475 -27.18 -1.24 -1.87
C THR A 475 -27.33 -0.44 -3.16
N SER A 476 -26.29 -0.44 -3.99
CA SER A 476 -26.26 0.23 -5.29
C SER A 476 -24.93 -0.12 -5.94
N GLN A 477 -24.65 0.49 -7.09
CA GLN A 477 -23.34 0.36 -7.70
C GLN A 477 -22.41 1.51 -7.33
N GLY A 478 -22.92 2.73 -7.29
CA GLY A 478 -22.08 3.87 -6.95
C GLY A 478 -21.62 3.87 -5.51
N GLU A 479 -22.49 3.49 -4.59
CA GLU A 479 -22.13 3.49 -3.17
C GLU A 479 -21.01 2.50 -2.89
N ARG A 480 -21.08 1.32 -3.51
CA ARG A 480 -20.04 0.31 -3.30
C ARG A 480 -18.69 0.80 -3.83
N MET A 481 -18.68 1.46 -4.99
CA MET A 481 -17.43 1.90 -5.58
C MET A 481 -16.76 2.97 -4.72
N GLN A 482 -17.53 3.93 -4.20
CA GLN A 482 -16.94 5.03 -3.46
C GLN A 482 -16.41 4.58 -2.10
N ILE A 483 -17.05 3.60 -1.46
CA ILE A 483 -16.55 3.09 -0.19
C ILE A 483 -15.20 2.41 -0.38
N LEU A 484 -15.06 1.63 -1.45
CA LEU A 484 -13.78 0.98 -1.73
C LEU A 484 -12.76 1.98 -2.25
N GLN A 485 -13.21 3.04 -2.92
CA GLN A 485 -12.29 4.00 -3.51
C GLN A 485 -11.49 4.74 -2.44
N ASN A 486 -12.14 5.16 -1.36
CA ASN A 486 -11.47 5.88 -0.30
C ASN A 486 -11.00 4.98 0.83
N PHE A 487 -11.15 3.66 0.70
CA PHE A 487 -10.70 2.76 1.75
C PHE A 487 -9.18 2.80 1.89
N LYS A 488 -8.46 2.90 0.77
CA LYS A 488 -7.00 2.84 0.80
C LYS A 488 -6.37 4.19 1.15
N HIS A 489 -6.70 5.23 0.39
CA HIS A 489 -6.07 6.54 0.54
C HIS A 489 -6.85 7.45 1.49
N ASN A 490 -7.09 6.97 2.70
CA ASN A 490 -7.74 7.77 3.74
C ASN A 490 -7.30 7.22 5.09
N PRO A 491 -6.37 7.90 5.76
CA PRO A 491 -5.92 7.41 7.08
C PRO A 491 -7.01 7.44 8.14
N LYS A 492 -8.06 8.23 7.95
CA LYS A 492 -9.10 8.33 8.96
C LYS A 492 -9.90 7.03 9.09
N ILE A 493 -10.23 6.41 7.96
CA ILE A 493 -11.02 5.17 7.94
C ILE A 493 -10.21 4.09 7.25
N ASN A 494 -10.07 2.94 7.91
CA ASN A 494 -9.28 1.84 7.37
C ASN A 494 -9.92 0.47 7.57
N THR A 495 -11.21 0.41 7.92
CA THR A 495 -11.88 -0.86 8.15
C THR A 495 -13.27 -0.82 7.55
N ILE A 496 -13.62 -1.86 6.80
CA ILE A 496 -14.93 -1.98 6.18
C ILE A 496 -15.45 -3.40 6.39
N PHE A 497 -16.77 -3.54 6.23
CA PHE A 497 -17.44 -4.83 6.37
C PHE A 497 -17.99 -5.26 5.02
N ILE A 498 -17.81 -6.54 4.69
CA ILE A 498 -18.25 -7.11 3.43
C ILE A 498 -19.18 -8.28 3.71
N SER A 499 -20.30 -8.33 3.00
CA SER A 499 -21.28 -9.41 3.16
C SER A 499 -21.31 -10.23 1.87
N LYS A 500 -20.38 -11.20 1.80
CA LYS A 500 -20.34 -12.18 0.72
C LYS A 500 -20.08 -11.53 -0.64
N VAL A 501 -19.91 -10.21 -0.67
CA VAL A 501 -19.65 -9.51 -1.93
C VAL A 501 -18.24 -9.81 -2.43
N GLY A 502 -17.27 -9.85 -1.53
CA GLY A 502 -15.88 -10.04 -1.86
C GLY A 502 -15.44 -11.47 -2.08
N ASP A 503 -16.37 -12.41 -2.22
CA ASP A 503 -16.06 -13.80 -2.45
C ASP A 503 -15.74 -14.11 -3.91
N THR A 504 -15.43 -13.09 -4.70
CA THR A 504 -15.05 -13.27 -6.10
C THR A 504 -13.83 -12.40 -6.38
N SER A 505 -13.47 -12.27 -7.65
CA SER A 505 -12.30 -11.52 -8.06
C SER A 505 -12.71 -10.06 -8.27
N PHE A 506 -12.35 -9.21 -7.31
CA PHE A 506 -12.61 -7.77 -7.38
C PHE A 506 -11.29 -7.01 -7.36
N ASP A 507 -11.39 -5.69 -7.28
CA ASP A 507 -10.24 -4.80 -7.25
C ASP A 507 -10.03 -4.20 -5.86
N LEU A 508 -10.26 -4.99 -4.82
CA LEU A 508 -10.09 -4.52 -3.46
C LEU A 508 -8.63 -4.12 -3.22
N PRO A 509 -8.39 -2.99 -2.55
CA PRO A 509 -7.00 -2.56 -2.32
C PRO A 509 -6.27 -3.45 -1.32
N GLU A 510 -4.98 -3.19 -1.13
CA GLU A 510 -4.17 -4.01 -0.24
C GLU A 510 -4.65 -3.87 1.20
N ALA A 511 -4.72 -5.01 1.89
CA ALA A 511 -5.11 -5.04 3.29
C ALA A 511 -4.16 -5.96 4.05
N ASN A 512 -4.02 -5.69 5.35
CA ASN A 512 -3.12 -6.45 6.19
C ASN A 512 -3.82 -7.37 7.18
N VAL A 513 -5.05 -7.03 7.59
CA VAL A 513 -5.79 -7.81 8.58
C VAL A 513 -7.14 -8.17 7.98
N LEU A 514 -7.49 -9.46 8.08
CA LEU A 514 -8.79 -9.94 7.63
C LEU A 514 -9.44 -10.71 8.76
N ILE A 515 -10.71 -10.40 9.04
CA ILE A 515 -11.49 -11.05 10.08
C ILE A 515 -12.76 -11.58 9.44
N GLN A 516 -13.00 -12.89 9.56
CA GLN A 516 -14.18 -13.52 9.04
C GLN A 516 -15.02 -14.08 10.19
N ILE A 517 -16.31 -13.77 10.18
CA ILE A 517 -17.25 -14.23 11.20
C ILE A 517 -18.48 -14.78 10.50
N SER A 518 -18.89 -15.98 10.90
CA SER A 518 -20.08 -16.64 10.37
C SER A 518 -20.03 -16.74 8.84
N SER A 519 -19.04 -17.48 8.36
CA SER A 519 -18.89 -17.70 6.93
C SER A 519 -19.87 -18.78 6.47
N HIS A 520 -19.71 -19.26 5.25
CA HIS A 520 -20.61 -20.28 4.72
C HIS A 520 -20.39 -21.60 5.46
N GLY A 521 -21.19 -22.60 5.09
CA GLY A 521 -21.18 -23.87 5.80
C GLY A 521 -19.85 -24.61 5.75
N GLY A 522 -19.47 -25.09 4.57
CA GLY A 522 -18.23 -25.84 4.44
C GLY A 522 -17.49 -25.53 3.16
N SER A 523 -17.66 -24.30 2.65
CA SER A 523 -17.06 -23.90 1.39
C SER A 523 -15.57 -23.65 1.60
N ARG A 524 -14.74 -24.65 1.25
CA ARG A 524 -13.30 -24.45 1.30
C ARG A 524 -12.84 -23.40 0.31
N ARG A 525 -13.62 -23.19 -0.76
CA ARG A 525 -13.28 -22.17 -1.75
C ARG A 525 -13.34 -20.78 -1.14
N GLN A 526 -14.34 -20.52 -0.30
CA GLN A 526 -14.56 -19.16 0.20
C GLN A 526 -13.40 -18.67 1.04
N GLU A 527 -12.93 -19.50 1.99
CA GLU A 527 -11.81 -19.09 2.83
C GLU A 527 -10.55 -18.89 2.00
N ALA A 528 -10.29 -19.78 1.05
CA ALA A 528 -9.15 -19.61 0.17
C ALA A 528 -9.28 -18.36 -0.67
N GLN A 529 -10.50 -18.06 -1.14
CA GLN A 529 -10.73 -16.80 -1.84
C GLN A 529 -10.50 -15.61 -0.93
N ARG A 530 -11.02 -15.67 0.30
CA ARG A 530 -10.84 -14.57 1.23
C ARG A 530 -9.37 -14.38 1.61
N LEU A 531 -8.65 -15.48 1.81
CA LEU A 531 -7.24 -15.39 2.16
C LEU A 531 -6.43 -14.73 1.05
N GLY A 532 -6.79 -14.98 -0.21
CA GLY A 532 -6.08 -14.38 -1.32
C GLY A 532 -6.25 -12.88 -1.43
N ARG A 533 -7.26 -12.32 -0.76
CA ARG A 533 -7.49 -10.88 -0.81
C ARG A 533 -6.50 -10.09 0.03
N VAL A 534 -5.74 -10.75 0.91
CA VAL A 534 -4.77 -10.09 1.76
C VAL A 534 -3.38 -10.16 1.17
N LEU A 535 -2.95 -11.34 0.73
CA LEU A 535 -1.62 -11.49 0.15
C LEU A 535 -1.52 -10.73 -1.16
N ARG A 536 -0.34 -10.17 -1.42
CA ARG A 536 -0.11 -9.39 -2.63
C ARG A 536 1.38 -9.28 -2.93
N TYR A 537 6.36 -11.78 9.21
CA TYR A 537 4.91 -11.71 9.10
C TYR A 537 4.45 -10.30 8.74
N ASN A 538 4.48 -10.00 7.44
CA ASN A 538 4.03 -8.69 6.97
C ASN A 538 2.55 -8.48 7.24
N ALA A 539 1.74 -9.51 7.01
CA ALA A 539 0.30 -9.45 7.21
C ALA A 539 -0.16 -10.67 8.00
N PHE A 540 -1.39 -10.61 8.49
CA PHE A 540 -1.97 -11.70 9.26
C PHE A 540 -3.48 -11.53 9.31
N PHE A 541 -4.20 -12.64 9.26
CA PHE A 541 -5.65 -12.63 9.28
C PHE A 541 -6.15 -13.56 10.39
N TYR A 542 -7.32 -13.22 10.92
CA TYR A 542 -7.91 -13.96 12.04
C TYR A 542 -9.27 -14.51 11.63
N SER A 543 -9.58 -15.69 12.14
CA SER A 543 -10.88 -16.32 11.94
C SER A 543 -11.52 -16.56 13.30
N LEU A 544 -12.75 -16.08 13.47
CA LEU A 544 -13.47 -16.19 14.73
C LEU A 544 -14.54 -17.27 14.64
N VAL A 545 -14.51 -18.21 15.57
CA VAL A 545 -15.48 -19.28 15.64
C VAL A 545 -15.97 -19.40 17.08
N SER A 546 -17.12 -20.05 17.24
CA SER A 546 -17.75 -20.24 18.54
C SER A 546 -17.51 -21.67 19.01
N GLN A 547 -17.05 -21.80 20.26
CA GLN A 547 -16.78 -23.11 20.81
C GLN A 547 -18.07 -23.90 21.00
N ASP A 548 -17.95 -25.23 20.89
CA ASP A 548 -19.07 -26.15 21.08
C ASP A 548 -20.23 -25.86 20.13
N THR A 549 -19.92 -25.39 18.93
CA THR A 549 -20.90 -25.10 17.90
C THR A 549 -20.50 -25.77 16.60
N GLN A 550 -21.38 -25.66 15.60
CA GLN A 550 -21.10 -26.25 14.30
C GLN A 550 -19.93 -25.56 13.59
N GLU A 551 -19.62 -24.33 13.97
CA GLU A 551 -18.47 -23.65 13.37
C GLU A 551 -17.17 -24.35 13.72
N MET A 552 -17.12 -25.02 14.88
CA MET A 552 -15.92 -25.77 15.23
C MET A 552 -15.63 -26.87 14.21
N ALA A 553 -16.66 -27.62 13.81
CA ALA A 553 -16.47 -28.61 12.76
C ALA A 553 -16.32 -27.95 11.40
N TYR A 554 -17.04 -26.86 11.17
CA TYR A 554 -16.94 -26.17 9.88
C TYR A 554 -15.56 -25.58 9.66
N SER A 555 -14.98 -24.95 10.70
CA SER A 555 -13.65 -24.36 10.55
C SER A 555 -12.60 -25.42 10.26
N THR A 556 -12.67 -26.56 10.95
CA THR A 556 -11.70 -27.62 10.74
C THR A 556 -11.79 -28.19 9.33
N LYS A 557 -13.01 -28.39 8.83
CA LYS A 557 -13.19 -29.01 7.52
C LYS A 557 -12.92 -28.06 6.35
N ARG A 558 -12.78 -26.77 6.61
CA ARG A 558 -12.50 -25.81 5.55
C ARG A 558 -11.05 -25.33 5.55
N GLN A 559 -10.30 -25.56 6.62
CA GLN A 559 -8.88 -25.23 6.65
C GLN A 559 -8.01 -26.35 6.10
N ARG A 560 -8.60 -27.51 5.77
CA ARG A 560 -7.81 -28.62 5.25
C ARG A 560 -7.23 -28.32 3.88
N PHE A 561 -7.82 -27.39 3.13
CA PHE A 561 -7.21 -26.98 1.86
C PHE A 561 -5.98 -26.11 2.08
N LEU A 562 -6.02 -25.24 3.07
CA LEU A 562 -4.90 -24.34 3.32
C LEU A 562 -3.72 -25.04 3.99
N VAL A 563 -3.98 -26.03 4.84
CA VAL A 563 -2.88 -26.76 5.45
C VAL A 563 -2.12 -27.57 4.40
N ASP A 564 -2.80 -27.99 3.33
CA ASP A 564 -2.11 -28.62 2.22
C ASP A 564 -1.18 -27.63 1.53
N GLN A 565 -1.54 -26.35 1.55
CA GLN A 565 -0.67 -25.31 1.01
C GLN A 565 0.46 -24.94 1.95
N GLY A 566 0.48 -25.50 3.17
CA GLY A 566 1.54 -25.24 4.12
C GLY A 566 1.20 -24.28 5.24
N TYR A 567 0.06 -23.59 5.14
CA TYR A 567 -0.33 -22.66 6.18
C TYR A 567 -0.71 -23.41 7.46
N SER A 568 -0.31 -22.85 8.60
CA SER A 568 -0.63 -23.42 9.90
C SER A 568 -1.47 -22.42 10.69
N PHE A 569 -2.58 -22.90 11.24
CA PHE A 569 -3.52 -22.06 11.99
C PHE A 569 -3.21 -22.17 13.48
N LYS A 570 -2.58 -21.15 14.03
CA LYS A 570 -2.35 -21.10 15.47
C LYS A 570 -3.67 -20.90 16.19
N VAL A 571 -3.87 -21.66 17.28
CA VAL A 571 -5.09 -21.60 18.07
C VAL A 571 -4.88 -20.64 19.23
N ILE A 572 -5.74 -19.65 19.33
CA ILE A 572 -5.66 -18.63 20.38
C ILE A 572 -6.92 -18.72 21.22
N THR A 573 -6.75 -18.92 22.53
CA THR A 573 -7.86 -18.97 23.46
C THR A 573 -7.93 -17.76 24.39
N LYS A 574 -6.82 -17.06 24.59
CA LYS A 574 -6.76 -15.88 25.42
C LYS A 574 -6.22 -14.71 24.61
N LEU A 575 -6.87 -13.56 24.73
CA LEU A 575 -6.43 -12.33 24.09
C LEU A 575 -5.80 -11.42 25.13
N ALA A 576 -4.56 -11.00 24.87
CA ALA A 576 -3.83 -10.18 25.84
C ALA A 576 -4.52 -8.83 26.02
N GLY A 577 -4.63 -8.40 27.27
CA GLY A 577 -5.26 -7.13 27.58
C GLY A 577 -6.73 -7.06 27.21
N MET A 578 -7.46 -8.17 27.37
CA MET A 578 -8.90 -8.14 27.10
C MET A 578 -9.62 -7.24 28.09
N GLU A 579 -9.26 -7.33 29.36
CA GLU A 579 -9.85 -6.49 30.40
C GLU A 579 -9.07 -5.21 30.64
N GLU A 580 -7.98 -4.99 29.89
CA GLU A 580 -7.20 -3.76 30.06
C GLU A 580 -8.02 -2.53 29.68
N GLU A 581 -8.78 -2.62 28.60
CA GLU A 581 -9.62 -1.52 28.13
C GLU A 581 -11.08 -1.95 28.14
N ASP A 582 -11.96 -0.98 27.91
CA ASP A 582 -13.40 -1.22 27.91
C ASP A 582 -13.87 -1.64 26.51
N LEU A 583 -14.73 -2.65 26.48
CA LEU A 583 -15.29 -3.16 25.24
C LEU A 583 -16.80 -3.19 25.35
N ALA A 584 -17.45 -3.48 24.24
CA ALA A 584 -18.91 -3.60 24.23
C ALA A 584 -19.35 -4.84 24.99
N PHE A 585 -20.62 -4.83 25.40
CA PHE A 585 -21.22 -5.92 26.17
C PHE A 585 -20.44 -6.19 27.45
N SER A 586 -20.02 -5.11 28.13
CA SER A 586 -19.25 -5.26 29.36
C SER A 586 -20.08 -5.92 30.45
N THR A 587 -21.36 -5.54 30.56
CA THR A 587 -22.24 -6.08 31.59
C THR A 587 -23.18 -7.12 30.97
N LYS A 588 -23.84 -7.87 31.85
CA LYS A 588 -24.76 -8.91 31.41
C LYS A 588 -26.10 -8.35 30.95
N GLU A 589 -26.43 -7.11 31.33
CA GLU A 589 -27.74 -6.55 31.02
C GLU A 589 -27.95 -6.44 29.52
N GLU A 590 -26.96 -5.89 28.80
CA GLU A 590 -27.12 -5.75 27.35
C GLU A 590 -26.95 -7.07 26.62
N GLN A 591 -26.19 -8.01 27.21
CA GLN A 591 -26.04 -9.32 26.58
C GLN A 591 -27.35 -10.09 26.57
N GLN A 592 -28.03 -10.16 27.72
CA GLN A 592 -29.33 -10.82 27.77
C GLN A 592 -30.38 -10.04 26.98
N GLN A 593 -30.21 -8.72 26.85
CA GLN A 593 -31.13 -7.93 26.04
C GLN A 593 -31.01 -8.31 24.57
N LEU A 594 -29.79 -8.61 24.10
CA LEU A 594 -29.59 -8.97 22.70
C LEU A 594 -30.24 -10.30 22.34
N LEU A 595 -30.59 -11.12 23.33
CA LEU A 595 -31.31 -12.36 23.04
C LEU A 595 -32.64 -12.10 22.36
N GLN A 596 -33.29 -10.97 22.68
CA GLN A 596 -34.58 -10.67 22.10
C GLN A 596 -34.46 -10.33 20.62
N LYS A 597 -33.50 -9.47 20.27
CA LYS A 597 -33.37 -9.05 18.88
C LYS A 597 -32.83 -10.17 17.99
N VAL A 598 -31.93 -11.00 18.53
CA VAL A 598 -31.39 -12.11 17.74
C VAL A 598 -32.46 -13.18 17.53
N LEU A 599 -33.43 -13.29 18.45
CA LEU A 599 -34.55 -14.20 18.30
C LEU A 599 -35.74 -13.57 17.61
N ALA A 600 -35.61 -12.33 17.13
CA ALA A 600 -36.70 -11.60 16.50
C ALA A 600 -36.85 -11.94 15.02
N ALA A 601 -36.31 -13.08 14.57
CA ALA A 601 -36.50 -13.48 13.18
C ALA A 601 -37.96 -13.70 12.86
N THR A 602 -38.67 -14.39 13.77
CA THR A 602 -40.12 -14.65 13.70
C THR A 602 -40.61 -14.90 12.27
N ASP A 603 -39.89 -15.76 11.57
CA ASP A 603 -40.25 -16.11 10.20
C ASP A 603 -41.37 -17.14 10.17
N MET B 1 12.43 6.19 -38.60
CA MET B 1 13.07 5.29 -39.56
C MET B 1 12.13 4.98 -40.74
N LYS B 2 12.42 3.89 -41.44
CA LYS B 2 11.64 3.51 -42.62
C LYS B 2 10.46 2.65 -42.18
N LEU B 3 9.36 3.29 -41.83
CA LEU B 3 8.14 2.59 -41.48
C LEU B 3 7.50 2.03 -42.74
N ASN B 4 7.14 0.75 -42.69
CA ASN B 4 6.60 0.04 -43.86
C ASN B 4 5.08 -0.06 -43.70
N VAL B 5 4.37 0.88 -44.31
CA VAL B 5 2.92 0.80 -44.38
C VAL B 5 2.56 -0.13 -45.54
N ASP B 6 1.30 -0.57 -45.59
CA ASP B 6 0.93 -1.75 -46.38
C ASP B 6 1.36 -1.63 -47.83
N GLY B 7 1.47 -0.42 -48.37
CA GLY B 7 1.92 -0.27 -49.73
C GLY B 7 2.96 0.82 -49.94
N LEU B 8 3.72 1.15 -48.89
CA LEU B 8 4.67 2.24 -49.03
C LEU B 8 5.69 2.18 -47.89
N LEU B 9 6.80 2.87 -48.08
CA LEU B 9 7.80 3.08 -47.04
C LEU B 9 7.93 4.58 -46.78
N VAL B 10 7.88 4.97 -45.52
CA VAL B 10 7.92 6.38 -45.12
C VAL B 10 9.07 6.58 -44.15
N TYR B 11 9.92 7.57 -44.45
CA TYR B 11 11.04 7.90 -43.58
C TYR B 11 10.56 8.76 -42.42
N PHE B 12 10.99 8.42 -41.20
CA PHE B 12 10.59 9.14 -40.00
C PHE B 12 11.84 9.51 -39.22
N PRO B 13 12.00 10.79 -38.82
CA PRO B 13 13.20 11.18 -38.07
C PRO B 13 13.37 10.45 -36.76
N TYR B 14 12.28 10.10 -36.08
CA TYR B 14 12.34 9.43 -34.80
C TYR B 14 12.34 7.93 -34.99
N ASP B 15 13.31 7.25 -34.36
CA ASP B 15 13.40 5.80 -34.48
C ASP B 15 12.19 5.10 -33.86
N TYR B 16 11.73 5.59 -32.71
CA TYR B 16 10.61 4.99 -32.00
C TYR B 16 9.30 5.61 -32.45
N ILE B 17 8.32 4.76 -32.76
CA ILE B 17 7.00 5.20 -33.18
C ILE B 17 5.97 4.63 -32.21
N TYR B 18 5.15 5.52 -31.64
CA TYR B 18 4.10 5.07 -30.74
C TYR B 18 2.99 4.37 -31.54
N PRO B 19 2.27 3.45 -30.89
CA PRO B 19 1.14 2.80 -31.59
C PRO B 19 0.09 3.78 -32.06
N GLU B 20 -0.13 4.87 -31.33
CA GLU B 20 -1.06 5.90 -31.78
C GLU B 20 -0.61 6.51 -33.10
N GLN B 21 0.69 6.80 -33.22
CA GLN B 21 1.21 7.35 -34.47
C GLN B 21 1.02 6.37 -35.62
N PHE B 22 1.29 5.08 -35.39
CA PHE B 22 1.11 4.10 -36.45
C PHE B 22 -0.35 3.98 -36.87
N SER B 23 -1.26 3.96 -35.90
CA SER B 23 -2.69 3.89 -36.23
C SER B 23 -3.13 5.14 -36.98
N TYR B 24 -2.62 6.31 -36.59
CA TYR B 24 -2.95 7.53 -37.29
C TYR B 24 -2.45 7.50 -38.73
N MET B 25 -1.23 6.98 -38.94
CA MET B 25 -0.71 6.85 -40.29
C MET B 25 -1.55 5.89 -41.11
N ARG B 26 -1.96 4.77 -40.51
CA ARG B 26 -2.84 3.83 -41.20
C ARG B 26 -4.14 4.50 -41.63
N GLU B 27 -4.76 5.24 -40.70
CA GLU B 27 -6.02 5.91 -41.02
C GLU B 27 -5.83 6.96 -42.11
N LEU B 28 -4.75 7.73 -42.04
CA LEU B 28 -4.52 8.75 -43.05
C LEU B 28 -4.26 8.13 -44.42
N LYS B 29 -3.51 7.04 -44.46
CA LYS B 29 -3.29 6.34 -45.73
C LYS B 29 -4.61 5.81 -46.29
N ARG B 30 -5.46 5.25 -45.43
CA ARG B 30 -6.75 4.77 -45.87
C ARG B 30 -7.61 5.90 -46.41
N THR B 31 -7.60 7.05 -45.73
CA THR B 31 -8.38 8.20 -46.19
C THR B 31 -7.87 8.72 -47.52
N LEU B 32 -6.55 8.81 -47.69
CA LEU B 32 -5.99 9.26 -48.94
C LEU B 32 -6.32 8.30 -50.08
N ASP B 33 -6.25 6.99 -49.81
CA ASP B 33 -6.64 6.01 -50.82
C ASP B 33 -8.13 6.05 -51.11
N ALA B 34 -8.95 6.55 -50.17
CA ALA B 34 -10.38 6.65 -50.40
C ALA B 34 -10.77 7.87 -51.21
N LYS B 35 -9.84 8.81 -51.41
CA LYS B 35 -10.08 10.01 -52.22
C LYS B 35 -11.27 10.81 -51.71
N GLY B 36 -11.42 10.90 -50.38
CA GLY B 36 -12.53 11.61 -49.80
C GLY B 36 -12.09 12.40 -48.57
N HIS B 37 -13.05 13.12 -48.00
CA HIS B 37 -12.81 13.94 -46.83
C HIS B 37 -12.76 13.05 -45.58
N GLY B 38 -12.58 13.69 -44.43
CA GLY B 38 -12.55 12.94 -43.18
C GLY B 38 -12.29 13.88 -42.01
N VAL B 39 -12.43 13.32 -40.81
CA VAL B 39 -12.21 14.04 -39.57
C VAL B 39 -11.31 13.21 -38.68
N LEU B 40 -10.38 13.87 -37.98
CA LEU B 40 -9.41 13.21 -37.13
C LEU B 40 -9.41 13.84 -35.75
N GLU B 41 -8.92 13.08 -34.77
CA GLU B 41 -8.85 13.55 -33.39
C GLU B 41 -7.63 12.92 -32.73
N MET B 42 -6.66 13.75 -32.35
CA MET B 42 -5.49 13.32 -31.63
C MET B 42 -5.27 14.20 -30.41
N PRO B 43 -4.70 13.67 -29.34
CA PRO B 43 -4.46 14.46 -28.13
C PRO B 43 -3.08 15.08 -28.02
N SER B 44 -2.20 14.87 -28.99
CA SER B 44 -0.83 15.34 -28.93
C SER B 44 -0.68 16.59 -29.80
N GLY B 45 -0.38 17.72 -29.16
CA GLY B 45 -0.08 18.91 -29.93
C GLY B 45 1.22 18.79 -30.70
N THR B 46 2.22 18.15 -30.11
CA THR B 46 3.48 17.87 -30.75
C THR B 46 3.57 16.40 -31.12
N GLY B 47 4.26 16.11 -32.22
CA GLY B 47 4.37 14.77 -32.75
C GLY B 47 3.34 14.43 -33.80
N LYS B 48 2.24 15.18 -33.87
CA LYS B 48 1.29 15.00 -34.97
C LYS B 48 1.83 15.61 -36.26
N THR B 49 2.46 16.79 -36.16
CA THR B 49 2.92 17.49 -37.35
C THR B 49 3.99 16.70 -38.09
N VAL B 50 4.94 16.10 -37.35
CA VAL B 50 6.02 15.36 -37.98
C VAL B 50 5.47 14.15 -38.73
N SER B 51 4.56 13.42 -38.11
CA SER B 51 3.96 12.25 -38.77
C SER B 51 3.15 12.68 -39.99
N LEU B 52 2.37 13.76 -39.86
CA LEU B 52 1.59 14.25 -40.99
C LEU B 52 2.49 14.61 -42.17
N LEU B 53 3.56 15.37 -41.90
CA LEU B 53 4.46 15.78 -42.97
C LEU B 53 5.18 14.59 -43.59
N ALA B 54 5.60 13.63 -42.76
CA ALA B 54 6.29 12.46 -43.28
C ALA B 54 5.37 11.65 -44.19
N LEU B 55 4.13 11.43 -43.77
CA LEU B 55 3.21 10.66 -44.61
C LEU B 55 2.84 11.44 -45.87
N ILE B 56 2.73 12.76 -45.77
CA ILE B 56 2.45 13.58 -46.95
C ILE B 56 3.58 13.46 -47.96
N MET B 57 4.83 13.55 -47.49
CA MET B 57 5.98 13.43 -48.37
C MET B 57 6.05 12.04 -48.99
N ALA B 58 5.77 11.01 -48.20
CA ALA B 58 5.79 9.64 -48.72
C ALA B 58 4.72 9.45 -49.80
N TYR B 59 3.52 9.99 -49.56
CA TYR B 59 2.44 9.87 -50.55
C TYR B 59 2.77 10.65 -51.82
N GLN B 60 3.37 11.83 -51.68
CA GLN B 60 3.78 12.61 -52.85
C GLN B 60 4.84 11.87 -53.65
N ARG B 61 5.82 11.26 -52.97
CA ARG B 61 6.84 10.50 -53.68
C ARG B 61 6.23 9.28 -54.37
N ALA B 62 5.30 8.59 -53.71
CA ALA B 62 4.69 7.42 -54.31
C ALA B 62 3.73 7.81 -55.43
N TYR B 63 2.92 8.85 -55.22
CA TYR B 63 1.90 9.27 -56.18
C TYR B 63 2.04 10.76 -56.45
N PRO B 64 3.03 11.15 -57.27
CA PRO B 64 3.17 12.58 -57.61
C PRO B 64 1.95 13.15 -58.33
N LEU B 65 1.27 12.34 -59.14
CA LEU B 65 0.12 12.84 -59.88
C LEU B 65 -1.12 12.98 -59.01
N GLU B 66 -1.28 12.09 -58.01
CA GLU B 66 -2.48 12.12 -57.19
C GLU B 66 -2.51 13.35 -56.27
N VAL B 67 -1.37 13.71 -55.70
CA VAL B 67 -1.26 14.84 -54.79
C VAL B 67 -0.20 15.80 -55.33
N THR B 68 -0.57 17.07 -55.44
CA THR B 68 0.34 18.08 -55.97
C THR B 68 0.54 19.25 -55.02
N LYS B 69 -0.50 19.70 -54.33
CA LYS B 69 -0.41 20.84 -53.43
C LYS B 69 -0.95 20.44 -52.05
N LEU B 70 -0.27 20.90 -51.02
CA LEU B 70 -0.63 20.60 -49.64
C LEU B 70 -0.84 21.91 -48.88
N ILE B 71 -1.91 21.97 -48.08
CA ILE B 71 -2.24 23.13 -47.28
C ILE B 71 -2.33 22.69 -45.83
N TYR B 72 -1.67 23.44 -44.95
CA TYR B 72 -1.58 23.13 -43.52
C TYR B 72 -2.04 24.34 -42.70
N CYS B 73 -3.22 24.86 -43.02
CA CYS B 73 -3.73 26.04 -42.33
C CYS B 73 -3.81 25.81 -40.83
N SER B 74 -3.37 26.81 -40.07
CA SER B 74 -3.39 26.74 -38.61
C SER B 74 -4.13 27.95 -38.05
N ARG B 75 -4.08 28.12 -36.72
CA ARG B 75 -4.83 29.20 -36.08
C ARG B 75 -4.00 30.47 -35.90
N THR B 76 -2.72 30.35 -35.55
CA THR B 76 -1.88 31.49 -35.22
C THR B 76 -0.53 31.36 -35.92
N VAL B 77 0.30 32.38 -35.72
CA VAL B 77 1.64 32.44 -36.32
C VAL B 77 2.63 31.53 -35.59
N PRO B 78 2.59 31.39 -34.26
CA PRO B 78 3.49 30.40 -33.62
C PRO B 78 3.30 29.00 -34.15
N GLU B 79 2.06 28.60 -34.44
CA GLU B 79 1.84 27.29 -35.05
C GLU B 79 2.51 27.21 -36.41
N ILE B 80 2.41 28.28 -37.20
CA ILE B 80 3.03 28.31 -38.53
C ILE B 80 4.55 28.15 -38.40
N GLU B 81 5.16 28.89 -37.49
CA GLU B 81 6.61 28.83 -37.37
C GLU B 81 7.07 27.47 -36.83
N LYS B 82 6.32 26.89 -35.90
CA LYS B 82 6.72 25.59 -35.36
C LYS B 82 6.55 24.49 -36.40
N VAL B 83 5.49 24.54 -37.21
CA VAL B 83 5.36 23.53 -38.26
C VAL B 83 6.41 23.74 -39.33
N ILE B 84 6.79 24.99 -39.61
CA ILE B 84 7.85 25.25 -40.59
C ILE B 84 9.17 24.68 -40.11
N GLU B 85 9.52 24.91 -38.84
CA GLU B 85 10.79 24.39 -38.33
C GLU B 85 10.75 22.86 -38.23
N GLU B 86 9.59 22.29 -37.93
CA GLU B 86 9.48 20.82 -37.94
C GLU B 86 9.68 20.28 -39.35
N LEU B 87 9.11 20.94 -40.36
CA LEU B 87 9.33 20.53 -41.74
C LEU B 87 10.80 20.67 -42.12
N ARG B 88 11.46 21.73 -41.65
CA ARG B 88 12.89 21.90 -41.92
C ARG B 88 13.70 20.77 -41.30
N LYS B 89 13.36 20.38 -40.06
CA LYS B 89 14.04 19.26 -39.41
C LYS B 89 13.81 17.97 -40.19
N LEU B 90 12.58 17.76 -40.67
CA LEU B 90 12.29 16.56 -41.45
C LEU B 90 13.08 16.55 -42.75
N LEU B 91 13.19 17.70 -43.42
CA LEU B 91 13.97 17.78 -44.65
C LEU B 91 15.45 17.52 -44.39
N ASN B 92 15.98 18.06 -43.29
CA ASN B 92 17.37 17.78 -42.93
C ASN B 92 17.58 16.31 -42.66
N PHE B 93 16.65 15.67 -41.96
CA PHE B 93 16.74 14.23 -41.71
C PHE B 93 16.72 13.46 -43.02
N TYR B 94 15.83 13.82 -43.94
CA TYR B 94 15.77 13.12 -45.22
C TYR B 94 17.06 13.31 -46.00
N GLU B 95 17.63 14.52 -45.99
CA GLU B 95 18.88 14.77 -46.69
C GLU B 95 20.01 13.95 -46.10
N LYS B 96 20.09 13.87 -44.76
CA LYS B 96 21.20 13.14 -44.15
C LYS B 96 21.02 11.63 -44.28
N GLN B 97 19.79 11.14 -44.39
CA GLN B 97 19.56 9.71 -44.52
C GLN B 97 19.47 9.25 -45.98
N GLU B 98 19.40 10.17 -46.94
CA GLU B 98 19.27 9.82 -48.34
C GLU B 98 20.44 10.29 -49.19
N GLY B 99 20.91 11.53 -48.99
CA GLY B 99 22.10 12.03 -49.65
C GLY B 99 21.86 12.94 -50.84
N GLU B 100 20.63 13.00 -51.35
CA GLU B 100 20.32 13.82 -52.51
C GLU B 100 19.14 14.74 -52.20
N LYS B 101 19.15 15.92 -52.81
CA LYS B 101 18.08 16.89 -52.63
C LYS B 101 16.87 16.52 -53.50
N LEU B 102 15.74 17.15 -53.17
CA LEU B 102 14.51 16.99 -53.92
C LEU B 102 13.92 18.35 -54.25
N PRO B 103 13.21 18.47 -55.38
CA PRO B 103 12.62 19.77 -55.76
C PRO B 103 11.34 20.07 -54.99
N PHE B 104 11.49 20.30 -53.70
CA PHE B 104 10.37 20.64 -52.82
C PHE B 104 10.58 22.04 -52.25
N LEU B 105 9.55 22.86 -52.34
CA LEU B 105 9.57 24.23 -51.84
C LEU B 105 8.49 24.41 -50.78
N GLY B 106 8.87 25.01 -49.66
CA GLY B 106 7.93 25.25 -48.58
C GLY B 106 8.05 26.66 -48.03
N LEU B 107 6.97 27.42 -48.10
CA LEU B 107 6.96 28.82 -47.69
C LEU B 107 5.79 29.07 -46.75
N ALA B 108 5.96 30.09 -45.91
CA ALA B 108 4.95 30.50 -44.94
C ALA B 108 4.37 31.84 -45.33
N LEU B 109 3.05 31.96 -45.22
CA LEU B 109 2.33 33.17 -45.62
C LEU B 109 1.73 33.85 -44.39
N SER B 110 1.76 35.17 -44.39
CA SER B 110 1.18 35.96 -43.30
C SER B 110 0.71 37.28 -43.86
N SER B 111 0.39 38.22 -42.98
CA SER B 111 -0.12 39.52 -43.40
C SER B 111 1.02 40.40 -43.93
N ARG B 112 0.64 41.54 -44.50
CA ARG B 112 1.63 42.47 -45.03
C ARG B 112 2.51 43.03 -43.92
N LYS B 113 1.93 43.30 -42.75
CA LYS B 113 2.73 43.80 -41.63
C LYS B 113 3.77 42.78 -41.19
N ASN B 114 3.40 41.50 -41.15
CA ASN B 114 4.35 40.47 -40.76
C ASN B 114 5.49 40.34 -41.77
N LEU B 115 5.17 40.42 -43.06
CA LEU B 115 6.16 40.26 -44.13
C LEU B 115 6.34 41.62 -44.80
N CYS B 116 7.25 42.43 -44.25
CA CYS B 116 7.58 43.71 -44.83
C CYS B 116 9.00 44.09 -44.40
N ILE B 117 9.66 44.89 -45.23
CA ILE B 117 11.04 45.29 -44.96
C ILE B 117 11.19 46.79 -44.76
N HIS B 118 10.18 47.58 -45.10
CA HIS B 118 10.27 49.04 -44.91
C HIS B 118 10.27 49.39 -43.43
N PRO B 119 11.28 50.11 -42.94
CA PRO B 119 11.28 50.49 -41.52
C PRO B 119 10.30 51.60 -41.17
N GLU B 120 9.67 52.23 -42.16
CA GLU B 120 8.73 53.32 -41.90
C GLU B 120 7.31 52.82 -41.61
N VAL B 121 7.04 51.53 -41.79
CA VAL B 121 5.72 50.99 -41.53
C VAL B 121 5.72 49.91 -40.45
N THR B 122 6.86 49.33 -40.10
CA THR B 122 6.90 48.33 -39.04
C THR B 122 6.51 48.87 -37.67
N PRO B 123 7.03 50.02 -37.19
CA PRO B 123 6.76 50.41 -35.80
C PRO B 123 5.28 50.65 -35.50
N LEU B 124 4.50 51.14 -36.47
CA LEU B 124 3.10 51.43 -36.21
C LEU B 124 2.31 50.14 -36.00
N ARG B 125 1.24 50.26 -35.23
CA ARG B 125 0.41 49.12 -34.86
C ARG B 125 -0.99 49.23 -35.45
N PHE B 126 -1.08 49.63 -36.72
CA PHE B 126 -2.35 49.75 -37.43
C PHE B 126 -2.39 48.64 -38.49
N GLY B 127 -3.08 47.55 -38.17
CA GLY B 127 -3.18 46.44 -39.11
C GLY B 127 -4.08 46.72 -40.30
N LYS B 128 -4.99 47.67 -40.17
CA LYS B 128 -5.88 48.05 -41.27
C LYS B 128 -5.30 49.13 -42.16
N ASP B 129 -4.15 49.71 -41.79
CA ASP B 129 -3.52 50.75 -42.58
C ASP B 129 -2.24 50.32 -43.28
N VAL B 130 -1.63 49.22 -42.84
CA VAL B 130 -0.39 48.76 -43.47
C VAL B 130 -0.64 48.36 -44.92
N ASP B 131 -1.75 47.65 -45.17
CA ASP B 131 -2.08 47.25 -46.54
C ASP B 131 -2.37 48.47 -47.40
N GLY B 132 -3.08 49.46 -46.86
CA GLY B 132 -3.35 50.67 -47.62
C GLY B 132 -2.09 51.44 -47.95
N LYS B 133 -1.18 51.57 -46.99
CA LYS B 133 0.08 52.26 -47.25
C LYS B 133 0.91 51.50 -48.27
N CYS B 134 0.93 50.16 -48.19
CA CYS B 134 1.65 49.36 -49.17
C CYS B 134 1.08 49.55 -50.57
N HIS B 135 -0.26 49.58 -50.68
CA HIS B 135 -0.88 49.80 -51.98
C HIS B 135 -0.58 51.20 -52.51
N SER B 136 -0.57 52.20 -51.62
CA SER B 136 -0.24 53.56 -52.04
C SER B 136 1.20 53.65 -52.53
N LEU B 137 2.12 52.99 -51.83
CA LEU B 137 3.53 53.04 -52.23
C LEU B 137 3.76 52.36 -53.57
N THR B 138 3.15 51.19 -53.78
CA THR B 138 3.30 50.46 -55.03
C THR B 138 1.95 49.91 -55.47
N ALA B 139 1.58 50.18 -56.72
CA ALA B 139 0.32 49.72 -57.29
C ALA B 139 0.44 49.81 -58.82
N SER B 140 -0.70 49.66 -59.50
CA SER B 140 -0.70 49.77 -60.95
C SER B 140 -0.30 51.16 -61.41
N TYR B 141 -0.83 52.20 -60.75
CA TYR B 141 -0.48 53.56 -61.13
C TYR B 141 0.98 53.86 -60.81
N VAL B 142 1.50 53.31 -59.70
CA VAL B 142 2.92 53.47 -59.37
C VAL B 142 3.77 52.84 -60.46
N ARG B 143 3.41 51.63 -60.90
CA ARG B 143 4.16 50.98 -61.98
C ARG B 143 4.08 51.79 -63.26
N ALA B 144 2.91 52.35 -63.57
CA ALA B 144 2.76 53.15 -64.78
C ALA B 144 3.63 54.41 -64.73
N GLN B 145 3.67 55.09 -63.58
CA GLN B 145 4.44 56.31 -63.45
C GLN B 145 5.92 56.07 -63.24
N TYR B 146 6.32 54.84 -62.89
CA TYR B 146 7.74 54.54 -62.71
C TYR B 146 8.52 54.60 -64.03
N GLN B 147 7.83 54.51 -65.16
CA GLN B 147 8.51 54.61 -66.44
C GLN B 147 9.18 55.97 -66.62
N HIS B 148 8.49 57.04 -66.22
CA HIS B 148 9.07 58.38 -66.24
C HIS B 148 10.07 58.61 -65.12
N ASP B 149 10.15 57.70 -64.14
CA ASP B 149 11.07 57.81 -63.01
C ASP B 149 10.84 59.11 -62.24
N THR B 150 9.60 59.29 -61.81
CA THR B 150 9.24 60.48 -61.04
C THR B 150 9.92 60.43 -59.67
N SER B 151 10.42 61.59 -59.23
CA SER B 151 11.14 61.70 -57.96
C SER B 151 10.13 61.85 -56.83
N LEU B 152 9.80 60.74 -56.19
CA LEU B 152 8.89 60.72 -55.06
C LEU B 152 9.19 59.50 -54.20
N PRO B 153 9.04 59.60 -52.88
CA PRO B 153 9.31 58.45 -52.01
C PRO B 153 8.27 57.36 -52.21
N HIS B 154 8.73 56.16 -52.56
CA HIS B 154 7.83 55.03 -52.76
C HIS B 154 8.63 53.75 -52.58
N CYS B 155 7.91 52.64 -52.40
CA CYS B 155 8.54 51.35 -52.27
C CYS B 155 9.16 50.93 -53.59
N ARG B 156 10.36 50.34 -53.52
CA ARG B 156 11.09 49.93 -54.71
C ARG B 156 11.39 48.44 -54.75
N PHE B 157 10.93 47.67 -53.76
CA PHE B 157 11.15 46.23 -53.78
C PHE B 157 10.47 45.58 -54.98
N TYR B 158 9.23 45.99 -55.27
CA TYR B 158 8.52 45.44 -56.43
C TYR B 158 9.15 45.89 -57.73
N GLU B 159 9.65 47.14 -57.78
CA GLU B 159 10.26 47.67 -58.99
C GLU B 159 11.53 46.92 -59.37
N GLU B 160 12.12 46.17 -58.44
CA GLU B 160 13.23 45.28 -58.75
C GLU B 160 12.80 43.83 -58.89
N PHE B 161 11.79 43.41 -58.13
CA PHE B 161 11.30 42.04 -58.23
C PHE B 161 10.69 41.76 -59.59
N ASP B 162 9.93 42.71 -60.14
CA ASP B 162 9.27 42.49 -61.42
C ASP B 162 10.27 42.34 -62.57
N ALA B 163 11.49 42.82 -62.41
CA ALA B 163 12.51 42.69 -63.43
C ALA B 163 13.55 41.61 -63.13
N HIS B 164 13.67 41.18 -61.87
CA HIS B 164 14.64 40.18 -61.49
C HIS B 164 14.04 38.94 -60.82
N GLY B 165 13.04 39.11 -59.97
CA GLY B 165 12.47 38.00 -59.24
C GLY B 165 11.40 37.21 -59.98
N ARG B 166 11.00 37.65 -61.16
CA ARG B 166 9.99 36.95 -61.94
C ARG B 166 10.59 35.93 -62.91
N GLU B 167 11.91 35.74 -62.89
CA GLU B 167 12.59 34.81 -63.78
C GLU B 167 13.20 33.63 -63.05
N VAL B 168 13.98 33.88 -62.01
CA VAL B 168 14.65 32.82 -61.27
C VAL B 168 13.66 32.16 -60.31
N PRO B 169 13.42 30.85 -60.44
CA PRO B 169 12.53 30.16 -59.49
C PRO B 169 13.27 29.68 -58.26
N LEU B 170 12.56 28.97 -57.37
CA LEU B 170 13.15 28.38 -56.17
C LEU B 170 12.75 26.91 -56.11
N PRO B 171 13.32 26.08 -56.99
CA PRO B 171 12.91 24.66 -57.01
C PRO B 171 13.22 23.92 -55.71
N ALA B 172 14.31 24.26 -55.05
CA ALA B 172 14.75 23.55 -53.85
C ALA B 172 15.07 24.54 -52.74
N GLY B 173 14.86 24.09 -51.50
CA GLY B 173 15.15 24.90 -50.35
C GLY B 173 13.92 25.51 -49.72
N ILE B 174 13.42 24.92 -48.64
CA ILE B 174 12.26 25.43 -47.94
C ILE B 174 12.68 26.64 -47.11
N TYR B 175 11.92 27.72 -47.22
CA TYR B 175 12.27 29.00 -46.62
C TYR B 175 11.19 29.41 -45.61
N ASN B 176 11.62 29.76 -44.40
CA ASN B 176 10.72 30.27 -43.38
C ASN B 176 10.41 31.75 -43.66
N LEU B 177 9.48 32.29 -42.89
CA LEU B 177 9.08 33.69 -43.08
C LEU B 177 10.25 34.63 -42.86
N ASP B 178 11.06 34.39 -41.82
CA ASP B 178 12.26 35.20 -41.63
C ASP B 178 13.27 34.94 -42.75
N ASP B 179 13.37 33.71 -43.21
CA ASP B 179 14.23 33.41 -44.36
C ASP B 179 13.74 34.12 -45.61
N LEU B 180 12.42 34.14 -45.82
CA LEU B 180 11.87 34.86 -46.96
C LEU B 180 12.16 36.36 -46.87
N LYS B 181 12.03 36.94 -45.67
CA LYS B 181 12.34 38.35 -45.49
C LYS B 181 13.82 38.62 -45.76
N ALA B 182 14.70 37.74 -45.28
CA ALA B 182 16.13 37.91 -45.53
C ALA B 182 16.44 37.84 -47.01
N LEU B 183 15.84 36.87 -47.72
CA LEU B 183 16.06 36.75 -49.15
C LEU B 183 15.55 38.00 -49.88
N GLY B 184 14.38 38.51 -49.47
CA GLY B 184 13.85 39.70 -50.10
C GLY B 184 14.71 40.92 -49.88
N ARG B 185 15.23 41.08 -48.66
CA ARG B 185 16.04 42.26 -48.37
C ARG B 185 17.43 42.16 -48.99
N ARG B 186 17.98 40.95 -49.14
CA ARG B 186 19.26 40.82 -49.82
C ARG B 186 19.12 40.95 -51.33
N GLN B 187 17.97 40.54 -51.89
CA GLN B 187 17.71 40.67 -53.31
C GLN B 187 16.92 41.92 -53.67
N GLY B 188 16.59 42.75 -52.67
CA GLY B 188 15.78 43.93 -52.92
C GLY B 188 14.37 43.62 -53.41
N TRP B 189 13.74 42.60 -52.83
CA TRP B 189 12.42 42.15 -53.25
C TRP B 189 11.47 42.14 -52.06
N CYS B 190 10.18 42.24 -52.36
CA CYS B 190 9.16 42.16 -51.32
C CYS B 190 8.84 40.71 -51.00
N PRO B 191 8.89 40.30 -49.72
CA PRO B 191 8.56 38.90 -49.40
C PRO B 191 7.16 38.50 -49.83
N TYR B 192 6.18 39.39 -49.71
CA TYR B 192 4.82 39.06 -50.09
C TYR B 192 4.72 38.82 -51.59
N PHE B 193 5.34 39.67 -52.40
CA PHE B 193 5.25 39.53 -53.85
C PHE B 193 5.99 38.28 -54.33
N LEU B 194 7.17 38.00 -53.77
CA LEU B 194 7.87 36.78 -54.17
C LEU B 194 7.13 35.54 -53.73
N ALA B 195 6.45 35.59 -52.57
CA ALA B 195 5.61 34.48 -52.16
C ALA B 195 4.45 34.29 -53.14
N ARG B 196 3.81 35.39 -53.54
CA ARG B 196 2.70 35.31 -54.49
C ARG B 196 3.17 34.74 -55.83
N TYR B 197 4.40 35.06 -56.23
CA TYR B 197 4.93 34.52 -57.48
C TYR B 197 5.35 33.06 -57.35
N SER B 198 5.81 32.64 -56.17
CA SER B 198 6.37 31.32 -55.99
C SER B 198 5.39 30.29 -55.44
N ILE B 199 4.16 30.69 -55.10
CA ILE B 199 3.18 29.70 -54.64
C ILE B 199 2.84 28.73 -55.76
N LEU B 200 2.80 29.21 -57.01
CA LEU B 200 2.49 28.32 -58.14
C LEU B 200 3.54 27.22 -58.27
N HIS B 201 4.81 27.58 -58.18
CA HIS B 201 5.91 26.61 -58.25
C HIS B 201 6.38 26.31 -56.83
N ALA B 202 5.57 25.53 -56.11
CA ALA B 202 5.88 25.17 -54.74
C ALA B 202 5.27 23.81 -54.43
N ASN B 203 5.80 23.16 -53.40
CA ASN B 203 5.32 21.86 -52.96
C ASN B 203 4.32 21.96 -51.81
N VAL B 204 4.70 22.68 -50.75
CA VAL B 204 3.83 22.89 -49.60
C VAL B 204 3.83 24.36 -49.23
N VAL B 205 2.78 24.79 -48.55
CA VAL B 205 2.64 26.17 -48.10
C VAL B 205 1.72 26.18 -46.90
N VAL B 206 2.00 27.07 -45.95
CA VAL B 206 1.26 27.17 -44.70
C VAL B 206 0.83 28.61 -44.49
N TYR B 207 -0.37 28.79 -43.97
CA TYR B 207 -0.90 30.11 -43.63
C TYR B 207 -2.05 29.92 -42.64
N SER B 208 -2.81 30.98 -42.40
CA SER B 208 -3.86 30.96 -41.39
C SER B 208 -5.20 30.53 -42.00
N TYR B 209 -6.18 30.33 -41.11
CA TYR B 209 -7.52 29.98 -41.56
C TYR B 209 -8.18 31.09 -42.35
N HIS B 210 -7.91 32.35 -41.98
CA HIS B 210 -8.60 33.48 -42.57
C HIS B 210 -8.36 33.62 -44.07
N TYR B 211 -7.31 32.98 -44.58
CA TYR B 211 -7.03 33.02 -46.01
C TYR B 211 -7.85 32.02 -46.82
N LEU B 212 -8.65 31.17 -46.16
CA LEU B 212 -9.51 30.24 -46.86
C LEU B 212 -10.99 30.38 -46.51
N LEU B 213 -11.31 30.71 -45.26
CA LEU B 213 -12.71 30.87 -44.88
C LEU B 213 -13.30 32.17 -45.40
N ASP B 214 -12.48 33.21 -45.53
CA ASP B 214 -12.98 34.50 -46.01
C ASP B 214 -13.07 34.46 -47.54
N PRO B 215 -14.27 34.60 -48.12
CA PRO B 215 -14.38 34.53 -49.58
C PRO B 215 -13.67 35.66 -50.31
N LYS B 216 -13.47 36.81 -49.66
CA LYS B 216 -12.85 37.95 -50.34
C LYS B 216 -11.36 37.75 -50.56
N ILE B 217 -10.74 36.81 -49.85
CA ILE B 217 -9.31 36.57 -49.99
C ILE B 217 -8.98 35.14 -50.42
N ALA B 218 -9.88 34.17 -50.19
CA ALA B 218 -9.59 32.79 -50.58
C ALA B 218 -9.44 32.66 -52.10
N ASP B 219 -10.30 33.32 -52.86
CA ASP B 219 -10.20 33.27 -54.32
C ASP B 219 -8.90 33.91 -54.80
N LEU B 220 -8.51 35.03 -54.19
CA LEU B 220 -7.27 35.69 -54.60
C LEU B 220 -6.06 34.83 -54.28
N VAL B 221 -6.05 34.18 -53.11
CA VAL B 221 -4.91 33.38 -52.71
C VAL B 221 -4.96 31.97 -53.29
N SER B 222 -6.14 31.49 -53.67
CA SER B 222 -6.28 30.14 -54.21
C SER B 222 -7.45 30.14 -55.19
N LYS B 223 -7.14 30.23 -56.48
CA LYS B 223 -8.13 30.21 -57.54
C LYS B 223 -8.02 28.97 -58.42
N GLU B 224 -6.84 28.72 -58.99
CA GLU B 224 -6.61 27.55 -59.82
C GLU B 224 -5.25 26.95 -59.49
N LEU B 225 -4.89 26.91 -58.21
CA LEU B 225 -3.61 26.37 -57.81
C LEU B 225 -3.52 24.86 -58.09
N ALA B 226 -4.53 24.12 -57.63
CA ALA B 226 -4.55 22.67 -57.85
C ALA B 226 -5.98 22.18 -57.62
N ARG B 227 -6.57 21.56 -58.64
CA ARG B 227 -7.91 21.00 -58.49
C ARG B 227 -7.90 19.83 -57.51
N LYS B 228 -6.86 18.99 -57.57
CA LYS B 228 -6.72 17.83 -56.69
C LYS B 228 -5.62 18.15 -55.68
N ALA B 229 -6.03 18.56 -54.48
CA ALA B 229 -5.09 18.94 -53.43
C ALA B 229 -5.60 18.44 -52.08
N VAL B 230 -4.70 18.40 -51.11
CA VAL B 230 -4.99 17.94 -49.76
C VAL B 230 -4.89 19.13 -48.81
N VAL B 231 -5.94 19.36 -48.03
CA VAL B 231 -5.97 20.44 -47.05
C VAL B 231 -6.29 19.85 -45.69
N VAL B 232 -5.59 20.36 -44.67
CA VAL B 232 -5.79 19.93 -43.29
C VAL B 232 -5.86 21.16 -42.40
N PHE B 233 -6.79 21.15 -41.46
CA PHE B 233 -6.98 22.24 -40.50
C PHE B 233 -6.67 21.70 -39.11
N ASP B 234 -5.40 21.75 -38.73
CA ASP B 234 -5.00 21.29 -37.41
C ASP B 234 -5.47 22.26 -36.34
N GLU B 235 -5.86 21.73 -35.19
CA GLU B 235 -6.38 22.52 -34.08
C GLU B 235 -7.56 23.38 -34.52
N ALA B 236 -8.56 22.73 -35.09
CA ALA B 236 -9.76 23.38 -35.59
C ALA B 236 -11.01 22.94 -34.82
N HIS B 237 -10.89 22.85 -33.49
CA HIS B 237 -12.03 22.45 -32.67
C HIS B 237 -13.14 23.50 -32.73
N ASN B 238 -12.80 24.76 -32.99
CA ASN B 238 -13.77 25.84 -33.09
C ASN B 238 -13.89 26.34 -34.52
N ILE B 239 -13.88 25.42 -35.49
CA ILE B 239 -13.95 25.79 -36.89
C ILE B 239 -15.30 26.44 -37.20
N ASP B 240 -16.37 25.96 -36.56
CA ASP B 240 -17.68 26.54 -36.81
C ASP B 240 -17.75 27.99 -36.35
N ASN B 241 -17.13 28.30 -35.21
CA ASN B 241 -17.16 29.66 -34.69
C ASN B 241 -16.47 30.64 -35.64
N VAL B 242 -15.27 30.28 -36.10
CA VAL B 242 -14.55 31.16 -37.02
C VAL B 242 -15.26 31.24 -38.36
N CYS B 243 -15.86 30.13 -38.82
CA CYS B 243 -16.64 30.17 -40.06
C CYS B 243 -17.81 31.13 -39.94
N ILE B 244 -18.51 31.11 -38.80
CA ILE B 244 -19.60 32.06 -38.60
C ILE B 244 -19.09 33.49 -38.53
N ASP B 245 -17.99 33.71 -37.81
CA ASP B 245 -17.44 35.06 -37.68
C ASP B 245 -16.87 35.58 -38.99
N SER B 246 -16.58 34.71 -39.95
CA SER B 246 -16.05 35.16 -41.24
C SER B 246 -17.05 36.07 -41.96
N MET B 247 -18.34 35.70 -41.93
CA MET B 247 -19.39 36.51 -42.55
C MET B 247 -20.18 37.29 -41.51
N SER B 248 -19.53 37.75 -40.45
CA SER B 248 -20.16 38.53 -39.39
C SER B 248 -19.59 39.94 -39.39
N VAL B 249 -20.48 40.94 -39.45
CA VAL B 249 -20.08 42.34 -39.45
C VAL B 249 -20.87 43.06 -38.36
N ASN B 250 -20.32 44.18 -37.90
CA ASN B 250 -20.93 44.98 -36.86
C ASN B 250 -20.92 46.46 -37.28
N LEU B 251 -21.94 47.18 -36.82
CA LEU B 251 -22.06 48.61 -37.08
C LEU B 251 -22.36 49.34 -35.77
N THR B 252 -21.83 50.55 -35.65
CA THR B 252 -22.00 51.34 -34.44
C THR B 252 -21.99 52.82 -34.83
N ARG B 253 -22.01 53.68 -33.81
CA ARG B 253 -22.00 55.12 -34.05
C ARG B 253 -20.70 55.57 -34.70
N ARG B 254 -19.58 54.98 -34.28
CA ARG B 254 -18.29 55.38 -34.83
C ARG B 254 -18.22 55.11 -36.33
N THR B 255 -18.74 53.97 -36.77
CA THR B 255 -18.67 53.62 -38.20
C THR B 255 -19.46 54.62 -39.04
N LEU B 256 -20.70 54.93 -38.62
CA LEU B 256 -21.51 55.86 -39.40
C LEU B 256 -20.96 57.28 -39.34
N ASP B 257 -20.41 57.68 -38.20
CA ASP B 257 -19.78 58.99 -38.10
C ASP B 257 -18.56 59.08 -39.03
N ARG B 258 -17.75 58.02 -39.06
CA ARG B 258 -16.60 58.02 -39.96
C ARG B 258 -17.04 58.07 -41.42
N CYS B 259 -18.09 57.31 -41.77
CA CYS B 259 -18.58 57.31 -43.14
C CYS B 259 -19.10 58.69 -43.54
N GLN B 260 -19.88 59.33 -42.67
CA GLN B 260 -20.41 60.65 -43.01
C GLN B 260 -19.30 61.70 -43.03
N GLY B 261 -18.25 61.52 -42.23
CA GLY B 261 -17.12 62.42 -42.31
C GLY B 261 -16.34 62.27 -43.60
N ASN B 262 -16.14 61.03 -44.06
CA ASN B 262 -15.30 60.80 -45.22
C ASN B 262 -16.04 60.91 -46.55
N LEU B 263 -17.37 60.86 -46.56
CA LEU B 263 -18.08 61.04 -47.81
C LEU B 263 -17.89 62.46 -48.37
N GLU B 264 -17.75 63.45 -47.48
CA GLU B 264 -17.46 64.80 -47.94
C GLU B 264 -16.11 64.87 -48.64
N THR B 265 -15.09 64.22 -48.07
CA THR B 265 -13.78 64.17 -48.71
C THR B 265 -13.83 63.42 -50.03
N LEU B 266 -14.60 62.33 -50.08
CA LEU B 266 -14.75 61.59 -51.33
C LEU B 266 -15.40 62.45 -52.41
N GLN B 267 -16.44 63.21 -52.04
CA GLN B 267 -17.09 64.10 -53.00
C GLN B 267 -16.13 65.21 -53.45
N LYS B 268 -15.34 65.74 -52.52
CA LYS B 268 -14.35 66.76 -52.88
C LYS B 268 -13.33 66.22 -53.86
N THR B 269 -12.87 64.99 -53.65
CA THR B 269 -11.95 64.38 -54.61
C THR B 269 -12.63 64.14 -55.95
N VAL B 270 -13.90 63.72 -55.93
CA VAL B 270 -14.61 63.44 -57.18
C VAL B 270 -14.78 64.70 -58.01
N LEU B 271 -15.16 65.82 -57.37
CA LEU B 271 -15.45 67.04 -58.11
C LEU B 271 -14.22 67.63 -58.79
N ARG B 272 -13.02 67.17 -58.44
CA ARG B 272 -11.80 67.65 -59.09
C ARG B 272 -11.78 67.27 -60.56
N ALA B 326 -19.17 55.34 -62.91
CA ALA B 326 -18.87 56.71 -62.49
C ALA B 326 -20.07 57.34 -61.79
N GLU B 327 -20.85 58.11 -62.55
CA GLU B 327 -22.02 58.79 -61.98
C GLU B 327 -23.07 57.81 -61.48
N HIS B 328 -23.05 56.56 -61.97
CA HIS B 328 -24.02 55.57 -61.52
C HIS B 328 -23.87 55.27 -60.04
N PHE B 329 -22.67 55.45 -59.48
CA PHE B 329 -22.42 55.15 -58.08
C PHE B 329 -22.12 56.40 -57.24
N LEU B 330 -21.86 57.55 -57.86
CA LEU B 330 -21.56 58.75 -57.10
C LEU B 330 -22.75 59.15 -56.22
N GLY B 331 -23.94 59.22 -56.79
CA GLY B 331 -25.13 59.49 -56.01
C GLY B 331 -25.77 58.29 -55.37
N PHE B 332 -25.32 57.08 -55.74
CA PHE B 332 -25.90 55.86 -55.16
C PHE B 332 -25.60 55.76 -53.67
N LEU B 333 -24.38 56.06 -53.26
CA LEU B 333 -23.98 55.91 -51.87
C LEU B 333 -24.43 57.06 -50.99
N ARG B 334 -24.87 58.18 -51.58
CA ARG B 334 -25.23 59.35 -50.79
C ARG B 334 -26.43 59.09 -49.90
N ARG B 335 -27.45 58.40 -50.43
CA ARG B 335 -28.67 58.14 -49.68
C ARG B 335 -28.68 56.78 -48.99
N LEU B 336 -27.58 56.03 -49.08
CA LEU B 336 -27.51 54.74 -48.37
C LEU B 336 -27.32 54.94 -46.88
N LEU B 337 -26.58 55.97 -46.47
CA LEU B 337 -26.32 56.19 -45.05
C LEU B 337 -27.60 56.53 -44.30
N GLU B 338 -28.48 57.34 -44.89
CA GLU B 338 -29.70 57.75 -44.20
C GLU B 338 -30.67 56.60 -44.03
N TYR B 339 -30.62 55.59 -44.90
CA TYR B 339 -31.53 54.45 -44.76
C TYR B 339 -31.24 53.66 -43.48
N VAL B 340 -29.96 53.40 -43.20
CA VAL B 340 -29.62 52.68 -41.98
C VAL B 340 -29.71 53.58 -40.75
N LYS B 341 -29.66 54.90 -40.94
CA LYS B 341 -29.87 55.82 -39.82
C LYS B 341 -31.33 55.94 -39.43
N TRP B 342 -32.25 55.34 -40.20
CA TRP B 342 -33.65 55.30 -39.79
C TRP B 342 -33.81 54.51 -38.50
N ARG B 343 -33.09 53.40 -38.38
CA ARG B 343 -33.12 52.62 -37.14
C ARG B 343 -32.49 53.36 -35.99
N LEU B 344 -31.63 54.36 -36.27
CA LEU B 344 -31.05 55.17 -35.20
C LEU B 344 -32.12 55.95 -34.46
N ARG B 345 -33.07 56.53 -35.19
CA ARG B 345 -34.15 57.29 -34.57
C ARG B 345 -35.30 56.41 -34.09
N VAL B 346 -35.32 55.14 -34.49
CA VAL B 346 -36.38 54.22 -34.08
C VAL B 346 -35.93 53.47 -32.84
N GLN B 347 -36.70 53.56 -31.77
CA GLN B 347 -36.41 52.88 -30.51
C GLN B 347 -37.23 51.60 -30.48
N HIS B 348 -36.61 50.50 -30.94
CA HIS B 348 -37.24 49.20 -30.94
C HIS B 348 -36.23 48.16 -30.43
N VAL B 349 -36.76 47.05 -29.94
CA VAL B 349 -35.93 46.02 -29.34
C VAL B 349 -35.16 45.27 -30.41
N VAL B 350 -35.88 44.60 -31.32
CA VAL B 350 -35.25 43.78 -32.35
C VAL B 350 -36.15 43.78 -33.58
N GLN B 351 -35.52 43.79 -34.75
CA GLN B 351 -36.21 43.64 -36.03
C GLN B 351 -35.54 42.52 -36.81
N GLU B 352 -36.33 41.53 -37.22
CA GLU B 352 -35.84 40.39 -37.99
C GLU B 352 -36.57 40.32 -39.31
N SER B 353 -35.85 40.56 -40.41
CA SER B 353 -36.42 40.42 -41.74
C SER B 353 -35.31 40.27 -42.78
N PRO B 354 -34.60 39.14 -42.81
CA PRO B 354 -33.54 38.95 -43.82
C PRO B 354 -34.05 39.07 -45.25
N PRO B 355 -35.25 38.53 -45.59
CA PRO B 355 -35.74 38.71 -46.97
C PRO B 355 -36.34 40.08 -47.19
N ALA B 356 -37.00 40.63 -46.17
CA ALA B 356 -37.69 41.90 -46.32
C ALA B 356 -36.80 43.11 -46.12
N PHE B 357 -35.54 42.91 -45.68
CA PHE B 357 -34.63 44.03 -45.55
C PHE B 357 -34.33 44.67 -46.90
N LEU B 358 -34.09 43.84 -47.92
CA LEU B 358 -33.92 44.37 -49.26
C LEU B 358 -35.24 44.84 -49.86
N SER B 359 -36.35 44.18 -49.50
CA SER B 359 -37.66 44.64 -49.95
C SER B 359 -37.99 46.00 -49.37
N GLY B 360 -37.68 46.21 -48.09
CA GLY B 360 -37.91 47.50 -47.47
C GLY B 360 -36.98 48.59 -47.97
N LEU B 361 -35.81 48.21 -48.50
CA LEU B 361 -34.91 49.20 -49.07
C LEU B 361 -35.50 49.84 -50.32
N ALA B 362 -36.26 49.06 -51.09
CA ALA B 362 -36.92 49.56 -52.29
C ALA B 362 -38.22 50.29 -52.00
N GLN B 363 -38.45 50.71 -50.76
CA GLN B 363 -39.64 51.45 -50.38
C GLN B 363 -39.35 52.88 -49.98
N ARG B 364 -38.43 53.09 -49.05
CA ARG B 364 -38.07 54.45 -48.64
C ARG B 364 -37.41 55.22 -49.77
N VAL B 365 -36.51 54.57 -50.50
CA VAL B 365 -35.79 55.21 -51.61
C VAL B 365 -36.11 54.60 -52.96
N CYS B 366 -36.72 53.41 -53.00
CA CYS B 366 -37.13 52.75 -54.24
C CYS B 366 -35.94 52.52 -55.17
N ILE B 367 -35.01 51.69 -54.70
CA ILE B 367 -33.83 51.31 -55.47
C ILE B 367 -33.91 49.82 -55.77
N GLN B 368 -33.55 49.45 -57.00
CA GLN B 368 -33.58 48.06 -57.40
C GLN B 368 -32.47 47.28 -56.71
N ARG B 369 -32.66 45.95 -56.65
CA ARG B 369 -31.67 45.07 -56.04
C ARG B 369 -30.45 44.84 -56.93
N LYS B 370 -30.60 45.03 -58.24
CA LYS B 370 -29.49 44.76 -59.17
C LYS B 370 -28.24 45.59 -58.88
N PRO B 371 -28.30 46.91 -58.68
CA PRO B 371 -27.06 47.66 -58.46
C PRO B 371 -26.30 47.27 -57.20
N LEU B 372 -26.94 46.58 -56.25
CA LEU B 372 -26.25 46.19 -55.03
C LEU B 372 -25.11 45.21 -55.33
N ARG B 373 -25.33 44.29 -56.27
CA ARG B 373 -24.29 43.32 -56.62
C ARG B 373 -23.09 43.95 -57.30
N PHE B 374 -23.25 45.16 -57.84
CA PHE B 374 -22.14 45.84 -58.52
C PHE B 374 -21.20 46.53 -57.54
N CYS B 375 -21.54 46.57 -56.24
CA CYS B 375 -20.68 47.22 -55.27
C CYS B 375 -19.34 46.50 -55.13
N ALA B 376 -19.36 45.15 -55.19
CA ALA B 376 -18.13 44.39 -55.01
C ALA B 376 -17.13 44.69 -56.12
N GLU B 377 -17.58 44.75 -57.37
CA GLU B 377 -16.69 45.06 -58.48
C GLU B 377 -16.39 46.54 -58.59
N ARG B 378 -17.17 47.39 -57.89
CA ARG B 378 -16.91 48.83 -57.91
C ARG B 378 -15.62 49.18 -57.19
N LEU B 379 -15.21 48.35 -56.23
CA LEU B 379 -14.03 48.67 -55.43
C LEU B 379 -12.77 48.72 -56.29
N ARG B 380 -12.63 47.78 -57.22
CA ARG B 380 -11.43 47.74 -58.06
C ARG B 380 -11.51 48.67 -59.27
N SER B 381 -12.67 49.27 -59.54
CA SER B 381 -12.85 50.13 -60.70
C SER B 381 -12.94 51.61 -60.33
N LEU B 382 -13.87 51.98 -59.44
CA LEU B 382 -14.06 53.38 -59.12
C LEU B 382 -12.95 53.90 -58.20
N LEU B 383 -12.51 53.07 -57.24
CA LEU B 383 -11.54 53.54 -56.25
C LEU B 383 -10.16 53.75 -56.86
N HIS B 384 -9.72 52.83 -57.71
CA HIS B 384 -8.38 52.95 -58.28
C HIS B 384 -8.27 54.15 -59.21
N THR B 385 -9.36 54.52 -59.89
CA THR B 385 -9.35 55.74 -60.69
C THR B 385 -9.35 56.98 -59.83
N LEU B 386 -9.98 56.92 -58.65
CA LEU B 386 -10.01 58.07 -57.75
C LEU B 386 -8.65 58.30 -57.09
N GLU B 387 -7.81 57.28 -57.03
CA GLU B 387 -6.48 57.37 -56.42
C GLU B 387 -6.57 57.80 -54.96
N ILE B 388 -7.19 56.94 -54.15
CA ILE B 388 -7.30 57.20 -52.72
C ILE B 388 -5.91 57.21 -52.11
N THR B 389 -5.61 58.24 -51.32
CA THR B 389 -4.28 58.39 -50.74
C THR B 389 -3.97 57.25 -49.78
N ASP B 390 -4.91 56.91 -48.90
CA ASP B 390 -4.69 55.86 -47.92
C ASP B 390 -6.05 55.35 -47.44
N LEU B 391 -6.03 54.12 -46.92
CA LEU B 391 -7.24 53.50 -46.39
C LEU B 391 -7.70 54.12 -45.08
N ALA B 392 -6.89 54.99 -44.48
CA ALA B 392 -7.32 55.67 -43.25
C ALA B 392 -8.59 56.47 -43.50
N ASP B 393 -9.51 56.38 -42.54
CA ASP B 393 -10.83 57.02 -42.65
C ASP B 393 -11.60 56.54 -43.87
N PHE B 394 -11.34 55.29 -44.30
CA PHE B 394 -12.01 54.73 -45.45
C PHE B 394 -12.48 53.29 -45.25
N SER B 395 -12.00 52.59 -44.23
CA SER B 395 -12.41 51.21 -44.02
C SER B 395 -13.91 51.03 -43.77
N PRO B 396 -14.58 51.82 -42.93
CA PRO B 396 -16.03 51.62 -42.75
C PRO B 396 -16.82 51.78 -44.02
N LEU B 397 -16.36 52.61 -44.96
CA LEU B 397 -17.05 52.75 -46.23
C LEU B 397 -16.96 51.45 -47.04
N THR B 398 -15.80 50.78 -46.98
CA THR B 398 -15.62 49.56 -47.77
C THR B 398 -16.56 48.45 -47.30
N LEU B 399 -16.72 48.28 -45.99
CA LEU B 399 -17.54 47.18 -45.50
C LEU B 399 -19.02 47.41 -45.79
N LEU B 400 -19.43 48.65 -45.99
CA LEU B 400 -20.82 48.91 -46.36
C LEU B 400 -21.14 48.30 -47.72
N ALA B 401 -20.22 48.42 -48.68
CA ALA B 401 -20.40 47.76 -49.97
C ALA B 401 -20.45 46.24 -49.81
N ASN B 402 -19.58 45.69 -48.96
CA ASN B 402 -19.63 44.26 -48.67
C ASN B 402 -20.93 43.89 -47.98
N PHE B 403 -21.39 44.74 -47.05
CA PHE B 403 -22.65 44.48 -46.36
C PHE B 403 -23.82 44.49 -47.35
N ALA B 404 -23.81 45.41 -48.30
CA ALA B 404 -24.88 45.46 -49.30
C ALA B 404 -24.88 44.21 -50.17
N THR B 405 -23.70 43.73 -50.56
CA THR B 405 -23.62 42.54 -51.39
C THR B 405 -24.09 41.30 -50.63
N LEU B 406 -23.76 41.22 -49.34
CA LEU B 406 -24.13 40.04 -48.55
C LEU B 406 -25.65 39.90 -48.42
N VAL B 407 -26.33 40.99 -48.07
CA VAL B 407 -27.78 40.92 -47.87
C VAL B 407 -28.48 40.69 -49.20
N SER B 408 -27.96 41.29 -50.28
CA SER B 408 -28.59 41.11 -51.59
C SER B 408 -28.47 39.68 -52.08
N THR B 409 -27.31 39.06 -51.88
CA THR B 409 -27.04 37.73 -52.40
C THR B 409 -27.32 36.62 -51.38
N TYR B 410 -26.77 36.73 -50.17
CA TYR B 410 -26.85 35.69 -49.16
C TYR B 410 -27.95 36.08 -48.16
N ALA B 411 -29.12 35.47 -48.31
CA ALA B 411 -30.22 35.71 -47.38
C ALA B 411 -30.98 34.45 -47.01
N LYS B 412 -30.56 33.27 -47.48
CA LYS B 412 -31.29 32.04 -47.17
C LYS B 412 -31.06 31.60 -45.74
N GLY B 413 -29.83 31.70 -45.25
CA GLY B 413 -29.51 31.25 -43.91
C GLY B 413 -28.90 32.33 -43.05
N PHE B 414 -29.40 33.56 -43.17
CA PHE B 414 -28.91 34.69 -42.41
C PHE B 414 -30.09 35.41 -41.75
N THR B 415 -29.76 36.27 -40.78
CA THR B 415 -30.77 37.03 -40.06
C THR B 415 -30.17 38.36 -39.62
N ILE B 416 -30.93 39.44 -39.80
CA ILE B 416 -30.51 40.77 -39.38
C ILE B 416 -31.01 41.01 -37.97
N ILE B 417 -30.08 41.40 -37.08
CA ILE B 417 -30.40 41.64 -35.68
C ILE B 417 -29.93 43.03 -35.30
N ILE B 418 -30.80 43.80 -34.65
CA ILE B 418 -30.47 45.11 -34.10
C ILE B 418 -30.69 45.06 -32.60
N GLU B 419 -29.69 45.48 -31.84
CA GLU B 419 -29.74 45.44 -30.38
C GLU B 419 -29.22 46.75 -29.79
N PRO B 420 -30.08 47.56 -29.17
CA PRO B 420 -29.64 48.80 -28.52
C PRO B 420 -29.24 48.60 -27.05
N PHE B 421 -28.31 47.67 -26.81
CA PHE B 421 -27.87 47.35 -25.47
C PHE B 421 -26.35 47.47 -25.39
N ASP B 422 -25.88 48.07 -24.30
CA ASP B 422 -24.46 48.28 -24.07
C ASP B 422 -24.12 47.92 -22.64
N ASP B 423 -22.83 47.64 -22.40
CA ASP B 423 -22.35 47.21 -21.10
C ASP B 423 -22.39 48.39 -20.12
N ARG B 424 -23.28 48.30 -19.12
CA ARG B 424 -23.37 49.25 -18.01
C ARG B 424 -23.94 50.60 -18.44
N THR B 425 -24.11 50.79 -19.75
CA THR B 425 -24.80 51.96 -20.29
C THR B 425 -25.74 51.50 -21.40
N PRO B 426 -26.78 50.72 -21.05
CA PRO B 426 -27.61 50.09 -22.08
C PRO B 426 -28.36 51.10 -22.96
N THR B 427 -29.12 51.99 -22.34
CA THR B 427 -29.99 52.91 -23.08
C THR B 427 -29.48 54.35 -22.90
N ILE B 428 -28.49 54.71 -23.71
CA ILE B 428 -28.13 56.12 -23.87
C ILE B 428 -28.24 56.49 -25.34
N ALA B 429 -27.36 55.91 -26.17
CA ALA B 429 -27.50 55.92 -27.61
C ALA B 429 -26.62 54.84 -28.23
N ASN B 430 -27.24 53.78 -28.75
CA ASN B 430 -26.44 52.70 -29.35
C ASN B 430 -27.27 51.75 -30.19
N PRO B 431 -27.90 52.19 -31.29
CA PRO B 431 -28.53 51.23 -32.20
C PRO B 431 -27.48 50.44 -32.98
N ILE B 432 -27.27 49.18 -32.61
CA ILE B 432 -26.19 48.37 -33.16
C ILE B 432 -26.78 47.41 -34.18
N LEU B 433 -26.37 47.55 -35.43
CA LEU B 433 -26.77 46.66 -36.51
C LEU B 433 -25.63 45.70 -36.80
N HIS B 434 -25.91 44.40 -36.71
CA HIS B 434 -24.92 43.37 -36.95
C HIS B 434 -25.53 42.28 -37.82
N PHE B 435 -24.96 42.05 -39.00
CA PHE B 435 -25.42 41.02 -39.91
C PHE B 435 -24.79 39.69 -39.51
N SER B 436 -25.32 39.12 -38.44
CA SER B 436 -24.77 37.89 -37.89
C SER B 436 -25.15 36.69 -38.76
N CYS B 437 -24.16 35.87 -39.08
CA CYS B 437 -24.41 34.67 -39.85
C CYS B 437 -25.08 33.60 -38.97
N MET B 438 -25.77 32.68 -39.63
CA MET B 438 -26.49 31.62 -38.92
C MET B 438 -26.14 30.21 -39.39
N ASP B 439 -25.59 30.05 -40.58
CA ASP B 439 -25.23 28.74 -41.12
C ASP B 439 -23.74 28.69 -41.37
N ALA B 440 -23.08 27.68 -40.81
CA ALA B 440 -21.64 27.52 -40.99
C ALA B 440 -21.27 26.84 -42.30
N SER B 441 -22.26 26.34 -43.05
CA SER B 441 -21.94 25.66 -44.30
C SER B 441 -21.50 26.63 -45.40
N LEU B 442 -21.94 27.89 -45.33
CA LEU B 442 -21.60 28.85 -46.37
C LEU B 442 -20.10 29.09 -46.44
N ALA B 443 -19.43 29.21 -45.29
CA ALA B 443 -18.00 29.44 -45.27
C ALA B 443 -17.19 28.20 -45.61
N ILE B 444 -17.82 27.03 -45.68
CA ILE B 444 -17.11 25.78 -45.92
C ILE B 444 -17.48 25.14 -47.25
N LYS B 445 -18.54 25.59 -47.91
CA LYS B 445 -18.90 25.03 -49.22
C LYS B 445 -17.83 25.23 -50.28
N PRO B 446 -17.24 26.42 -50.47
CA PRO B 446 -16.27 26.57 -51.56
C PRO B 446 -15.06 25.66 -51.48
N VAL B 447 -14.58 25.37 -50.27
CA VAL B 447 -13.38 24.54 -50.15
C VAL B 447 -13.68 23.05 -50.33
N PHE B 448 -14.90 22.61 -50.02
CA PHE B 448 -15.24 21.20 -50.18
C PHE B 448 -15.32 20.81 -51.65
N GLU B 449 -15.91 21.68 -52.48
CA GLU B 449 -16.02 21.38 -53.91
C GLU B 449 -14.74 21.64 -54.68
N ARG B 450 -13.81 22.39 -54.11
CA ARG B 450 -12.52 22.66 -54.75
C ARG B 450 -11.43 21.70 -54.31
N PHE B 451 -11.68 20.86 -53.32
CA PHE B 451 -10.69 19.93 -52.78
C PHE B 451 -11.31 18.55 -52.68
N GLN B 452 -10.44 17.55 -52.46
CA GLN B 452 -10.85 16.15 -52.46
C GLN B 452 -10.72 15.47 -51.11
N SER B 453 -9.78 15.89 -50.28
CA SER B 453 -9.46 15.21 -49.02
C SER B 453 -9.36 16.19 -47.87
N VAL B 454 -10.36 17.05 -47.73
CA VAL B 454 -10.40 17.99 -46.61
C VAL B 454 -10.43 17.22 -45.30
N ILE B 455 -9.49 17.52 -44.41
CA ILE B 455 -9.36 16.83 -43.13
C ILE B 455 -9.44 17.86 -42.02
N ILE B 456 -10.26 17.57 -41.01
CA ILE B 456 -10.42 18.43 -39.84
C ILE B 456 -9.93 17.65 -38.63
N THR B 457 -8.93 18.21 -37.93
CA THR B 457 -8.36 17.57 -36.77
C THR B 457 -8.06 18.61 -35.70
N SER B 458 -8.16 18.19 -34.44
CA SER B 458 -7.84 19.04 -33.31
C SER B 458 -7.69 18.16 -32.07
N GLY B 459 -7.46 18.81 -30.93
CA GLY B 459 -7.35 18.09 -29.67
C GLY B 459 -8.66 17.77 -29.00
N THR B 460 -9.78 18.31 -29.50
CA THR B 460 -11.08 18.07 -28.90
C THR B 460 -12.12 18.04 -30.01
N LEU B 461 -12.44 16.84 -30.49
CA LEU B 461 -13.49 16.60 -31.48
C LEU B 461 -14.33 15.41 -31.06
N SER B 462 -14.76 15.42 -29.79
CA SER B 462 -15.43 14.25 -29.21
C SER B 462 -16.67 13.82 -29.97
N PRO B 463 -17.66 14.69 -30.26
CA PRO B 463 -18.82 14.24 -31.04
C PRO B 463 -18.53 14.31 -32.52
N LEU B 464 -18.38 13.14 -33.14
CA LEU B 464 -18.12 13.05 -34.58
C LEU B 464 -19.40 12.98 -35.39
N ASP B 465 -20.56 13.02 -34.75
CA ASP B 465 -21.84 12.96 -35.45
C ASP B 465 -22.50 14.32 -35.58
N ILE B 466 -21.99 15.35 -34.91
CA ILE B 466 -22.59 16.67 -34.95
C ILE B 466 -21.91 17.57 -35.97
N TYR B 467 -20.59 17.42 -36.16
CA TYR B 467 -19.90 18.18 -37.19
C TYR B 467 -20.42 17.89 -38.61
N PRO B 468 -20.66 16.63 -39.01
CA PRO B 468 -21.21 16.41 -40.37
C PRO B 468 -22.59 17.02 -40.58
N LYS B 469 -23.32 17.33 -39.51
CA LYS B 469 -24.63 17.97 -39.65
C LYS B 469 -24.64 19.44 -39.26
N ILE B 470 -23.66 19.91 -38.49
CA ILE B 470 -23.50 21.34 -38.28
C ILE B 470 -23.18 22.03 -39.60
N LEU B 471 -22.25 21.45 -40.36
CA LEU B 471 -21.92 21.90 -41.70
C LEU B 471 -22.02 20.71 -42.64
N ASP B 472 -22.44 20.97 -43.88
CA ASP B 472 -22.62 19.90 -44.86
C ASP B 472 -21.30 19.17 -45.09
N PHE B 473 -21.25 17.91 -44.65
CA PHE B 473 -20.02 17.14 -44.68
C PHE B 473 -20.35 15.66 -44.88
N HIS B 474 -19.39 14.93 -45.44
CA HIS B 474 -19.54 13.51 -45.72
C HIS B 474 -18.34 12.76 -45.17
N PRO B 475 -18.28 12.57 -43.85
CA PRO B 475 -17.13 11.88 -43.26
C PRO B 475 -17.16 10.39 -43.59
N VAL B 476 -15.96 9.82 -43.73
CA VAL B 476 -15.82 8.40 -44.03
C VAL B 476 -14.78 7.78 -43.09
N THR B 477 -14.39 8.51 -42.05
CA THR B 477 -13.33 8.07 -41.16
C THR B 477 -13.82 7.74 -39.76
N MET B 478 -14.43 8.70 -39.07
CA MET B 478 -14.93 8.50 -37.70
C MET B 478 -13.84 7.92 -36.79
N ALA B 479 -12.66 8.52 -36.86
CA ALA B 479 -11.47 7.98 -36.20
C ALA B 479 -11.13 8.81 -34.96
N THR B 480 -10.87 8.13 -33.86
CA THR B 480 -10.41 8.74 -32.63
C THR B 480 -9.20 7.98 -32.10
N PHE B 481 -8.29 8.71 -31.47
CA PHE B 481 -7.06 8.12 -30.94
C PHE B 481 -6.82 8.59 -29.52
N THR B 482 -6.41 7.67 -28.65
CA THR B 482 -6.14 7.95 -27.25
C THR B 482 -4.67 7.69 -26.99
N MET B 483 -3.95 8.72 -26.52
CA MET B 483 -2.54 8.57 -26.25
C MET B 483 -2.31 7.64 -25.07
N THR B 484 -1.20 6.91 -25.13
CA THR B 484 -0.78 6.03 -24.02
C THR B 484 0.70 6.23 -23.74
N LEU B 485 1.05 6.13 -22.47
CA LEU B 485 2.43 6.25 -22.02
C LEU B 485 2.69 5.14 -21.01
N ALA B 486 3.87 5.18 -20.39
CA ALA B 486 4.19 4.22 -19.34
C ALA B 486 3.33 4.42 -18.10
N ARG B 487 2.72 5.59 -17.95
CA ARG B 487 1.86 5.88 -16.81
C ARG B 487 0.78 6.86 -17.23
N VAL B 488 -0.29 6.91 -16.46
CA VAL B 488 -1.41 7.81 -16.77
C VAL B 488 -0.96 9.24 -16.48
N CYS B 489 -0.87 10.06 -17.52
CA CYS B 489 -0.41 11.44 -17.37
C CYS B 489 -1.50 12.39 -16.90
N LEU B 490 -2.76 11.96 -16.91
CA LEU B 490 -3.87 12.80 -16.50
C LEU B 490 -4.77 12.02 -15.55
N CYS B 491 -5.38 12.74 -14.61
CA CYS B 491 -6.30 12.17 -13.63
C CYS B 491 -7.58 12.99 -13.59
N PRO B 492 -8.41 12.90 -14.63
CA PRO B 492 -9.67 13.64 -14.62
C PRO B 492 -10.61 13.13 -13.56
N MET B 493 -11.37 14.04 -12.97
CA MET B 493 -12.37 13.67 -11.98
C MET B 493 -13.42 14.76 -11.91
N ILE B 494 -14.64 14.36 -11.54
CA ILE B 494 -15.78 15.27 -11.45
C ILE B 494 -16.20 15.35 -10.00
N ILE B 495 -16.22 16.56 -9.45
CA ILE B 495 -16.57 16.79 -8.05
C ILE B 495 -18.03 17.25 -8.00
N GLY B 496 -18.85 16.52 -7.24
CA GLY B 496 -20.25 16.85 -7.12
C GLY B 496 -20.54 17.68 -5.87
N ARG B 497 -21.23 17.09 -4.90
CA ARG B 497 -21.54 17.79 -3.67
C ARG B 497 -20.27 18.05 -2.87
N GLY B 498 -20.29 19.12 -2.09
CA GLY B 498 -19.16 19.50 -1.28
C GLY B 498 -19.09 18.74 0.02
N ASN B 499 -18.24 19.25 0.93
CA ASN B 499 -18.09 18.63 2.24
C ASN B 499 -19.36 18.74 3.08
N ASP B 500 -20.28 19.65 2.72
CA ASP B 500 -21.55 19.79 3.40
C ASP B 500 -22.67 19.02 2.71
N GLN B 501 -22.33 18.13 1.78
CA GLN B 501 -23.31 17.34 1.02
C GLN B 501 -24.30 18.25 0.29
N VAL B 502 -23.79 19.35 -0.26
CA VAL B 502 -24.58 20.29 -1.05
C VAL B 502 -23.94 20.43 -2.42
N ALA B 503 -24.76 20.36 -3.46
CA ALA B 503 -24.25 20.44 -4.82
C ALA B 503 -23.60 21.79 -5.08
N ILE B 504 -22.54 21.79 -5.88
CA ILE B 504 -21.80 23.01 -6.18
C ILE B 504 -22.02 23.39 -7.64
N SER B 505 -23.13 22.96 -8.22
CA SER B 505 -23.43 23.26 -9.60
C SER B 505 -23.57 24.76 -9.81
N SER B 506 -23.03 25.26 -10.91
CA SER B 506 -23.09 26.69 -11.24
C SER B 506 -24.40 27.03 -11.95
N LYS B 507 -25.52 26.65 -11.33
CA LYS B 507 -26.83 26.93 -11.89
C LYS B 507 -27.11 28.43 -11.84
N PHE B 508 -27.87 28.91 -12.83
CA PHE B 508 -28.18 30.34 -12.90
C PHE B 508 -28.97 30.79 -11.68
N GLU B 509 -29.92 29.98 -11.22
CA GLU B 509 -30.72 30.34 -10.05
C GLU B 509 -29.95 30.22 -8.75
N THR B 510 -28.77 29.60 -8.76
CA THR B 510 -27.97 29.43 -7.55
C THR B 510 -26.65 30.19 -7.60
N ARG B 511 -26.50 31.14 -8.54
CA ARG B 511 -25.27 31.92 -8.58
C ARG B 511 -25.08 32.76 -7.34
N GLU B 512 -26.17 33.35 -6.84
CA GLU B 512 -26.13 34.19 -5.65
C GLU B 512 -26.23 33.41 -4.35
N ASP B 513 -26.38 32.08 -4.42
CA ASP B 513 -26.49 31.28 -3.22
C ASP B 513 -25.19 31.32 -2.43
N ILE B 514 -25.31 31.46 -1.11
CA ILE B 514 -24.13 31.56 -0.26
C ILE B 514 -23.51 30.19 0.00
N ALA B 515 -24.33 29.13 -0.01
CA ALA B 515 -23.81 27.79 0.28
C ALA B 515 -22.85 27.33 -0.81
N VAL B 516 -23.21 27.54 -2.08
CA VAL B 516 -22.37 27.04 -3.17
C VAL B 516 -21.08 27.83 -3.27
N ILE B 517 -21.13 29.15 -3.05
CA ILE B 517 -19.95 29.97 -3.23
C ILE B 517 -18.91 29.67 -2.14
N ARG B 518 -19.36 29.30 -0.95
CA ARG B 518 -18.41 28.92 0.10
C ARG B 518 -17.65 27.65 -0.28
N ASN B 519 -18.35 26.68 -0.87
CA ASN B 519 -17.69 25.43 -1.26
C ASN B 519 -16.66 25.67 -2.36
N TYR B 520 -16.96 26.57 -3.31
CA TYR B 520 -16.00 26.88 -4.36
C TYR B 520 -14.70 27.43 -3.77
N GLY B 521 -14.80 28.35 -2.82
CA GLY B 521 -13.62 28.80 -2.11
C GLY B 521 -13.01 27.71 -1.27
N ASN B 522 -13.85 26.90 -0.62
CA ASN B 522 -13.34 25.78 0.18
C ASN B 522 -12.62 24.77 -0.70
N LEU B 523 -13.17 24.48 -1.88
CA LEU B 523 -12.51 23.55 -2.80
C LEU B 523 -11.14 24.07 -3.21
N LEU B 524 -11.05 25.36 -3.56
CA LEU B 524 -9.78 25.94 -3.96
C LEU B 524 -8.80 26.05 -2.81
N LEU B 525 -9.29 26.01 -1.57
CA LEU B 525 -8.40 26.17 -0.42
C LEU B 525 -7.46 24.97 -0.27
N GLU B 526 -8.03 23.78 -0.06
CA GLU B 526 -7.18 22.60 0.09
C GLU B 526 -6.54 22.20 -1.23
N MET B 527 -7.17 22.54 -2.36
CA MET B 527 -6.56 22.24 -3.65
C MET B 527 -5.28 23.04 -3.86
N SER B 528 -5.24 24.29 -3.37
CA SER B 528 -4.05 25.11 -3.53
C SER B 528 -2.86 24.57 -2.75
N ALA B 529 -3.09 23.70 -1.78
CA ALA B 529 -2.03 23.18 -0.93
C ALA B 529 -1.60 21.76 -1.30
N VAL B 530 -2.15 21.18 -2.35
CA VAL B 530 -1.83 19.82 -2.75
C VAL B 530 -1.12 19.77 -4.10
N VAL B 531 -1.50 20.63 -5.03
CA VAL B 531 -0.86 20.73 -6.33
C VAL B 531 -0.06 22.03 -6.37
N PRO B 532 1.26 21.96 -6.49
CA PRO B 532 2.08 23.17 -6.43
C PRO B 532 2.36 23.78 -7.80
N ASP B 533 2.98 24.95 -7.77
CA ASP B 533 3.51 25.66 -8.94
C ASP B 533 2.54 25.65 -10.12
N GLY B 534 1.37 26.24 -9.89
CA GLY B 534 0.47 26.50 -10.99
C GLY B 534 -0.87 25.81 -10.94
N ILE B 535 -1.94 26.59 -10.77
CA ILE B 535 -3.31 26.11 -10.87
C ILE B 535 -4.07 27.08 -11.76
N VAL B 536 -4.79 26.54 -12.75
CA VAL B 536 -5.56 27.34 -13.69
C VAL B 536 -7.04 27.09 -13.43
N ALA B 537 -7.79 28.16 -13.20
CA ALA B 537 -9.22 28.07 -12.94
C ALA B 537 -9.97 28.89 -13.96
N PHE B 538 -11.01 28.29 -14.55
CA PHE B 538 -11.85 28.94 -15.54
C PHE B 538 -13.25 29.13 -14.99
N PHE B 539 -13.80 30.32 -15.20
CA PHE B 539 -15.16 30.64 -14.78
C PHE B 539 -16.06 30.82 -15.99
N THR B 540 -17.37 30.80 -15.74
CA THR B 540 -18.34 30.90 -16.82
C THR B 540 -18.27 32.26 -17.50
N SER B 541 -18.16 33.33 -16.73
CA SER B 541 -18.15 34.67 -17.30
C SER B 541 -17.48 35.63 -16.33
N TYR B 542 -17.11 36.81 -16.84
CA TYR B 542 -16.50 37.83 -16.01
C TYR B 542 -17.47 38.29 -14.92
N GLN B 543 -18.75 38.43 -15.25
CA GLN B 543 -19.74 38.87 -14.27
C GLN B 543 -19.83 37.89 -13.11
N TYR B 544 -19.84 36.58 -13.42
CA TYR B 544 -19.79 35.58 -12.36
C TYR B 544 -18.43 35.55 -11.68
N MET B 545 -17.37 35.87 -12.42
CA MET B 545 -16.03 35.86 -11.84
C MET B 545 -15.86 36.95 -10.79
N GLU B 546 -16.29 38.18 -11.11
CA GLU B 546 -16.10 39.29 -10.18
C GLU B 546 -16.96 39.11 -8.93
N SER B 547 -18.15 38.53 -9.09
CA SER B 547 -19.00 38.26 -7.93
C SER B 547 -18.46 37.11 -7.09
N THR B 548 -17.73 36.19 -7.72
CA THR B 548 -17.18 35.06 -6.98
C THR B 548 -16.09 35.51 -6.01
N VAL B 549 -15.14 36.32 -6.48
CA VAL B 549 -14.06 36.78 -5.61
C VAL B 549 -14.58 37.74 -4.56
N ALA B 550 -15.62 38.52 -4.88
CA ALA B 550 -16.18 39.46 -3.91
C ALA B 550 -16.73 38.73 -2.69
N SER B 551 -17.44 37.62 -2.92
CA SER B 551 -17.92 36.82 -1.80
C SER B 551 -16.77 36.21 -1.01
N TRP B 552 -15.75 35.73 -1.72
CA TRP B 552 -14.58 35.18 -1.04
C TRP B 552 -13.84 36.25 -0.24
N TYR B 553 -13.70 37.45 -0.82
CA TYR B 553 -13.03 38.54 -0.12
C TYR B 553 -13.82 38.96 1.11
N GLU B 554 -15.15 39.01 1.01
CA GLU B 554 -15.98 39.42 2.14
C GLU B 554 -15.80 38.47 3.32
N GLN B 555 -15.76 37.17 3.06
CA GLN B 555 -15.51 36.20 4.11
C GLN B 555 -14.02 36.11 4.39
N GLY B 556 -13.68 35.49 5.52
CA GLY B 556 -12.29 35.28 5.88
C GLY B 556 -11.73 34.01 5.29
N ILE B 557 -11.91 33.81 3.98
CA ILE B 557 -11.51 32.60 3.30
C ILE B 557 -10.48 32.89 2.21
N LEU B 558 -10.64 33.99 1.47
CA LEU B 558 -9.73 34.29 0.37
C LEU B 558 -8.32 34.57 0.88
N GLU B 559 -8.19 35.13 2.08
CA GLU B 559 -6.87 35.40 2.63
C GLU B 559 -6.09 34.12 2.89
N ASN B 560 -6.79 33.03 3.23
CA ASN B 560 -6.11 31.75 3.43
C ASN B 560 -5.47 31.26 2.14
N ILE B 561 -6.16 31.44 1.00
CA ILE B 561 -5.58 31.06 -0.27
C ILE B 561 -4.39 31.93 -0.61
N GLN B 562 -4.40 33.20 -0.21
CA GLN B 562 -3.33 34.12 -0.58
C GLN B 562 -1.98 33.67 -0.03
N ARG B 563 -1.95 33.23 1.23
CA ARG B 563 -0.68 32.82 1.84
C ARG B 563 -0.12 31.56 1.22
N ASN B 564 -0.96 30.71 0.62
CA ASN B 564 -0.49 29.51 -0.05
C ASN B 564 0.01 29.81 -1.45
N LYS B 565 -0.84 30.40 -2.28
CA LYS B 565 -0.49 30.75 -3.66
C LYS B 565 -0.93 32.17 -3.95
N LEU B 566 -0.26 32.79 -4.92
CA LEU B 566 -0.60 34.14 -5.33
C LEU B 566 -1.83 34.11 -6.24
N LEU B 567 -2.79 34.98 -5.97
CA LEU B 567 -4.02 35.04 -6.76
C LEU B 567 -3.86 36.08 -7.86
N PHE B 568 -3.96 35.61 -9.11
CA PHE B 568 -3.86 36.47 -10.29
C PHE B 568 -5.17 36.41 -11.05
N ILE B 569 -5.71 37.58 -11.39
CA ILE B 569 -7.01 37.69 -12.04
C ILE B 569 -6.79 38.22 -13.46
N GLU B 570 -7.35 37.51 -14.44
CA GLU B 570 -7.26 37.93 -15.82
C GLU B 570 -8.40 38.88 -16.15
N THR B 571 -8.07 40.02 -16.74
CA THR B 571 -9.04 41.05 -17.09
C THR B 571 -9.16 41.14 -18.62
N GLN B 572 -10.10 41.97 -19.06
CA GLN B 572 -10.33 42.14 -20.50
C GLN B 572 -9.19 42.87 -21.18
N ASP B 573 -8.46 43.73 -20.46
CA ASP B 573 -7.38 44.48 -21.06
C ASP B 573 -6.23 43.55 -21.44
N GLY B 574 -5.78 43.65 -22.70
CA GLY B 574 -4.69 42.81 -23.15
C GLY B 574 -3.37 43.12 -22.47
N ALA B 575 -3.06 44.42 -22.31
CA ALA B 575 -1.80 44.79 -21.68
C ALA B 575 -1.75 44.35 -20.22
N GLU B 576 -2.85 44.53 -19.49
CA GLU B 576 -2.89 44.09 -18.10
C GLU B 576 -2.87 42.58 -17.98
N THR B 577 -3.47 41.88 -18.95
CA THR B 577 -3.39 40.42 -18.96
C THR B 577 -1.96 39.95 -19.19
N SER B 578 -1.25 40.61 -20.10
CA SER B 578 0.11 40.16 -20.43
C SER B 578 1.04 40.26 -19.24
N VAL B 579 0.99 41.37 -18.49
CA VAL B 579 1.86 41.51 -17.33
C VAL B 579 1.43 40.55 -16.23
N ALA B 580 0.12 40.31 -16.09
CA ALA B 580 -0.35 39.32 -15.12
C ALA B 580 0.14 37.92 -15.47
N LEU B 581 0.13 37.57 -16.76
CA LEU B 581 0.68 36.30 -17.19
C LEU B 581 2.19 36.27 -17.00
N GLU B 582 2.86 37.40 -17.22
CA GLU B 582 4.31 37.46 -17.08
C GLU B 582 4.74 37.17 -15.64
N LYS B 583 4.04 37.77 -14.67
CA LYS B 583 4.36 37.50 -13.28
C LYS B 583 3.89 36.11 -12.85
N TYR B 584 2.86 35.58 -13.51
CA TYR B 584 2.42 34.22 -13.22
C TYR B 584 3.47 33.20 -13.64
N GLN B 585 4.12 33.43 -14.79
CA GLN B 585 5.12 32.48 -15.28
C GLN B 585 6.31 32.39 -14.33
N GLU B 586 6.77 33.53 -13.81
CA GLU B 586 7.90 33.51 -12.88
C GLU B 586 7.48 33.03 -11.50
N ALA B 587 6.22 33.28 -11.11
CA ALA B 587 5.74 32.80 -9.82
C ALA B 587 5.72 31.28 -9.78
N CYS B 588 5.30 30.64 -10.88
CA CYS B 588 5.36 29.19 -10.96
C CYS B 588 6.79 28.69 -11.19
N GLU B 589 7.67 29.54 -11.70
CA GLU B 589 9.05 29.14 -11.94
C GLU B 589 9.76 28.78 -10.63
N ASN B 590 9.56 29.59 -9.60
CA ASN B 590 10.08 29.30 -8.28
C ASN B 590 9.00 28.62 -7.44
N GLY B 591 9.27 28.44 -6.15
CA GLY B 591 8.39 27.72 -5.28
C GLY B 591 7.25 28.50 -4.67
N ARG B 592 7.12 29.79 -4.99
CA ARG B 592 6.05 30.59 -4.40
C ARG B 592 4.69 30.10 -4.86
N GLY B 593 4.55 29.79 -6.15
CA GLY B 593 3.29 29.33 -6.68
C GLY B 593 2.32 30.47 -6.93
N ALA B 594 1.32 30.18 -7.77
CA ALA B 594 0.33 31.18 -8.12
C ALA B 594 -0.93 30.50 -8.62
N ILE B 595 -2.03 31.27 -8.63
CA ILE B 595 -3.31 30.83 -9.16
C ILE B 595 -3.70 31.75 -10.30
N LEU B 596 -4.06 31.17 -11.43
CA LEU B 596 -4.49 31.93 -12.61
C LEU B 596 -6.00 31.81 -12.73
N LEU B 597 -6.71 32.92 -12.51
CA LEU B 597 -8.15 32.97 -12.61
C LEU B 597 -8.54 33.66 -13.92
N SER B 598 -9.38 33.00 -14.72
CA SER B 598 -9.76 33.54 -16.01
C SER B 598 -11.16 33.02 -16.35
N VAL B 599 -11.55 33.21 -17.60
CA VAL B 599 -12.87 32.81 -18.10
C VAL B 599 -12.66 31.77 -19.19
N ALA B 600 -13.58 30.80 -19.27
CA ALA B 600 -13.46 29.75 -20.28
C ALA B 600 -13.54 30.32 -21.69
N ARG B 601 -14.46 31.25 -21.92
CA ARG B 601 -14.62 31.88 -23.23
C ARG B 601 -13.88 33.21 -23.28
N GLY B 602 -12.55 33.12 -23.14
CA GLY B 602 -11.70 34.28 -23.20
C GLY B 602 -10.52 34.05 -24.11
N LYS B 603 -9.86 35.16 -24.48
CA LYS B 603 -8.71 35.08 -25.38
C LYS B 603 -7.52 34.41 -24.71
N VAL B 604 -7.47 34.37 -23.37
CA VAL B 604 -6.36 33.73 -22.69
C VAL B 604 -6.55 32.23 -22.54
N SER B 605 -7.78 31.72 -22.74
CA SER B 605 -8.02 30.29 -22.60
C SER B 605 -7.27 29.50 -23.67
N GLU B 606 -7.27 30.00 -24.91
CA GLU B 606 -6.60 29.33 -26.01
C GLU B 606 -5.37 30.07 -26.51
N GLY B 607 -5.14 31.30 -26.06
CA GLY B 607 -4.00 32.07 -26.52
C GLY B 607 -2.67 31.58 -25.99
N ILE B 608 -2.68 30.84 -24.87
CA ILE B 608 -1.45 30.34 -24.26
C ILE B 608 -1.60 28.84 -24.03
N ASP B 609 -0.45 28.16 -23.93
CA ASP B 609 -0.40 26.73 -23.68
C ASP B 609 0.31 26.49 -22.36
N PHE B 610 -0.31 25.69 -21.49
CA PHE B 610 0.24 25.40 -20.17
C PHE B 610 1.10 24.15 -20.29
N VAL B 611 2.39 24.35 -20.56
CA VAL B 611 3.35 23.26 -20.65
C VAL B 611 3.60 22.71 -19.25
N HIS B 612 4.29 21.59 -19.16
CA HIS B 612 4.58 20.95 -17.88
C HIS B 612 5.20 21.94 -16.90
N HIS B 613 4.90 21.73 -15.62
CA HIS B 613 5.37 22.55 -14.49
C HIS B 613 4.63 23.89 -14.47
N TYR B 614 3.83 24.16 -15.49
CA TYR B 614 2.94 25.32 -15.51
C TYR B 614 1.50 24.81 -15.52
N GLY B 615 0.71 25.27 -14.56
CA GLY B 615 -0.68 24.87 -14.50
C GLY B 615 -0.89 23.38 -14.32
N ARG B 616 -0.26 22.81 -13.29
CA ARG B 616 -0.38 21.38 -13.04
C ARG B 616 -1.83 20.95 -12.79
N ALA B 617 -2.68 21.86 -12.35
CA ALA B 617 -4.09 21.55 -12.10
C ALA B 617 -4.96 22.54 -12.87
N VAL B 618 -5.99 22.04 -13.53
CA VAL B 618 -6.97 22.86 -14.23
C VAL B 618 -8.32 22.65 -13.57
N ILE B 619 -8.96 23.73 -13.16
CA ILE B 619 -10.21 23.68 -12.41
C ILE B 619 -11.30 24.36 -13.24
N MET B 620 -12.41 23.68 -13.43
CA MET B 620 -13.58 24.21 -14.14
C MET B 620 -14.69 24.44 -13.12
N PHE B 621 -14.95 25.71 -12.79
CA PHE B 621 -15.99 26.06 -11.84
C PHE B 621 -17.32 26.10 -12.59
N GLY B 622 -17.95 24.95 -12.69
CA GLY B 622 -19.23 24.84 -13.36
C GLY B 622 -19.10 24.66 -14.87
N VAL B 623 -20.20 24.22 -15.48
CA VAL B 623 -20.23 24.01 -16.93
C VAL B 623 -20.31 25.39 -17.59
N PRO B 624 -19.36 25.73 -18.46
CA PRO B 624 -19.40 27.05 -19.09
C PRO B 624 -20.45 27.15 -20.18
N TYR B 625 -21.55 27.84 -19.89
CA TYR B 625 -22.64 28.03 -20.84
C TYR B 625 -22.61 29.45 -21.37
N VAL B 626 -22.65 29.58 -22.70
CA VAL B 626 -22.68 30.89 -23.32
C VAL B 626 -23.99 31.59 -22.95
N TYR B 627 -23.91 32.91 -22.74
CA TYR B 627 -25.09 33.67 -22.35
C TYR B 627 -26.12 33.65 -23.46
N THR B 628 -27.38 33.44 -23.09
CA THR B 628 -28.48 33.36 -24.05
C THR B 628 -29.01 34.73 -24.45
N GLN B 629 -28.46 35.80 -23.90
CA GLN B 629 -28.93 37.15 -24.20
C GLN B 629 -28.43 37.58 -25.58
N SER B 630 -28.69 38.83 -25.95
CA SER B 630 -28.33 39.47 -27.21
C SER B 630 -29.12 38.92 -28.40
N ARG B 631 -29.95 37.89 -28.19
CA ARG B 631 -30.81 37.32 -29.23
C ARG B 631 -30.00 36.95 -30.47
N ILE B 632 -28.82 36.36 -30.24
CA ILE B 632 -27.96 35.89 -31.31
C ILE B 632 -27.84 34.37 -31.31
N LEU B 633 -27.55 33.79 -30.14
CA LEU B 633 -27.47 32.33 -30.05
C LEU B 633 -28.82 31.69 -30.32
N LYS B 634 -29.90 32.28 -29.80
CA LYS B 634 -31.23 31.73 -30.03
C LYS B 634 -31.60 31.75 -31.50
N ALA B 635 -31.15 32.76 -32.25
CA ALA B 635 -31.37 32.77 -33.69
C ALA B 635 -30.68 31.60 -34.36
N ARG B 636 -29.46 31.29 -33.94
CA ARG B 636 -28.76 30.12 -34.47
C ARG B 636 -29.46 28.83 -34.05
N LEU B 637 -29.95 28.78 -32.81
CA LEU B 637 -30.65 27.59 -32.34
C LEU B 637 -31.92 27.34 -33.15
N GLU B 638 -32.67 28.40 -33.45
CA GLU B 638 -33.89 28.24 -34.25
C GLU B 638 -33.56 27.78 -35.66
N TYR B 639 -32.50 28.32 -36.26
CA TYR B 639 -32.14 27.93 -37.62
C TYR B 639 -31.74 26.46 -37.67
N LEU B 640 -30.93 26.01 -36.71
CA LEU B 640 -30.52 24.61 -36.67
C LEU B 640 -31.68 23.70 -36.28
N ARG B 641 -32.73 24.23 -35.66
CA ARG B 641 -33.84 23.41 -35.22
C ARG B 641 -34.62 22.86 -36.41
N ASP B 642 -34.97 23.72 -37.37
CA ASP B 642 -35.82 23.34 -38.48
C ASP B 642 -35.05 23.05 -39.76
N GLN B 643 -33.72 23.10 -39.72
CA GLN B 643 -32.90 22.82 -40.90
C GLN B 643 -32.06 21.56 -40.75
N PHE B 644 -31.25 21.47 -39.69
CA PHE B 644 -30.43 20.30 -39.45
C PHE B 644 -31.00 19.40 -38.35
N GLN B 645 -32.18 19.72 -37.83
CA GLN B 645 -32.82 18.95 -36.76
C GLN B 645 -31.91 18.82 -35.55
N ILE B 646 -31.23 19.91 -35.20
CA ILE B 646 -30.31 19.93 -34.07
C ILE B 646 -31.10 20.25 -32.80
N ARG B 647 -30.97 19.39 -31.80
CA ARG B 647 -31.59 19.65 -30.51
C ARG B 647 -30.99 20.91 -29.88
N GLU B 648 -31.87 21.78 -29.39
CA GLU B 648 -31.41 23.02 -28.77
C GLU B 648 -30.57 22.75 -27.53
N ASN B 649 -31.02 21.81 -26.70
CA ASN B 649 -30.25 21.48 -25.50
C ASN B 649 -28.92 20.82 -25.85
N ASP B 650 -28.92 19.94 -26.87
CA ASP B 650 -27.68 19.25 -27.24
C ASP B 650 -26.63 20.23 -27.76
N PHE B 651 -27.04 21.19 -28.59
CA PHE B 651 -26.08 22.16 -29.12
C PHE B 651 -25.47 23.00 -28.01
N LEU B 652 -26.30 23.45 -27.07
CA LEU B 652 -25.77 24.17 -25.91
C LEU B 652 -24.85 23.28 -25.09
N THR B 653 -25.24 22.02 -24.88
CA THR B 653 -24.37 21.08 -24.20
C THR B 653 -23.10 20.84 -24.99
N PHE B 654 -23.21 20.70 -26.32
CA PHE B 654 -22.03 20.51 -27.15
C PHE B 654 -21.10 21.71 -27.08
N ASP B 655 -21.66 22.92 -27.16
CA ASP B 655 -20.84 24.12 -27.07
C ASP B 655 -20.22 24.26 -25.69
N ALA B 656 -20.99 23.96 -24.64
CA ALA B 656 -20.48 24.08 -23.28
C ALA B 656 -19.33 23.11 -23.03
N MET B 657 -19.49 21.87 -23.46
CA MET B 657 -18.45 20.86 -23.21
C MET B 657 -17.24 21.06 -24.12
N ARG B 658 -17.45 21.56 -25.34
CA ARG B 658 -16.34 21.76 -26.25
C ARG B 658 -15.35 22.78 -25.69
N HIS B 659 -15.84 23.93 -25.22
CA HIS B 659 -14.96 24.92 -24.62
C HIS B 659 -14.36 24.40 -23.32
N ALA B 660 -15.16 23.70 -22.51
CA ALA B 660 -14.65 23.16 -21.25
C ALA B 660 -13.56 22.14 -21.49
N ALA B 661 -13.75 21.25 -22.47
CA ALA B 661 -12.75 20.22 -22.75
C ALA B 661 -11.54 20.80 -23.46
N GLN B 662 -11.72 21.86 -24.25
CA GLN B 662 -10.60 22.45 -24.97
C GLN B 662 -9.59 23.10 -24.02
N CYS B 663 -10.09 23.91 -23.08
CA CYS B 663 -9.19 24.59 -22.16
C CYS B 663 -8.57 23.63 -21.16
N VAL B 664 -9.34 22.64 -20.67
CA VAL B 664 -8.79 21.69 -19.72
C VAL B 664 -7.80 20.75 -20.37
N GLY B 665 -7.80 20.64 -21.69
CA GLY B 665 -6.86 19.79 -22.40
C GLY B 665 -5.54 20.43 -22.74
N ARG B 666 -5.30 21.66 -22.29
CA ARG B 666 -4.06 22.37 -22.56
C ARG B 666 -3.00 22.14 -21.50
N ALA B 667 -3.27 21.30 -20.50
CA ALA B 667 -2.31 21.00 -19.45
C ALA B 667 -1.43 19.80 -19.79
N ILE B 668 -1.66 19.15 -20.93
CA ILE B 668 -0.90 17.97 -21.33
C ILE B 668 -0.29 18.29 -22.69
N ARG B 669 0.96 18.78 -22.67
CA ARG B 669 1.70 19.06 -23.90
C ARG B 669 3.05 18.33 -23.80
N GLY B 670 3.13 17.18 -24.43
CA GLY B 670 4.33 16.37 -24.37
C GLY B 670 4.10 15.07 -23.63
N LYS B 671 4.86 14.05 -24.01
CA LYS B 671 4.71 12.74 -23.38
C LYS B 671 5.09 12.79 -21.90
N THR B 672 6.16 13.49 -21.56
CA THR B 672 6.59 13.60 -20.18
C THR B 672 5.70 14.52 -19.35
N ASP B 673 4.90 15.36 -20.01
CA ASP B 673 4.02 16.28 -19.30
C ASP B 673 2.91 15.53 -18.58
N TYR B 674 2.50 16.05 -17.42
CA TYR B 674 1.40 15.51 -16.67
C TYR B 674 0.65 16.66 -16.00
N GLY B 675 -0.60 16.40 -15.64
CA GLY B 675 -1.42 17.43 -15.03
C GLY B 675 -2.65 16.83 -14.38
N LEU B 676 -3.35 17.68 -13.64
CA LEU B 676 -4.58 17.30 -12.95
C LEU B 676 -5.76 18.03 -13.54
N MET B 677 -6.86 17.32 -13.73
CA MET B 677 -8.08 17.88 -14.31
C MET B 677 -9.24 17.60 -13.38
N VAL B 678 -9.96 18.66 -13.00
CA VAL B 678 -11.11 18.55 -12.11
C VAL B 678 -12.28 19.29 -12.73
N PHE B 679 -13.47 18.96 -12.24
CA PHE B 679 -14.71 19.61 -12.69
C PHE B 679 -15.56 19.89 -11.46
N ALA B 680 -15.76 21.17 -11.16
CA ALA B 680 -16.50 21.59 -9.96
C ALA B 680 -17.98 21.82 -10.29
N ASP B 681 -18.63 20.73 -10.72
CA ASP B 681 -20.05 20.78 -11.04
C ASP B 681 -20.62 19.37 -11.13
N LYS B 682 -21.77 19.13 -10.50
CA LYS B 682 -22.41 17.83 -10.60
C LYS B 682 -23.01 17.59 -11.98
N ARG B 683 -23.24 18.65 -12.76
CA ARG B 683 -23.79 18.48 -14.10
C ARG B 683 -22.83 17.72 -15.01
N PHE B 684 -21.53 17.84 -14.78
CA PHE B 684 -20.56 17.07 -15.57
C PHE B 684 -20.74 15.57 -15.35
N ALA B 685 -21.19 15.16 -14.16
CA ALA B 685 -21.29 13.75 -13.84
C ALA B 685 -22.32 13.02 -14.68
N ARG B 686 -23.29 13.75 -15.26
CA ARG B 686 -24.31 13.10 -16.06
C ARG B 686 -23.70 12.52 -17.34
N GLY B 687 -24.28 11.41 -17.80
CA GLY B 687 -23.74 10.73 -18.97
C GLY B 687 -23.82 11.55 -20.24
N ASP B 688 -24.84 12.40 -20.36
CA ASP B 688 -25.01 13.20 -21.57
C ASP B 688 -23.86 14.17 -21.79
N LYS B 689 -23.18 14.59 -20.72
CA LYS B 689 -22.05 15.50 -20.83
C LYS B 689 -20.70 14.79 -20.75
N ARG B 690 -20.63 13.65 -20.06
CA ARG B 690 -19.39 12.87 -20.06
C ARG B 690 -19.06 12.37 -21.46
N GLY B 691 -20.08 11.92 -22.21
CA GLY B 691 -19.86 11.47 -23.56
C GLY B 691 -19.36 12.56 -24.50
N LYS B 692 -19.53 13.82 -24.12
CA LYS B 692 -19.02 14.93 -24.91
C LYS B 692 -17.54 15.21 -24.68
N LEU B 693 -16.91 14.49 -23.75
CA LEU B 693 -15.48 14.60 -23.54
C LEU B 693 -14.72 13.79 -24.59
N PRO B 694 -13.53 14.21 -24.97
CA PRO B 694 -12.77 13.47 -25.98
C PRO B 694 -12.39 12.08 -25.48
N ARG B 695 -12.23 11.15 -26.44
CA ARG B 695 -12.02 9.75 -26.09
C ARG B 695 -10.74 9.54 -25.31
N TRP B 696 -9.73 10.38 -25.51
CA TRP B 696 -8.47 10.22 -24.78
C TRP B 696 -8.60 10.62 -23.31
N ILE B 697 -9.72 11.21 -22.91
CA ILE B 697 -9.98 11.49 -21.51
C ILE B 697 -11.06 10.57 -20.92
N GLN B 698 -11.91 9.96 -21.76
CA GLN B 698 -12.99 9.13 -21.26
C GLN B 698 -12.47 7.92 -20.50
N GLU B 699 -11.46 7.24 -21.05
CA GLU B 699 -10.97 6.01 -20.43
C GLU B 699 -10.29 6.28 -19.11
N HIS B 700 -9.70 7.46 -18.93
CA HIS B 700 -9.06 7.80 -17.67
C HIS B 700 -10.04 8.34 -16.64
N LEU B 701 -11.27 8.63 -17.03
CA LEU B 701 -12.30 9.12 -16.11
C LEU B 701 -13.05 7.91 -15.56
N THR B 702 -12.52 7.33 -14.49
CA THR B 702 -13.13 6.17 -13.87
C THR B 702 -14.47 6.54 -13.23
N ASP B 703 -15.40 5.59 -13.26
CA ASP B 703 -16.72 5.81 -12.67
C ASP B 703 -16.68 5.90 -11.15
N ALA B 704 -15.57 5.50 -10.52
CA ALA B 704 -15.48 5.59 -9.07
C ALA B 704 -15.53 7.03 -8.59
N ASN B 705 -14.85 7.93 -9.29
CA ASN B 705 -14.79 9.35 -8.92
C ASN B 705 -15.58 10.14 -9.95
N LEU B 706 -16.89 10.27 -9.72
CA LEU B 706 -17.75 11.08 -10.56
C LEU B 706 -18.59 12.03 -9.71
N ASN B 707 -18.83 11.66 -8.45
CA ASN B 707 -19.62 12.46 -7.54
C ASN B 707 -18.93 12.63 -6.19
N LEU B 708 -17.63 12.38 -6.12
CA LEU B 708 -16.91 12.48 -4.86
C LEU B 708 -16.83 13.92 -4.38
N THR B 709 -16.72 14.09 -3.07
CA THR B 709 -16.75 15.41 -2.46
C THR B 709 -15.40 16.10 -2.59
N VAL B 710 -15.29 17.29 -1.98
CA VAL B 710 -14.05 18.06 -2.04
C VAL B 710 -12.95 17.32 -1.30
N ASP B 711 -13.25 16.79 -0.11
CA ASP B 711 -12.24 16.08 0.66
C ASP B 711 -11.77 14.83 -0.08
N GLU B 712 -12.70 14.09 -0.70
CA GLU B 712 -12.33 12.92 -1.46
C GLU B 712 -11.48 13.30 -2.67
N GLY B 713 -11.82 14.40 -3.34
CA GLY B 713 -11.03 14.85 -4.48
C GLY B 713 -9.61 15.20 -4.10
N VAL B 714 -9.43 15.80 -2.91
CA VAL B 714 -8.09 16.14 -2.45
C VAL B 714 -7.25 14.89 -2.27
N GLN B 715 -7.84 13.84 -1.67
CA GLN B 715 -7.10 12.61 -1.45
C GLN B 715 -6.67 11.97 -2.76
N VAL B 716 -7.55 11.99 -3.76
CA VAL B 716 -7.19 11.45 -5.08
C VAL B 716 -6.06 12.27 -5.69
N ALA B 717 -6.14 13.59 -5.58
CA ALA B 717 -5.08 14.44 -6.11
C ALA B 717 -3.75 14.20 -5.42
N LYS B 718 -3.77 14.05 -4.09
CA LYS B 718 -2.53 13.79 -3.36
C LYS B 718 -1.92 12.45 -3.77
N TYR B 719 -2.74 11.42 -3.91
CA TYR B 719 -2.22 10.12 -4.32
C TYR B 719 -1.68 10.16 -5.73
N PHE B 720 -2.36 10.85 -6.64
CA PHE B 720 -1.92 10.90 -8.03
C PHE B 720 -0.60 11.63 -8.17
N LEU B 721 -0.50 12.83 -7.58
CA LEU B 721 0.72 13.62 -7.72
C LEU B 721 1.90 12.96 -7.02
N ARG B 722 1.66 12.24 -5.92
CA ARG B 722 2.75 11.61 -5.19
C ARG B 722 3.44 10.54 -6.03
N GLN B 723 2.67 9.75 -6.77
CA GLN B 723 3.23 8.66 -7.56
C GLN B 723 3.65 9.07 -8.96
N MET B 724 3.31 10.29 -9.40
CA MET B 724 3.68 10.76 -10.73
C MET B 724 5.04 11.45 -10.77
N ALA B 725 5.66 11.66 -9.61
CA ALA B 725 6.96 12.33 -9.55
C ALA B 725 8.13 11.37 -9.61
N GLN B 726 7.88 10.06 -9.59
CA GLN B 726 8.95 9.09 -9.63
C GLN B 726 9.58 9.04 -11.02
N PRO B 727 10.87 8.71 -11.11
CA PRO B 727 11.51 8.59 -12.43
C PRO B 727 10.94 7.43 -13.22
N PHE B 728 11.00 7.56 -14.55
CA PHE B 728 10.45 6.57 -15.46
C PHE B 728 11.47 6.34 -16.57
N HIS B 729 11.05 5.62 -17.61
CA HIS B 729 11.88 5.33 -18.76
C HIS B 729 11.20 5.81 -20.04
N ARG B 730 12.03 6.19 -21.01
CA ARG B 730 11.53 6.71 -22.27
C ARG B 730 11.05 5.57 -23.18
N LEU C 1 28.48 50.87 28.86
CA LEU C 1 28.39 50.50 30.26
C LEU C 1 27.06 49.81 30.56
N GLU C 2 25.97 50.40 30.05
CA GLU C 2 24.65 49.81 30.26
C GLU C 2 24.54 48.43 29.61
N GLU C 3 25.08 48.30 28.40
CA GLU C 3 25.06 47.00 27.73
C GLU C 3 25.86 45.97 28.50
N LYS C 4 27.03 46.35 29.01
CA LYS C 4 27.84 45.42 29.80
C LYS C 4 27.12 45.02 31.08
N ASN C 5 26.48 45.98 31.75
CA ASN C 5 25.73 45.65 32.96
C ASN C 5 24.57 44.70 32.65
N ARG C 6 23.87 44.94 31.55
CA ARG C 6 22.77 44.05 31.16
C ARG C 6 23.28 42.65 30.86
N MET C 7 24.41 42.55 30.15
CA MET C 7 24.98 41.24 29.85
C MET C 7 25.40 40.51 31.12
N LEU C 8 25.99 41.23 32.07
CA LEU C 8 26.37 40.62 33.34
C LEU C 8 25.15 40.16 34.13
N GLN C 9 24.08 40.97 34.14
CA GLN C 9 22.90 40.61 34.90
C GLN C 9 22.16 39.44 34.27
N GLU C 10 22.19 39.32 32.94
CA GLU C 10 21.47 38.24 32.28
C GLU C 10 22.01 36.88 32.69
N ASP C 11 23.32 36.74 32.76
CA ASP C 11 23.95 35.46 33.12
C ASP C 11 24.64 35.58 34.46
N PRO C 12 24.07 35.00 35.53
CA PRO C 12 24.75 35.07 36.84
C PRO C 12 26.12 34.42 36.85
N VAL C 13 26.31 33.34 36.09
CA VAL C 13 27.62 32.70 36.00
C VAL C 13 28.63 33.66 35.36
N LEU C 14 28.22 34.35 34.29
CA LEU C 14 29.11 35.32 33.66
C LEU C 14 29.43 36.47 34.61
N PHE C 15 28.44 36.92 35.39
CA PHE C 15 28.69 37.97 36.36
C PHE C 15 29.69 37.53 37.42
N GLN C 16 29.54 36.30 37.92
CA GLN C 16 30.48 35.77 38.90
C GLN C 16 31.88 35.65 38.32
N LEU C 17 31.99 35.18 37.07
CA LEU C 17 33.28 35.08 36.42
C LEU C 17 33.92 36.45 36.25
N TYR C 18 33.13 37.44 35.85
CA TYR C 18 33.65 38.80 35.70
C TYR C 18 34.12 39.36 37.03
N LYS C 19 33.36 39.10 38.10
CA LYS C 19 33.78 39.54 39.42
C LYS C 19 35.08 38.86 39.85
N ASP C 20 35.22 37.57 39.56
CA ASP C 20 36.42 36.84 39.97
C ASP C 20 37.64 37.23 39.14
N LEU C 21 37.44 37.67 37.91
CA LEU C 21 38.56 37.96 37.01
C LEU C 21 38.93 39.44 36.94
N VAL C 22 38.01 40.34 37.23
CA VAL C 22 38.24 41.78 37.07
C VAL C 22 38.34 42.48 38.42
N VAL C 23 37.40 42.22 39.32
CA VAL C 23 37.41 42.87 40.62
C VAL C 23 38.65 42.46 41.41
N SER C 24 39.03 41.18 41.34
CA SER C 24 40.23 40.70 42.00
C SER C 24 41.51 41.02 41.22
N GLN C 25 41.41 41.86 40.20
CA GLN C 25 42.56 42.32 39.41
C GLN C 25 43.28 41.19 38.70
N VAL C 26 42.59 40.07 38.45
CA VAL C 26 43.20 38.96 37.73
C VAL C 26 43.47 39.35 36.29
N ILE C 27 42.46 39.90 35.61
CA ILE C 27 42.59 40.35 34.23
C ILE C 27 41.98 41.73 34.10
N SER C 28 42.34 42.42 33.02
CA SER C 28 41.76 43.71 32.71
C SER C 28 40.42 43.54 32.01
N ALA C 29 39.53 44.51 32.21
CA ALA C 29 38.21 44.45 31.60
C ALA C 29 38.28 44.56 30.09
N GLU C 30 39.20 45.37 29.57
CA GLU C 30 39.31 45.55 28.11
C GLU C 30 39.63 44.24 27.42
N GLU C 31 40.59 43.48 27.95
CA GLU C 31 40.94 42.20 27.35
C GLU C 31 39.78 41.22 27.45
N PHE C 32 39.07 41.21 28.59
CA PHE C 32 37.93 40.31 28.74
C PHE C 32 36.85 40.61 27.72
N TRP C 33 36.53 41.89 27.53
CA TRP C 33 35.49 42.25 26.56
C TRP C 33 35.95 42.03 25.13
N ALA C 34 37.25 42.21 24.85
CA ALA C 34 37.77 41.90 23.52
C ALA C 34 37.66 40.41 23.23
N ASN C 35 37.98 39.57 24.22
CA ASN C 35 37.82 38.14 24.05
C ASN C 35 36.35 37.75 23.86
N ARG C 36 35.46 38.41 24.61
CA ARG C 36 34.02 38.14 24.46
C ARG C 36 33.54 38.56 23.07
N LEU C 37 34.00 39.71 22.58
CA LEU C 37 33.62 40.17 21.26
C LEU C 37 34.45 39.49 20.17
N ALA C 285 69.62 -7.37 19.94
CA ALA C 285 69.65 -6.24 20.86
C ALA C 285 70.91 -6.29 21.72
N THR C 286 70.99 -7.31 22.57
CA THR C 286 72.13 -7.48 23.46
C THR C 286 73.19 -8.35 22.79
N SER C 287 74.17 -8.80 23.56
CA SER C 287 75.22 -9.67 23.06
C SER C 287 74.69 -11.10 22.96
N GLN C 288 75.60 -12.07 22.80
CA GLN C 288 75.22 -13.47 22.63
C GLN C 288 74.57 -14.04 23.88
N ASP C 289 74.37 -13.21 24.90
CA ASP C 289 73.66 -13.66 26.09
C ASP C 289 72.24 -14.09 25.77
N ILE C 290 71.61 -13.45 24.77
CA ILE C 290 70.27 -13.86 24.37
C ILE C 290 70.29 -15.28 23.80
N ILE C 291 71.27 -15.58 22.96
CA ILE C 291 71.39 -16.93 22.42
C ILE C 291 71.72 -17.92 23.52
N ASN C 292 72.54 -17.52 24.49
CA ASN C 292 72.85 -18.39 25.61
C ASN C 292 71.60 -18.70 26.42
N SER C 293 70.77 -17.68 26.68
CA SER C 293 69.51 -17.90 27.41
C SER C 293 68.58 -18.81 26.61
N PHE C 294 68.51 -18.61 25.30
CA PHE C 294 67.68 -19.47 24.46
C PHE C 294 68.13 -20.91 24.53
N GLN C 295 69.44 -21.15 24.44
CA GLN C 295 69.96 -22.51 24.55
C GLN C 295 69.69 -23.10 25.92
N SER C 296 69.85 -22.29 26.97
CA SER C 296 69.62 -22.77 28.33
C SER C 296 68.17 -23.20 28.53
N ILE C 297 67.23 -22.37 28.07
CA ILE C 297 65.82 -22.71 28.23
C ILE C 297 65.44 -23.90 27.36
N ARG C 298 66.04 -24.00 26.16
CA ARG C 298 65.79 -25.15 25.30
C ARG C 298 66.24 -26.44 25.98
N GLN C 299 67.44 -26.42 26.56
CA GLN C 299 67.94 -27.60 27.26
C GLN C 299 67.10 -27.91 28.49
N GLU C 300 66.67 -26.88 29.23
CA GLU C 300 65.88 -27.10 30.43
C GLU C 300 64.53 -27.72 30.10
N MET C 301 63.87 -27.23 29.04
CA MET C 301 62.56 -27.74 28.67
C MET C 301 62.62 -28.97 27.78
N GLU C 302 63.81 -29.36 27.31
CA GLU C 302 63.94 -30.61 26.58
C GLU C 302 63.59 -31.80 27.46
N ALA C 303 64.04 -31.79 28.71
CA ALA C 303 63.72 -32.81 29.70
C ALA C 303 62.72 -32.19 30.67
N TYR C 304 61.44 -32.29 30.35
CA TYR C 304 60.37 -31.69 31.13
C TYR C 304 59.34 -32.75 31.51
N THR C 305 58.88 -32.69 32.75
CA THR C 305 57.85 -33.59 33.24
C THR C 305 56.73 -32.79 33.90
N PRO C 306 55.47 -33.20 33.71
CA PRO C 306 54.37 -32.49 34.36
C PRO C 306 54.44 -32.60 35.87
N LYS C 307 53.96 -31.56 36.54
CA LYS C 307 53.90 -31.51 38.00
C LYS C 307 52.50 -31.17 38.44
N LEU C 308 52.17 -31.61 39.66
CA LEU C 308 50.85 -31.36 40.24
C LEU C 308 50.92 -30.53 41.51
N THR C 309 51.72 -30.95 42.49
CA THR C 309 51.78 -30.23 43.76
C THR C 309 52.47 -28.87 43.61
N GLN C 310 53.53 -28.82 42.80
CA GLN C 310 54.32 -27.59 42.67
C GLN C 310 53.59 -26.48 41.93
N VAL C 311 52.46 -26.78 41.29
CA VAL C 311 51.77 -25.77 40.49
C VAL C 311 51.18 -24.69 41.40
N LEU C 312 50.52 -25.10 42.47
CA LEU C 312 49.86 -24.16 43.38
C LEU C 312 50.14 -24.55 44.83
N SER C 313 50.00 -23.58 45.71
CA SER C 313 50.15 -23.77 47.14
C SER C 313 48.99 -23.12 47.87
N SER C 314 48.73 -23.59 49.08
CA SER C 314 47.60 -23.07 49.86
C SER C 314 47.80 -21.59 50.17
N SER C 315 49.01 -21.19 50.54
CA SER C 315 49.26 -19.78 50.85
C SER C 315 49.06 -18.90 49.62
N ALA C 316 49.53 -19.35 48.46
CA ALA C 316 49.36 -18.57 47.24
C ALA C 316 47.89 -18.44 46.87
N ALA C 317 47.13 -19.53 47.00
CA ALA C 317 45.70 -19.49 46.70
C ALA C 317 44.97 -18.55 47.66
N SER C 318 45.32 -18.62 48.95
CA SER C 318 44.69 -17.72 49.92
C SER C 318 45.01 -16.26 49.62
N SER C 319 46.26 -15.97 49.28
CA SER C 319 46.65 -14.61 48.95
C SER C 319 45.91 -14.12 47.71
N THR C 320 45.78 -14.98 46.69
CA THR C 320 45.06 -14.59 45.48
C THR C 320 43.59 -14.32 45.78
N ILE C 321 42.97 -15.18 46.60
CA ILE C 321 41.57 -14.98 46.96
C ILE C 321 41.40 -13.68 47.72
N THR C 322 42.30 -13.40 48.67
CA THR C 322 42.22 -12.16 49.42
C THR C 322 42.37 -10.95 48.50
N ALA C 323 43.32 -11.02 47.55
CA ALA C 323 43.48 -9.93 46.58
C ALA C 323 42.23 -9.79 45.71
N LEU C 324 41.66 -10.92 45.28
CA LEU C 324 40.45 -10.89 44.46
C LEU C 324 39.19 -10.71 45.29
N SER C 325 39.28 -10.79 46.61
CA SER C 325 38.12 -10.50 47.45
C SER C 325 37.79 -9.01 47.38
N PRO C 326 36.54 -8.64 47.63
CA PRO C 326 36.17 -7.21 47.61
C PRO C 326 37.01 -6.41 48.61
N GLY C 327 37.39 -5.21 48.19
CA GLY C 327 38.28 -4.38 48.96
C GLY C 327 39.75 -4.70 48.81
N GLY C 328 40.12 -5.61 47.92
CA GLY C 328 41.51 -5.97 47.71
C GLY C 328 42.19 -5.03 46.74
N ALA C 329 43.43 -5.39 46.40
CA ALA C 329 44.22 -4.58 45.47
C ALA C 329 43.56 -4.53 44.09
N LEU C 330 43.24 -5.69 43.53
CA LEU C 330 42.57 -5.75 42.24
C LEU C 330 41.08 -5.45 42.35
N MET C 331 40.52 -5.52 43.56
CA MET C 331 39.10 -5.28 43.80
C MET C 331 38.88 -4.09 44.74
N GLN C 332 39.60 -2.99 44.50
CA GLN C 332 39.43 -1.78 45.29
C GLN C 332 37.98 -1.31 45.24
N GLY C 333 37.32 -1.34 46.39
CA GLY C 333 35.90 -1.04 46.46
C GLY C 333 35.57 0.41 46.71
N GLY C 334 36.59 1.25 46.90
CA GLY C 334 36.35 2.66 47.11
C GLY C 334 35.80 3.35 45.87
N THR C 335 36.65 3.52 44.87
CA THR C 335 36.28 4.07 43.56
C THR C 335 35.37 5.29 43.70
N GLN C 336 35.80 6.22 44.56
CA GLN C 336 35.02 7.41 44.88
C GLN C 336 33.64 7.02 45.42
N GLN C 337 33.66 6.41 46.61
CA GLN C 337 32.45 5.81 47.17
C GLN C 337 31.33 6.83 47.34
N ALA C 338 31.65 8.01 47.88
CA ALA C 338 30.66 9.04 48.14
C ALA C 338 31.04 10.35 47.48
N ILE C 339 31.56 10.28 46.25
CA ILE C 339 32.00 11.48 45.54
C ILE C 339 30.83 12.41 45.27
N ASN C 340 29.62 11.84 45.09
CA ASN C 340 28.44 12.68 44.90
C ASN C 340 28.12 13.50 46.14
N GLN C 341 28.44 12.97 47.33
CA GLN C 341 28.22 13.68 48.57
C GLN C 341 29.49 14.26 49.18
N MET C 342 30.66 13.75 48.81
CA MET C 342 31.91 14.36 49.23
C MET C 342 32.09 15.69 48.54
N VAL C 343 32.99 16.51 49.08
CA VAL C 343 33.30 17.87 48.62
C VAL C 343 32.00 18.59 48.28
N PRO C 344 31.24 19.07 49.30
CA PRO C 344 29.87 19.56 49.08
C PRO C 344 29.69 20.51 47.91
N ASN C 345 28.45 20.59 47.42
CA ASN C 345 28.16 21.30 46.18
C ASN C 345 28.53 22.78 46.24
N ASP C 346 28.62 23.36 47.44
CA ASP C 346 29.10 24.74 47.54
C ASP C 346 30.52 24.85 47.01
N ILE C 347 31.38 23.91 47.38
CA ILE C 347 32.72 23.87 46.80
C ILE C 347 32.67 23.45 45.34
N GLN C 348 31.73 22.55 45.00
CA GLN C 348 31.65 22.05 43.63
C GLN C 348 31.30 23.17 42.65
N SER C 349 30.42 24.10 43.05
CA SER C 349 30.11 25.22 42.17
C SER C 349 31.34 26.09 41.92
N GLU C 350 32.12 26.35 42.98
CA GLU C 350 33.36 27.11 42.80
C GLU C 350 34.34 26.35 41.91
N LEU C 351 34.42 25.02 42.08
CA LEU C 351 35.30 24.23 41.24
C LEU C 351 34.88 24.29 39.78
N LYS C 352 33.57 24.24 39.52
CA LYS C 352 33.08 24.36 38.15
C LYS C 352 33.39 25.73 37.57
N HIS C 353 33.23 26.79 38.38
CA HIS C 353 33.57 28.13 37.91
C HIS C 353 35.05 28.24 37.58
N LEU C 354 35.91 27.68 38.42
CA LEU C 354 37.34 27.69 38.14
C LEU C 354 37.67 26.88 36.89
N TYR C 355 36.99 25.75 36.70
CA TYR C 355 37.18 24.96 35.49
C TYR C 355 36.79 25.74 34.25
N VAL C 356 35.67 26.46 34.31
CA VAL C 356 35.24 27.26 33.17
C VAL C 356 36.24 28.37 32.88
N ALA C 357 36.73 29.03 33.93
CA ALA C 357 37.71 30.10 33.75
C ALA C 357 38.99 29.56 33.11
N VAL C 358 39.49 28.43 33.62
CA VAL C 358 40.70 27.83 33.07
C VAL C 358 40.48 27.41 31.63
N GLY C 359 39.32 26.83 31.34
CA GLY C 359 39.03 26.43 29.97
C GLY C 359 38.99 27.61 29.02
N GLU C 360 38.37 28.72 29.44
CA GLU C 360 38.32 29.90 28.58
C GLU C 360 39.70 30.49 28.36
N LEU C 361 40.49 30.60 29.43
CA LEU C 361 41.84 31.16 29.30
C LEU C 361 42.72 30.30 28.41
N LEU C 362 42.66 28.98 28.59
CA LEU C 362 43.46 28.08 27.77
C LEU C 362 42.94 28.05 26.33
N ARG C 363 41.63 28.23 26.13
CA ARG C 363 41.11 28.35 24.77
C ARG C 363 41.68 29.57 24.08
N HIS C 364 41.73 30.70 24.79
CA HIS C 364 42.37 31.88 24.23
C HIS C 364 43.84 31.64 23.93
N PHE C 365 44.54 30.97 24.85
CA PHE C 365 45.96 30.68 24.66
C PHE C 365 46.18 29.82 23.42
N TRP C 366 45.40 28.75 23.26
CA TRP C 366 45.59 27.85 22.13
C TRP C 366 45.10 28.48 20.84
N SER C 367 44.13 29.40 20.89
CA SER C 367 43.76 30.15 19.70
C SER C 367 44.89 31.08 19.28
N CYS C 368 45.57 31.71 20.25
CA CYS C 368 46.75 32.50 19.92
C CYS C 368 47.85 31.64 19.32
N PHE C 369 48.07 30.46 19.88
CA PHE C 369 49.06 29.55 19.33
C PHE C 369 48.58 28.97 17.99
N PRO C 370 49.47 28.77 17.02
CA PRO C 370 50.89 29.16 17.08
C PRO C 370 51.10 30.64 16.82
N VAL C 371 52.20 31.19 17.30
CA VAL C 371 52.51 32.60 17.12
C VAL C 371 53.24 32.77 15.80
N ASN C 372 52.54 33.28 14.79
CA ASN C 372 53.12 33.53 13.47
C ASN C 372 53.40 34.99 13.20
N THR C 373 52.93 35.89 14.06
CA THR C 373 53.13 37.32 13.91
C THR C 373 53.69 37.91 15.19
N PRO C 374 54.47 39.00 15.09
CA PRO C 374 55.00 39.62 16.31
C PRO C 374 53.93 40.18 17.24
N PHE C 375 52.74 40.47 16.71
CA PHE C 375 51.65 40.98 17.56
C PHE C 375 51.24 39.94 18.59
N LEU C 376 51.16 38.66 18.18
CA LEU C 376 50.73 37.62 19.09
C LEU C 376 51.78 37.30 20.15
N GLU C 377 53.02 37.75 19.96
CA GLU C 377 54.07 37.46 20.93
C GLU C 377 53.76 38.07 22.29
N GLU C 378 53.32 39.33 22.30
CA GLU C 378 52.97 39.97 23.57
C GLU C 378 51.65 39.47 24.12
N LYS C 379 50.73 39.07 23.25
CA LYS C 379 49.43 38.59 23.73
C LYS C 379 49.57 37.30 24.53
N VAL C 380 50.46 36.41 24.11
CA VAL C 380 50.68 35.17 24.84
C VAL C 380 51.30 35.46 26.21
N VAL C 381 52.20 36.45 26.27
CA VAL C 381 52.77 36.84 27.56
C VAL C 381 51.69 37.36 28.49
N LYS C 382 50.78 38.19 27.96
CA LYS C 382 49.67 38.69 28.77
C LYS C 382 48.77 37.55 29.22
N MET C 383 48.53 36.58 28.35
CA MET C 383 47.72 35.42 28.74
C MET C 383 48.40 34.62 29.85
N LYS C 384 49.71 34.44 29.76
CA LYS C 384 50.44 33.75 30.81
C LYS C 384 50.37 34.50 32.13
N SER C 385 50.51 35.83 32.07
CA SER C 385 50.40 36.64 33.29
C SER C 385 49.01 36.54 33.89
N ASN C 386 47.98 36.55 33.05
CA ASN C 386 46.61 36.38 33.54
C ASN C 386 46.41 35.02 34.16
N LEU C 387 46.97 33.98 33.55
CA LEU C 387 46.88 32.63 34.12
C LEU C 387 47.55 32.57 35.48
N GLU C 388 48.74 33.16 35.61
CA GLU C 388 49.42 33.15 36.90
C GLU C 388 48.65 33.93 37.95
N ARG C 389 48.10 35.08 37.58
CA ARG C 389 47.30 35.87 38.53
C ARG C 389 46.06 35.10 38.97
N PHE C 390 45.38 34.46 38.02
CA PHE C 390 44.21 33.66 38.36
C PHE C 390 44.58 32.51 39.29
N GLN C 391 45.70 31.84 39.01
CA GLN C 391 46.15 30.76 39.87
C GLN C 391 46.39 31.26 41.29
N VAL C 392 47.18 32.32 41.43
CA VAL C 392 47.49 32.85 42.76
C VAL C 392 46.22 33.30 43.48
N THR C 393 45.28 33.90 42.73
CA THR C 393 44.09 34.46 43.36
C THR C 393 43.12 33.36 43.81
N LYS C 394 42.99 32.29 43.04
CA LYS C 394 41.95 31.31 43.28
C LYS C 394 42.47 29.97 43.81
N LEU C 395 43.43 29.37 43.12
CA LEU C 395 43.84 28.00 43.46
C LEU C 395 44.45 27.92 44.85
N CYS C 396 45.31 28.88 45.19
CA CYS C 396 45.93 28.86 46.51
C CYS C 396 44.91 28.97 47.64
N PRO C 397 43.97 29.92 47.62
CA PRO C 397 42.88 29.85 48.62
C PRO C 397 42.06 28.58 48.52
N PHE C 398 41.86 28.07 47.30
CA PHE C 398 41.13 26.81 47.15
C PHE C 398 41.90 25.66 47.78
N GLN C 399 43.21 25.60 47.57
CA GLN C 399 44.03 24.57 48.20
C GLN C 399 44.01 24.71 49.72
N GLU C 400 44.06 25.95 50.22
CA GLU C 400 44.00 26.16 51.66
C GLU C 400 42.67 25.69 52.23
N LYS C 401 41.56 25.98 51.54
CA LYS C 401 40.26 25.52 51.99
C LYS C 401 40.16 24.00 51.97
N ILE C 402 40.71 23.37 50.93
CA ILE C 402 40.71 21.91 50.86
C ILE C 402 41.50 21.32 52.01
N ARG C 403 42.67 21.89 52.30
CA ARG C 403 43.50 21.41 53.41
C ARG C 403 42.77 21.60 54.75
N ARG C 404 42.08 22.73 54.91
CA ARG C 404 41.34 22.96 56.14
C ARG C 404 40.21 21.94 56.31
N GLN C 405 39.50 21.64 55.22
CA GLN C 405 38.43 20.66 55.28
C GLN C 405 38.92 19.23 55.06
N TYR C 406 40.18 19.06 54.64
CA TYR C 406 40.81 17.74 54.49
C TYR C 406 40.02 16.85 53.53
N LEU C 407 39.96 17.28 52.27
CA LEU C 407 39.36 16.47 51.22
C LEU C 407 40.43 15.61 50.57
N SER C 408 40.16 14.29 50.52
CA SER C 408 41.12 13.35 49.93
C SER C 408 41.10 13.38 48.41
N THR C 409 40.08 13.97 47.79
CA THR C 409 40.01 14.03 46.34
C THR C 409 41.06 14.97 45.78
N ASN C 410 41.71 14.55 44.70
CA ASN C 410 42.76 15.34 44.05
C ASN C 410 42.14 16.22 42.95
N LEU C 411 41.22 17.09 43.37
CA LEU C 411 40.58 18.01 42.44
C LEU C 411 41.59 18.99 41.85
N VAL C 412 42.52 19.48 42.67
CA VAL C 412 43.52 20.43 42.21
C VAL C 412 44.49 19.80 41.22
N SER C 413 44.61 18.47 41.23
CA SER C 413 45.61 17.80 40.40
C SER C 413 45.38 18.06 38.92
N HIS C 414 44.12 18.00 38.47
CA HIS C 414 43.84 18.23 37.06
C HIS C 414 44.17 19.66 36.63
N ILE C 415 43.79 20.64 37.45
CA ILE C 415 44.09 22.04 37.13
C ILE C 415 45.59 22.27 37.13
N GLU C 416 46.30 21.71 38.11
CA GLU C 416 47.76 21.84 38.15
C GLU C 416 48.40 21.21 36.92
N GLU C 417 47.91 20.04 36.50
CA GLU C 417 48.45 19.41 35.31
C GLU C 417 48.22 20.26 34.07
N MET C 418 47.02 20.82 33.92
CA MET C 418 46.74 21.66 32.77
C MET C 418 47.62 22.90 32.75
N LEU C 419 47.77 23.56 33.91
CA LEU C 419 48.60 24.75 33.98
C LEU C 419 50.06 24.41 33.70
N GLN C 420 50.55 23.30 34.25
CA GLN C 420 51.94 22.90 34.01
C GLN C 420 52.17 22.56 32.54
N THR C 421 51.20 21.90 31.90
CA THR C 421 51.32 21.60 30.48
C THR C 421 51.37 22.88 29.65
N ALA C 422 50.50 23.85 29.96
CA ALA C 422 50.51 25.11 29.24
C ALA C 422 51.83 25.85 29.44
N TYR C 423 52.33 25.89 30.67
CA TYR C 423 53.59 26.56 30.94
C TYR C 423 54.75 25.89 30.24
N ASN C 424 54.77 24.55 30.24
CA ASN C 424 55.83 23.82 29.54
C ASN C 424 55.78 24.07 28.04
N LYS C 425 54.58 24.08 27.46
CA LYS C 425 54.45 24.36 26.03
C LYS C 425 54.95 25.76 25.71
N LEU C 426 54.57 26.75 26.53
CA LEU C 426 55.03 28.11 26.29
C LEU C 426 56.54 28.22 26.43
N HIS C 427 57.11 27.57 27.44
CA HIS C 427 58.57 27.61 27.62
C HIS C 427 59.28 26.95 26.44
N THR C 428 58.76 25.81 25.96
CA THR C 428 59.35 25.15 24.82
C THR C 428 59.29 26.03 23.57
N TRP C 429 58.15 26.68 23.34
CA TRP C 429 58.02 27.55 22.19
C TRP C 429 58.97 28.74 22.29
N GLN C 430 59.11 29.32 23.47
CA GLN C 430 60.05 30.42 23.66
C GLN C 430 61.48 29.97 23.42
N SER C 431 61.83 28.78 23.90
CA SER C 431 63.17 28.25 23.67
C SER C 431 63.43 28.02 22.18
N ARG C 432 62.44 27.48 21.46
CA ARG C 432 62.57 27.29 20.03
C ARG C 432 62.73 28.63 19.31
N ARG C 433 61.97 29.64 19.74
CA ARG C 433 62.10 30.97 19.15
C ARG C 433 63.50 31.53 19.38
N LEU C 434 64.04 31.34 20.59
CA LEU C 434 65.41 31.77 20.85
C LEU C 434 66.40 30.97 20.01
N MET C 435 66.17 29.66 19.86
CA MET C 435 67.07 28.84 19.05
C MET C 435 67.04 29.25 17.59
N LYS C 436 65.87 29.61 17.07
CA LYS C 436 65.77 30.03 15.67
C LYS C 436 66.57 31.30 15.41
N LYS C 437 66.75 32.14 16.43
CA LYS C 437 67.55 33.35 16.29
C LYS C 437 69.04 33.10 16.41
N THR C 438 69.45 31.90 16.79
CA THR C 438 70.86 31.58 16.93
C THR C 438 71.47 31.17 15.59
N ARG D 1 12.65 -39.97 39.48
CA ARG D 1 13.62 -39.29 40.34
C ARG D 1 14.97 -39.19 39.65
N ASN D 2 15.77 -38.22 40.09
CA ASN D 2 17.10 -37.98 39.55
C ASN D 2 18.16 -38.44 40.55
N LEU D 3 19.43 -38.27 40.16
CA LEU D 3 20.53 -38.70 41.01
C LEU D 3 20.59 -37.91 42.31
N GLN D 4 20.35 -36.60 42.24
CA GLN D 4 20.45 -35.77 43.43
C GLN D 4 19.41 -36.17 44.47
N GLU D 5 18.18 -36.46 44.04
CA GLU D 5 17.15 -36.89 44.97
C GLU D 5 17.52 -38.21 45.65
N PHE D 6 18.06 -39.16 44.87
CA PHE D 6 18.47 -40.43 45.45
C PHE D 6 19.62 -40.26 46.44
N LEU D 7 20.58 -39.40 46.11
CA LEU D 7 21.71 -39.19 47.00
C LEU D 7 21.34 -38.37 48.23
N GLY D 8 20.26 -37.59 48.17
CA GLY D 8 19.87 -36.79 49.31
C GLY D 8 19.44 -37.63 50.50
N GLY D 9 18.76 -38.74 50.24
CA GLY D 9 18.26 -39.60 51.30
C GLY D 9 19.26 -40.59 51.87
N LEU D 10 20.49 -40.60 51.38
CA LEU D 10 21.49 -41.54 51.87
C LEU D 10 22.13 -41.02 53.15
N SER D 11 22.59 -41.96 53.98
CA SER D 11 23.24 -41.60 55.22
C SER D 11 24.61 -40.97 54.96
N PRO D 12 25.11 -40.15 55.89
CA PRO D 12 26.43 -39.53 55.66
C PRO D 12 27.56 -40.53 55.46
N GLY D 13 27.50 -41.68 56.15
CA GLY D 13 28.53 -42.69 55.95
C GLY D 13 28.57 -43.24 54.54
N VAL D 14 27.39 -43.51 53.98
CA VAL D 14 27.31 -44.00 52.60
C VAL D 14 27.86 -42.96 51.63
N LEU D 15 27.51 -41.69 51.85
CA LEU D 15 28.01 -40.63 50.98
C LEU D 15 29.53 -40.51 51.08
N ASP D 16 30.07 -40.62 52.29
CA ASP D 16 31.53 -40.56 52.45
C ASP D 16 32.20 -41.74 51.77
N ARG D 17 31.61 -42.94 51.88
CA ARG D 17 32.18 -44.10 51.20
C ARG D 17 32.12 -43.94 49.68
N LEU D 18 31.06 -43.30 49.18
CA LEU D 18 30.96 -43.06 47.74
C LEU D 18 32.07 -42.15 47.26
N TYR D 19 32.44 -41.15 48.06
CA TYR D 19 33.49 -40.20 47.69
C TYR D 19 34.87 -40.83 47.67
N GLY D 20 35.02 -42.06 48.17
CA GLY D 20 36.30 -42.73 48.14
C GLY D 20 36.76 -43.15 46.76
N HIS D 21 35.88 -43.10 45.77
CA HIS D 21 36.24 -43.43 44.39
C HIS D 21 36.29 -42.17 43.55
N PRO D 22 37.39 -41.89 42.86
CA PRO D 22 37.47 -40.66 42.06
C PRO D 22 36.41 -40.56 40.99
N ALA D 23 35.99 -41.68 40.41
CA ALA D 23 34.97 -41.64 39.36
C ALA D 23 33.64 -41.11 39.90
N THR D 24 33.27 -41.53 41.11
CA THR D 24 32.03 -41.04 41.71
C THR D 24 32.08 -39.53 41.94
N CYS D 25 33.22 -39.03 42.42
CA CYS D 25 33.35 -37.60 42.70
C CYS D 25 33.18 -36.77 41.43
N LEU D 26 33.75 -37.24 40.32
CA LEU D 26 33.62 -36.51 39.06
C LEU D 26 32.16 -36.47 38.61
N ALA D 27 31.45 -37.59 38.73
CA ALA D 27 30.03 -37.61 38.37
C ALA D 27 29.22 -36.67 39.25
N VAL D 28 29.49 -36.67 40.54
CA VAL D 28 28.78 -35.76 41.45
C VAL D 28 29.07 -34.32 41.09
N PHE D 29 30.32 -34.00 40.78
CA PHE D 29 30.69 -32.64 40.41
C PHE D 29 29.99 -32.22 39.13
N ARG D 30 29.91 -33.11 38.14
CA ARG D 30 29.23 -32.77 36.90
C ARG D 30 27.73 -32.63 37.10
N GLU D 31 27.16 -33.37 38.06
CA GLU D 31 25.74 -33.22 38.36
C GLU D 31 25.43 -31.92 39.10
N LEU D 32 26.44 -31.20 39.59
CA LEU D 32 26.21 -29.96 40.28
C LEU D 32 25.77 -28.86 39.32
N PRO D 33 25.08 -27.84 39.81
CA PRO D 33 24.73 -26.70 38.96
C PRO D 33 25.97 -25.93 38.54
N SER D 34 25.75 -24.98 37.62
CA SER D 34 26.87 -24.20 37.09
C SER D 34 27.56 -23.38 38.19
N LEU D 35 26.76 -22.77 39.07
CA LEU D 35 27.35 -21.95 40.13
C LEU D 35 28.11 -22.80 41.14
N ALA D 36 27.61 -24.00 41.44
CA ALA D 36 28.28 -24.86 42.40
C ALA D 36 29.65 -25.31 41.89
N LYS D 37 29.78 -25.56 40.59
CA LYS D 37 31.04 -26.02 40.03
C LYS D 37 32.14 -24.99 40.23
N ASN D 38 31.82 -23.71 40.03
CA ASN D 38 32.82 -22.66 40.24
C ASN D 38 33.27 -22.62 41.70
N TRP D 39 32.33 -22.76 42.63
CA TRP D 39 32.69 -22.78 44.05
C TRP D 39 33.58 -23.97 44.37
N VAL D 40 33.27 -25.14 43.81
CA VAL D 40 34.08 -26.32 44.06
C VAL D 40 35.50 -26.13 43.51
N MET D 41 35.60 -25.56 42.30
CA MET D 41 36.91 -25.34 41.71
C MET D 41 37.72 -24.33 42.51
N ARG D 42 37.08 -23.26 42.98
CA ARG D 42 37.78 -22.24 43.75
C ARG D 42 38.29 -22.82 45.08
N MET D 43 37.49 -23.66 45.72
CA MET D 43 37.85 -24.25 47.00
C MET D 43 38.65 -25.54 46.87
N LEU D 44 38.99 -25.94 45.65
CA LEU D 44 39.71 -27.19 45.45
C LEU D 44 41.10 -27.13 46.07
N PHE D 45 41.80 -26.01 45.92
CA PHE D 45 43.17 -25.86 46.38
C PHE D 45 43.26 -25.04 47.67
N LEU D 46 42.29 -25.18 48.56
CA LEU D 46 42.26 -24.45 49.82
C LEU D 46 42.39 -25.43 50.99
N GLU D 47 43.38 -25.20 51.84
CA GLU D 47 43.59 -26.01 53.04
C GLU D 47 42.96 -25.40 54.28
N GLN D 48 42.28 -24.26 54.16
CA GLN D 48 41.66 -23.60 55.29
C GLN D 48 40.22 -23.24 54.94
N PRO D 49 39.33 -23.28 55.93
CA PRO D 49 37.93 -22.89 55.67
C PRO D 49 37.80 -21.40 55.42
N LEU D 50 36.72 -21.03 54.72
CA LEU D 50 36.43 -19.65 54.42
C LEU D 50 35.15 -19.21 55.10
N PRO D 51 35.05 -17.94 55.48
CA PRO D 51 33.82 -17.46 56.14
C PRO D 51 32.62 -17.57 55.22
N GLN D 52 31.45 -17.80 55.83
CA GLN D 52 30.21 -17.92 55.06
C GLN D 52 29.88 -16.61 54.34
N ALA D 53 30.10 -15.48 55.01
CA ALA D 53 29.83 -14.18 54.38
C ALA D 53 30.73 -13.96 53.17
N ALA D 54 32.00 -14.36 53.26
CA ALA D 54 32.91 -14.20 52.13
C ALA D 54 32.44 -14.99 50.93
N VAL D 55 31.97 -16.23 51.14
CA VAL D 55 31.42 -17.02 50.05
C VAL D 55 30.16 -16.36 49.50
N ALA D 56 29.30 -15.84 50.40
CA ALA D 56 28.06 -15.22 49.97
C ALA D 56 28.29 -13.94 49.18
N LEU D 57 29.43 -13.28 49.37
CA LEU D 57 29.72 -12.05 48.65
C LEU D 57 30.18 -12.28 47.21
N TRP D 58 30.48 -13.52 46.84
CA TRP D 58 30.93 -13.80 45.48
C TRP D 58 29.82 -13.55 44.46
N VAL D 59 28.59 -13.94 44.79
CA VAL D 59 27.46 -13.80 43.89
C VAL D 59 26.75 -12.49 44.20
N LYS D 60 26.22 -11.86 43.14
CA LYS D 60 25.54 -10.59 43.30
C LYS D 60 24.23 -10.76 44.06
N LYS D 61 23.70 -9.63 44.54
CA LYS D 61 22.49 -9.66 45.35
C LYS D 61 21.29 -10.15 44.56
N GLU D 62 21.21 -9.77 43.28
CA GLU D 62 20.06 -10.16 42.47
C GLU D 62 19.98 -11.68 42.30
N PHE D 63 21.13 -12.34 42.14
CA PHE D 63 21.17 -13.79 41.98
C PHE D 63 21.41 -14.52 43.30
N SER D 64 20.96 -13.94 44.43
CA SER D 64 21.15 -14.58 45.72
C SER D 64 20.35 -15.88 45.84
N LYS D 65 19.23 -15.97 45.11
CA LYS D 65 18.43 -17.19 45.17
C LYS D 65 19.20 -18.39 44.62
N ALA D 66 19.91 -18.20 43.51
CA ALA D 66 20.74 -19.28 42.96
C ALA D 66 21.85 -19.65 43.92
N GLN D 67 22.46 -18.66 44.57
CA GLN D 67 23.51 -18.94 45.54
C GLN D 67 22.96 -19.76 46.70
N GLU D 68 21.79 -19.40 47.21
CA GLU D 68 21.18 -20.14 48.31
C GLU D 68 20.85 -21.56 47.89
N GLU D 69 20.30 -21.73 46.68
CA GLU D 69 19.99 -23.08 46.19
C GLU D 69 21.24 -23.93 46.06
N SER D 70 22.31 -23.35 45.51
CA SER D 70 23.56 -24.08 45.36
C SER D 70 24.15 -24.47 46.71
N THR D 71 24.12 -23.52 47.67
CA THR D 71 24.64 -23.83 49.00
C THR D 71 23.83 -24.93 49.68
N GLY D 72 22.50 -24.87 49.55
CA GLY D 72 21.67 -25.91 50.13
C GLY D 72 21.92 -27.27 49.49
N LEU D 73 22.07 -27.30 48.17
CA LEU D 73 22.35 -28.57 47.49
C LEU D 73 23.70 -29.13 47.91
N LEU D 74 24.72 -28.27 48.02
CA LEU D 74 26.03 -28.73 48.46
C LEU D 74 25.99 -29.26 49.89
N SER D 75 25.25 -28.57 50.77
CA SER D 75 25.11 -29.04 52.15
C SER D 75 24.38 -30.38 52.20
N GLY D 76 23.33 -30.54 51.39
CA GLY D 76 22.62 -31.80 51.36
C GLY D 76 23.47 -32.95 50.84
N LEU D 77 24.26 -32.68 49.81
CA LEU D 77 25.18 -33.70 49.28
C LEU D 77 26.40 -33.89 50.17
N ARG D 78 26.58 -33.05 51.18
CA ARG D 78 27.71 -33.15 52.12
C ARG D 78 29.05 -33.05 51.42
N ILE D 79 29.10 -32.29 50.32
CA ILE D 79 30.37 -32.04 49.65
C ILE D 79 31.30 -31.23 50.55
N TRP D 80 30.75 -30.22 51.22
CA TRP D 80 31.50 -29.44 52.19
C TRP D 80 30.78 -29.48 53.54
N HIS D 81 31.55 -29.24 54.60
CA HIS D 81 31.03 -29.24 55.96
C HIS D 81 31.46 -27.95 56.66
N THR D 82 30.52 -27.35 57.39
CA THR D 82 30.81 -26.11 58.10
C THR D 82 31.83 -26.36 59.21
N GLN D 83 32.81 -25.48 59.30
CA GLN D 83 33.88 -25.59 60.30
C GLN D 83 33.76 -24.44 61.29
N LEU D 84 33.95 -24.75 62.57
CA LEU D 84 33.86 -23.75 63.62
C LEU D 84 35.09 -22.86 63.62
N LEU D 85 35.05 -21.78 62.84
CA LEU D 85 36.16 -20.85 62.79
C LEU D 85 36.35 -20.17 64.15
N PRO D 86 37.59 -20.01 64.60
CA PRO D 86 37.82 -19.39 65.90
C PRO D 86 37.25 -17.97 65.98
N GLY D 87 36.73 -17.62 67.14
CA GLY D 87 36.09 -16.34 67.34
C GLY D 87 34.59 -16.31 67.09
N GLY D 88 33.94 -17.46 67.03
CA GLY D 88 32.52 -17.54 66.79
C GLY D 88 32.12 -17.56 65.33
N LEU D 89 33.06 -17.42 64.41
CA LEU D 89 32.75 -17.44 62.99
C LEU D 89 32.56 -18.87 62.50
N GLN D 90 31.93 -19.00 61.33
CA GLN D 90 31.70 -20.27 60.69
C GLN D 90 32.51 -20.35 59.41
N GLY D 91 33.29 -21.42 59.27
CA GLY D 91 34.14 -21.62 58.10
C GLY D 91 33.60 -22.73 57.23
N LEU D 92 33.79 -22.59 55.91
CA LEU D 92 33.33 -23.57 54.93
C LEU D 92 34.55 -24.23 54.29
N ILE D 93 34.63 -25.55 54.40
CA ILE D 93 35.73 -26.32 53.84
C ILE D 93 35.17 -27.60 53.21
N LEU D 94 35.70 -27.95 52.04
CA LEU D 94 35.25 -29.15 51.35
C LEU D 94 35.67 -30.40 52.13
N ASN D 95 34.98 -31.50 51.85
CA ASN D 95 35.30 -32.76 52.49
C ASN D 95 36.69 -33.21 52.07
N PRO D 96 37.59 -33.51 53.03
CA PRO D 96 38.97 -33.87 52.64
C PRO D 96 39.04 -35.09 51.74
N ILE D 97 38.22 -36.10 51.99
CA ILE D 97 38.23 -37.30 51.14
C ILE D 97 37.73 -36.96 49.75
N PHE D 98 36.61 -36.23 49.66
CA PHE D 98 36.08 -35.84 48.36
C PHE D 98 37.05 -34.94 47.61
N ARG D 99 37.66 -33.98 48.31
CA ARG D 99 38.62 -33.10 47.67
C ARG D 99 39.83 -33.87 47.17
N GLN D 100 40.35 -34.79 47.98
CA GLN D 100 41.50 -35.58 47.56
C GLN D 100 41.18 -36.44 46.34
N ASN D 101 40.01 -37.08 46.35
CA ASN D 101 39.64 -37.92 45.21
C ASN D 101 39.41 -37.08 43.95
N LEU D 102 38.82 -35.89 44.11
CA LEU D 102 38.63 -35.01 42.95
C LEU D 102 39.96 -34.55 42.38
N ARG D 103 40.91 -34.21 43.26
CA ARG D 103 42.23 -33.83 42.78
C ARG D 103 42.93 -34.99 42.09
N ILE D 104 42.78 -36.21 42.62
CA ILE D 104 43.36 -37.38 41.99
C ILE D 104 42.76 -37.60 40.60
N ALA D 105 41.44 -37.45 40.50
CA ALA D 105 40.78 -37.63 39.20
C ALA D 105 41.21 -36.55 38.21
N LEU D 106 41.35 -35.31 38.67
CA LEU D 106 41.71 -34.22 37.77
C LEU D 106 43.22 -34.14 37.55
N LEU D 107 43.97 -33.90 38.62
CA LEU D 107 45.42 -33.71 38.49
C LEU D 107 46.13 -35.02 38.18
N GLY D 108 45.79 -36.07 38.93
CA GLY D 108 46.45 -37.36 38.79
C GLY D 108 46.97 -37.86 40.12
N GLY D 109 47.46 -39.10 40.09
CA GLY D 109 48.00 -39.73 41.28
C GLY D 109 47.29 -41.03 41.63
N GLY D 110 47.91 -41.83 42.49
CA GLY D 110 47.33 -43.09 42.89
C GLY D 110 47.36 -44.12 41.76
N LYS D 111 46.59 -45.18 41.97
CA LYS D 111 46.49 -46.25 40.99
C LYS D 111 45.34 -45.98 40.02
N ALA D 112 45.42 -46.63 38.87
CA ALA D 112 44.38 -46.47 37.85
C ALA D 112 43.10 -47.15 38.28
N TRP D 113 41.99 -46.72 37.67
CA TRP D 113 40.69 -47.30 37.99
C TRP D 113 40.65 -48.78 37.62
N SER D 114 41.18 -49.14 36.47
CA SER D 114 41.27 -50.53 36.04
C SER D 114 42.65 -51.09 36.37
N ASP D 115 42.68 -52.40 36.65
CA ASP D 115 43.92 -53.07 37.02
C ASP D 115 44.93 -53.00 35.88
N ASP D 116 44.61 -53.64 34.75
CA ASP D 116 45.48 -53.65 33.59
C ASP D 116 44.71 -54.27 32.43
N THR D 117 45.17 -53.97 31.21
CA THR D 117 44.58 -54.52 30.00
C THR D 117 45.57 -55.21 29.07
N SER D 118 46.86 -54.91 29.17
CA SER D 118 47.86 -55.51 28.30
C SER D 118 48.47 -56.78 28.87
N GLN D 119 48.09 -57.18 30.09
CA GLN D 119 48.64 -58.40 30.68
C GLN D 119 48.23 -59.62 29.86
N LEU D 120 46.98 -59.67 29.41
CA LEU D 120 46.47 -60.78 28.62
C LEU D 120 46.62 -60.56 27.12
N GLY D 121 47.18 -59.44 26.70
CA GLY D 121 47.37 -59.14 25.30
C GLY D 121 46.07 -58.79 24.60
N PRO D 122 46.12 -58.73 23.27
CA PRO D 122 44.90 -58.40 22.51
C PRO D 122 43.85 -59.50 22.64
N ASP D 123 42.60 -59.09 22.54
CA ASP D 123 41.49 -60.04 22.63
C ASP D 123 41.41 -60.88 21.36
N LYS D 124 41.26 -62.19 21.53
CA LYS D 124 41.15 -63.09 20.38
C LYS D 124 39.85 -62.88 19.63
N HIS D 125 38.77 -62.56 20.34
CA HIS D 125 37.44 -62.38 19.75
C HIS D 125 36.93 -60.96 19.98
N ALA D 126 37.80 -59.98 19.78
CA ALA D 126 37.41 -58.59 19.96
C ALA D 126 36.44 -58.15 18.86
N ARG D 127 35.52 -57.27 19.23
CA ARG D 127 34.54 -56.71 18.30
C ARG D 127 34.86 -55.24 18.05
N ASP D 128 34.02 -54.61 17.23
CA ASP D 128 34.17 -53.21 16.85
C ASP D 128 33.04 -52.39 17.46
N VAL D 129 33.19 -51.06 17.35
CA VAL D 129 32.17 -50.15 17.89
C VAL D 129 30.81 -50.35 17.24
N PRO D 130 30.68 -50.44 15.90
CA PRO D 130 29.36 -50.72 15.33
C PRO D 130 28.76 -52.02 15.81
N SER D 131 29.57 -53.07 15.99
CA SER D 131 29.06 -54.33 16.49
C SER D 131 28.53 -54.19 17.91
N LEU D 132 29.27 -53.46 18.77
CA LEU D 132 28.81 -53.24 20.13
C LEU D 132 27.51 -52.44 20.15
N ASP D 133 27.42 -51.41 19.30
CA ASP D 133 26.19 -50.62 19.23
C ASP D 133 25.02 -51.48 18.77
N LYS D 134 25.24 -52.33 17.77
CA LYS D 134 24.18 -53.22 17.30
C LYS D 134 23.75 -54.19 18.40
N TYR D 135 24.72 -54.73 19.14
CA TYR D 135 24.39 -55.64 20.24
C TYR D 135 23.56 -54.94 21.31
N ALA D 136 23.95 -53.71 21.67
CA ALA D 136 23.22 -52.96 22.68
C ALA D 136 21.80 -52.66 22.21
N GLU D 137 21.66 -52.25 20.93
CA GLU D 137 20.33 -51.97 20.40
C GLU D 137 19.47 -53.23 20.39
N GLU D 138 20.04 -54.37 20.00
CA GLU D 138 19.28 -55.62 20.00
C GLU D 138 18.85 -56.00 21.42
N ARG D 139 19.75 -55.85 22.39
CA ARG D 139 19.39 -56.17 23.78
C ARG D 139 18.27 -55.27 24.28
N TRP D 140 18.38 -53.96 24.00
CA TRP D 140 17.35 -53.04 24.47
C TRP D 140 16.01 -53.32 23.79
N GLU D 141 16.03 -53.62 22.49
CA GLU D 141 14.80 -53.96 21.79
C GLU D 141 14.17 -55.24 22.34
N VAL D 142 15.00 -56.23 22.67
CA VAL D 142 14.48 -57.46 23.25
C VAL D 142 13.84 -57.17 24.61
N VAL D 143 14.50 -56.35 25.43
CA VAL D 143 13.95 -56.03 26.75
C VAL D 143 12.61 -55.32 26.60
N LEU D 144 12.54 -54.34 25.69
CA LEU D 144 11.30 -53.57 25.53
C LEU D 144 10.19 -54.43 24.92
N HIS D 145 10.53 -55.35 24.02
CA HIS D 145 9.53 -56.27 23.50
C HIS D 145 9.01 -57.19 24.59
N PHE D 146 9.90 -57.68 25.46
CA PHE D 146 9.44 -58.47 26.60
C PHE D 146 8.54 -57.64 27.51
N MET D 147 8.82 -56.35 27.63
CA MET D 147 7.88 -55.47 28.35
C MET D 147 6.53 -55.42 27.65
N VAL D 148 6.53 -55.35 26.32
CA VAL D 148 5.27 -55.36 25.57
C VAL D 148 4.57 -56.70 25.74
N GLY D 149 5.30 -57.80 25.64
CA GLY D 149 4.73 -59.12 25.79
C GLY D 149 4.86 -59.97 24.54
N SER D 150 5.73 -59.55 23.63
CA SER D 150 5.93 -60.32 22.41
C SER D 150 6.62 -61.64 22.72
N PRO D 151 6.10 -62.77 22.23
CA PRO D 151 6.76 -64.06 22.51
C PRO D 151 8.14 -64.20 21.90
N SER D 152 8.47 -63.37 20.90
CA SER D 152 9.78 -63.48 20.27
C SER D 152 10.91 -63.10 21.23
N ALA D 153 10.62 -62.27 22.23
CA ALA D 153 11.62 -61.82 23.19
C ALA D 153 11.42 -62.57 24.51
N ALA D 154 12.47 -63.28 24.93
CA ALA D 154 12.47 -64.01 26.19
C ALA D 154 13.67 -63.59 27.01
N VAL D 155 13.44 -63.26 28.29
CA VAL D 155 14.51 -62.82 29.17
C VAL D 155 14.58 -63.73 30.38
N SER D 156 15.54 -63.47 31.27
CA SER D 156 15.69 -64.29 32.46
C SER D 156 14.57 -64.03 33.45
N GLN D 157 14.37 -65.00 34.36
CA GLN D 157 13.27 -64.92 35.32
C GLN D 157 13.47 -63.75 36.28
N ASP D 158 14.69 -63.55 36.77
CA ASP D 158 14.94 -62.47 37.72
C ASP D 158 14.72 -61.10 37.07
N LEU D 159 15.06 -60.95 35.79
CA LEU D 159 14.79 -59.70 35.10
C LEU D 159 13.29 -59.42 35.02
N ALA D 160 12.50 -60.47 34.74
CA ALA D 160 11.04 -60.30 34.73
C ALA D 160 10.52 -59.94 36.12
N GLN D 161 11.09 -60.56 37.17
CA GLN D 161 10.68 -60.23 38.53
C GLN D 161 11.02 -58.78 38.86
N LEU D 162 12.16 -58.29 38.37
CA LEU D 162 12.54 -56.90 38.63
C LEU D 162 11.51 -55.93 38.05
N LEU D 163 11.03 -56.20 36.84
CA LEU D 163 9.99 -55.36 36.26
C LEU D 163 8.71 -55.41 37.08
N SER D 164 8.36 -56.58 37.58
CA SER D 164 7.18 -56.71 38.44
C SER D 164 7.35 -55.91 39.72
N GLN D 165 8.55 -55.96 40.32
CA GLN D 165 8.80 -55.17 41.53
C GLN D 165 8.81 -53.68 41.24
N ALA D 166 9.18 -53.29 40.02
CA ALA D 166 9.18 -51.88 39.64
C ALA D 166 7.78 -51.34 39.39
N GLY D 167 6.79 -52.20 39.28
CA GLY D 167 5.43 -51.78 39.04
C GLY D 167 5.05 -51.55 37.59
N LEU D 168 6.00 -51.69 36.67
CA LEU D 168 5.68 -51.51 35.25
C LEU D 168 4.69 -52.57 34.76
N MET D 169 4.90 -53.82 35.17
CA MET D 169 4.03 -54.92 34.78
C MET D 169 3.60 -55.68 36.02
N LYS D 170 2.34 -56.11 36.04
CA LYS D 170 1.78 -56.83 37.17
C LYS D 170 1.41 -58.25 36.76
N SER D 171 1.71 -59.21 37.63
CA SER D 171 1.40 -60.62 37.41
C SER D 171 0.19 -60.96 38.26
N THR D 172 -1.00 -60.95 37.66
CA THR D 172 -2.22 -61.25 38.40
C THR D 172 -2.21 -62.67 38.91
N GLU D 173 -1.78 -63.63 38.09
CA GLU D 173 -1.75 -65.03 38.47
C GLU D 173 -0.39 -65.63 38.13
N PRO D 174 0.06 -66.62 38.91
CA PRO D 174 1.32 -67.27 38.58
C PRO D 174 1.25 -68.03 37.27
N GLY D 175 2.37 -68.10 36.58
CA GLY D 175 2.42 -68.77 35.29
C GLY D 175 2.02 -67.92 34.11
N GLU D 176 0.90 -67.23 34.20
CA GLU D 176 0.46 -66.36 33.12
C GLU D 176 1.42 -65.17 32.98
N PRO D 177 1.70 -64.73 31.77
CA PRO D 177 2.61 -63.60 31.60
C PRO D 177 2.01 -62.32 32.17
N PRO D 178 2.84 -61.45 32.72
CA PRO D 178 2.32 -60.19 33.27
C PRO D 178 1.85 -59.25 32.17
N CYS D 179 0.96 -58.34 32.55
CA CYS D 179 0.41 -57.33 31.65
C CYS D 179 1.02 -55.98 31.96
N ILE D 180 1.39 -55.25 30.92
CA ILE D 180 2.02 -53.94 31.09
C ILE D 180 0.96 -52.92 31.49
N THR D 181 1.27 -52.14 32.52
CA THR D 181 0.34 -51.15 33.04
C THR D 181 0.60 -49.79 32.39
N SER D 182 -0.09 -48.76 32.89
CA SER D 182 0.11 -47.41 32.39
C SER D 182 1.53 -46.92 32.69
N ALA D 183 2.08 -47.29 33.85
CA ALA D 183 3.45 -46.95 34.17
C ALA D 183 4.42 -47.55 33.15
N GLY D 184 4.12 -48.75 32.65
CA GLY D 184 4.95 -49.32 31.60
C GLY D 184 4.92 -48.50 30.33
N PHE D 185 3.73 -48.02 29.95
CA PHE D 185 3.63 -47.15 28.77
C PHE D 185 4.41 -45.85 28.97
N GLN D 186 4.30 -45.27 30.17
CA GLN D 186 5.05 -44.04 30.46
C GLN D 186 6.56 -44.30 30.39
N PHE D 187 7.01 -45.44 30.92
CA PHE D 187 8.41 -45.79 30.83
C PHE D 187 8.86 -45.97 29.39
N LEU D 188 8.01 -46.60 28.56
CA LEU D 188 8.35 -46.77 27.15
C LEU D 188 8.46 -45.42 26.45
N LEU D 189 7.56 -44.49 26.76
CA LEU D 189 7.61 -43.17 26.14
C LEU D 189 8.78 -42.32 26.61
N LEU D 190 9.46 -42.72 27.68
CA LEU D 190 10.58 -41.94 28.19
C LEU D 190 11.80 -42.08 27.27
N ASP D 191 12.74 -41.15 27.42
CA ASP D 191 13.97 -41.18 26.65
C ASP D 191 14.85 -42.33 27.11
N THR D 192 15.68 -42.83 26.19
CA THR D 192 16.52 -43.98 26.50
C THR D 192 17.47 -43.75 27.67
N PRO D 193 18.21 -42.64 27.76
CA PRO D 193 18.99 -42.40 28.99
C PRO D 193 18.12 -42.33 30.23
N ALA D 194 16.94 -41.71 30.13
CA ALA D 194 16.04 -41.65 31.28
C ALA D 194 15.54 -43.03 31.67
N GLN D 195 15.21 -43.87 30.68
CA GLN D 195 14.80 -45.24 30.97
C GLN D 195 15.91 -46.02 31.64
N LEU D 196 17.13 -45.89 31.14
CA LEU D 196 18.27 -46.58 31.75
C LEU D 196 18.50 -46.12 33.18
N TRP D 197 18.41 -44.80 33.42
CA TRP D 197 18.62 -44.29 34.77
C TRP D 197 17.53 -44.76 35.72
N TYR D 198 16.28 -44.77 35.26
CA TYR D 198 15.19 -45.25 36.10
C TYR D 198 15.37 -46.74 36.42
N PHE D 199 15.76 -47.53 35.43
CA PHE D 199 15.99 -48.95 35.67
C PHE D 199 17.13 -49.16 36.67
N MET D 200 18.21 -48.39 36.53
CA MET D 200 19.31 -48.50 37.48
C MET D 200 18.91 -48.09 38.88
N LEU D 201 18.08 -47.04 39.00
CA LEU D 201 17.59 -46.63 40.31
C LEU D 201 16.73 -47.70 40.95
N GLN D 202 15.86 -48.34 40.14
CA GLN D 202 15.07 -49.45 40.66
C GLN D 202 15.96 -50.60 41.10
N TYR D 203 17.00 -50.90 40.33
CA TYR D 203 17.94 -51.95 40.72
C TYR D 203 18.63 -51.61 42.03
N LEU D 204 19.05 -50.36 42.20
CA LEU D 204 19.68 -49.94 43.45
C LEU D 204 18.71 -50.06 44.62
N GLN D 205 17.46 -49.67 44.42
CA GLN D 205 16.47 -49.78 45.49
C GLN D 205 16.23 -51.24 45.88
N THR D 206 16.17 -52.13 44.89
CA THR D 206 15.91 -53.53 45.18
C THR D 206 17.17 -54.30 45.59
N ALA D 207 18.35 -53.69 45.47
CA ALA D 207 19.59 -54.38 45.84
C ALA D 207 19.63 -54.71 47.33
N GLN D 208 18.89 -53.96 48.15
CA GLN D 208 18.85 -54.26 49.58
C GLN D 208 18.28 -55.64 49.86
N SER D 209 17.39 -56.12 48.99
CA SER D 209 16.85 -57.47 49.14
C SER D 209 17.95 -58.52 48.96
N ARG D 210 18.85 -58.31 47.99
CA ARG D 210 19.93 -59.24 47.75
C ARG D 210 21.10 -59.05 48.70
N GLY D 211 21.09 -58.01 49.52
CA GLY D 211 22.19 -57.76 50.43
C GLY D 211 23.48 -57.39 49.75
N MET D 212 23.42 -56.58 48.71
CA MET D 212 24.60 -56.15 47.96
C MET D 212 25.01 -54.74 48.39
N ASP D 213 26.31 -54.48 48.35
CA ASP D 213 26.85 -53.20 48.78
C ASP D 213 26.45 -52.12 47.78
N LEU D 214 25.71 -51.12 48.25
CA LEU D 214 25.29 -50.02 47.38
C LEU D 214 26.48 -49.21 46.91
N VAL D 215 27.46 -48.99 47.80
CA VAL D 215 28.61 -48.14 47.46
C VAL D 215 29.41 -48.76 46.33
N GLU D 216 29.66 -50.08 46.40
CA GLU D 216 30.43 -50.74 45.37
C GLU D 216 29.71 -50.71 44.02
N ILE D 217 28.39 -50.95 44.03
CA ILE D 217 27.63 -50.93 42.78
C ILE D 217 27.64 -49.53 42.17
N LEU D 218 27.44 -48.50 42.99
CA LEU D 218 27.46 -47.13 42.49
C LEU D 218 28.83 -46.76 41.93
N SER D 219 29.91 -47.15 42.63
CA SER D 219 31.25 -46.84 42.16
C SER D 219 31.52 -47.54 40.83
N PHE D 220 31.13 -48.81 40.71
CA PHE D 220 31.35 -49.54 39.46
C PHE D 220 30.54 -48.92 38.33
N LEU D 221 29.30 -48.53 38.61
CA LEU D 221 28.47 -47.92 37.57
C LEU D 221 29.06 -46.59 37.10
N PHE D 222 29.53 -45.76 38.05
CA PHE D 222 30.14 -44.49 37.67
C PHE D 222 31.44 -44.71 36.90
N GLN D 223 32.22 -45.73 37.28
CA GLN D 223 33.42 -46.04 36.52
C GLN D 223 33.08 -46.46 35.09
N LEU D 224 32.02 -47.26 34.94
CA LEU D 224 31.56 -47.62 33.60
C LEU D 224 31.07 -46.40 32.83
N SER D 225 30.51 -45.41 33.52
CA SER D 225 29.99 -44.22 32.85
C SER D 225 31.09 -43.46 32.12
N PHE D 226 32.26 -43.34 32.75
CA PHE D 226 33.39 -42.62 32.14
C PHE D 226 34.31 -43.54 31.34
N SER D 227 33.99 -44.82 31.22
CA SER D 227 34.83 -45.74 30.50
C SER D 227 34.87 -45.39 29.01
N THR D 228 36.05 -45.51 28.41
CA THR D 228 36.21 -45.21 27.00
C THR D 228 35.56 -46.29 26.14
N LEU D 229 34.82 -45.86 25.12
CA LEU D 229 34.16 -46.79 24.22
C LEU D 229 35.18 -47.57 23.40
N GLY D 230 34.92 -48.87 23.22
CA GLY D 230 35.79 -49.71 22.43
C GLY D 230 37.01 -50.24 23.14
N LYS D 231 37.16 -49.97 24.44
CA LYS D 231 38.30 -50.42 25.21
C LYS D 231 37.84 -51.40 26.27
N ASP D 232 38.48 -52.57 26.34
CA ASP D 232 38.13 -53.57 27.32
C ASP D 232 38.75 -53.23 28.68
N TYR D 233 38.24 -53.89 29.72
CA TYR D 233 38.73 -53.70 31.07
C TYR D 233 38.83 -55.05 31.76
N SER D 234 39.66 -55.11 32.81
CA SER D 234 39.91 -56.35 33.51
C SER D 234 38.74 -56.71 34.42
N VAL D 235 38.23 -57.93 34.27
CA VAL D 235 37.19 -58.43 35.16
C VAL D 235 37.75 -58.62 36.57
N GLU D 236 39.02 -59.04 36.66
CA GLU D 236 39.64 -59.28 37.96
C GLU D 236 39.72 -58.00 38.77
N GLY D 237 39.73 -58.16 40.10
CA GLY D 237 39.73 -57.03 41.00
C GLY D 237 38.38 -56.62 41.52
N MET D 238 37.34 -57.45 41.33
CA MET D 238 35.99 -57.15 41.78
C MET D 238 35.49 -58.30 42.64
N SER D 239 34.56 -57.97 43.53
CA SER D 239 33.98 -58.97 44.42
C SER D 239 33.07 -59.91 43.63
N ASP D 240 32.74 -61.04 44.25
CA ASP D 240 31.91 -62.04 43.58
C ASP D 240 30.52 -61.50 43.27
N SER D 241 29.93 -60.74 44.20
CA SER D 241 28.59 -60.21 43.99
C SER D 241 28.56 -59.24 42.82
N LEU D 242 29.53 -58.31 42.76
CA LEU D 242 29.54 -57.31 41.71
C LEU D 242 29.60 -57.96 40.33
N LEU D 243 30.45 -58.97 40.17
CA LEU D 243 30.50 -59.71 38.91
C LEU D 243 29.13 -60.24 38.54
N ASN D 244 28.42 -60.81 39.51
CA ASN D 244 27.04 -61.25 39.27
C ASN D 244 26.20 -60.09 38.79
N PHE D 245 26.30 -58.94 39.46
CA PHE D 245 25.63 -57.74 38.98
C PHE D 245 26.06 -57.40 37.56
N LEU D 246 27.37 -57.51 37.28
CA LEU D 246 27.85 -57.30 35.93
C LEU D 246 27.18 -58.23 34.95
N GLN D 247 26.94 -59.48 35.37
CA GLN D 247 26.23 -60.42 34.50
C GLN D 247 24.84 -59.89 34.15
N HIS D 248 24.15 -59.30 35.12
CA HIS D 248 22.87 -58.68 34.83
C HIS D 248 23.02 -57.56 33.82
N LEU D 249 24.10 -56.77 33.95
CA LEU D 249 24.39 -55.75 32.95
C LEU D 249 24.60 -56.38 31.59
N ARG D 250 25.20 -57.58 31.56
CA ARG D 250 25.35 -58.30 30.29
C ARG D 250 23.99 -58.58 29.66
N GLU D 251 22.97 -58.83 30.48
CA GLU D 251 21.63 -59.02 29.96
C GLU D 251 21.00 -57.70 29.52
N PHE D 252 21.44 -56.58 30.09
CA PHE D 252 20.86 -55.28 29.79
C PHE D 252 21.47 -54.62 28.56
N GLY D 253 22.56 -55.16 28.04
CA GLY D 253 23.23 -54.57 26.90
C GLY D 253 24.23 -53.48 27.23
N LEU D 254 24.32 -53.07 28.50
CA LEU D 254 25.28 -52.04 28.88
C LEU D 254 26.71 -52.52 28.72
N VAL D 255 26.97 -53.78 29.07
CA VAL D 255 28.31 -54.36 29.01
C VAL D 255 28.25 -55.61 28.14
N PHE D 256 29.18 -55.71 27.19
CA PHE D 256 29.28 -56.86 26.31
C PHE D 256 30.42 -57.75 26.76
N GLN D 257 30.16 -59.06 26.83
CA GLN D 257 31.18 -60.02 27.24
C GLN D 257 30.93 -61.33 26.51
N ARG D 258 32.01 -61.95 26.02
CA ARG D 258 31.87 -63.17 25.24
C ARG D 258 31.39 -64.33 26.11
N LYS D 259 32.01 -64.52 27.27
CA LYS D 259 31.64 -65.61 28.17
C LYS D 259 31.66 -65.11 29.60
N ARG D 260 30.94 -65.84 30.47
CA ARG D 260 30.90 -65.46 31.88
C ARG D 260 32.28 -65.52 32.52
N LYS D 261 33.06 -66.54 32.18
CA LYS D 261 34.41 -66.69 32.74
C LYS D 261 35.45 -65.83 32.04
N SER D 262 35.07 -65.13 30.97
CA SER D 262 36.03 -64.28 30.27
C SER D 262 36.49 -63.13 31.14
N ARG D 263 37.75 -62.76 31.01
CA ARG D 263 38.35 -61.70 31.82
C ARG D 263 38.28 -60.33 31.14
N ARG D 264 37.66 -60.24 29.98
CA ARG D 264 37.54 -58.98 29.25
C ARG D 264 36.07 -58.63 29.08
N TYR D 265 35.74 -57.36 29.32
CA TYR D 265 34.39 -56.85 29.07
C TYR D 265 34.49 -55.47 28.43
N TYR D 266 33.64 -55.24 27.43
CA TYR D 266 33.66 -53.99 26.69
C TYR D 266 32.43 -53.16 27.06
N PRO D 267 32.61 -52.02 27.73
CA PRO D 267 31.47 -51.11 27.95
C PRO D 267 30.92 -50.63 26.62
N THR D 268 29.60 -50.45 26.57
CA THR D 268 28.91 -50.08 25.35
C THR D 268 28.50 -48.61 25.40
N ARG D 269 27.93 -48.14 24.29
CA ARG D 269 27.52 -46.74 24.20
C ARG D 269 26.42 -46.42 25.19
N LEU D 270 25.51 -47.37 25.43
CA LEU D 270 24.42 -47.13 26.38
C LEU D 270 24.95 -46.89 27.78
N ALA D 271 26.00 -47.63 28.16
CA ALA D 271 26.60 -47.41 29.48
C ALA D 271 27.19 -46.01 29.59
N ILE D 272 27.83 -45.52 28.52
CA ILE D 272 28.37 -44.18 28.53
C ILE D 272 27.24 -43.15 28.61
N ASN D 273 26.16 -43.36 27.86
CA ASN D 273 25.03 -42.44 27.87
C ASN D 273 24.29 -42.45 29.20
N LEU D 274 24.55 -43.42 30.08
CA LEU D 274 23.88 -43.45 31.36
C LEU D 274 24.24 -42.24 32.21
N SER D 275 25.48 -41.75 32.11
CA SER D 275 25.88 -40.57 32.86
C SER D 275 25.07 -39.35 32.44
N SER D 276 24.85 -39.20 31.14
CA SER D 276 24.09 -38.06 30.62
C SER D 276 22.59 -38.27 30.83
N GLN D 287 20.15 -41.23 18.68
CA GLN D 287 20.85 -40.00 19.01
C GLN D 287 20.42 -38.79 18.15
N PRO D 288 20.46 -38.90 16.81
CA PRO D 288 20.11 -37.74 15.98
C PRO D 288 18.62 -37.54 15.80
N GLY D 289 17.80 -38.56 16.04
CA GLY D 289 16.38 -38.48 15.80
C GLY D 289 16.01 -38.93 14.40
N PHE D 290 14.82 -39.49 14.29
CA PHE D 290 14.39 -40.09 13.03
C PHE D 290 12.92 -39.84 12.74
N ILE D 291 12.35 -38.78 13.30
CA ILE D 291 10.93 -38.48 13.13
C ILE D 291 10.79 -37.07 12.56
N VAL D 292 10.04 -36.95 11.46
CA VAL D 292 9.75 -35.68 10.83
C VAL D 292 8.28 -35.36 11.09
N VAL D 293 8.02 -34.18 11.66
CA VAL D 293 6.67 -33.76 12.02
C VAL D 293 6.25 -32.63 11.10
N GLU D 294 5.07 -32.76 10.50
CA GLU D 294 4.54 -31.79 9.57
C GLU D 294 3.32 -31.09 10.15
N THR D 295 3.06 -29.87 9.66
CA THR D 295 1.96 -29.07 10.18
C THR D 295 0.60 -29.70 9.90
N ASN D 296 0.50 -30.64 8.96
CA ASN D 296 -0.74 -31.31 8.64
C ASN D 296 -0.98 -32.56 9.48
N TYR D 297 -0.39 -32.61 10.68
CA TYR D 297 -0.57 -33.74 11.61
C TYR D 297 -0.11 -35.05 10.99
N ARG D 298 1.06 -35.03 10.36
CA ARG D 298 1.65 -36.22 9.76
C ARG D 298 3.06 -36.43 10.28
N LEU D 299 3.37 -37.68 10.59
CA LEU D 299 4.69 -38.08 11.09
C LEU D 299 5.37 -38.96 10.06
N TYR D 300 6.60 -38.61 9.72
CA TYR D 300 7.44 -39.40 8.81
C TYR D 300 8.64 -39.89 9.61
N ALA D 301 8.68 -41.20 9.85
CA ALA D 301 9.71 -41.81 10.69
C ALA D 301 10.65 -42.63 9.83
N TYR D 302 11.95 -42.43 10.02
CA TYR D 302 12.98 -43.22 9.34
C TYR D 302 13.46 -44.35 10.25
N THR D 303 12.57 -45.33 10.43
CA THR D 303 12.86 -46.46 11.31
C THR D 303 12.29 -47.73 10.70
N GLU D 304 12.86 -48.86 11.10
CA GLU D 304 12.42 -50.17 10.62
C GLU D 304 12.09 -51.17 11.72
N SER D 305 12.61 -51.01 12.93
CA SER D 305 12.34 -51.95 14.00
C SER D 305 10.89 -51.87 14.44
N GLU D 306 10.32 -53.03 14.79
CA GLU D 306 8.93 -53.07 15.22
C GLU D 306 8.70 -52.30 16.51
N LEU D 307 9.73 -52.12 17.33
CA LEU D 307 9.57 -51.40 18.59
C LEU D 307 9.15 -49.96 18.36
N GLN D 308 9.88 -49.24 17.50
CA GLN D 308 9.56 -47.84 17.24
C GLN D 308 8.22 -47.72 16.52
N ILE D 309 7.91 -48.65 15.63
CA ILE D 309 6.61 -48.63 14.94
C ILE D 309 5.48 -48.78 15.95
N ALA D 310 5.62 -49.71 16.88
CA ALA D 310 4.59 -49.89 17.92
C ALA D 310 4.48 -48.65 18.79
N LEU D 311 5.62 -48.07 19.18
CA LEU D 311 5.60 -46.88 20.02
C LEU D 311 4.88 -45.72 19.34
N ILE D 312 5.15 -45.52 18.05
CA ILE D 312 4.48 -44.46 17.31
C ILE D 312 2.99 -44.77 17.15
N ALA D 313 2.66 -46.03 16.86
CA ALA D 313 1.27 -46.41 16.69
C ALA D 313 0.48 -46.35 17.99
N LEU D 314 1.16 -46.29 19.13
CA LEU D 314 0.46 -46.14 20.41
C LEU D 314 -0.34 -44.85 20.45
N PHE D 315 0.21 -43.75 19.93
CA PHE D 315 -0.43 -42.45 19.99
C PHE D 315 -0.76 -41.89 18.59
N SER D 316 -0.69 -42.70 17.55
CA SER D 316 -0.94 -42.22 16.20
C SER D 316 -1.52 -43.33 15.35
N GLU D 317 -2.12 -42.94 14.24
CA GLU D 317 -2.72 -43.87 13.30
C GLU D 317 -1.77 -44.07 12.12
N MET D 318 -1.42 -45.33 11.85
CA MET D 318 -0.49 -45.65 10.78
C MET D 318 -1.19 -45.60 9.43
N LEU D 319 -0.49 -45.08 8.43
CA LEU D 319 -1.00 -45.00 7.06
C LEU D 319 -0.20 -45.83 6.07
N TYR D 320 1.11 -45.63 6.02
CA TYR D 320 1.96 -46.35 5.07
C TYR D 320 3.22 -46.83 5.76
N ARG D 321 3.72 -47.99 5.32
CA ARG D 321 4.95 -48.58 5.85
C ARG D 321 5.85 -48.96 4.67
N PHE D 322 6.66 -48.01 4.22
CA PHE D 322 7.69 -48.28 3.22
C PHE D 322 8.85 -48.99 3.89
N PRO D 323 9.64 -49.75 3.11
CA PRO D 323 10.70 -50.58 3.73
C PRO D 323 11.66 -49.81 4.61
N ASN D 324 11.85 -48.52 4.37
CA ASN D 324 12.69 -47.69 5.23
C ASN D 324 11.96 -46.43 5.71
N MET D 325 10.63 -46.44 5.74
CA MET D 325 9.90 -45.24 6.11
C MET D 325 8.55 -45.62 6.70
N VAL D 326 8.06 -44.77 7.59
CA VAL D 326 6.74 -44.94 8.20
C VAL D 326 6.01 -43.62 8.11
N VAL D 327 4.84 -43.62 7.47
CA VAL D 327 4.00 -42.43 7.34
C VAL D 327 2.75 -42.65 8.17
N ALA D 328 2.56 -41.81 9.18
CA ALA D 328 1.42 -41.92 10.08
C ALA D 328 0.72 -40.57 10.20
N GLN D 329 -0.52 -40.61 10.65
CA GLN D 329 -1.33 -39.41 10.84
C GLN D 329 -1.74 -39.30 12.30
N VAL D 330 -1.58 -38.11 12.87
CA VAL D 330 -1.95 -37.84 14.25
C VAL D 330 -3.37 -37.30 14.26
N THR D 331 -4.32 -38.11 14.72
CA THR D 331 -5.72 -37.75 14.77
C THR D 331 -6.17 -37.59 16.22
N ARG D 332 -7.33 -36.95 16.39
CA ARG D 332 -7.87 -36.75 17.73
C ARG D 332 -8.20 -38.08 18.40
N GLU D 333 -8.77 -39.02 17.63
CA GLU D 333 -9.15 -40.31 18.21
C GLU D 333 -7.93 -41.08 18.72
N SER D 334 -6.84 -41.07 17.96
CA SER D 334 -5.64 -41.78 18.38
C SER D 334 -5.06 -41.18 19.66
N VAL D 335 -5.02 -39.84 19.74
CA VAL D 335 -4.51 -39.20 20.94
C VAL D 335 -5.40 -39.49 22.14
N GLN D 336 -6.72 -39.46 21.94
CA GLN D 336 -7.63 -39.77 23.04
C GLN D 336 -7.45 -41.21 23.51
N GLN D 337 -7.28 -42.15 22.57
CA GLN D 337 -7.05 -43.54 22.94
C GLN D 337 -5.73 -43.69 23.72
N ALA D 338 -4.69 -43.00 23.27
CA ALA D 338 -3.40 -43.06 23.97
C ALA D 338 -3.52 -42.50 25.38
N ILE D 339 -4.25 -41.40 25.54
CA ILE D 339 -4.46 -40.81 26.86
C ILE D 339 -5.24 -41.76 27.75
N ALA D 340 -6.30 -42.39 27.20
CA ALA D 340 -7.05 -43.37 27.97
C ALA D 340 -6.18 -44.56 28.35
N SER D 341 -5.16 -44.86 27.54
CA SER D 341 -4.21 -45.91 27.91
C SER D 341 -3.31 -45.49 29.07
N GLY D 342 -3.24 -44.20 29.38
CA GLY D 342 -2.44 -43.71 30.49
C GLY D 342 -1.27 -42.82 30.11
N ILE D 343 -1.13 -42.42 28.86
CA ILE D 343 0.00 -41.60 28.44
C ILE D 343 -0.46 -40.14 28.37
N THR D 344 0.27 -39.26 29.05
CA THR D 344 -0.05 -37.85 29.05
C THR D 344 0.50 -37.18 27.79
N ALA D 345 -0.03 -35.98 27.50
CA ALA D 345 0.41 -35.24 26.32
C ALA D 345 1.85 -34.76 26.47
N GLN D 346 2.27 -34.41 27.68
CA GLN D 346 3.64 -33.95 27.87
C GLN D 346 4.65 -35.03 27.52
N GLN D 347 4.37 -36.28 27.89
CA GLN D 347 5.25 -37.38 27.54
C GLN D 347 5.32 -37.56 26.02
N ILE D 348 4.19 -37.44 25.34
CA ILE D 348 4.18 -37.57 23.89
C ILE D 348 5.02 -36.46 23.24
N ILE D 349 4.85 -35.24 23.73
CA ILE D 349 5.61 -34.11 23.19
C ILE D 349 7.11 -34.31 23.42
N HIS D 350 7.47 -34.76 24.63
CA HIS D 350 8.88 -35.00 24.91
C HIS D 350 9.45 -36.11 24.04
N PHE D 351 8.68 -37.17 23.82
CA PHE D 351 9.14 -38.26 22.96
C PHE D 351 9.33 -37.77 21.53
N LEU D 352 8.40 -36.96 21.02
CA LEU D 352 8.53 -36.44 19.67
C LEU D 352 9.73 -35.52 19.56
N ARG D 353 9.97 -34.68 20.57
CA ARG D 353 11.12 -33.79 20.55
C ARG D 353 12.42 -34.57 20.58
N THR D 354 12.49 -35.63 21.40
CA THR D 354 13.71 -36.42 21.50
C THR D 354 14.01 -37.12 20.19
N ARG D 355 13.00 -37.68 19.54
CA ARG D 355 13.16 -38.42 18.30
C ARG D 355 13.08 -37.53 17.06
N ALA D 356 13.01 -36.21 17.25
CA ALA D 356 12.84 -35.30 16.12
C ALA D 356 14.04 -35.39 15.17
N HIS D 357 13.74 -35.31 13.88
CA HIS D 357 14.78 -35.42 12.87
C HIS D 357 15.70 -34.21 12.93
N PRO D 358 16.99 -34.38 12.59
CA PRO D 358 17.90 -33.23 12.61
C PRO D 358 17.49 -32.09 11.70
N VAL D 359 16.74 -32.37 10.64
CA VAL D 359 16.28 -31.30 9.75
C VAL D 359 15.36 -30.35 10.50
N MET D 360 14.45 -30.88 11.31
CA MET D 360 13.55 -30.03 12.09
C MET D 360 14.28 -29.22 13.15
N LEU D 361 15.50 -29.62 13.51
CA LEU D 361 16.27 -28.86 14.50
C LEU D 361 16.72 -27.51 13.98
N LYS D 362 16.68 -27.30 12.66
CA LYS D 362 17.06 -26.00 12.10
C LYS D 362 16.10 -24.90 12.55
N GLN D 363 14.81 -25.22 12.63
CA GLN D 363 13.83 -24.24 13.07
C GLN D 363 14.06 -23.86 14.52
N THR D 364 13.71 -22.61 14.85
CA THR D 364 13.85 -22.17 16.24
C THR D 364 13.07 -23.04 17.22
N PRO D 365 11.82 -23.44 16.96
CA PRO D 365 11.21 -24.47 17.80
C PRO D 365 11.45 -25.86 17.23
N VAL D 366 11.68 -26.82 18.14
CA VAL D 366 11.90 -28.20 17.72
C VAL D 366 10.67 -28.74 17.02
N LEU D 367 9.49 -28.46 17.58
CA LEU D 367 8.22 -28.86 16.99
C LEU D 367 7.35 -27.63 16.77
N PRO D 368 6.51 -27.63 15.75
CA PRO D 368 5.61 -26.49 15.51
C PRO D 368 4.70 -26.25 16.70
N PRO D 369 4.49 -24.99 17.08
CA PRO D 369 3.62 -24.72 18.23
C PRO D 369 2.20 -25.19 18.05
N THR D 370 1.67 -25.16 16.83
CA THR D 370 0.27 -25.51 16.61
C THR D 370 0.00 -26.97 16.97
N ILE D 371 0.90 -27.88 16.58
CA ILE D 371 0.69 -29.30 16.85
C ILE D 371 0.73 -29.57 18.35
N THR D 372 1.70 -28.98 19.05
CA THR D 372 1.80 -29.18 20.49
C THR D 372 0.57 -28.61 21.20
N ASP D 373 0.13 -27.42 20.79
CA ASP D 373 -1.06 -26.83 21.39
C ASP D 373 -2.29 -27.69 21.15
N GLN D 374 -2.42 -28.23 19.94
CA GLN D 374 -3.57 -29.08 19.63
C GLN D 374 -3.54 -30.35 20.47
N ILE D 375 -2.36 -30.95 20.63
CA ILE D 375 -2.24 -32.15 21.46
C ILE D 375 -2.60 -31.85 22.91
N ARG D 376 -2.11 -30.72 23.43
CA ARG D 376 -2.41 -30.35 24.81
C ARG D 376 -3.91 -30.09 25.00
N LEU D 377 -4.54 -29.43 24.03
CA LEU D 377 -5.97 -29.19 24.10
C LEU D 377 -6.74 -30.51 24.07
N TRP D 378 -6.31 -31.45 23.22
CA TRP D 378 -6.94 -32.76 23.18
C TRP D 378 -6.78 -33.48 24.52
N GLU D 379 -5.65 -33.28 25.18
CA GLU D 379 -5.44 -33.89 26.50
C GLU D 379 -6.44 -33.34 27.52
N LEU D 380 -6.70 -32.04 27.48
CA LEU D 380 -7.61 -31.43 28.45
C LEU D 380 -9.07 -31.81 28.20
N GLU D 381 -9.38 -32.39 27.03
CA GLU D 381 -10.76 -32.78 26.74
C GLU D 381 -11.24 -33.84 27.71
N ARG D 382 -10.39 -34.83 28.02
CA ARG D 382 -10.79 -35.90 28.93
C ARG D 382 -11.04 -35.36 30.33
N ASP D 383 -10.19 -34.44 30.79
CA ASP D 383 -10.29 -33.89 32.14
C ASP D 383 -11.15 -32.64 32.22
N ARG D 384 -11.97 -32.38 31.20
CA ARG D 384 -12.85 -31.21 31.23
C ARG D 384 -13.92 -31.34 32.30
N LEU D 385 -14.45 -32.54 32.49
CA LEU D 385 -15.50 -32.79 33.46
C LEU D 385 -14.89 -33.32 34.75
N ARG D 386 -15.29 -32.74 35.88
CA ARG D 386 -14.82 -33.16 37.19
C ARG D 386 -15.94 -33.85 37.96
N PHE D 387 -15.67 -35.05 38.45
CA PHE D 387 -16.65 -35.83 39.20
C PHE D 387 -16.10 -36.10 40.60
N THR D 388 -16.93 -35.87 41.61
CA THR D 388 -16.54 -36.13 43.00
C THR D 388 -17.70 -36.84 43.69
N GLU D 389 -17.51 -38.13 44.00
CA GLU D 389 -18.51 -38.85 44.77
C GLU D 389 -18.49 -38.38 46.22
N GLY D 390 -19.66 -38.19 46.80
CA GLY D 390 -19.72 -37.70 48.16
C GLY D 390 -21.13 -37.55 48.67
N VAL D 391 -21.23 -36.82 49.77
CA VAL D 391 -22.48 -36.58 50.48
C VAL D 391 -22.68 -35.07 50.61
N LEU D 392 -23.88 -34.61 50.26
CA LEU D 392 -24.25 -33.20 50.28
C LEU D 392 -25.15 -32.92 51.47
N TYR D 393 -24.77 -31.94 52.28
CA TYR D 393 -25.58 -31.44 53.39
C TYR D 393 -26.17 -30.09 52.97
N ASN D 394 -27.50 -30.00 53.06
CA ASN D 394 -28.24 -28.80 52.71
C ASN D 394 -29.38 -28.53 53.69
N GLN D 395 -29.25 -29.01 54.93
CA GLN D 395 -30.31 -28.96 55.92
C GLN D 395 -29.92 -28.08 57.11
N PHE D 396 -29.34 -26.92 56.82
CA PHE D 396 -28.87 -26.01 57.86
C PHE D 396 -29.92 -24.93 58.09
N LEU D 397 -30.48 -24.90 59.30
CA LEU D 397 -31.49 -23.91 59.64
C LEU D 397 -30.87 -22.54 59.92
N SER D 398 -29.68 -22.50 60.51
CA SER D 398 -29.05 -21.25 60.90
C SER D 398 -27.63 -21.20 60.38
N GLN D 399 -27.15 -19.98 60.12
CA GLN D 399 -25.78 -19.79 59.64
C GLN D 399 -24.76 -20.23 60.69
N VAL D 400 -25.04 -19.93 61.95
CA VAL D 400 -24.09 -20.25 63.03
C VAL D 400 -23.89 -21.76 63.12
N ASP D 401 -24.97 -22.53 63.02
CA ASP D 401 -24.86 -23.98 63.02
C ASP D 401 -24.06 -24.47 61.80
N PHE D 402 -24.30 -23.85 60.64
CA PHE D 402 -23.57 -24.22 59.44
C PHE D 402 -22.08 -23.92 59.59
N GLU D 403 -21.74 -22.78 60.19
CA GLU D 403 -20.33 -22.39 60.32
C GLU D 403 -19.57 -23.37 61.20
N LEU D 404 -20.17 -23.80 62.32
CA LEU D 404 -19.48 -24.71 63.22
C LEU D 404 -19.22 -26.06 62.54
N LEU D 405 -20.23 -26.59 61.85
CA LEU D 405 -20.05 -27.87 61.17
C LEU D 405 -19.04 -27.75 60.03
N LEU D 406 -19.06 -26.63 59.31
CA LEU D 406 -18.08 -26.42 58.25
C LEU D 406 -16.67 -26.35 58.81
N ALA D 407 -16.49 -25.66 59.94
CA ALA D 407 -15.18 -25.59 60.58
C ALA D 407 -14.73 -26.96 61.05
N HIS D 408 -15.64 -27.75 61.61
CA HIS D 408 -15.28 -29.11 62.02
C HIS D 408 -14.88 -29.97 60.83
N ALA D 409 -15.61 -29.84 59.72
CA ALA D 409 -15.27 -30.60 58.52
C ALA D 409 -13.90 -30.19 57.98
N ARG D 410 -13.62 -28.89 57.97
CA ARG D 410 -12.31 -28.43 57.53
C ARG D 410 -11.20 -28.94 58.44
N GLU D 411 -11.46 -28.95 59.75
CA GLU D 411 -10.48 -29.50 60.69
C GLU D 411 -10.24 -30.98 60.42
N LEU D 412 -11.30 -31.74 60.16
CA LEU D 412 -11.15 -33.16 59.84
C LEU D 412 -10.49 -33.37 58.48
N GLY D 413 -10.51 -32.37 57.61
CA GLY D 413 -9.91 -32.50 56.30
C GLY D 413 -10.68 -33.38 55.34
N VAL D 414 -11.97 -33.58 55.57
CA VAL D 414 -12.81 -34.40 54.71
C VAL D 414 -13.73 -33.55 53.84
N LEU D 415 -13.58 -32.23 53.87
CA LEU D 415 -14.44 -31.36 53.08
C LEU D 415 -14.06 -31.41 51.60
N VAL D 416 -15.07 -31.48 50.75
CA VAL D 416 -14.89 -31.45 49.30
C VAL D 416 -15.24 -30.09 48.72
N PHE D 417 -16.39 -29.55 49.11
CA PHE D 417 -16.82 -28.26 48.59
C PHE D 417 -17.65 -27.55 49.66
N GLU D 418 -17.50 -26.22 49.71
CA GLU D 418 -18.21 -25.39 50.67
C GLU D 418 -18.85 -24.20 49.95
N ASN D 419 -20.00 -23.78 50.46
CA ASN D 419 -20.71 -22.63 49.90
C ASN D 419 -21.50 -21.99 51.04
N SER D 420 -20.93 -20.94 51.64
CA SER D 420 -21.61 -20.26 52.74
C SER D 420 -22.76 -19.38 52.25
N ALA D 421 -22.78 -19.00 50.97
CA ALA D 421 -23.86 -18.17 50.46
C ALA D 421 -25.19 -18.88 50.54
N LYS D 422 -25.23 -20.16 50.17
CA LYS D 422 -26.46 -20.95 50.20
C LYS D 422 -26.47 -21.96 51.34
N ARG D 423 -25.43 -22.01 52.16
CA ARG D 423 -25.34 -22.95 53.28
C ARG D 423 -25.45 -24.39 52.81
N LEU D 424 -24.69 -24.72 51.76
CA LEU D 424 -24.62 -26.07 51.21
C LEU D 424 -23.18 -26.54 51.26
N MET D 425 -22.97 -27.79 51.69
CA MET D 425 -21.62 -28.34 51.74
C MET D 425 -21.61 -29.75 51.18
N VAL D 426 -20.45 -30.18 50.70
CA VAL D 426 -20.27 -31.53 50.17
C VAL D 426 -18.99 -32.09 50.76
N VAL D 427 -19.07 -33.30 51.33
CA VAL D 427 -17.95 -33.93 52.01
C VAL D 427 -17.80 -35.36 51.49
N THR D 428 -16.65 -35.96 51.79
CA THR D 428 -16.39 -37.34 51.40
C THR D 428 -17.30 -38.30 52.16
N PRO D 429 -17.68 -39.41 51.55
CA PRO D 429 -18.47 -40.42 52.27
C PRO D 429 -17.76 -40.99 53.49
N ALA D 430 -16.44 -41.09 53.45
CA ALA D 430 -15.70 -41.62 54.58
C ALA D 430 -15.87 -40.76 55.83
N GLY D 431 -15.79 -39.44 55.66
CA GLY D 431 -16.00 -38.53 56.76
C GLY D 431 -17.44 -38.21 57.08
N HIS D 432 -18.38 -38.78 56.32
CA HIS D 432 -19.80 -38.53 56.58
C HIS D 432 -20.20 -39.05 57.95
N SER D 433 -19.72 -40.23 58.34
CA SER D 433 -20.06 -40.78 59.65
C SER D 433 -19.51 -39.90 60.76
N ASP D 434 -18.27 -39.43 60.62
CA ASP D 434 -17.69 -38.55 61.63
C ASP D 434 -18.46 -37.24 61.74
N VAL D 435 -18.84 -36.66 60.60
CA VAL D 435 -19.58 -35.41 60.62
C VAL D 435 -20.96 -35.62 61.26
N LYS D 436 -21.62 -36.73 60.95
CA LYS D 436 -22.92 -37.01 61.55
C LYS D 436 -22.80 -37.21 63.06
N ARG D 437 -21.75 -37.92 63.50
CA ARG D 437 -21.53 -38.10 64.93
C ARG D 437 -21.29 -36.76 65.62
N PHE D 438 -20.48 -35.89 65.01
CA PHE D 438 -20.24 -34.57 65.58
C PHE D 438 -21.52 -33.76 65.65
N TRP D 439 -22.33 -33.80 64.59
CA TRP D 439 -23.58 -33.04 64.57
C TRP D 439 -24.56 -33.54 65.63
N LYS D 440 -24.64 -34.86 65.81
CA LYS D 440 -25.54 -35.40 66.83
C LYS D 440 -25.10 -34.99 68.23
N ARG D 441 -23.79 -35.01 68.50
CA ARG D 441 -23.29 -34.65 69.82
C ARG D 441 -23.59 -33.19 70.15
N GLN D 442 -23.46 -32.30 69.16
CA GLN D 442 -23.72 -30.88 69.39
C GLN D 442 -25.16 -30.63 69.80
N LYS D 443 -26.11 -31.28 69.13
CA LYS D 443 -27.52 -31.10 69.47
C LYS D 443 -27.85 -31.78 70.80
N HIS D 444 -27.34 -32.99 71.01
CA HIS D 444 -27.64 -33.71 72.25
C HIS D 444 -27.07 -33.00 73.47
N SER D 445 -25.84 -32.49 73.36
CA SER D 445 -25.22 -31.79 74.48
C SER D 445 -25.83 -30.41 74.69
N SER D 446 -26.53 -29.86 73.71
CA SER D 446 -27.15 -28.55 73.83
C SER D 446 -28.33 -28.58 74.79
N THR E 1 9.97 -12.92 -32.14
CA THR E 1 9.70 -14.21 -31.51
C THR E 1 9.70 -14.11 -30.00
N LYS E 2 9.28 -15.18 -29.32
CA LYS E 2 9.22 -15.23 -27.88
C LYS E 2 10.15 -16.30 -27.35
N ARG E 3 10.68 -16.08 -26.15
CA ARG E 3 11.61 -17.04 -25.56
C ARG E 3 10.91 -18.31 -25.12
N TRP E 4 9.67 -18.20 -24.63
CA TRP E 4 8.96 -19.36 -24.10
C TRP E 4 8.11 -20.07 -25.15
N GLU E 5 8.06 -19.56 -26.38
CA GLU E 5 7.27 -20.19 -27.44
C GLU E 5 8.05 -21.25 -28.20
N GLY E 6 9.32 -21.47 -27.86
CA GLY E 6 10.12 -22.45 -28.55
C GLY E 6 10.06 -23.83 -27.92
N GLY E 7 11.21 -24.32 -27.48
CA GLY E 7 11.29 -25.63 -26.86
C GLY E 7 11.24 -25.56 -25.34
N TYR E 8 10.64 -26.58 -24.74
CA TYR E 8 10.54 -26.66 -23.29
C TYR E 8 11.90 -27.04 -22.69
N GLU E 9 12.30 -26.33 -21.64
CA GLU E 9 13.59 -26.58 -21.01
C GLU E 9 13.49 -27.74 -20.04
N ARG E 10 14.46 -28.66 -20.13
CA ARG E 10 14.54 -29.82 -19.25
C ARG E 10 15.75 -29.63 -18.34
N THR E 11 15.51 -29.03 -17.17
CA THR E 11 16.59 -28.78 -16.24
C THR E 11 17.13 -30.06 -15.63
N TRP E 12 16.30 -31.10 -15.53
CA TRP E 12 16.72 -32.36 -14.94
C TRP E 12 17.66 -33.15 -15.84
N GLU E 13 17.85 -32.73 -17.09
CA GLU E 13 18.75 -33.42 -18.00
C GLU E 13 20.22 -33.29 -17.63
N ILE E 14 20.55 -32.38 -16.71
CA ILE E 14 21.95 -32.15 -16.35
C ILE E 14 22.54 -33.38 -15.69
N LEU E 15 21.81 -33.99 -14.75
CA LEU E 15 22.32 -35.13 -14.02
C LEU E 15 22.41 -36.35 -14.93
N LYS E 16 23.49 -37.11 -14.77
CA LYS E 16 23.73 -38.31 -15.57
C LYS E 16 24.37 -39.37 -14.70
N GLU E 17 24.26 -40.62 -15.16
CA GLU E 17 24.86 -41.77 -14.49
C GLU E 17 25.67 -42.57 -15.48
N ASP E 18 26.85 -43.04 -15.04
CA ASP E 18 27.70 -43.85 -15.89
C ASP E 18 28.11 -45.13 -15.17
N GLU E 19 28.23 -45.06 -13.84
CA GLU E 19 28.60 -46.20 -13.02
C GLU E 19 27.48 -46.61 -12.06
N SER E 20 26.26 -46.12 -12.29
CA SER E 20 25.10 -46.45 -11.46
C SER E 20 25.35 -46.05 -10.00
N GLY E 21 25.40 -44.74 -9.77
CA GLY E 21 25.65 -44.22 -8.44
C GLY E 21 26.58 -43.02 -8.41
N SER E 22 27.10 -42.64 -9.58
CA SER E 22 27.95 -41.45 -9.67
C SER E 22 27.18 -40.17 -9.44
N LEU E 23 25.85 -40.20 -9.49
CA LEU E 23 25.04 -39.01 -9.30
C LEU E 23 25.40 -38.29 -8.01
N LYS E 24 25.65 -39.04 -6.94
CA LYS E 24 26.05 -38.44 -5.67
C LYS E 24 27.24 -37.52 -5.85
N ALA E 25 28.28 -38.00 -6.56
CA ALA E 25 29.45 -37.16 -6.80
C ALA E 25 29.05 -35.84 -7.45
N THR E 26 28.13 -35.89 -8.40
CA THR E 26 27.67 -34.66 -9.06
C THR E 26 27.09 -33.69 -8.05
N ILE E 27 26.25 -34.18 -7.13
CA ILE E 27 25.66 -33.28 -6.14
C ILE E 27 26.75 -32.70 -5.25
N GLU E 28 27.87 -33.42 -5.09
CA GLU E 28 29.00 -32.85 -4.35
C GLU E 28 29.48 -31.58 -5.02
N ASP E 29 29.60 -31.60 -6.35
CA ASP E 29 29.92 -30.38 -7.08
C ASP E 29 28.87 -29.31 -6.81
N ILE E 30 27.59 -29.71 -6.75
CA ILE E 30 26.54 -28.78 -6.39
C ILE E 30 26.82 -28.16 -5.02
N LEU E 31 27.25 -28.99 -4.07
CA LEU E 31 27.66 -28.45 -2.78
C LEU E 31 28.83 -27.48 -2.94
N PHE E 32 29.81 -27.86 -3.77
CA PHE E 32 30.89 -26.93 -4.08
C PHE E 32 30.36 -25.71 -4.82
N LYS E 33 29.28 -25.88 -5.59
CA LYS E 33 28.64 -24.74 -6.24
C LYS E 33 27.80 -23.94 -5.25
N ALA E 34 27.43 -24.52 -4.10
CA ALA E 34 26.65 -23.80 -3.12
C ALA E 34 27.43 -22.63 -2.52
N LYS E 35 28.71 -22.85 -2.24
CA LYS E 35 29.55 -21.81 -1.67
C LYS E 35 30.06 -20.88 -2.76
N ARG E 36 30.85 -19.88 -2.36
CA ARG E 36 31.42 -18.88 -3.26
C ARG E 36 30.32 -18.18 -4.07
N LYS E 37 29.21 -17.85 -3.40
CA LYS E 37 28.10 -17.15 -4.03
C LYS E 37 28.26 -15.64 -3.99
N ARG E 38 29.32 -15.14 -3.36
CA ARG E 38 29.56 -13.71 -3.26
C ARG E 38 30.67 -13.28 -4.20
N VAL E 39 30.92 -11.97 -4.23
CA VAL E 39 31.99 -11.39 -5.04
C VAL E 39 33.21 -11.20 -4.15
N PHE E 40 33.18 -11.81 -2.96
CA PHE E 40 34.24 -11.69 -1.97
C PHE E 40 34.47 -10.22 -1.57
N GLU E 41 33.38 -9.47 -1.48
CA GLU E 41 33.42 -8.08 -1.07
C GLU E 41 32.09 -7.72 -0.44
N HIS E 42 32.13 -7.23 0.80
CA HIS E 42 30.89 -6.91 1.51
C HIS E 42 30.16 -5.74 0.87
N HIS E 43 30.90 -4.78 0.31
CA HIS E 43 30.30 -3.61 -0.32
C HIS E 43 30.46 -3.64 -1.84
N GLY E 44 31.69 -3.76 -2.33
CA GLY E 44 31.91 -3.82 -3.77
C GLY E 44 31.64 -2.53 -4.51
N GLY E 45 31.57 -1.41 -3.81
CA GLY E 45 31.30 -0.13 -4.44
C GLY E 45 32.46 0.84 -4.35
N VAL E 46 32.27 1.92 -3.58
CA VAL E 46 33.31 2.92 -3.42
C VAL E 46 34.31 2.42 -2.38
N ARG E 47 35.58 2.38 -2.76
CA ARG E 47 36.65 1.87 -1.91
C ARG E 47 37.36 2.97 -1.14
N LEU E 48 36.89 4.21 -1.24
CA LEU E 48 37.51 5.33 -0.54
C LEU E 48 36.40 6.24 -0.03
N GLY E 49 36.78 7.42 0.44
CA GLY E 49 35.81 8.35 0.97
C GLY E 49 36.44 9.72 1.17
N MET E 50 35.62 10.65 1.67
CA MET E 50 36.05 12.01 1.90
C MET E 50 35.18 12.62 3.00
N MET E 51 35.76 13.55 3.74
CA MET E 51 35.03 14.18 4.84
C MET E 51 33.86 14.99 4.30
N ARG E 52 32.72 14.89 4.98
CA ARG E 52 31.49 15.53 4.55
C ARG E 52 30.95 16.39 5.67
N HIS E 53 30.56 17.62 5.33
CA HIS E 53 29.90 18.54 6.25
C HIS E 53 28.45 18.66 5.78
N LEU E 54 27.59 17.77 6.29
CA LEU E 54 26.22 17.66 5.82
C LEU E 54 25.29 18.48 6.69
N TYR E 55 24.41 19.25 6.04
CA TYR E 55 23.40 20.05 6.72
C TYR E 55 22.02 19.52 6.37
N VAL E 56 21.19 19.32 7.39
CA VAL E 56 19.85 18.80 7.23
C VAL E 56 18.87 19.92 7.54
N VAL E 57 18.02 20.24 6.57
CA VAL E 57 17.01 21.29 6.71
C VAL E 57 15.66 20.60 6.94
N VAL E 58 14.98 21.00 8.01
CA VAL E 58 13.73 20.38 8.43
C VAL E 58 12.62 21.42 8.35
N ASP E 59 11.56 21.07 7.61
CA ASP E 59 10.40 21.95 7.52
C ASP E 59 9.64 21.97 8.84
N GLY E 60 9.13 23.14 9.21
CA GLY E 60 8.38 23.28 10.44
C GLY E 60 7.03 23.95 10.24
N SER E 61 6.50 23.84 9.03
CA SER E 61 5.21 24.46 8.71
C SER E 61 4.07 23.55 9.15
N ARG E 62 2.84 24.01 8.89
CA ARG E 62 1.66 23.24 9.26
C ARG E 62 1.55 21.93 8.47
N THR E 63 2.22 21.84 7.32
CA THR E 63 2.16 20.62 6.53
C THR E 63 2.76 19.43 7.27
N MET E 64 3.66 19.69 8.22
CA MET E 64 4.20 18.61 9.04
C MET E 64 3.13 17.98 9.94
N GLU E 65 2.02 18.67 10.17
CA GLU E 65 0.92 18.11 10.95
C GLU E 65 0.08 17.11 10.17
N ASP E 66 0.32 16.96 8.87
CA ASP E 66 -0.43 16.00 8.08
C ASP E 66 -0.14 14.58 8.54
N GLN E 67 -1.15 13.73 8.44
CA GLN E 67 -1.06 12.34 8.91
C GLN E 67 -0.78 11.36 7.78
N ASP E 68 0.00 11.76 6.79
CA ASP E 68 0.39 10.83 5.73
C ASP E 68 1.23 9.68 6.30
N LEU E 69 2.16 10.00 7.20
CA LEU E 69 2.95 9.00 7.91
C LEU E 69 2.57 9.03 9.38
N LYS E 70 2.19 7.89 9.91
CA LYS E 70 1.75 7.83 11.30
C LYS E 70 2.91 8.07 12.25
N PRO E 71 2.70 8.87 13.32
CA PRO E 71 1.44 9.56 13.62
C PRO E 71 1.27 10.84 12.80
N ASN E 72 2.37 11.55 12.58
CA ASN E 72 2.38 12.74 11.72
C ASN E 72 3.71 12.77 10.98
N ARG E 73 3.82 13.71 10.05
CA ARG E 73 5.04 13.81 9.26
C ARG E 73 6.25 14.15 10.12
N LEU E 74 6.06 15.01 11.12
CA LEU E 74 7.19 15.48 11.93
C LEU E 74 7.83 14.34 12.71
N THR E 75 7.01 13.51 13.36
CA THR E 75 7.55 12.46 14.21
C THR E 75 8.29 11.41 13.40
N CYS E 76 7.69 10.95 12.31
CA CYS E 76 8.36 9.98 11.45
C CYS E 76 9.62 10.56 10.84
N THR E 77 9.56 11.82 10.41
CA THR E 77 10.73 12.46 9.83
C THR E 77 11.86 12.54 10.84
N LEU E 78 11.55 12.89 12.10
CA LEU E 78 12.60 13.01 13.10
C LEU E 78 13.15 11.64 13.48
N LYS E 79 12.30 10.61 13.55
CA LYS E 79 12.79 9.27 13.83
C LYS E 79 13.74 8.79 12.73
N LEU E 80 13.34 8.98 11.47
CA LEU E 80 14.21 8.58 10.37
C LEU E 80 15.47 9.44 10.31
N LEU E 81 15.38 10.70 10.75
CA LEU E 81 16.58 11.53 10.83
C LEU E 81 17.54 11.04 11.90
N GLU E 82 17.00 10.59 13.04
CA GLU E 82 17.86 9.99 14.07
C GLU E 82 18.55 8.74 13.53
N TYR E 83 17.80 7.88 12.84
CA TYR E 83 18.42 6.69 12.23
C TYR E 83 19.47 7.08 11.21
N PHE E 84 19.19 8.09 10.38
CA PHE E 84 20.14 8.54 9.38
C PHE E 84 21.40 9.09 10.02
N VAL E 85 21.26 9.86 11.09
CA VAL E 85 22.43 10.41 11.78
C VAL E 85 23.27 9.28 12.36
N GLU E 86 22.62 8.30 12.99
CA GLU E 86 23.36 7.17 13.56
C GLU E 86 24.14 6.43 12.48
N GLU E 87 23.46 6.09 11.38
CA GLU E 87 24.13 5.33 10.31
C GLU E 87 25.25 6.16 9.66
N TYR E 88 24.99 7.46 9.45
CA TYR E 88 25.97 8.33 8.81
C TYR E 88 27.22 8.49 9.67
N PHE E 89 27.05 8.67 10.97
CA PHE E 89 28.21 8.73 11.85
C PHE E 89 28.92 7.39 11.96
N ASP E 90 28.17 6.29 11.86
CA ASP E 90 28.80 4.98 11.87
C ASP E 90 29.67 4.78 10.63
N GLN E 91 29.20 5.21 9.47
CA GLN E 91 29.92 4.99 8.22
C GLN E 91 30.86 6.14 7.85
N ASN E 92 30.87 7.22 8.61
CA ASN E 92 31.74 8.36 8.34
C ASN E 92 32.45 8.76 9.63
N PRO E 93 33.77 8.55 9.74
CA PRO E 93 34.45 8.84 11.00
C PRO E 93 34.62 10.32 11.29
N ILE E 94 35.00 11.12 10.29
CA ILE E 94 35.39 12.51 10.53
C ILE E 94 34.40 13.45 9.84
N SER E 95 33.15 13.05 9.77
CA SER E 95 32.11 13.88 9.17
C SER E 95 31.48 14.80 10.22
N GLN E 96 30.74 15.79 9.74
CA GLN E 96 30.05 16.73 10.61
C GLN E 96 28.61 16.90 10.15
N ILE E 97 27.72 17.10 11.12
CA ILE E 97 26.29 17.24 10.86
C ILE E 97 25.81 18.55 11.46
N GLY E 98 25.10 19.34 10.65
CA GLY E 98 24.42 20.52 11.13
C GLY E 98 22.93 20.39 10.87
N ILE E 99 22.14 21.02 11.74
CA ILE E 99 20.67 20.93 11.66
C ILE E 99 20.11 22.34 11.61
N ILE E 100 19.32 22.62 10.58
CA ILE E 100 18.62 23.90 10.43
C ILE E 100 17.13 23.60 10.28
N VAL E 101 16.31 24.34 11.02
CA VAL E 101 14.86 24.18 10.99
C VAL E 101 14.25 25.45 10.41
N THR E 102 13.40 25.29 9.41
CA THR E 102 12.72 26.42 8.78
C THR E 102 11.28 26.49 9.27
N LYS E 103 10.87 27.69 9.71
CA LYS E 103 9.56 27.90 10.30
C LYS E 103 9.24 29.38 10.26
N SER E 104 7.98 29.69 9.95
CA SER E 104 7.48 31.08 9.96
C SER E 104 8.34 31.98 9.06
N LYS E 105 8.68 31.47 7.88
CA LYS E 105 9.48 32.19 6.89
C LYS E 105 10.84 32.61 7.45
N ARG E 106 11.38 31.82 8.38
CA ARG E 106 12.69 32.06 8.96
C ARG E 106 13.43 30.74 9.10
N ALA E 107 14.74 30.84 9.30
CA ALA E 107 15.58 29.66 9.46
C ALA E 107 16.37 29.79 10.76
N GLU E 108 16.36 28.72 11.57
CA GLU E 108 17.04 28.71 12.85
C GLU E 108 18.01 27.53 12.89
N LYS E 109 19.25 27.80 13.29
CA LYS E 109 20.26 26.76 13.41
C LYS E 109 20.01 25.99 14.70
N LEU E 110 19.31 24.87 14.60
CA LEU E 110 18.92 24.13 15.81
C LEU E 110 20.14 23.55 16.51
N THR E 111 21.09 23.00 15.75
CA THR E 111 22.26 22.36 16.33
C THR E 111 23.50 22.82 15.57
N GLU E 112 24.59 23.04 16.30
CA GLU E 112 25.84 23.46 15.68
C GLU E 112 26.46 22.32 14.87
N LEU E 113 27.29 22.71 13.91
CA LEU E 113 27.95 21.73 13.05
C LEU E 113 29.04 21.02 13.85
N SER E 114 28.81 19.74 14.16
CA SER E 114 29.75 18.96 14.94
C SER E 114 29.56 17.48 14.63
N GLY E 115 30.44 16.67 15.20
CA GLY E 115 30.43 15.23 15.00
C GLY E 115 29.83 14.42 16.13
N ASN E 116 29.21 15.07 17.11
CA ASN E 116 28.64 14.34 18.24
C ASN E 116 27.28 13.78 17.87
N PRO E 117 27.07 12.47 17.92
CA PRO E 117 25.74 11.93 17.61
C PRO E 117 24.73 12.13 18.73
N ARG E 118 25.17 12.03 19.98
CA ARG E 118 24.24 12.14 21.10
C ARG E 118 23.62 13.52 21.18
N LYS E 119 24.40 14.57 20.91
CA LYS E 119 23.86 15.92 20.93
C LYS E 119 22.79 16.09 19.86
N HIS E 120 23.03 15.57 18.66
CA HIS E 120 22.04 15.68 17.58
C HIS E 120 20.78 14.88 17.93
N ILE E 121 20.94 13.69 18.50
CA ILE E 121 19.79 12.88 18.87
C ILE E 121 18.97 13.58 19.94
N THR E 122 19.64 14.16 20.94
CA THR E 122 18.93 14.89 21.99
C THR E 122 18.20 16.10 21.43
N SER E 123 18.85 16.83 20.51
CA SER E 123 18.19 17.98 19.90
C SER E 123 16.95 17.56 19.11
N LEU E 124 17.05 16.46 18.36
CA LEU E 124 15.89 15.99 17.61
C LEU E 124 14.78 15.54 18.54
N LYS E 125 15.12 14.84 19.63
CA LYS E 125 14.10 14.40 20.58
C LYS E 125 13.42 15.60 21.23
N LYS E 126 14.18 16.65 21.55
CA LYS E 126 13.58 17.88 22.07
C LYS E 126 12.67 18.51 21.02
N ALA E 127 13.10 18.51 19.76
CA ALA E 127 12.31 19.09 18.68
C ALA E 127 11.10 18.25 18.32
N VAL E 128 10.98 17.03 18.84
CA VAL E 128 9.80 16.21 18.57
C VAL E 128 8.54 16.92 19.04
N ASP E 129 8.59 17.56 20.21
CA ASP E 129 7.43 18.21 20.80
C ASP E 129 7.37 19.70 20.48
N MET E 130 7.87 20.11 19.32
CA MET E 130 7.81 21.50 18.91
C MET E 130 6.41 21.83 18.38
N THR E 131 6.22 23.09 17.99
CA THR E 131 4.97 23.56 17.43
C THR E 131 5.18 23.90 15.96
N CYS E 132 4.33 23.35 15.10
CA CYS E 132 4.41 23.59 13.66
C CYS E 132 3.56 24.80 13.31
N HIS E 133 4.20 25.86 12.80
CA HIS E 133 3.51 27.09 12.48
C HIS E 133 4.24 27.78 11.34
N GLY E 134 3.51 28.67 10.65
CA GLY E 134 4.12 29.44 9.58
C GLY E 134 4.34 28.62 8.33
N GLU E 135 5.22 29.15 7.48
CA GLU E 135 5.56 28.54 6.20
C GLU E 135 7.07 28.47 6.06
N PRO E 136 7.57 27.48 5.33
CA PRO E 136 9.03 27.32 5.19
C PRO E 136 9.63 28.39 4.30
N SER E 137 10.92 28.61 4.47
CA SER E 137 11.68 29.57 3.66
C SER E 137 12.99 28.92 3.28
N LEU E 138 13.05 28.34 2.08
CA LEU E 138 14.27 27.69 1.61
C LEU E 138 15.40 28.69 1.43
N TYR E 139 15.08 29.93 1.07
CA TYR E 139 16.11 30.93 0.82
C TYR E 139 16.93 31.20 2.07
N ASN E 140 16.27 31.38 3.20
CA ASN E 140 16.98 31.67 4.45
C ASN E 140 17.85 30.50 4.88
N SER E 141 17.32 29.28 4.80
CA SER E 141 18.10 28.10 5.18
C SER E 141 19.32 27.93 4.28
N LEU E 142 19.14 28.10 2.97
CA LEU E 142 20.26 28.00 2.05
C LEU E 142 21.29 29.09 2.30
N SER E 143 20.84 30.31 2.61
CA SER E 143 21.76 31.38 2.91
C SER E 143 22.57 31.09 4.17
N ILE E 144 21.91 30.56 5.21
CA ILE E 144 22.63 30.22 6.44
C ILE E 144 23.64 29.11 6.18
N ALA E 145 23.24 28.08 5.43
CA ALA E 145 24.15 26.99 5.13
C ALA E 145 25.35 27.47 4.32
N MET E 146 25.11 28.35 3.33
CA MET E 146 26.20 28.88 2.53
C MET E 146 27.13 29.73 3.37
N GLN E 147 26.57 30.56 4.26
CA GLN E 147 27.41 31.38 5.13
C GLN E 147 28.26 30.52 6.04
N THR E 148 27.71 29.42 6.55
CA THR E 148 28.48 28.54 7.41
C THR E 148 29.58 27.80 6.64
N LEU E 149 29.26 27.31 5.44
CA LEU E 149 30.17 26.45 4.71
C LEU E 149 31.12 27.20 3.78
N LYS E 150 30.97 28.53 3.64
CA LYS E 150 31.87 29.27 2.77
C LYS E 150 33.30 29.24 3.28
N HIS E 151 33.48 29.34 4.60
CA HIS E 151 34.81 29.37 5.20
C HIS E 151 35.41 27.98 5.38
N MET E 152 34.67 26.92 5.08
CA MET E 152 35.19 25.58 5.20
C MET E 152 36.25 25.32 4.12
N PRO E 153 37.22 24.45 4.38
CA PRO E 153 38.25 24.16 3.39
C PRO E 153 37.66 23.52 2.13
N GLY E 154 38.30 23.80 1.00
CA GLY E 154 37.80 23.32 -0.27
C GLY E 154 37.82 21.81 -0.41
N HIS E 155 38.80 21.15 0.20
CA HIS E 155 38.91 19.70 0.06
C HIS E 155 37.73 18.97 0.69
N THR E 156 37.15 19.55 1.75
CA THR E 156 35.96 18.95 2.35
C THR E 156 34.79 19.03 1.40
N SER E 157 33.99 17.95 1.34
CA SER E 157 32.81 17.92 0.49
C SER E 157 31.66 18.57 1.23
N ARG E 158 31.19 19.70 0.71
CA ARG E 158 30.08 20.44 1.32
C ARG E 158 28.77 19.93 0.75
N GLU E 159 27.94 19.32 1.61
CA GLU E 159 26.67 18.75 1.20
C GLU E 159 25.55 19.33 2.05
N VAL E 160 24.41 19.58 1.41
CA VAL E 160 23.23 20.10 2.08
C VAL E 160 22.05 19.20 1.74
N LEU E 161 21.34 18.74 2.76
CA LEU E 161 20.15 17.93 2.59
C LEU E 161 18.94 18.70 3.07
N ILE E 162 17.90 18.77 2.24
CA ILE E 162 16.70 19.54 2.52
C ILE E 162 15.51 18.60 2.55
N ILE E 163 14.75 18.65 3.64
CA ILE E 163 13.51 17.89 3.78
C ILE E 163 12.37 18.90 3.63
N PHE E 164 11.77 18.93 2.45
CA PHE E 164 10.78 19.94 2.11
C PHE E 164 9.39 19.29 2.15
N SER E 165 8.63 19.59 3.20
CA SER E 165 7.29 19.05 3.36
C SER E 165 6.26 19.93 2.64
N SER E 166 6.20 21.20 3.00
CA SER E 166 5.28 22.12 2.34
C SER E 166 5.70 22.36 0.90
N LEU E 167 4.71 22.60 0.04
CA LEU E 167 4.94 22.81 -1.38
C LEU E 167 5.19 24.27 -1.73
N THR E 168 5.07 25.18 -0.76
CA THR E 168 5.25 26.61 -1.00
C THR E 168 6.35 27.15 -0.10
N THR E 169 7.19 28.02 -0.66
CA THR E 169 8.28 28.65 0.09
C THR E 169 8.25 30.15 -0.17
N CYS E 170 8.52 30.93 0.88
CA CYS E 170 8.56 32.38 0.79
C CYS E 170 10.02 32.83 0.74
N ASP E 171 10.40 33.48 -0.34
CA ASP E 171 11.77 33.94 -0.54
C ASP E 171 11.80 35.46 -0.51
N PRO E 172 12.49 36.08 0.46
CA PRO E 172 12.57 37.55 0.48
C PRO E 172 13.26 38.14 -0.74
N SER E 173 14.12 37.37 -1.42
CA SER E 173 14.80 37.84 -2.61
C SER E 173 14.77 36.73 -3.66
N ASN E 174 15.39 37.00 -4.80
CA ASN E 174 15.44 36.00 -5.87
C ASN E 174 16.26 34.80 -5.43
N ILE E 175 15.75 33.61 -5.74
CA ILE E 175 16.41 32.39 -5.31
C ILE E 175 17.42 31.88 -6.35
N TYR E 176 17.18 32.15 -7.63
CA TYR E 176 18.09 31.66 -8.68
C TYR E 176 19.47 32.29 -8.56
N ASP E 177 19.54 33.54 -8.10
CA ASP E 177 20.85 34.13 -7.82
C ASP E 177 21.57 33.37 -6.71
N LEU E 178 20.83 32.97 -5.67
CA LEU E 178 21.42 32.15 -4.63
C LEU E 178 21.84 30.79 -5.15
N ILE E 179 21.06 30.22 -6.08
CA ILE E 179 21.45 28.95 -6.69
C ILE E 179 22.75 29.10 -7.47
N LYS E 180 22.89 30.19 -8.23
CA LYS E 180 24.13 30.43 -8.95
C LYS E 180 25.30 30.62 -7.99
N THR E 181 25.07 31.33 -6.88
CA THR E 181 26.13 31.52 -5.89
C THR E 181 26.55 30.18 -5.28
N LEU E 182 25.58 29.32 -4.97
CA LEU E 182 25.90 27.99 -4.44
C LEU E 182 26.68 27.16 -5.46
N LYS E 183 26.28 27.24 -6.74
CA LYS E 183 27.00 26.52 -7.77
C LYS E 183 28.45 27.02 -7.89
N ALA E 184 28.64 28.34 -7.80
CA ALA E 184 29.99 28.89 -7.83
C ALA E 184 30.78 28.51 -6.59
N ALA E 185 30.10 28.28 -5.46
CA ALA E 185 30.77 27.94 -4.21
C ALA E 185 31.07 26.45 -4.08
N LYS E 186 30.67 25.64 -5.07
CA LYS E 186 30.93 24.19 -5.07
C LYS E 186 30.34 23.53 -3.83
N ILE E 187 29.02 23.63 -3.72
CA ILE E 187 28.25 23.04 -2.63
C ILE E 187 27.24 22.08 -3.22
N ARG E 188 27.03 20.95 -2.55
CA ARG E 188 26.08 19.93 -2.99
C ARG E 188 24.78 20.08 -2.21
N VAL E 189 23.65 20.10 -2.93
CA VAL E 189 22.34 20.25 -2.32
C VAL E 189 21.44 19.13 -2.81
N SER E 190 20.80 18.42 -1.89
CA SER E 190 19.88 17.35 -2.21
C SER E 190 18.56 17.59 -1.49
N VAL E 191 17.45 17.34 -2.20
CA VAL E 191 16.12 17.60 -1.68
C VAL E 191 15.30 16.32 -1.73
N ILE E 192 14.62 16.01 -0.63
CA ILE E 192 13.75 14.84 -0.53
C ILE E 192 12.38 15.37 -0.11
N GLY E 193 11.50 15.60 -1.09
CA GLY E 193 10.17 16.10 -0.81
C GLY E 193 9.26 15.02 -0.30
N LEU E 194 8.09 15.45 0.19
CA LEU E 194 7.12 14.56 0.80
C LEU E 194 5.79 14.50 0.07
N SER E 195 5.33 15.62 -0.49
CA SER E 195 4.01 15.67 -1.11
C SER E 195 4.06 15.36 -2.60
N ALA E 196 4.78 16.17 -3.37
CA ALA E 196 4.84 16.01 -4.82
C ALA E 196 6.07 16.74 -5.34
N GLU E 197 6.28 16.64 -6.65
CA GLU E 197 7.41 17.30 -7.28
C GLU E 197 7.24 18.81 -7.28
N VAL E 198 8.32 19.53 -6.99
CA VAL E 198 8.34 20.98 -7.00
C VAL E 198 9.40 21.42 -8.00
N ARG E 199 9.04 22.37 -8.86
CA ARG E 199 9.94 22.77 -9.94
C ARG E 199 11.22 23.41 -9.40
N VAL E 200 11.10 24.27 -8.37
CA VAL E 200 12.27 24.96 -7.86
C VAL E 200 13.25 23.98 -7.25
N CYS E 201 12.76 22.97 -6.54
CA CYS E 201 13.64 21.97 -5.96
C CYS E 201 14.34 21.16 -7.05
N THR E 202 13.61 20.80 -8.10
CA THR E 202 14.22 20.06 -9.21
C THR E 202 15.31 20.88 -9.88
N VAL E 203 15.05 22.17 -10.13
CA VAL E 203 16.04 23.03 -10.74
C VAL E 203 17.26 23.17 -9.83
N LEU E 204 17.03 23.34 -8.53
CA LEU E 204 18.13 23.45 -7.58
C LEU E 204 18.99 22.19 -7.58
N ALA E 205 18.36 21.02 -7.56
CA ALA E 205 19.11 19.77 -7.58
C ALA E 205 19.87 19.60 -8.89
N ARG E 206 19.25 19.96 -10.01
CA ARG E 206 19.91 19.81 -11.30
C ARG E 206 21.11 20.72 -11.44
N GLU E 207 20.95 22.00 -11.11
CA GLU E 207 22.05 22.96 -11.29
C GLU E 207 23.14 22.75 -10.25
N THR E 208 22.75 22.41 -9.02
CA THR E 208 23.71 22.27 -7.92
C THR E 208 24.43 20.92 -7.96
N GLY E 209 24.03 20.01 -8.82
CA GLY E 209 24.67 18.71 -8.93
C GLY E 209 24.15 17.66 -7.96
N GLY E 210 23.13 17.97 -7.17
CA GLY E 210 22.56 17.03 -6.24
C GLY E 210 21.47 16.19 -6.88
N THR E 211 20.74 15.48 -6.03
CA THR E 211 19.65 14.61 -6.45
C THR E 211 18.37 15.01 -5.76
N TYR E 212 17.26 15.01 -6.50
CA TYR E 212 15.94 15.32 -5.98
C TYR E 212 15.07 14.08 -6.00
N HIS E 213 14.41 13.81 -4.88
CA HIS E 213 13.58 12.62 -4.76
C HIS E 213 12.27 12.98 -4.08
N VAL E 214 11.27 12.12 -4.29
CA VAL E 214 9.94 12.28 -3.70
C VAL E 214 9.59 11.01 -2.95
N ILE E 215 9.11 11.15 -1.72
CA ILE E 215 8.84 10.02 -0.85
C ILE E 215 7.53 9.37 -1.25
N LEU E 216 7.55 8.04 -1.42
CA LEU E 216 6.34 7.27 -1.64
C LEU E 216 5.76 6.75 -0.32
N ASP E 217 6.59 6.09 0.49
CA ASP E 217 6.17 5.56 1.78
C ASP E 217 7.34 5.68 2.75
N GLU E 218 7.12 5.22 3.98
CA GLU E 218 8.17 5.26 4.99
C GLU E 218 9.37 4.41 4.59
N SER E 219 9.11 3.24 3.98
CA SER E 219 10.19 2.40 3.50
C SER E 219 11.00 3.10 2.42
N HIS E 220 10.32 3.79 1.50
CA HIS E 220 11.04 4.54 0.47
C HIS E 220 11.85 5.68 1.09
N TYR E 221 11.29 6.32 2.13
CA TYR E 221 12.03 7.37 2.83
C TYR E 221 13.31 6.81 3.46
N LYS E 222 13.20 5.65 4.10
CA LYS E 222 14.38 5.03 4.71
C LYS E 222 15.40 4.62 3.64
N GLU E 223 14.92 4.11 2.51
CA GLU E 223 15.84 3.75 1.42
C GLU E 223 16.57 4.98 0.88
N LEU E 224 15.85 6.09 0.72
CA LEU E 224 16.50 7.32 0.25
C LEU E 224 17.53 7.82 1.25
N LEU E 225 17.20 7.77 2.54
CA LEU E 225 18.18 8.18 3.56
C LEU E 225 19.40 7.28 3.55
N THR E 226 19.20 5.97 3.43
CA THR E 226 20.32 5.04 3.37
C THR E 226 21.18 5.29 2.14
N HIS E 227 20.56 5.60 1.01
CA HIS E 227 21.31 5.96 -0.18
C HIS E 227 22.13 7.23 0.05
N HIS E 228 21.55 8.21 0.73
CA HIS E 228 22.28 9.43 1.06
C HIS E 228 23.39 9.20 2.08
N VAL E 229 23.32 8.10 2.83
CA VAL E 229 24.37 7.82 3.82
C VAL E 229 25.72 7.60 3.14
N SER E 230 25.72 6.89 2.01
CA SER E 230 26.97 6.49 1.37
C SER E 230 27.79 7.72 0.97
N PRO E 231 29.07 7.78 1.32
CA PRO E 231 29.87 8.94 0.94
C PRO E 231 30.07 8.98 -0.57
N PRO E 232 30.19 10.18 -1.15
CA PRO E 232 30.45 10.27 -2.58
C PRO E 232 31.87 9.83 -2.89
N PRO E 233 32.12 9.33 -4.09
CA PRO E 233 33.48 8.96 -4.47
C PRO E 233 34.39 10.19 -4.58
N ALA E 234 35.67 9.97 -4.33
CA ALA E 234 36.67 11.03 -4.37
C ALA E 234 37.79 10.67 -5.33
N SER E 235 38.57 11.68 -5.70
CA SER E 235 39.70 11.46 -6.58
C SER E 235 40.84 10.76 -5.85
N SER E 236 41.80 10.25 -6.63
CA SER E 236 42.95 9.57 -6.03
C SER E 236 43.78 10.52 -5.17
N SER E 237 43.99 11.74 -5.65
CA SER E 237 44.75 12.74 -4.91
C SER E 237 44.25 14.12 -5.33
N SER E 238 43.83 14.93 -4.35
CA SER E 238 43.30 16.25 -4.61
C SER E 238 44.25 17.37 -4.21
N GLU E 239 44.68 17.40 -2.95
CA GLU E 239 45.51 18.48 -2.44
C GLU E 239 46.27 17.96 -1.23
N CYS E 240 46.90 18.87 -0.48
CA CYS E 240 47.64 18.54 0.73
C CYS E 240 46.77 18.51 1.97
N SER E 241 45.52 18.07 1.85
CA SER E 241 44.58 18.06 2.95
C SER E 241 45.04 17.15 4.08
N LEU E 242 45.45 17.76 5.20
CA LEU E 242 45.80 17.02 6.40
C LEU E 242 45.28 17.78 7.61
N ILE E 243 44.88 17.04 8.63
CA ILE E 243 44.32 17.64 9.85
C ILE E 243 44.99 17.00 11.05
N ARG E 244 45.44 17.83 11.99
CA ARG E 244 46.03 17.33 13.23
C ARG E 244 44.91 16.99 14.19
N MET E 245 44.82 15.71 14.57
CA MET E 245 43.80 15.24 15.49
C MET E 245 44.45 14.38 16.56
N GLY E 246 43.89 14.44 17.77
CA GLY E 246 44.42 13.70 18.90
C GLY E 246 43.78 12.33 19.03
N PHE E 247 44.41 11.50 19.87
CA PHE E 247 43.94 10.15 20.16
C PHE E 247 43.87 10.00 21.69
N PRO E 248 42.79 10.47 22.31
CA PRO E 248 42.70 10.44 23.78
C PRO E 248 42.55 9.01 24.29
N GLN E 249 43.57 8.54 24.99
CA GLN E 249 43.52 7.22 25.61
C GLN E 249 42.55 7.23 26.78
N HIS E 250 41.77 6.15 26.90
CA HIS E 250 40.75 6.04 27.95
C HIS E 250 41.43 5.60 29.25
N THR E 251 42.09 6.57 29.90
CA THR E 251 42.80 6.32 31.16
C THR E 251 41.84 6.58 32.31
N ILE E 252 41.32 5.53 32.91
CA ILE E 252 40.49 5.63 34.10
C ILE E 252 41.40 5.78 35.31
N ALA E 253 40.84 6.17 36.44
CA ALA E 253 41.59 6.35 37.68
C ALA E 253 41.09 5.37 38.73
N SER E 254 42.01 4.97 39.62
CA SER E 254 41.68 4.07 40.72
C SER E 254 42.26 4.60 42.01
N LEU E 255 41.56 4.34 43.11
CA LEU E 255 42.02 4.80 44.42
C LEU E 255 43.21 4.00 44.92
N SER E 256 43.47 2.82 44.34
CA SER E 256 44.64 2.03 44.74
C SER E 256 45.93 2.77 44.44
N ASP E 257 46.00 3.42 43.28
CA ASP E 257 47.17 4.20 42.92
C ASP E 257 47.07 5.62 43.50
N GLN E 258 48.20 6.32 43.46
CA GLN E 258 48.25 7.69 43.96
C GLN E 258 47.80 8.71 42.92
N ASP E 259 47.46 8.26 41.70
CA ASP E 259 47.03 9.16 40.63
C ASP E 259 45.51 9.22 40.50
N ALA E 260 44.80 9.07 41.60
CA ALA E 260 43.34 9.20 41.61
C ALA E 260 42.98 10.67 41.49
N LYS E 261 42.68 11.11 40.27
CA LYS E 261 42.46 12.52 39.98
C LYS E 261 41.06 12.73 39.40
N PRO E 262 40.06 13.00 40.24
CA PRO E 262 38.72 13.29 39.72
C PRO E 262 38.71 14.59 38.93
N SER E 263 37.82 14.64 37.93
CA SER E 263 37.70 15.81 37.09
C SER E 263 36.29 15.87 36.51
N PHE E 264 35.93 17.05 36.01
CA PHE E 264 34.63 17.27 35.40
C PHE E 264 34.77 17.31 33.89
N SER E 265 33.91 16.56 33.20
CA SER E 265 33.90 16.57 31.75
C SER E 265 33.41 17.92 31.24
N MET E 266 34.09 18.43 30.19
CA MET E 266 33.72 19.72 29.64
C MET E 266 32.31 19.71 29.06
N ALA E 267 31.94 18.63 28.38
CA ALA E 267 30.60 18.54 27.80
C ALA E 267 29.53 18.50 28.88
N HIS E 268 29.79 17.78 29.98
CA HIS E 268 28.80 17.63 31.03
C HIS E 268 28.63 18.89 31.87
N LEU E 269 29.52 19.87 31.75
CA LEU E 269 29.41 21.09 32.54
C LEU E 269 28.14 21.86 32.18
N ASP E 270 27.82 21.94 30.89
CA ASP E 270 26.66 22.69 30.42
C ASP E 270 25.34 22.01 30.74
N GLY E 271 25.36 20.76 31.20
CA GLY E 271 24.12 20.07 31.52
C GLY E 271 23.43 20.66 32.73
N ASN E 272 22.10 20.54 32.74
CA ASN E 272 21.32 21.05 33.87
C ASN E 272 21.64 20.29 35.15
N THR E 273 21.78 18.96 35.05
CA THR E 273 22.11 18.16 36.22
C THR E 273 23.58 18.34 36.58
N GLU E 274 23.95 17.82 37.74
CA GLU E 274 25.32 17.91 38.21
C GLU E 274 26.23 17.13 37.26
N PRO E 275 27.29 17.74 36.73
CA PRO E 275 28.19 17.01 35.82
C PRO E 275 28.83 15.83 36.51
N GLY E 276 28.99 14.74 35.75
CA GLY E 276 29.60 13.54 36.28
C GLY E 276 31.09 13.67 36.51
N LEU E 277 31.49 13.73 37.78
CA LEU E 277 32.90 13.82 38.14
C LEU E 277 33.45 12.42 38.46
N THR E 278 33.46 11.59 37.43
CA THR E 278 33.87 10.20 37.58
C THR E 278 35.38 10.11 37.81
N LEU E 279 35.85 8.87 37.95
CA LEU E 279 37.27 8.63 38.18
C LEU E 279 38.12 9.13 37.02
N GLY E 280 37.69 8.83 35.79
CA GLY E 280 38.46 9.22 34.64
C GLY E 280 37.67 9.08 33.36
N GLY E 281 38.36 9.18 32.24
CA GLY E 281 37.75 9.10 30.93
C GLY E 281 38.75 9.33 29.82
N TYR E 282 38.40 10.18 28.85
CA TYR E 282 39.28 10.52 27.74
C TYR E 282 39.92 11.87 28.03
N PHE E 283 41.25 11.90 28.08
CA PHE E 283 42.01 13.11 28.36
C PHE E 283 42.65 13.61 27.08
N CYS E 284 42.51 14.91 26.82
CA CYS E 284 43.05 15.50 25.60
C CYS E 284 44.57 15.42 25.63
N PRO E 285 45.21 14.95 24.55
CA PRO E 285 46.67 14.89 24.53
C PRO E 285 47.35 16.24 24.57
N GLN E 286 46.62 17.33 24.27
CA GLN E 286 47.22 18.66 24.19
C GLN E 286 47.00 19.48 25.46
N CYS E 287 45.78 19.52 25.99
CA CYS E 287 45.46 20.33 27.15
C CYS E 287 44.88 19.53 28.31
N ARG E 288 44.88 18.20 28.21
CA ARG E 288 44.41 17.32 29.28
C ARG E 288 42.96 17.60 29.66
N ALA E 289 42.14 18.01 28.69
CA ALA E 289 40.73 18.19 28.95
C ALA E 289 40.02 16.84 28.99
N LYS E 290 39.07 16.70 29.90
CA LYS E 290 38.37 15.44 30.13
C LYS E 290 37.07 15.41 29.34
N TYR E 291 36.85 14.33 28.60
CA TYR E 291 35.61 14.13 27.86
C TYR E 291 35.15 12.69 28.05
N CYS E 292 33.84 12.48 27.94
CA CYS E 292 33.24 11.16 28.13
C CYS E 292 32.72 10.55 26.84
N GLU E 293 32.69 11.29 25.74
CA GLU E 293 32.14 10.81 24.49
C GLU E 293 33.13 11.04 23.36
N LEU E 294 33.12 10.14 22.38
CA LEU E 294 33.94 10.23 21.19
C LEU E 294 33.12 9.83 19.98
N PRO E 295 33.40 10.42 18.80
CA PRO E 295 34.39 11.48 18.60
C PRO E 295 33.85 12.87 18.90
N VAL E 296 34.54 13.61 19.77
CA VAL E 296 34.14 14.95 20.16
C VAL E 296 35.36 15.86 20.00
N GLU E 297 35.20 16.91 19.21
CA GLU E 297 36.26 17.90 19.07
C GLU E 297 36.46 18.65 20.38
N CYS E 298 37.72 18.86 20.76
CA CYS E 298 38.03 19.47 22.04
C CYS E 298 37.55 20.92 22.06
N LYS E 299 36.86 21.30 23.14
CA LYS E 299 36.31 22.65 23.24
C LYS E 299 37.39 23.69 23.52
N ILE E 300 38.48 23.30 24.17
CA ILE E 300 39.47 24.26 24.64
C ILE E 300 40.46 24.59 23.53
N CYS E 301 41.24 23.60 23.10
CA CYS E 301 42.30 23.84 22.12
C CYS E 301 41.85 23.62 20.69
N GLY E 302 40.62 23.19 20.47
CA GLY E 302 40.13 22.97 19.12
C GLY E 302 40.60 21.68 18.47
N LEU E 303 41.35 20.85 19.20
CA LEU E 303 41.83 19.60 18.64
C LEU E 303 40.69 18.62 18.44
N THR E 304 40.81 17.78 17.42
CA THR E 304 39.81 16.76 17.13
C THR E 304 40.20 15.44 17.78
N LEU E 305 39.28 14.85 18.53
CA LEU E 305 39.51 13.59 19.21
C LEU E 305 38.75 12.48 18.49
N VAL E 306 39.49 11.53 17.93
CA VAL E 306 38.91 10.43 17.16
C VAL E 306 39.40 9.11 17.73
N SER E 307 38.56 8.10 17.66
CA SER E 307 38.89 6.76 18.14
C SER E 307 39.70 6.05 17.06
N ALA E 308 40.87 5.53 17.44
CA ALA E 308 41.74 4.84 16.49
C ALA E 308 41.09 3.63 15.83
N PRO E 309 40.37 2.74 16.53
CA PRO E 309 39.72 1.62 15.83
C PRO E 309 38.74 2.06 14.76
N HIS E 310 38.04 3.18 14.96
CA HIS E 310 37.10 3.65 13.95
C HIS E 310 37.82 3.99 12.65
N LEU E 311 38.98 4.66 12.74
CA LEU E 311 39.76 4.95 11.55
C LEU E 311 40.37 3.68 10.95
N ALA E 312 40.82 2.76 11.81
CA ALA E 312 41.47 1.55 11.33
C ALA E 312 40.49 0.57 10.67
N ARG E 313 39.20 0.66 11.00
CA ARG E 313 38.22 -0.27 10.46
C ARG E 313 38.07 -0.16 8.94
N SER E 314 38.37 1.01 8.36
CA SER E 314 38.26 1.22 6.93
C SER E 314 39.56 0.99 6.18
N TYR E 315 40.61 0.53 6.87
CA TYR E 315 41.90 0.34 6.22
C TYR E 315 41.91 -0.87 5.28
N HIS E 316 41.00 -1.82 5.47
CA HIS E 316 40.98 -2.99 4.61
C HIS E 316 40.57 -2.63 3.18
N HIS E 317 39.83 -1.55 3.00
CA HIS E 317 39.49 -1.09 1.65
C HIS E 317 40.73 -0.61 0.90
N LEU E 318 41.68 0.02 1.61
CA LEU E 318 42.87 0.54 0.96
C LEU E 318 43.71 -0.58 0.37
N PHE E 319 43.83 -1.70 1.07
CA PHE E 319 44.65 -2.84 0.65
C PHE E 319 43.79 -4.09 0.66
N PRO E 320 42.95 -4.26 -0.35
CA PRO E 320 42.14 -5.49 -0.42
C PRO E 320 43.01 -6.71 -0.65
N LEU E 321 42.55 -7.84 -0.13
CA LEU E 321 43.30 -9.09 -0.26
C LEU E 321 43.05 -9.71 -1.62
N ASP E 322 44.14 -10.04 -2.33
CA ASP E 322 44.02 -10.65 -3.65
C ASP E 322 43.43 -12.04 -3.53
N ALA E 323 42.53 -12.38 -4.46
CA ALA E 323 41.88 -13.68 -4.46
C ALA E 323 42.91 -14.78 -4.72
N PHE E 324 42.81 -15.86 -3.94
CA PHE E 324 43.74 -16.96 -4.09
C PHE E 324 43.45 -17.75 -5.36
N GLN E 325 44.50 -18.33 -5.93
CA GLN E 325 44.36 -19.12 -7.16
C GLN E 325 43.67 -20.44 -6.86
N GLU E 326 42.64 -20.75 -7.63
CA GLU E 326 41.90 -22.01 -7.47
C GLU E 326 42.68 -23.12 -8.15
N ILE E 327 43.26 -24.02 -7.36
CA ILE E 327 44.09 -25.11 -7.85
C ILE E 327 43.44 -26.42 -7.44
N PRO E 328 43.22 -27.36 -8.36
CA PRO E 328 42.67 -28.66 -7.96
C PRO E 328 43.64 -29.43 -7.07
N LEU E 329 43.08 -30.29 -6.23
CA LEU E 329 43.88 -31.04 -5.27
C LEU E 329 44.86 -31.97 -5.98
N GLU E 330 44.42 -32.60 -7.08
CA GLU E 330 45.28 -33.54 -7.79
C GLU E 330 46.51 -32.86 -8.36
N GLU E 331 46.36 -31.64 -8.88
CA GLU E 331 47.47 -30.93 -9.50
C GLU E 331 48.40 -30.28 -8.47
N TYR E 332 48.04 -30.30 -7.19
CA TYR E 332 48.88 -29.72 -6.15
C TYR E 332 49.74 -30.81 -5.51
N ASN E 333 51.04 -30.57 -5.43
CA ASN E 333 52.00 -31.49 -4.84
C ASN E 333 52.48 -30.88 -3.53
N GLY E 334 51.96 -31.38 -2.42
CA GLY E 334 52.36 -30.86 -1.13
C GLY E 334 51.49 -31.42 -0.03
N GLU E 335 51.54 -30.77 1.13
CA GLU E 335 50.74 -31.20 2.26
C GLU E 335 49.26 -30.99 2.00
N ARG E 336 48.45 -31.93 2.51
CA ARG E 336 47.00 -31.88 2.33
C ARG E 336 46.29 -31.37 3.58
N PHE E 337 46.95 -30.55 4.38
CA PHE E 337 46.37 -29.97 5.59
C PHE E 337 46.27 -28.46 5.41
N CYS E 338 45.12 -27.90 5.80
CA CYS E 338 44.91 -26.47 5.68
C CYS E 338 45.87 -25.71 6.60
N TYR E 339 46.40 -24.60 6.09
CA TYR E 339 47.33 -23.80 6.89
C TYR E 339 46.62 -23.05 8.00
N GLY E 340 45.32 -22.77 7.83
CA GLY E 340 44.58 -21.98 8.79
C GLY E 340 43.90 -22.77 9.88
N CYS E 341 43.06 -23.74 9.48
CA CYS E 341 42.29 -24.53 10.44
C CYS E 341 42.90 -25.89 10.71
N GLN E 342 44.03 -26.21 10.10
CA GLN E 342 44.73 -27.48 10.25
C GLN E 342 43.89 -28.68 9.83
N GLY E 343 42.79 -28.46 9.11
CA GLY E 343 41.97 -29.55 8.65
C GLY E 343 42.50 -30.20 7.39
N GLU E 344 42.14 -31.46 7.20
CA GLU E 344 42.54 -32.19 6.00
C GLU E 344 41.84 -31.63 4.77
N LEU E 345 42.58 -31.49 3.70
CA LEU E 345 42.06 -30.92 2.45
C LEU E 345 41.48 -32.05 1.61
N LYS E 346 40.15 -32.14 1.59
CA LYS E 346 39.44 -33.13 0.80
C LYS E 346 38.60 -32.51 -0.32
N ASP E 347 38.55 -31.18 -0.41
CA ASP E 347 37.78 -30.53 -1.44
C ASP E 347 38.43 -30.71 -2.81
N GLN E 348 37.61 -30.54 -3.86
CA GLN E 348 38.10 -30.71 -5.21
C GLN E 348 39.10 -29.63 -5.61
N HIS E 349 39.08 -28.48 -4.95
CA HIS E 349 39.97 -27.38 -5.27
C HIS E 349 40.64 -26.86 -3.99
N VAL E 350 41.92 -26.54 -4.10
CA VAL E 350 42.69 -25.99 -2.99
C VAL E 350 43.23 -24.64 -3.42
N TYR E 351 43.02 -23.62 -2.58
CA TYR E 351 43.41 -22.26 -2.89
C TYR E 351 44.79 -21.97 -2.31
N VAL E 352 45.67 -21.44 -3.15
CA VAL E 352 47.05 -21.16 -2.77
C VAL E 352 47.31 -19.68 -2.94
N CYS E 353 47.83 -19.05 -1.89
CA CYS E 353 48.16 -17.63 -1.96
C CYS E 353 49.36 -17.41 -2.89
N ALA E 354 49.37 -16.24 -3.55
CA ALA E 354 50.42 -15.90 -4.48
C ALA E 354 51.65 -15.30 -3.82
N VAL E 355 51.62 -15.09 -2.50
CA VAL E 355 52.74 -14.46 -1.80
C VAL E 355 53.46 -15.50 -0.94
N CYS E 356 52.74 -16.08 0.02
CA CYS E 356 53.31 -17.05 0.93
C CYS E 356 53.19 -18.49 0.45
N GLN E 357 52.44 -18.74 -0.62
CA GLN E 357 52.26 -20.08 -1.19
C GLN E 357 51.76 -21.08 -0.15
N ASN E 358 50.83 -20.65 0.69
CA ASN E 358 50.20 -21.53 1.66
C ASN E 358 48.91 -22.10 1.07
N VAL E 359 48.35 -23.08 1.78
CA VAL E 359 47.15 -23.79 1.32
C VAL E 359 46.03 -23.54 2.32
N PHE E 360 44.86 -23.17 1.80
CA PHE E 360 43.67 -22.93 2.61
C PHE E 360 42.49 -23.63 1.99
N CYS E 361 41.59 -24.14 2.83
CA CYS E 361 40.39 -24.80 2.36
C CYS E 361 39.36 -23.76 1.92
N VAL E 362 38.20 -24.24 1.46
CA VAL E 362 37.16 -23.35 0.95
C VAL E 362 36.65 -22.46 2.08
N ASP E 363 36.35 -23.05 3.24
CA ASP E 363 35.80 -22.28 4.35
C ASP E 363 36.80 -21.23 4.83
N CYS E 364 38.07 -21.61 4.98
CA CYS E 364 39.08 -20.65 5.42
C CYS E 364 39.29 -19.56 4.37
N ASP E 365 39.26 -19.92 3.09
CA ASP E 365 39.41 -18.92 2.04
C ASP E 365 38.27 -17.91 2.08
N VAL E 366 37.04 -18.40 2.25
CA VAL E 366 35.89 -17.50 2.34
C VAL E 366 36.00 -16.61 3.57
N PHE E 367 36.40 -17.19 4.71
CA PHE E 367 36.54 -16.41 5.93
C PHE E 367 37.59 -15.31 5.78
N VAL E 368 38.72 -15.65 5.16
CA VAL E 368 39.79 -14.66 4.96
C VAL E 368 39.33 -13.56 4.01
N HIS E 369 38.71 -13.94 2.90
CA HIS E 369 38.33 -12.96 1.89
C HIS E 369 37.11 -12.13 2.29
N ASP E 370 36.35 -12.56 3.30
CA ASP E 370 35.14 -11.86 3.69
C ASP E 370 35.29 -11.12 5.02
N SER E 371 35.87 -11.77 6.03
CA SER E 371 35.96 -11.19 7.37
C SER E 371 37.37 -10.81 7.77
N LEU E 372 38.32 -11.76 7.68
CA LEU E 372 39.67 -11.50 8.15
C LEU E 372 40.35 -10.41 7.32
N HIS E 373 40.15 -10.44 6.00
CA HIS E 373 40.69 -9.46 5.05
C HIS E 373 42.21 -9.46 5.01
N CYS E 374 42.87 -10.43 5.64
CA CYS E 374 44.32 -10.53 5.63
C CYS E 374 44.71 -12.00 5.56
N CYS E 375 45.74 -12.29 4.78
CA CYS E 375 46.20 -13.66 4.63
C CYS E 375 47.05 -14.05 5.85
N PRO E 376 46.68 -15.11 6.58
CA PRO E 376 47.48 -15.50 7.75
C PRO E 376 48.91 -15.84 7.42
N GLY E 377 49.17 -16.44 6.25
CA GLY E 377 50.53 -16.77 5.87
C GLY E 377 51.39 -15.55 5.63
N CYS E 378 50.82 -14.52 5.01
CA CYS E 378 51.56 -13.30 4.73
C CYS E 378 51.91 -12.54 6.01
N ILE E 379 51.19 -12.78 7.11
CA ILE E 379 51.48 -12.10 8.37
C ILE E 379 52.87 -12.50 8.87
N HIS E 380 53.19 -13.79 8.80
CA HIS E 380 54.48 -14.29 9.27
C HIS E 380 55.61 -13.84 8.36
N ASP F 1 23.02 -28.52 25.71
CA ASP F 1 23.01 -27.87 24.40
C ASP F 1 23.90 -26.62 24.40
N GLU F 2 24.45 -26.30 25.56
CA GLU F 2 25.34 -25.15 25.71
C GLU F 2 26.76 -25.58 25.37
N LEU F 3 27.25 -25.15 24.20
CA LEU F 3 28.58 -25.49 23.74
C LEU F 3 29.52 -24.34 24.03
N ASN F 4 30.56 -24.60 24.82
CA ASN F 4 31.57 -23.61 25.16
C ASN F 4 32.91 -24.06 24.59
N LEU F 5 33.52 -23.22 23.77
CA LEU F 5 34.82 -23.49 23.19
C LEU F 5 35.84 -22.51 23.78
N LEU F 6 36.91 -23.05 24.34
CA LEU F 6 37.97 -22.24 24.94
C LEU F 6 39.26 -22.48 24.17
N VAL F 7 39.82 -21.41 23.61
CA VAL F 7 41.08 -21.46 22.89
C VAL F 7 42.09 -20.65 23.68
N ILE F 8 43.20 -21.29 24.04
CA ILE F 8 44.24 -20.68 24.87
C ILE F 8 45.46 -20.44 24.00
N VAL F 9 45.85 -19.17 23.89
CA VAL F 9 47.04 -18.78 23.14
C VAL F 9 48.17 -18.55 24.14
N VAL F 10 49.27 -19.26 23.96
CA VAL F 10 50.39 -19.24 24.88
C VAL F 10 51.58 -18.58 24.20
N ASP F 11 52.07 -17.49 24.81
CA ASP F 11 53.25 -16.80 24.30
C ASP F 11 54.48 -17.60 24.71
N ALA F 12 55.02 -18.37 23.76
CA ALA F 12 56.17 -19.22 23.98
C ALA F 12 57.44 -18.63 23.38
N ASN F 13 57.62 -17.32 23.48
CA ASN F 13 58.80 -16.67 22.93
C ASN F 13 60.05 -17.17 23.63
N PRO F 14 61.01 -17.73 22.92
CA PRO F 14 62.18 -18.33 23.59
C PRO F 14 63.02 -17.32 24.36
N ILE F 15 63.09 -16.07 23.91
CA ILE F 15 63.97 -15.10 24.54
C ILE F 15 63.50 -14.77 25.95
N TRP F 16 62.20 -14.48 26.11
CA TRP F 16 61.68 -14.11 27.41
C TRP F 16 61.78 -15.25 28.40
N TRP F 17 61.44 -16.46 27.97
CA TRP F 17 61.53 -17.61 28.87
C TRP F 17 62.97 -17.95 29.20
N GLY F 18 63.89 -17.78 28.25
CA GLY F 18 65.30 -17.98 28.56
C GLY F 18 65.81 -16.99 29.58
N LYS F 19 65.43 -15.72 29.44
CA LYS F 19 65.82 -14.72 30.43
C LYS F 19 65.21 -15.05 31.79
N GLN F 20 63.95 -15.49 31.82
CA GLN F 20 63.32 -15.87 33.08
C GLN F 20 64.04 -17.04 33.73
N ALA F 21 64.43 -18.04 32.93
CA ALA F 21 65.15 -19.19 33.47
C ALA F 21 66.51 -18.77 34.00
N LEU F 22 67.22 -17.88 33.29
CA LEU F 22 68.49 -17.39 33.78
C LEU F 22 68.34 -16.58 35.06
N LYS F 23 67.21 -15.90 35.23
CA LYS F 23 66.94 -15.19 36.47
C LYS F 23 66.74 -16.13 37.65
N GLU F 24 66.55 -17.42 37.41
CA GLU F 24 66.34 -18.41 38.46
C GLU F 24 65.14 -18.04 39.34
N SER F 25 64.10 -17.50 38.72
CA SER F 25 62.91 -17.11 39.44
C SER F 25 62.06 -18.33 39.79
N GLN F 26 61.07 -18.10 40.65
CA GLN F 26 60.19 -19.18 41.08
C GLN F 26 59.22 -19.64 39.99
N PHE F 27 59.13 -18.92 38.87
CA PHE F 27 58.21 -19.26 37.79
C PHE F 27 58.99 -19.58 36.53
N THR F 28 58.60 -20.66 35.87
CA THR F 28 59.23 -21.11 34.64
C THR F 28 58.16 -21.43 33.60
N LEU F 29 58.61 -21.73 32.38
CA LEU F 29 57.69 -22.11 31.32
C LEU F 29 56.97 -23.41 31.62
N SER F 30 57.65 -24.33 32.31
CA SER F 30 57.02 -25.60 32.68
C SER F 30 55.81 -25.37 33.58
N LYS F 31 55.94 -24.48 34.56
CA LYS F 31 54.81 -24.18 35.43
C LYS F 31 53.66 -23.53 34.66
N CYS F 32 53.98 -22.66 33.70
CA CYS F 32 52.95 -22.06 32.87
C CYS F 32 52.22 -23.12 32.05
N ILE F 33 52.96 -24.06 31.47
CA ILE F 33 52.33 -25.12 30.68
C ILE F 33 51.45 -25.99 31.58
N ASP F 34 51.93 -26.31 32.78
CA ASP F 34 51.13 -27.09 33.72
C ASP F 34 49.84 -26.35 34.10
N ALA F 35 49.95 -25.03 34.34
CA ALA F 35 48.76 -24.26 34.68
C ALA F 35 47.77 -24.23 33.52
N VAL F 36 48.27 -24.09 32.29
CA VAL F 36 47.39 -24.09 31.12
C VAL F 36 46.69 -25.44 30.99
N MET F 37 47.43 -26.53 31.19
CA MET F 37 46.82 -27.86 31.11
C MET F 37 45.76 -28.06 32.19
N VAL F 38 46.05 -27.60 33.41
CA VAL F 38 45.07 -27.72 34.48
C VAL F 38 43.83 -26.91 34.19
N LEU F 39 44.01 -25.70 33.65
CA LEU F 39 42.86 -24.87 33.28
C LEU F 39 42.03 -25.54 32.19
N GLY F 40 42.69 -26.14 31.19
CA GLY F 40 41.95 -26.85 30.16
C GLY F 40 41.19 -28.05 30.70
N ASN F 41 41.83 -28.79 31.62
CA ASN F 41 41.14 -29.92 32.24
C ASN F 41 39.93 -29.46 33.04
N SER F 42 40.07 -28.36 33.77
CA SER F 42 38.94 -27.81 34.52
C SER F 42 37.82 -27.38 33.58
N HIS F 43 38.17 -26.74 32.46
CA HIS F 43 37.16 -26.32 31.50
C HIS F 43 36.43 -27.52 30.92
N LEU F 44 37.16 -28.59 30.61
CA LEU F 44 36.50 -29.80 30.10
C LEU F 44 35.65 -30.46 31.17
N PHE F 45 36.06 -30.37 32.44
CA PHE F 45 35.26 -30.96 33.51
C PHE F 45 34.02 -30.14 33.82
N MET F 46 34.02 -28.85 33.47
CA MET F 46 32.85 -28.02 33.73
C MET F 46 31.61 -28.53 33.00
N ASN F 47 31.78 -28.94 31.75
CA ASN F 47 30.65 -29.50 30.99
C ASN F 47 31.21 -30.50 29.99
N ARG F 48 30.45 -31.57 29.76
CA ARG F 48 30.88 -32.61 28.83
C ARG F 48 31.01 -32.07 27.41
N SER F 49 30.06 -31.22 27.01
CA SER F 49 30.05 -30.69 25.64
C SER F 49 31.14 -29.66 25.39
N ASN F 50 31.84 -29.20 26.43
CA ASN F 50 32.87 -28.19 26.25
C ASN F 50 34.02 -28.72 25.40
N LYS F 51 34.61 -27.84 24.60
CA LYS F 51 35.73 -28.17 23.74
C LYS F 51 36.92 -27.28 24.09
N LEU F 52 38.12 -27.82 23.89
CA LEU F 52 39.35 -27.14 24.25
C LEU F 52 40.29 -27.08 23.05
N ALA F 53 41.00 -25.97 22.92
CA ALA F 53 42.03 -25.82 21.90
C ALA F 53 43.19 -25.01 22.49
N VAL F 54 44.41 -25.42 22.17
CA VAL F 54 45.61 -24.76 22.67
C VAL F 54 46.52 -24.46 21.48
N ILE F 55 46.93 -23.19 21.36
CA ILE F 55 47.84 -22.75 20.31
C ILE F 55 49.01 -22.03 20.98
N ALA F 56 50.23 -22.39 20.61
CA ALA F 56 51.43 -21.77 21.15
C ALA F 56 52.12 -20.97 20.06
N SER F 57 52.39 -19.70 20.34
CA SER F 57 53.06 -18.83 19.37
C SER F 57 54.57 -18.93 19.55
N HIS F 58 55.28 -18.65 18.46
CA HIS F 58 56.74 -18.66 18.50
C HIS F 58 57.24 -17.68 17.45
N ILE F 59 58.55 -17.44 17.46
CA ILE F 59 59.17 -16.59 16.45
C ILE F 59 58.95 -17.17 15.06
N GLN F 60 58.99 -18.49 14.94
CA GLN F 60 58.80 -19.14 13.65
C GLN F 60 57.34 -19.08 13.21
N GLU F 61 56.44 -19.69 13.98
CA GLU F 61 55.05 -19.79 13.59
C GLU F 61 54.21 -20.14 14.82
N SER F 62 52.96 -20.52 14.59
CA SER F 62 52.05 -20.94 15.64
C SER F 62 51.82 -22.44 15.52
N ARG F 63 51.91 -23.14 16.64
CA ARG F 63 51.79 -24.58 16.69
C ARG F 63 50.53 -24.96 17.47
N PHE F 64 49.72 -25.83 16.89
CA PHE F 64 48.51 -26.32 17.55
C PHE F 64 48.92 -27.42 18.54
N LEU F 65 48.89 -27.09 19.83
CA LEU F 65 49.27 -28.05 20.85
C LEU F 65 48.18 -29.10 21.09
N TYR F 66 46.99 -28.93 20.53
CA TYR F 66 45.92 -29.89 20.69
C TYR F 66 45.04 -29.97 19.45
N ASP F 93 46.23 -43.46 34.79
CA ASP F 93 47.01 -43.67 36.01
C ASP F 93 46.47 -42.85 37.16
N GLY F 94 45.17 -43.03 37.46
CA GLY F 94 44.50 -42.34 38.53
C GLY F 94 43.70 -41.13 38.10
N LYS F 95 43.94 -40.61 36.90
CA LYS F 95 43.21 -39.47 36.38
C LYS F 95 42.37 -39.88 35.18
N TYR F 96 41.70 -38.90 34.59
CA TYR F 96 40.80 -39.16 33.47
C TYR F 96 41.58 -39.63 32.25
N GLU F 97 41.01 -40.60 31.53
CA GLU F 97 41.71 -41.17 30.38
C GLU F 97 41.87 -40.15 29.25
N LEU F 98 40.77 -39.46 28.89
CA LEU F 98 40.85 -38.47 27.83
C LEU F 98 41.76 -37.30 28.22
N LEU F 99 41.68 -36.87 29.48
CA LEU F 99 42.57 -35.81 29.95
C LEU F 99 44.03 -36.25 29.89
N THR F 100 44.30 -37.52 30.22
CA THR F 100 45.67 -38.02 30.12
C THR F 100 46.18 -37.96 28.69
N SER F 101 45.35 -38.38 27.73
CA SER F 101 45.75 -38.32 26.32
C SER F 101 45.96 -36.88 25.88
N ALA F 102 45.09 -35.97 26.30
CA ALA F 102 45.25 -34.57 25.93
C ALA F 102 46.54 -34.00 26.49
N ASN F 103 46.85 -34.29 27.76
CA ASN F 103 48.08 -33.81 28.36
C ASN F 103 49.30 -34.39 27.66
N GLU F 104 49.26 -35.68 27.32
CA GLU F 104 50.38 -36.29 26.61
C GLU F 104 50.58 -35.64 25.24
N VAL F 105 49.49 -35.37 24.52
CA VAL F 105 49.60 -34.73 23.22
C VAL F 105 50.18 -33.32 23.36
N ILE F 106 49.71 -32.57 24.36
CA ILE F 106 50.21 -31.21 24.55
C ILE F 106 51.70 -31.24 24.90
N VAL F 107 52.11 -32.16 25.77
CA VAL F 107 53.52 -32.25 26.15
C VAL F 107 54.37 -32.62 24.96
N GLU F 108 53.91 -33.59 24.16
CA GLU F 108 54.67 -33.98 22.98
C GLU F 108 54.79 -32.82 21.99
N GLU F 109 53.70 -32.10 21.76
CA GLU F 109 53.74 -30.98 20.83
C GLU F 109 54.67 -29.87 21.31
N ILE F 110 54.61 -29.53 22.60
CA ILE F 110 55.45 -28.44 23.10
C ILE F 110 56.92 -28.87 23.09
N LYS F 111 57.20 -30.14 23.41
CA LYS F 111 58.59 -30.61 23.34
C LYS F 111 59.10 -30.58 21.91
N ASP F 112 58.27 -31.00 20.95
CA ASP F 112 58.69 -30.95 19.55
C ASP F 112 58.94 -29.52 19.09
N LEU F 113 58.06 -28.59 19.51
CA LEU F 113 58.24 -27.19 19.13
C LEU F 113 59.51 -26.60 19.73
N MET F 114 59.79 -26.90 21.00
CA MET F 114 60.94 -26.29 21.66
C MET F 114 62.25 -26.91 21.18
N THR F 115 62.29 -28.23 21.02
CA THR F 115 63.53 -28.89 20.61
C THR F 115 63.93 -28.49 19.21
N LYS F 116 62.97 -28.39 18.29
CA LYS F 116 63.25 -28.02 16.91
C LYS F 116 63.30 -26.52 16.71
N SER F 117 63.06 -25.72 17.75
CA SER F 117 63.12 -24.26 17.64
C SER F 117 64.58 -23.84 17.48
N ASP F 118 64.95 -23.41 16.28
CA ASP F 118 66.30 -22.95 15.98
C ASP F 118 66.24 -21.49 15.58
N ILE F 119 67.10 -20.67 16.17
CA ILE F 119 67.15 -19.24 15.86
C ILE F 119 67.81 -19.08 14.50
N LYS F 120 67.02 -18.75 13.48
CA LYS F 120 67.51 -18.53 12.12
C LYS F 120 66.96 -17.19 11.65
N GLY F 121 67.69 -16.12 11.95
CA GLY F 121 67.28 -14.77 11.60
C GLY F 121 67.30 -13.85 12.80
N GLN F 122 67.11 -12.57 12.50
CA GLN F 122 67.10 -11.52 13.51
C GLN F 122 65.71 -11.23 14.06
N HIS F 123 64.69 -11.96 13.61
CA HIS F 123 63.34 -11.73 14.09
C HIS F 123 63.22 -12.14 15.55
N THR F 124 62.61 -11.28 16.36
CA THR F 124 62.43 -11.53 17.78
C THR F 124 61.02 -11.33 18.29
N GLU F 125 60.20 -10.54 17.60
CA GLU F 125 58.84 -10.27 18.08
C GLU F 125 57.96 -11.50 17.93
N THR F 126 57.07 -11.69 18.91
CA THR F 126 56.16 -12.83 18.88
C THR F 126 55.10 -12.63 17.80
N LEU F 127 54.81 -13.70 17.05
CA LEU F 127 53.79 -13.68 16.01
C LEU F 127 52.42 -13.94 16.63
N LEU F 128 51.98 -12.98 17.45
CA LEU F 128 50.71 -13.12 18.14
C LEU F 128 49.53 -13.03 17.18
N ALA F 129 49.65 -12.21 16.14
CA ALA F 129 48.56 -12.04 15.19
C ALA F 129 48.25 -13.34 14.45
N GLY F 130 49.30 -14.07 14.05
CA GLY F 130 49.08 -15.32 13.34
C GLY F 130 48.38 -16.36 14.19
N SER F 131 48.74 -16.44 15.48
CA SER F 131 48.07 -17.37 16.38
C SER F 131 46.59 -17.04 16.53
N LEU F 132 46.27 -15.75 16.67
CA LEU F 132 44.88 -15.35 16.78
C LEU F 132 44.12 -15.64 15.49
N ALA F 133 44.75 -15.42 14.33
CA ALA F 133 44.10 -15.74 13.06
C ALA F 133 43.83 -17.23 12.95
N LYS F 134 44.79 -18.07 13.33
CA LYS F 134 44.58 -19.51 13.31
C LYS F 134 43.48 -19.93 14.27
N ALA F 135 43.43 -19.30 15.45
CA ALA F 135 42.36 -19.59 16.40
C ALA F 135 41.00 -19.22 15.83
N LEU F 136 40.90 -18.07 15.18
CA LEU F 136 39.64 -17.67 14.57
C LEU F 136 39.23 -18.64 13.46
N CYS F 137 40.20 -19.08 12.65
CA CYS F 137 39.90 -20.05 11.60
C CYS F 137 39.42 -21.36 12.20
N TYR F 138 40.05 -21.81 13.28
CA TYR F 138 39.63 -23.05 13.95
C TYR F 138 38.23 -22.91 14.52
N ILE F 139 37.92 -21.76 15.12
CA ILE F 139 36.58 -21.53 15.66
C ILE F 139 35.55 -21.54 14.55
N HIS F 140 35.87 -20.89 13.42
CA HIS F 140 34.94 -20.90 12.28
C HIS F 140 34.73 -22.31 11.75
N ARG F 141 35.81 -23.11 11.68
CA ARG F 141 35.68 -24.49 11.24
C ARG F 141 34.79 -25.29 12.18
N MET F 142 35.00 -25.13 13.49
CA MET F 142 34.22 -25.88 14.46
C MET F 142 32.75 -25.44 14.49
N ASN F 143 32.48 -24.18 14.18
CA ASN F 143 31.11 -23.68 14.21
C ASN F 143 30.24 -24.39 13.18
N LYS F 144 30.77 -24.62 11.98
CA LYS F 144 30.00 -25.29 10.95
C LYS F 144 29.67 -26.72 11.33
N GLU F 145 30.62 -27.43 11.96
CA GLU F 145 30.37 -28.80 12.37
C GLU F 145 29.36 -28.91 13.50
N VAL F 146 29.06 -27.79 14.18
CA VAL F 146 28.09 -27.80 15.26
C VAL F 146 26.68 -27.97 14.70
N LYS F 147 25.90 -28.82 15.35
CA LYS F 147 24.52 -29.04 14.93
C LYS F 147 23.71 -27.76 15.08
N ASP F 148 22.72 -27.59 14.19
CA ASP F 148 21.97 -26.34 14.14
C ASP F 148 21.17 -26.09 15.41
N ASN F 149 20.82 -27.14 16.13
CA ASN F 149 20.02 -26.98 17.35
C ASN F 149 20.81 -26.38 18.50
N GLN F 150 22.13 -26.29 18.39
CA GLN F 150 22.98 -25.80 19.46
C GLN F 150 23.85 -24.65 18.96
N GLU F 151 24.14 -23.71 19.85
CA GLU F 151 24.99 -22.57 19.55
C GLU F 151 26.33 -22.75 20.24
N MET F 152 27.41 -22.60 19.49
CA MET F 152 28.76 -22.79 20.01
C MET F 152 29.33 -21.45 20.45
N LYS F 153 29.23 -21.16 21.75
CA LYS F 153 29.83 -19.95 22.29
C LYS F 153 31.32 -20.14 22.42
N SER F 154 32.10 -19.23 21.83
CA SER F 154 33.54 -19.35 21.75
C SER F 154 34.21 -18.15 22.39
N ARG F 155 35.28 -18.41 23.15
CA ARG F 155 36.09 -17.37 23.75
C ARG F 155 37.56 -17.74 23.60
N ILE F 156 38.40 -16.71 23.54
CA ILE F 156 39.84 -16.88 23.34
C ILE F 156 40.57 -16.27 24.53
N LEU F 157 41.46 -17.04 25.14
CA LEU F 157 42.28 -16.57 26.25
C LEU F 157 43.73 -16.49 25.80
N VAL F 158 44.36 -15.34 26.04
CA VAL F 158 45.73 -15.08 25.62
C VAL F 158 46.55 -14.71 26.86
N ILE F 159 47.67 -15.38 27.03
CA ILE F 159 48.64 -15.08 28.09
C ILE F 159 49.87 -14.47 27.43
N LYS F 160 50.27 -13.29 27.92
CA LYS F 160 51.36 -12.54 27.33
C LYS F 160 52.57 -12.56 28.25
N ALA F 161 53.73 -12.92 27.69
CA ALA F 161 54.98 -12.97 28.44
C ALA F 161 56.01 -11.97 27.91
N ALA F 162 56.26 -11.98 26.60
CA ALA F 162 57.23 -11.08 26.01
C ALA F 162 56.61 -9.71 25.76
N GLU F 163 57.42 -8.79 25.23
CA GLU F 163 56.95 -7.45 24.94
C GLU F 163 56.04 -7.45 23.71
N ASP F 164 55.16 -6.45 23.65
CA ASP F 164 54.24 -6.34 22.53
C ASP F 164 54.97 -5.92 21.26
N SER F 165 54.38 -6.28 20.12
CA SER F 165 54.94 -5.96 18.81
C SER F 165 54.07 -4.88 18.17
N ALA F 166 54.71 -3.76 17.81
CA ALA F 166 53.99 -2.66 17.16
C ALA F 166 53.96 -2.79 15.64
N LEU F 167 54.77 -3.68 15.06
CA LEU F 167 54.79 -3.84 13.61
C LEU F 167 53.53 -4.51 13.08
N GLN F 168 52.84 -5.29 13.92
CA GLN F 168 51.64 -6.01 13.51
C GLN F 168 50.36 -5.31 13.95
N TYR F 169 50.37 -3.98 14.01
CA TYR F 169 49.22 -3.25 14.52
C TYR F 169 48.00 -3.43 13.61
N MET F 170 48.20 -3.29 12.29
CA MET F 170 47.08 -3.38 11.36
C MET F 170 46.47 -4.78 11.37
N ASN F 171 47.33 -5.80 11.33
CA ASN F 171 46.83 -7.18 11.37
C ASN F 171 46.11 -7.47 12.68
N PHE F 172 46.65 -6.97 13.80
CA PHE F 172 46.01 -7.19 15.08
C PHE F 172 44.64 -6.52 15.13
N MET F 173 44.53 -5.30 14.60
CA MET F 173 43.24 -4.62 14.56
C MET F 173 42.25 -5.36 13.66
N ASN F 174 42.72 -5.88 12.52
CA ASN F 174 41.86 -6.66 11.66
C ASN F 174 41.35 -7.91 12.37
N VAL F 175 42.23 -8.58 13.12
CA VAL F 175 41.81 -9.75 13.89
C VAL F 175 40.78 -9.37 14.94
N ILE F 176 40.99 -8.24 15.61
CA ILE F 176 40.04 -7.77 16.61
C ILE F 176 38.67 -7.53 15.98
N PHE F 177 38.66 -6.86 14.82
CA PHE F 177 37.40 -6.58 14.14
C PHE F 177 36.71 -7.87 13.70
N ALA F 178 37.48 -8.83 13.18
CA ALA F 178 36.90 -10.11 12.77
C ALA F 178 36.30 -10.84 13.96
N ALA F 179 36.99 -10.83 15.10
CA ALA F 179 36.46 -11.47 16.30
C ALA F 179 35.19 -10.77 16.78
N GLN F 180 35.18 -9.44 16.71
CA GLN F 180 33.98 -8.69 17.10
C GLN F 180 32.81 -9.01 16.19
N LYS F 181 33.07 -9.19 14.90
CA LYS F 181 32.00 -9.49 13.96
C LYS F 181 31.32 -10.82 14.30
N GLN F 182 32.10 -11.83 14.67
CA GLN F 182 31.55 -13.13 15.03
C GLN F 182 31.21 -13.25 16.50
N ASN F 183 31.37 -12.18 17.28
CA ASN F 183 31.05 -12.16 18.70
C ASN F 183 31.85 -13.24 19.45
N ILE F 184 33.17 -13.09 19.41
CA ILE F 184 34.08 -14.01 20.09
C ILE F 184 34.85 -13.21 21.14
N LEU F 185 34.74 -13.65 22.39
CA LEU F 185 35.42 -12.95 23.48
C LEU F 185 36.92 -13.19 23.41
N ILE F 186 37.69 -12.16 23.75
CA ILE F 186 39.14 -12.23 23.80
C ILE F 186 39.58 -11.77 25.19
N ASP F 187 40.20 -12.68 25.94
CA ASP F 187 40.67 -12.40 27.29
C ASP F 187 42.19 -12.38 27.31
N ALA F 188 42.75 -11.38 27.98
CA ALA F 188 44.20 -11.19 28.05
C ALA F 188 44.68 -11.33 29.48
N CYS F 189 45.73 -12.12 29.67
CA CYS F 189 46.33 -12.36 30.98
C CYS F 189 47.82 -12.00 30.86
N VAL F 190 48.13 -10.73 31.12
CA VAL F 190 49.49 -10.23 31.00
C VAL F 190 50.30 -10.69 32.22
N LEU F 191 51.49 -11.21 31.97
CA LEU F 191 52.37 -11.68 33.03
C LEU F 191 53.33 -10.61 33.49
N ASP F 192 54.15 -10.08 32.58
CA ASP F 192 55.21 -9.15 32.93
C ASP F 192 55.00 -7.76 32.35
N SER F 193 54.82 -7.63 31.04
CA SER F 193 54.75 -6.34 30.38
C SER F 193 53.36 -6.15 29.78
N ASP F 194 52.71 -5.04 30.15
CA ASP F 194 51.38 -4.75 29.64
C ASP F 194 51.43 -4.44 28.15
N SER F 195 50.43 -4.92 27.42
CA SER F 195 50.31 -4.69 25.99
C SER F 195 49.05 -3.90 25.71
N GLY F 196 49.20 -2.76 25.02
CA GLY F 196 48.05 -1.96 24.67
C GLY F 196 47.12 -2.64 23.69
N LEU F 197 47.68 -3.46 22.78
CA LEU F 197 46.86 -4.17 21.81
C LEU F 197 45.90 -5.13 22.49
N LEU F 198 46.37 -5.84 23.52
CA LEU F 198 45.50 -6.74 24.26
C LEU F 198 44.40 -5.97 24.98
N GLN F 199 44.73 -4.81 25.55
CA GLN F 199 43.72 -3.99 26.20
C GLN F 199 42.66 -3.53 25.21
N GLN F 200 43.08 -3.11 24.03
CA GLN F 200 42.13 -2.70 23.00
C GLN F 200 41.26 -3.87 22.57
N ALA F 201 41.86 -5.05 22.41
CA ALA F 201 41.08 -6.23 22.03
C ALA F 201 40.04 -6.57 23.08
N CYS F 202 40.43 -6.55 24.36
CA CYS F 202 39.49 -6.84 25.43
C CYS F 202 38.38 -5.81 25.48
N ASP F 203 38.71 -4.53 25.29
CA ASP F 203 37.70 -3.48 25.33
C ASP F 203 36.72 -3.61 24.17
N ILE F 204 37.22 -3.87 22.95
CA ILE F 204 36.36 -3.93 21.79
C ILE F 204 35.49 -5.19 21.83
N THR F 205 36.09 -6.33 22.15
CA THR F 205 35.37 -7.60 22.15
C THR F 205 34.61 -7.86 23.45
N GLY F 206 34.76 -7.00 24.45
CA GLY F 206 34.11 -7.22 25.72
C GLY F 206 34.81 -8.19 26.64
N GLY F 207 36.04 -8.59 26.32
CA GLY F 207 36.77 -9.54 27.13
C GLY F 207 37.36 -8.91 28.38
N LEU F 208 38.08 -9.74 29.13
CA LEU F 208 38.68 -9.34 30.40
C LEU F 208 40.19 -9.22 30.23
N TYR F 209 40.73 -8.09 30.66
CA TYR F 209 42.17 -7.85 30.67
C TYR F 209 42.65 -7.83 32.11
N LEU F 210 43.63 -8.67 32.43
CA LEU F 210 44.12 -8.77 33.79
C LEU F 210 45.63 -8.94 33.79
N LYS F 211 46.30 -8.24 34.70
CA LYS F 211 47.73 -8.35 34.90
C LYS F 211 48.01 -9.19 36.13
N VAL F 212 48.92 -10.14 36.00
CA VAL F 212 49.22 -11.08 37.08
C VAL F 212 50.18 -10.44 38.07
N PRO F 213 49.78 -10.29 39.34
CA PRO F 213 50.74 -9.76 40.33
C PRO F 213 51.81 -10.76 40.71
N GLN F 214 51.45 -12.03 40.92
CA GLN F 214 52.39 -13.07 41.30
C GLN F 214 52.28 -14.22 40.30
N MET F 215 53.37 -14.46 39.57
CA MET F 215 53.36 -15.51 38.55
C MET F 215 53.05 -16.90 39.10
N PRO F 216 53.63 -17.36 40.22
CA PRO F 216 53.29 -18.71 40.69
C PRO F 216 51.82 -18.91 41.01
N SER F 217 51.08 -17.85 41.30
CA SER F 217 49.65 -17.94 41.60
C SER F 217 48.80 -17.85 40.33
N LEU F 218 49.43 -17.80 39.16
CA LEU F 218 48.72 -17.55 37.91
C LEU F 218 47.53 -18.48 37.74
N LEU F 219 47.74 -19.79 37.95
CA LEU F 219 46.67 -20.76 37.75
C LEU F 219 45.44 -20.40 38.57
N GLN F 220 45.64 -19.94 39.80
CA GLN F 220 44.50 -19.58 40.65
C GLN F 220 43.66 -18.49 39.98
N TYR F 221 44.32 -17.48 39.40
CA TYR F 221 43.59 -16.47 38.65
C TYR F 221 42.82 -17.10 37.51
N LEU F 222 43.46 -18.03 36.79
CA LEU F 222 42.77 -18.73 35.71
C LEU F 222 41.57 -19.51 36.23
N LEU F 223 41.61 -19.94 37.48
CA LEU F 223 40.51 -20.65 38.09
C LEU F 223 39.52 -19.74 38.80
N TRP F 224 39.76 -18.43 38.79
CA TRP F 224 38.90 -17.50 39.50
C TRP F 224 38.24 -16.46 38.61
N VAL F 225 38.88 -16.06 37.52
CA VAL F 225 38.38 -15.00 36.65
C VAL F 225 37.99 -15.55 35.29
N PHE F 226 38.93 -16.16 34.57
CA PHE F 226 38.70 -16.59 33.20
C PHE F 226 37.97 -17.93 33.10
N LEU F 227 37.92 -18.70 34.19
CA LEU F 227 37.24 -19.99 34.16
C LEU F 227 35.74 -19.86 33.88
N PRO F 228 34.98 -19.00 34.56
CA PRO F 228 33.55 -18.92 34.27
C PRO F 228 33.28 -18.38 32.87
N ASP F 229 32.17 -18.80 32.31
CA ASP F 229 31.75 -18.34 31.00
C ASP F 229 31.13 -16.94 31.08
N GLN F 230 30.80 -16.39 29.91
CA GLN F 230 30.30 -15.03 29.85
C GLN F 230 29.01 -14.86 30.63
N ASP F 231 28.09 -15.82 30.53
CA ASP F 231 26.87 -15.76 31.32
C ASP F 231 27.18 -15.88 32.81
N GLN F 232 28.15 -16.74 33.16
CA GLN F 232 28.54 -16.88 34.56
C GLN F 232 29.29 -15.65 35.05
N ARG F 233 30.02 -14.96 34.16
CA ARG F 233 30.72 -13.75 34.57
C ARG F 233 29.76 -12.66 35.03
N SER F 234 28.58 -12.57 34.41
CA SER F 234 27.59 -11.61 34.85
C SER F 234 27.10 -11.93 36.26
N GLN F 235 26.95 -13.21 36.58
CA GLN F 235 26.51 -13.61 37.92
C GLN F 235 27.54 -13.22 38.98
N LEU F 236 28.81 -13.44 38.68
CA LEU F 236 29.89 -13.20 39.64
C LEU F 236 30.37 -11.75 39.56
N ILE F 237 31.29 -11.42 40.46
CA ILE F 237 31.89 -10.10 40.53
C ILE F 237 33.34 -10.19 40.06
N LEU F 238 33.72 -9.30 39.16
CA LEU F 238 35.02 -9.32 38.51
C LEU F 238 35.71 -7.97 38.67
N PRO F 239 37.03 -7.95 38.64
CA PRO F 239 37.74 -6.68 38.78
C PRO F 239 37.39 -5.74 37.64
N PRO F 240 37.37 -4.43 37.89
CA PRO F 240 37.05 -3.49 36.82
C PRO F 240 38.15 -3.48 35.77
N PRO F 241 37.83 -3.13 34.53
CA PRO F 241 38.85 -3.11 33.48
C PRO F 241 39.92 -2.06 33.76
N VAL F 242 41.14 -2.37 33.33
CA VAL F 242 42.28 -1.48 33.53
C VAL F 242 42.18 -0.34 32.52
N HIS F 243 42.97 0.71 32.71
CA HIS F 243 42.94 1.89 31.85
C HIS F 243 43.43 1.51 30.46
N VAL F 244 42.51 1.42 29.51
CA VAL F 244 42.84 1.02 28.15
C VAL F 244 43.30 2.22 27.36
N ASP F 245 44.44 2.09 26.68
CA ASP F 245 44.97 3.13 25.83
C ASP F 245 44.54 2.91 24.39
N TYR F 246 44.57 3.99 23.60
CA TYR F 246 44.16 3.92 22.20
C TYR F 246 45.14 4.65 21.30
N ARG F 247 46.43 4.62 21.63
CA ARG F 247 47.44 5.25 20.79
C ARG F 247 47.55 4.53 19.46
N ALA F 248 47.63 5.30 18.38
CA ALA F 248 47.69 4.75 17.04
C ALA F 248 49.15 4.51 16.62
N ALA F 249 49.32 3.84 15.50
CA ALA F 249 50.62 3.52 14.94
C ALA F 249 50.81 4.27 13.63
N CYS F 250 51.92 5.00 13.53
CA CYS F 250 52.21 5.76 12.32
C CYS F 250 52.56 4.82 11.17
N PHE F 251 52.13 5.19 9.96
CA PHE F 251 52.36 4.34 8.80
C PHE F 251 53.85 4.26 8.46
N CYS F 252 54.56 5.37 8.53
CA CYS F 252 55.96 5.41 8.13
C CYS F 252 56.92 5.13 9.27
N HIS F 253 56.41 4.86 10.47
CA HIS F 253 57.28 4.60 11.61
C HIS F 253 56.89 3.32 12.33
N ARG F 254 55.61 2.95 12.23
CA ARG F 254 55.06 1.77 12.92
C ARG F 254 55.34 1.84 14.43
N ASN F 255 55.19 3.04 14.99
CA ASN F 255 55.43 3.29 16.41
C ASN F 255 54.21 3.97 17.00
N LEU F 256 54.00 3.75 18.30
CA LEU F 256 52.87 4.35 19.00
C LEU F 256 53.03 5.87 19.03
N ILE F 257 51.93 6.58 18.73
CA ILE F 257 51.92 8.04 18.74
C ILE F 257 50.65 8.51 19.41
N GLU F 258 50.68 9.77 19.87
CA GLU F 258 49.54 10.41 20.50
C GLU F 258 48.90 11.48 19.63
N ILE F 259 49.70 12.32 18.98
CA ILE F 259 49.21 13.35 18.08
C ILE F 259 49.92 13.20 16.75
N GLY F 260 49.16 13.13 15.66
CA GLY F 260 49.73 12.95 14.34
C GLY F 260 48.82 13.54 13.27
N TYR F 261 49.29 13.46 12.04
CA TYR F 261 48.56 13.95 10.88
C TYR F 261 47.79 12.81 10.25
N VAL F 262 46.50 13.02 10.02
CA VAL F 262 45.60 12.01 9.47
C VAL F 262 45.06 12.51 8.14
N CYS F 263 45.18 11.68 7.10
CA CYS F 263 44.68 12.04 5.79
C CYS F 263 43.15 12.09 5.79
N SER F 264 42.60 12.97 4.96
CA SER F 264 41.15 13.14 4.87
C SER F 264 40.50 12.25 3.83
N VAL F 265 41.28 11.48 3.07
CA VAL F 265 40.77 10.60 2.03
C VAL F 265 40.88 9.14 2.42
N CYS F 266 42.10 8.65 2.63
CA CYS F 266 42.34 7.27 3.00
C CYS F 266 42.47 7.06 4.50
N LEU F 267 42.36 8.13 5.30
CA LEU F 267 42.45 8.08 6.76
C LEU F 267 43.79 7.54 7.24
N SER F 268 44.82 7.61 6.41
CA SER F 268 46.16 7.21 6.83
C SER F 268 46.72 8.20 7.83
N ILE F 269 47.50 7.68 8.78
CA ILE F 269 48.04 8.47 9.88
C ILE F 269 49.54 8.65 9.66
N PHE F 270 50.01 9.89 9.74
CA PHE F 270 51.42 10.20 9.58
C PHE F 270 51.90 10.99 10.78
N CYS F 271 53.15 10.73 11.18
CA CYS F 271 53.72 11.43 12.33
C CYS F 271 54.09 12.87 11.99
N ASN F 272 54.48 13.13 10.74
CA ASN F 272 54.91 14.46 10.32
C ASN F 272 54.12 14.88 9.09
N PHE F 273 53.99 16.19 8.93
CA PHE F 273 53.25 16.73 7.79
C PHE F 273 53.98 16.43 6.49
N SER F 274 53.21 16.14 5.44
CA SER F 274 53.76 15.86 4.12
C SER F 274 52.98 16.64 3.07
N PRO F 275 53.67 17.18 2.06
CA PRO F 275 52.95 17.89 0.99
C PRO F 275 51.97 17.00 0.22
N ILE F 276 52.29 15.72 0.06
CA ILE F 276 51.41 14.78 -0.63
C ILE F 276 51.31 13.51 0.21
N CYS F 277 50.13 12.92 0.24
CA CYS F 277 49.91 11.68 0.99
C CYS F 277 50.53 10.52 0.22
N THR F 278 51.37 9.74 0.91
CA THR F 278 52.03 8.61 0.25
C THR F 278 51.03 7.57 -0.22
N THR F 279 50.03 7.26 0.61
CA THR F 279 49.03 6.28 0.22
C THR F 279 48.21 6.76 -0.97
N CYS F 280 47.75 8.02 -0.91
CA CYS F 280 46.98 8.58 -2.01
C CYS F 280 47.81 8.63 -3.28
N GLU F 281 49.11 8.94 -3.15
CA GLU F 281 50.00 8.88 -4.30
C GLU F 281 50.11 7.45 -4.83
N THR F 282 50.07 6.47 -3.93
CA THR F 282 50.13 5.07 -4.36
C THR F 282 48.90 4.69 -5.19
N ALA F 283 47.72 5.12 -4.74
CA ALA F 283 46.49 4.80 -5.46
C ALA F 283 46.35 5.68 -6.70
N PHE F 284 46.02 5.04 -7.82
CA PHE F 284 45.82 5.77 -9.07
C PHE F 284 44.45 5.46 -9.67
N VAL G 1 -30.17 -35.04 53.74
CA VAL G 1 -28.90 -34.97 53.03
C VAL G 1 -28.92 -35.92 51.84
N LEU G 2 -28.11 -35.63 50.83
CA LEU G 2 -28.08 -36.40 49.60
C LEU G 2 -26.77 -37.15 49.48
N LYS G 3 -26.81 -38.27 48.75
CA LYS G 3 -25.62 -39.05 48.45
C LYS G 3 -25.51 -39.22 46.95
N GLY G 4 -24.39 -38.79 46.37
CA GLY G 4 -24.26 -38.87 44.93
C GLY G 4 -22.94 -38.38 44.39
N VAL G 5 -22.97 -37.70 43.24
CA VAL G 5 -21.76 -37.20 42.58
C VAL G 5 -21.95 -35.72 42.28
N LEU G 6 -21.00 -34.91 42.73
CA LEU G 6 -20.93 -33.52 42.31
C LEU G 6 -20.14 -33.44 41.01
N ILE G 7 -20.74 -32.81 40.01
CA ILE G 7 -20.12 -32.63 38.70
C ILE G 7 -19.82 -31.15 38.53
N GLU G 8 -18.55 -30.84 38.27
CA GLU G 8 -18.08 -29.48 38.07
C GLU G 8 -17.49 -29.35 36.68
N CYS G 9 -17.87 -28.29 35.97
CA CYS G 9 -17.42 -28.04 34.61
C CYS G 9 -17.74 -26.60 34.24
N ASP G 10 -17.54 -26.25 32.98
CA ASP G 10 -17.89 -24.93 32.49
C ASP G 10 -19.41 -24.75 32.46
N PRO G 11 -19.88 -23.51 32.54
CA PRO G 11 -21.34 -23.30 32.56
C PRO G 11 -22.06 -23.80 31.32
N ALA G 12 -21.37 -23.86 30.17
CA ALA G 12 -22.01 -24.35 28.95
C ALA G 12 -22.43 -25.80 29.11
N MET G 13 -21.56 -26.64 29.67
CA MET G 13 -21.91 -28.04 29.88
C MET G 13 -22.99 -28.18 30.95
N LYS G 14 -22.98 -27.32 31.96
CA LYS G 14 -24.05 -27.34 32.96
C LYS G 14 -25.40 -27.02 32.31
N GLN G 15 -25.43 -26.03 31.42
CA GLN G 15 -26.66 -25.72 30.72
C GLN G 15 -27.08 -26.85 29.77
N PHE G 16 -26.11 -27.51 29.14
CA PHE G 16 -26.43 -28.67 28.31
C PHE G 16 -27.05 -29.79 29.14
N LEU G 17 -26.50 -30.04 30.33
CA LEU G 17 -27.07 -31.04 31.23
C LEU G 17 -28.48 -30.65 31.67
N LEU G 18 -28.68 -29.36 31.95
CA LEU G 18 -30.02 -28.90 32.31
C LEU G 18 -31.01 -29.11 31.16
N TYR G 19 -30.57 -28.83 29.93
CA TYR G 19 -31.42 -29.07 28.76
C TYR G 19 -31.75 -30.55 28.61
N LEU G 20 -30.75 -31.42 28.84
CA LEU G 20 -31.01 -32.86 28.81
C LEU G 20 -32.03 -33.25 29.86
N ASP G 21 -31.91 -32.68 31.06
CA ASP G 21 -32.84 -32.98 32.13
C ASP G 21 -34.26 -32.56 31.79
N GLU G 22 -34.42 -31.36 31.24
CA GLU G 22 -35.76 -30.86 30.94
C GLU G 22 -36.36 -31.53 29.71
N SER G 23 -35.53 -32.01 28.79
CA SER G 23 -35.99 -32.66 27.58
C SER G 23 -36.17 -34.16 27.74
N ASN G 24 -35.84 -34.71 28.91
CA ASN G 24 -35.95 -36.15 29.18
C ASN G 24 -35.15 -36.96 28.14
N ALA G 25 -33.97 -36.47 27.80
CA ALA G 25 -33.12 -37.18 26.85
C ALA G 25 -32.67 -38.53 27.40
N LEU G 26 -32.39 -38.60 28.69
CA LEU G 26 -32.01 -39.84 29.35
C LEU G 26 -33.21 -40.67 29.77
N GLY G 27 -34.42 -40.19 29.53
CA GLY G 27 -35.62 -40.92 29.87
C GLY G 27 -36.21 -40.62 31.23
N LYS G 28 -35.55 -39.81 32.05
CA LYS G 28 -36.04 -39.50 33.38
C LYS G 28 -35.42 -38.18 33.82
N LYS G 29 -35.72 -37.78 35.06
CA LYS G 29 -35.26 -36.53 35.64
C LYS G 29 -34.14 -36.74 36.64
N PHE G 30 -33.20 -37.65 36.34
CA PHE G 30 -32.15 -38.00 37.28
C PHE G 30 -31.19 -36.86 37.58
N ILE G 31 -31.21 -35.79 36.80
CA ILE G 31 -30.45 -34.59 37.14
C ILE G 31 -31.27 -33.84 38.18
N ILE G 32 -31.02 -34.12 39.46
CA ILE G 32 -31.93 -33.75 40.51
C ILE G 32 -31.61 -32.37 41.09
N GLN G 33 -30.43 -32.23 41.68
CA GLN G 33 -30.09 -31.05 42.47
C GLN G 33 -29.09 -30.17 41.74
N ASP G 34 -29.40 -28.89 41.66
CA ASP G 34 -28.48 -27.87 41.15
C ASP G 34 -28.07 -26.98 42.31
N ILE G 35 -26.77 -26.85 42.53
CA ILE G 35 -26.23 -26.14 43.68
C ILE G 35 -25.52 -24.85 43.26
N ASP G 36 -24.84 -24.86 42.12
CA ASP G 36 -24.06 -23.71 41.68
C ASP G 36 -24.20 -23.56 40.16
N ASP G 37 -23.82 -22.39 39.67
CA ASP G 37 -23.85 -22.14 38.23
C ASP G 37 -22.92 -23.08 37.47
N THR G 38 -21.85 -23.56 38.10
CA THR G 38 -20.91 -24.46 37.46
C THR G 38 -20.83 -25.82 38.16
N HIS G 39 -21.68 -26.07 39.15
CA HIS G 39 -21.70 -27.33 39.88
C HIS G 39 -23.11 -27.89 39.91
N VAL G 40 -23.21 -29.20 39.69
CA VAL G 40 -24.49 -29.90 39.72
C VAL G 40 -24.34 -31.16 40.55
N PHE G 41 -25.48 -31.72 40.97
CA PHE G 41 -25.52 -32.94 41.77
C PHE G 41 -26.31 -33.99 40.99
N VAL G 42 -25.68 -35.13 40.73
CA VAL G 42 -26.25 -36.18 39.89
C VAL G 42 -26.12 -37.52 40.61
N ILE G 43 -27.17 -38.35 40.51
CA ILE G 43 -27.10 -39.70 41.04
C ILE G 43 -26.12 -40.51 40.21
N ALA G 44 -25.29 -41.32 40.89
CA ALA G 44 -24.18 -42.00 40.25
C ALA G 44 -24.59 -43.26 39.50
N GLU G 45 -25.85 -43.69 39.60
CA GLU G 45 -26.24 -44.96 39.00
C GLU G 45 -26.28 -44.92 37.47
N LEU G 46 -26.30 -43.73 36.87
CA LEU G 46 -26.38 -43.62 35.42
C LEU G 46 -25.43 -42.54 34.90
N VAL G 47 -24.28 -42.37 35.57
CA VAL G 47 -23.29 -41.40 35.09
C VAL G 47 -22.71 -41.81 33.74
N ASN G 48 -22.71 -43.10 33.42
CA ASN G 48 -22.08 -43.55 32.18
C ASN G 48 -22.81 -43.01 30.96
N VAL G 49 -24.14 -43.01 30.97
CA VAL G 49 -24.88 -42.50 29.82
C VAL G 49 -24.67 -40.99 29.66
N LEU G 50 -24.48 -40.28 30.77
CA LEU G 50 -24.12 -38.87 30.68
C LEU G 50 -22.77 -38.67 30.00
N GLN G 51 -21.80 -39.52 30.33
CA GLN G 51 -20.50 -39.45 29.66
C GLN G 51 -20.64 -39.76 28.18
N GLU G 52 -21.46 -40.75 27.83
CA GLU G 52 -21.68 -41.08 26.43
C GLU G 52 -22.31 -39.91 25.68
N ARG G 53 -23.31 -39.26 26.30
CA ARG G 53 -23.96 -38.12 25.65
C ARG G 53 -22.98 -36.96 25.49
N VAL G 54 -22.15 -36.71 26.51
CA VAL G 54 -21.16 -35.63 26.41
C VAL G 54 -20.17 -35.93 25.30
N GLY G 55 -19.71 -37.17 25.21
CA GLY G 55 -18.80 -37.54 24.13
C GLY G 55 -19.43 -37.40 22.76
N GLU G 56 -20.71 -37.79 22.64
CA GLU G 56 -21.41 -37.64 21.37
C GLU G 56 -21.53 -36.17 20.98
N LEU G 57 -21.86 -35.31 21.95
CA LEU G 57 -21.92 -33.87 21.67
C LEU G 57 -20.55 -33.33 21.28
N MET G 58 -19.50 -33.81 21.93
CA MET G 58 -18.16 -33.29 21.66
C MET G 58 -17.68 -33.69 20.27
N ASP G 59 -17.82 -34.98 19.91
CA ASP G 59 -17.30 -35.43 18.63
C ASP G 59 -18.29 -35.20 17.49
N GLN G 60 -19.52 -34.77 17.77
CA GLN G 60 -20.44 -34.44 16.70
C GLN G 60 -19.94 -33.23 15.91
N ASN G 61 -19.58 -32.16 16.60
CA ASN G 61 -19.00 -30.97 15.97
C ASN G 61 -17.47 -31.01 16.06
N ALA G 62 -16.89 -32.07 15.51
CA ALA G 62 -15.45 -32.24 15.55
C ALA G 62 -14.83 -32.47 14.19
N PHE G 63 -15.51 -33.20 13.30
CA PHE G 63 -15.01 -33.52 11.96
C PHE G 63 -13.67 -34.24 12.04
N SER G 64 -13.72 -35.45 12.61
CA SER G 64 -12.53 -36.28 12.71
C SER G 64 -11.92 -36.52 11.33
N LEU G 65 -10.60 -36.37 11.24
CA LEU G 65 -9.90 -36.48 9.97
C LEU G 65 -9.63 -37.93 9.55
N THR G 66 -9.94 -38.90 10.41
CA THR G 66 -9.71 -40.30 10.09
C THR G 66 -10.58 -40.76 8.94
N PRO H 1 -52.83 94.35 -6.11
CA PRO H 1 -51.77 93.95 -5.17
C PRO H 1 -50.38 93.95 -5.81
N THR H 2 -49.36 94.22 -5.01
CA THR H 2 -47.98 94.27 -5.48
C THR H 2 -47.08 93.46 -4.56
N ALA H 3 -47.60 92.36 -4.04
CA ALA H 3 -46.86 91.46 -3.16
C ALA H 3 -46.50 90.19 -3.92
N ILE H 4 -45.23 89.78 -3.83
CA ILE H 4 -44.75 88.63 -4.59
C ILE H 4 -45.52 87.37 -4.22
N GLY H 5 -45.76 87.17 -2.92
CA GLY H 5 -46.47 85.98 -2.48
C GLY H 5 -47.90 85.90 -3.00
N LEU H 6 -48.56 87.05 -3.14
CA LEU H 6 -49.94 87.04 -3.61
C LEU H 6 -50.05 86.60 -5.07
N TYR H 7 -49.06 86.92 -5.89
CA TYR H 7 -49.08 86.53 -7.29
C TYR H 7 -48.90 85.04 -7.50
N LYS H 8 -48.52 84.29 -6.45
CA LYS H 8 -48.33 82.86 -6.58
C LYS H 8 -49.65 82.12 -6.38
N ASN H 9 -49.87 81.11 -7.24
CA ASN H 9 -51.06 80.26 -7.17
C ASN H 9 -52.35 81.07 -7.24
N HIS H 10 -52.36 82.07 -8.13
CA HIS H 10 -53.55 82.89 -8.33
C HIS H 10 -53.80 83.05 -9.83
N PRO H 11 -54.90 82.50 -10.36
CA PRO H 11 -55.11 82.53 -11.81
C PRO H 11 -55.15 83.93 -12.40
N LEU H 12 -55.68 84.91 -11.67
CA LEU H 12 -55.73 86.28 -12.19
C LEU H 12 -54.35 86.91 -12.35
N TYR H 13 -53.31 86.30 -11.79
CA TYR H 13 -51.94 86.79 -11.89
C TYR H 13 -51.04 85.88 -12.71
N ALA H 14 -50.94 84.61 -12.34
CA ALA H 14 -50.20 83.60 -13.09
C ALA H 14 -48.76 84.05 -13.35
N LEU H 15 -48.01 84.24 -12.27
CA LEU H 15 -46.62 84.62 -12.38
C LEU H 15 -45.81 83.51 -13.02
N LYS H 16 -44.89 83.89 -13.91
CA LYS H 16 -44.10 82.90 -14.64
C LYS H 16 -43.24 82.06 -13.71
N ARG H 17 -42.60 82.69 -12.73
CA ARG H 17 -41.76 81.96 -11.78
C ARG H 17 -42.58 81.19 -10.75
N HIS H 18 -43.85 81.51 -10.60
CA HIS H 18 -44.72 80.86 -9.63
C HIS H 18 -45.54 79.74 -10.25
N LEU H 19 -45.26 79.36 -11.49
CA LEU H 19 -45.97 78.27 -12.14
C LEU H 19 -45.45 76.93 -11.61
N LEU H 20 -45.91 75.84 -12.21
CA LEU H 20 -45.49 74.50 -11.85
C LEU H 20 -44.50 73.97 -12.89
N LYS H 21 -43.98 72.77 -12.63
CA LYS H 21 -43.02 72.17 -13.56
C LYS H 21 -43.67 71.87 -14.90
N TYR H 22 -44.90 71.37 -14.89
CA TYR H 22 -45.61 71.05 -16.12
C TYR H 22 -46.30 72.27 -16.73
N GLU H 23 -46.86 73.15 -15.89
CA GLU H 23 -47.53 74.34 -16.38
C GLU H 23 -46.52 75.29 -17.01
N ALA H 24 -46.91 75.90 -18.12
CA ALA H 24 -46.03 76.82 -18.83
C ALA H 24 -46.84 77.93 -19.46
N ILE H 25 -46.24 79.11 -19.53
CA ILE H 25 -46.89 80.29 -20.12
C ILE H 25 -46.76 80.23 -21.63
N TYR H 26 -47.53 81.07 -22.33
CA TYR H 26 -47.47 81.17 -23.78
C TYR H 26 -47.03 82.58 -24.16
N PRO H 27 -45.74 82.78 -24.47
CA PRO H 27 -45.27 84.14 -24.79
C PRO H 27 -45.92 84.74 -26.03
N GLU H 28 -46.43 83.91 -26.95
CA GLU H 28 -47.02 84.43 -28.18
C GLU H 28 -48.25 85.28 -27.88
N THR H 29 -49.11 84.82 -26.98
CA THR H 29 -50.34 85.51 -26.63
C THR H 29 -50.26 86.24 -25.29
N ALA H 30 -49.08 86.32 -24.69
CA ALA H 30 -48.91 87.02 -23.41
C ALA H 30 -47.50 87.60 -23.38
N ALA H 31 -47.39 88.88 -23.72
CA ALA H 31 -46.09 89.55 -23.69
C ALA H 31 -45.88 90.29 -22.37
N ILE H 32 -46.73 91.26 -22.08
CA ILE H 32 -46.63 92.05 -20.85
C ILE H 32 -48.03 92.41 -20.38
N LEU H 33 -48.33 92.08 -19.12
CA LEU H 33 -49.58 92.48 -18.49
C LEU H 33 -49.39 93.24 -17.19
N GLY H 34 -48.19 93.22 -16.61
CA GLY H 34 -47.92 93.94 -15.38
C GLY H 34 -46.57 93.55 -14.83
N TYR H 35 -46.05 94.42 -13.97
CA TYR H 35 -44.75 94.21 -13.35
C TYR H 35 -44.86 94.30 -11.84
N CYS H 36 -44.17 93.40 -11.15
CA CYS H 36 -44.16 93.38 -9.69
C CYS H 36 -42.77 92.94 -9.24
N ARG H 37 -41.98 93.90 -8.75
CA ARG H 37 -40.61 93.63 -8.28
C ARG H 37 -39.79 92.93 -9.36
N GLY H 38 -39.90 93.41 -10.59
CA GLY H 38 -39.19 92.83 -11.71
C GLY H 38 -39.77 91.53 -12.23
N GLU H 39 -40.96 91.16 -11.78
CA GLU H 39 -41.62 89.91 -12.20
C GLU H 39 -42.77 90.25 -13.15
N ALA H 40 -42.80 89.57 -14.29
CA ALA H 40 -43.83 89.83 -15.29
C ALA H 40 -45.11 89.07 -14.97
N VAL H 41 -46.23 89.61 -15.44
CA VAL H 41 -47.55 89.04 -15.24
C VAL H 41 -48.07 88.54 -16.58
N TYR H 42 -48.60 87.31 -16.59
CA TYR H 42 -49.14 86.70 -17.79
C TYR H 42 -50.54 86.18 -17.51
N SER H 43 -51.36 86.12 -18.56
CA SER H 43 -52.74 85.69 -18.43
C SER H 43 -52.82 84.19 -18.14
N ARG H 44 -53.83 83.81 -17.36
CA ARG H 44 -54.04 82.40 -17.03
C ARG H 44 -54.39 81.60 -18.28
N ASP H 45 -55.19 82.16 -19.18
CA ASP H 45 -55.53 81.47 -20.41
C ASP H 45 -54.30 81.16 -21.26
N CYS H 46 -53.21 81.91 -21.07
CA CYS H 46 -51.95 81.64 -21.73
C CYS H 46 -51.10 80.63 -20.98
N VAL H 47 -51.53 80.20 -19.80
CA VAL H 47 -50.85 79.17 -19.02
C VAL H 47 -51.52 77.84 -19.29
N HIS H 48 -50.74 76.85 -19.70
CA HIS H 48 -51.27 75.55 -20.10
C HIS H 48 -50.48 74.45 -19.41
N THR H 49 -51.17 73.37 -19.08
CA THR H 49 -50.54 72.17 -18.55
C THR H 49 -50.03 71.29 -19.69
N LEU H 50 -49.14 70.38 -19.36
CA LEU H 50 -48.48 69.54 -20.36
C LEU H 50 -48.47 68.09 -19.92
N HIS H 51 -48.42 67.20 -20.91
CA HIS H 51 -48.31 65.76 -20.69
C HIS H 51 -47.26 65.20 -21.64
N SER H 52 -46.67 64.08 -21.23
CA SER H 52 -45.68 63.42 -22.07
C SER H 52 -46.37 62.60 -23.16
N ARG H 53 -45.62 62.33 -24.24
CA ARG H 53 -46.19 61.64 -25.40
C ARG H 53 -46.68 60.25 -25.01
N ASP H 54 -45.88 59.50 -24.25
CA ASP H 54 -46.32 58.19 -23.78
C ASP H 54 -47.56 58.31 -22.90
N THR H 55 -47.57 59.30 -22.00
CA THR H 55 -48.76 59.53 -21.20
C THR H 55 -49.88 60.19 -21.98
N TRP H 56 -49.57 60.88 -23.08
CA TRP H 56 -50.62 61.29 -24.00
C TRP H 56 -51.32 60.06 -24.57
N LEU H 57 -50.55 59.04 -24.93
CA LEU H 57 -51.14 57.77 -25.32
C LEU H 57 -51.91 57.14 -24.18
N LYS H 58 -51.39 57.29 -22.95
CA LYS H 58 -52.17 56.88 -21.78
C LYS H 58 -53.46 57.67 -21.67
N LYS H 59 -53.41 58.96 -21.96
CA LYS H 59 -54.59 59.82 -21.96
C LYS H 59 -55.41 59.70 -23.25
N ALA H 60 -55.19 58.64 -24.03
CA ALA H 60 -55.92 58.38 -25.27
C ALA H 60 -55.77 59.53 -26.26
N ARG H 61 -54.53 60.00 -26.40
CA ARG H 61 -54.21 61.03 -27.39
C ARG H 61 -52.86 60.71 -28.03
N VAL H 62 -52.65 61.24 -29.22
CA VAL H 62 -51.43 61.03 -29.99
C VAL H 62 -50.84 62.38 -30.34
N VAL H 63 -49.55 62.56 -30.06
CA VAL H 63 -48.87 63.81 -30.39
C VAL H 63 -48.74 63.92 -31.91
N ARG H 64 -49.09 65.07 -32.46
CA ARG H 64 -49.00 65.28 -33.88
C ARG H 64 -47.55 65.27 -34.34
N LEU H 65 -47.34 64.83 -35.59
CA LEU H 65 -46.00 64.80 -36.15
C LEU H 65 -45.47 66.21 -36.37
N GLY H 66 -44.20 66.41 -36.02
CA GLY H 66 -43.56 67.70 -36.19
C GLY H 66 -43.81 68.71 -35.10
N GLU H 67 -44.53 68.34 -34.04
CA GLU H 67 -44.78 69.27 -32.95
C GLU H 67 -43.49 69.54 -32.18
N VAL H 68 -43.22 70.81 -31.90
CA VAL H 68 -42.04 71.22 -31.14
C VAL H 68 -42.29 70.92 -29.66
N PRO H 69 -41.24 70.61 -28.89
CA PRO H 69 -41.43 70.39 -27.45
C PRO H 69 -41.76 71.70 -26.75
N TYR H 70 -42.95 71.77 -26.15
CA TYR H 70 -43.37 72.99 -25.49
C TYR H 70 -42.47 73.33 -24.32
N LYS H 71 -42.11 72.34 -23.52
CA LYS H 71 -41.20 72.54 -22.40
C LYS H 71 -40.35 71.29 -22.20
N MET H 72 -39.07 71.51 -21.90
CA MET H 72 -38.13 70.44 -21.60
C MET H 72 -38.03 70.31 -20.08
N VAL H 73 -38.53 69.20 -19.54
CA VAL H 73 -38.58 68.98 -18.10
C VAL H 73 -37.68 67.80 -17.75
N LYS H 74 -37.32 67.72 -16.48
CA LYS H 74 -36.44 66.68 -15.97
C LYS H 74 -37.27 65.50 -15.46
N GLY H 75 -36.87 64.30 -15.84
CA GLY H 75 -37.56 63.08 -15.44
C GLY H 75 -36.66 62.18 -14.61
N PHE H 76 -37.26 61.49 -13.63
CA PHE H 76 -36.57 60.50 -12.80
C PHE H 76 -37.30 59.17 -12.99
N SER H 77 -36.92 58.43 -14.02
CA SER H 77 -37.52 57.15 -14.33
C SER H 77 -36.73 56.02 -13.67
N ASN H 78 -37.42 54.94 -13.33
CA ASN H 78 -36.81 53.85 -12.58
C ASN H 78 -35.54 53.36 -13.27
N ARG H 79 -35.52 53.41 -14.61
CA ARG H 79 -34.28 53.22 -15.34
C ARG H 79 -33.48 54.52 -15.40
N ALA H 80 -34.13 55.64 -15.71
CA ALA H 80 -33.42 56.90 -15.87
C ALA H 80 -32.90 57.44 -14.53
N ARG H 81 -33.64 57.22 -13.45
CA ARG H 81 -33.14 57.64 -12.14
C ARG H 81 -31.86 56.87 -11.78
N LYS H 82 -31.84 55.57 -12.05
CA LYS H 82 -30.63 54.78 -11.79
C LYS H 82 -29.48 55.24 -12.68
N ALA H 83 -29.76 55.51 -13.96
CA ALA H 83 -28.71 55.96 -14.86
C ALA H 83 -28.16 57.33 -14.46
N ARG H 84 -29.04 58.26 -14.11
CA ARG H 84 -28.62 59.62 -13.78
C ARG H 84 -28.02 59.73 -12.39
N LEU H 85 -28.45 58.90 -11.44
CA LEU H 85 -27.85 58.93 -10.11
C LEU H 85 -26.38 58.54 -10.16
N ALA H 86 -26.01 57.64 -11.07
CA ALA H 86 -24.60 57.27 -11.22
C ALA H 86 -23.77 58.44 -11.71
N GLU H 87 -24.28 59.20 -12.67
CA GLU H 87 -23.57 60.34 -13.25
C GLU H 87 -24.47 61.57 -13.26
N PRO H 88 -24.20 62.58 -12.42
CA PRO H 88 -25.12 63.71 -12.32
C PRO H 88 -25.14 64.63 -13.52
N GLN H 89 -24.26 64.44 -14.51
CA GLN H 89 -24.18 65.38 -15.62
C GLN H 89 -25.42 65.36 -16.50
N LEU H 90 -26.05 64.19 -16.65
CA LEU H 90 -27.21 64.05 -17.53
C LEU H 90 -28.53 64.14 -16.77
N ARG H 91 -28.51 64.47 -15.48
CA ARG H 91 -29.75 64.69 -14.76
C ARG H 91 -30.51 65.87 -15.33
N GLU H 92 -29.81 66.95 -15.65
CA GLU H 92 -30.43 68.11 -16.29
C GLU H 92 -30.44 67.98 -17.81
N GLU H 93 -29.47 67.26 -18.38
CA GLU H 93 -29.32 67.16 -19.82
C GLU H 93 -30.40 66.31 -20.48
N ASN H 94 -31.16 65.54 -19.71
CA ASN H 94 -32.21 64.70 -20.30
C ASN H 94 -33.22 65.54 -21.06
N ASP H 95 -33.94 66.42 -20.35
CA ASP H 95 -34.84 67.40 -20.95
C ASP H 95 -35.90 66.74 -21.84
N LEU H 96 -36.73 65.90 -21.21
CA LEU H 96 -37.84 65.30 -21.92
C LEU H 96 -38.81 66.39 -22.36
N GLY H 97 -39.24 66.31 -23.62
CA GLY H 97 -40.09 67.33 -24.20
C GLY H 97 -41.56 67.03 -24.09
N LEU H 98 -42.31 67.91 -23.41
CA LEU H 98 -43.74 67.75 -23.26
C LEU H 98 -44.50 68.47 -24.37
N PHE H 99 -45.79 68.15 -24.49
CA PHE H 99 -46.64 68.74 -25.52
C PHE H 99 -47.96 69.15 -24.89
N GLY H 100 -48.61 70.15 -25.52
CA GLY H 100 -49.87 70.65 -25.04
C GLY H 100 -51.07 69.88 -25.57
N TYR H 101 -52.24 70.24 -25.05
CA TYR H 101 -53.48 69.59 -25.50
C TYR H 101 -53.77 69.91 -26.95
N TRP H 102 -53.54 71.16 -27.36
CA TRP H 102 -53.78 71.55 -28.75
C TRP H 102 -52.76 70.93 -29.71
N GLN H 103 -51.63 70.46 -29.20
CA GLN H 103 -50.60 69.84 -30.02
C GLN H 103 -50.82 68.35 -30.20
N THR H 104 -51.89 67.79 -29.65
CA THR H 104 -52.18 66.36 -29.73
C THR H 104 -53.58 66.15 -30.26
N GLU H 105 -53.75 65.10 -31.08
CA GLU H 105 -55.04 64.70 -31.59
C GLU H 105 -55.57 63.52 -30.81
N GLU H 106 -56.83 63.17 -31.06
CA GLU H 106 -57.44 62.02 -30.40
C GLU H 106 -56.82 60.72 -30.91
N TYR H 107 -56.57 59.79 -29.99
CA TYR H 107 -55.99 58.51 -30.36
C TYR H 107 -56.99 57.69 -31.17
N GLN H 108 -56.49 57.07 -32.24
CA GLN H 108 -57.30 56.24 -33.11
C GLN H 108 -56.91 54.78 -32.94
N PRO H 109 -57.73 53.95 -32.31
CA PRO H 109 -57.36 52.55 -32.15
C PRO H 109 -57.31 51.85 -33.50
N PRO H 110 -56.41 50.87 -33.66
CA PRO H 110 -56.31 50.17 -34.94
C PRO H 110 -57.47 49.22 -35.18
N VAL H 111 -57.52 48.62 -36.37
CA VAL H 111 -58.56 47.66 -36.73
C VAL H 111 -57.89 46.33 -37.02
N ALA H 112 -58.41 45.27 -36.40
CA ALA H 112 -57.87 43.93 -36.63
C ALA H 112 -58.09 43.52 -38.07
N VAL H 113 -57.04 42.99 -38.69
CA VAL H 113 -57.05 42.58 -40.09
C VAL H 113 -56.68 41.11 -40.16
N ASP H 114 -57.53 40.31 -40.82
CA ASP H 114 -57.31 38.88 -41.00
C ASP H 114 -57.15 38.17 -39.64
N GLY H 115 -57.91 38.61 -38.66
CA GLY H 115 -57.85 38.01 -37.34
C GLY H 115 -56.52 38.20 -36.64
N LYS H 116 -55.86 39.34 -36.85
CA LYS H 116 -54.58 39.64 -36.22
C LYS H 116 -54.74 40.85 -35.31
N VAL H 117 -54.36 40.70 -34.04
CA VAL H 117 -54.45 41.78 -33.08
C VAL H 117 -53.19 42.64 -33.18
N PRO H 118 -53.31 43.93 -33.49
CA PRO H 118 -52.12 44.78 -33.55
C PRO H 118 -51.44 44.89 -32.19
N ARG H 119 -50.12 45.02 -32.21
CA ARG H 119 -49.31 45.10 -31.01
C ARG H 119 -48.40 46.31 -31.08
N ASN H 120 -48.08 46.87 -29.91
CA ASN H 120 -47.23 48.03 -29.80
C ASN H 120 -45.76 47.60 -29.82
N GLU H 121 -44.86 48.53 -29.48
CA GLU H 121 -43.45 48.19 -29.33
C GLU H 121 -43.24 47.14 -28.25
N PHE H 122 -43.98 47.25 -27.15
CA PHE H 122 -43.91 46.28 -26.07
C PHE H 122 -44.66 44.99 -26.40
N GLY H 123 -45.28 44.89 -27.56
CA GLY H 123 -46.06 43.72 -27.92
C GLY H 123 -47.30 43.52 -27.10
N ASN H 124 -48.05 44.60 -26.83
CA ASN H 124 -49.27 44.52 -26.06
C ASN H 124 -50.24 45.58 -26.60
N VAL H 125 -51.34 45.79 -25.88
CA VAL H 125 -52.34 46.78 -26.24
C VAL H 125 -52.65 47.62 -25.00
N TYR H 126 -52.58 48.94 -25.15
CA TYR H 126 -52.92 49.85 -24.06
C TYR H 126 -54.45 49.97 -23.98
N LEU H 127 -55.00 49.75 -22.78
CA LEU H 127 -56.44 49.80 -22.56
C LEU H 127 -56.75 50.70 -21.36
N PHE H 128 -56.15 51.89 -21.36
CA PHE H 128 -56.44 52.86 -20.31
C PHE H 128 -57.89 53.31 -20.34
N LEU H 129 -58.46 53.47 -21.54
CA LEU H 129 -59.84 53.85 -21.71
C LEU H 129 -60.54 52.86 -22.64
N PRO H 130 -61.84 52.66 -22.48
CA PRO H 130 -62.55 51.72 -23.36
C PRO H 130 -62.48 52.08 -24.83
N SER H 131 -62.44 53.39 -25.16
CA SER H 131 -62.34 53.81 -26.55
C SER H 131 -61.01 53.42 -27.18
N MET H 132 -59.98 53.19 -26.38
CA MET H 132 -58.67 52.79 -26.90
C MET H 132 -58.65 51.35 -27.40
N MET H 133 -59.70 50.57 -27.12
CA MET H 133 -59.73 49.18 -27.57
C MET H 133 -59.77 49.13 -29.09
N PRO H 134 -58.95 48.30 -29.73
CA PRO H 134 -58.95 48.22 -31.19
C PRO H 134 -60.29 47.73 -31.72
N ILE H 135 -60.66 48.23 -32.90
CA ILE H 135 -61.91 47.84 -33.53
C ILE H 135 -61.86 46.37 -33.90
N GLY H 136 -62.93 45.64 -33.56
CA GLY H 136 -62.97 44.22 -33.79
C GLY H 136 -62.32 43.37 -32.74
N CYS H 137 -61.94 43.95 -31.60
CA CYS H 137 -61.30 43.24 -30.51
C CYS H 137 -62.18 43.27 -29.27
N VAL H 138 -62.17 42.16 -28.54
CA VAL H 138 -62.97 41.99 -27.32
C VAL H 138 -62.04 41.56 -26.19
N GLN H 139 -62.18 42.20 -25.03
CA GLN H 139 -61.41 41.85 -23.85
C GLN H 139 -62.24 40.94 -22.96
N LEU H 140 -61.67 39.80 -22.60
CA LEU H 140 -62.32 38.81 -21.75
C LEU H 140 -61.49 38.63 -20.48
N ASN H 141 -62.16 38.70 -19.34
CA ASN H 141 -61.49 38.53 -18.04
C ASN H 141 -61.58 37.08 -17.56
N LEU H 142 -61.11 36.16 -18.41
CA LEU H 142 -61.12 34.74 -18.07
C LEU H 142 -59.74 34.34 -17.57
N PRO H 143 -59.61 33.86 -16.33
CA PRO H 143 -58.29 33.45 -15.83
C PRO H 143 -57.73 32.29 -16.64
N ASN H 144 -56.41 32.32 -16.85
CA ASN H 144 -55.70 31.28 -17.58
C ASN H 144 -56.23 31.10 -19.00
N LEU H 145 -56.79 32.17 -19.57
CA LEU H 145 -57.30 32.09 -20.94
C LEU H 145 -56.16 32.10 -21.97
N HIS H 146 -55.01 32.67 -21.62
CA HIS H 146 -53.87 32.68 -22.54
C HIS H 146 -53.38 31.27 -22.84
N ARG H 147 -53.45 30.38 -21.85
CA ARG H 147 -53.11 28.98 -22.11
C ARG H 147 -54.07 28.37 -23.13
N VAL H 148 -55.35 28.68 -23.02
CA VAL H 148 -56.34 28.15 -23.96
C VAL H 148 -56.05 28.62 -25.38
N ALA H 149 -55.76 29.91 -25.55
CA ALA H 149 -55.49 30.44 -26.88
C ALA H 149 -54.21 29.85 -27.46
N ARG H 150 -53.18 29.70 -26.63
CA ARG H 150 -51.94 29.10 -27.10
C ARG H 150 -52.12 27.64 -27.47
N LYS H 151 -52.94 26.91 -26.72
CA LYS H 151 -53.27 25.54 -27.10
C LYS H 151 -54.02 25.50 -28.41
N LEU H 152 -54.93 26.45 -28.63
CA LEU H 152 -55.68 26.56 -29.87
C LEU H 152 -54.93 27.32 -30.95
N ASP H 153 -53.71 27.77 -30.67
CA ASP H 153 -52.90 28.56 -31.61
C ASP H 153 -53.65 29.81 -32.08
N ILE H 154 -54.31 30.48 -31.13
CA ILE H 154 -55.06 31.70 -31.39
C ILE H 154 -54.29 32.87 -30.81
N ASP H 155 -54.12 33.93 -31.61
CA ASP H 155 -53.41 35.12 -31.18
C ASP H 155 -54.08 35.75 -29.97
N CYS H 156 -53.37 35.80 -28.84
CA CYS H 156 -53.89 36.34 -27.60
C CYS H 156 -52.99 37.48 -27.13
N VAL H 157 -53.60 38.62 -26.82
CA VAL H 157 -52.88 39.80 -26.34
C VAL H 157 -53.52 40.26 -25.04
N GLN H 158 -52.67 40.61 -24.07
CA GLN H 158 -53.15 41.08 -22.79
C GLN H 158 -53.69 42.51 -22.92
N ALA H 159 -54.34 42.98 -21.85
CA ALA H 159 -54.99 44.29 -21.81
C ALA H 159 -54.34 45.11 -20.70
N ILE H 160 -53.37 45.94 -21.08
CA ILE H 160 -52.70 46.80 -20.11
C ILE H 160 -53.67 47.87 -19.63
N THR H 161 -53.86 47.96 -18.31
CA THR H 161 -54.76 48.93 -17.71
C THR H 161 -54.02 50.09 -17.05
N GLY H 162 -53.02 49.80 -16.24
CA GLY H 162 -52.25 50.82 -15.55
C GLY H 162 -50.88 50.30 -15.17
N PHE H 163 -50.26 50.96 -14.20
CA PHE H 163 -48.95 50.58 -13.70
C PHE H 163 -48.98 50.54 -12.18
N ASP H 164 -48.34 49.53 -11.61
CA ASP H 164 -48.27 49.35 -10.16
C ASP H 164 -46.82 49.32 -9.72
N PHE H 165 -46.51 50.05 -8.65
CA PHE H 165 -45.16 50.14 -8.13
C PHE H 165 -45.15 49.75 -6.66
N HIS H 166 -44.51 48.61 -6.36
CA HIS H 166 -44.34 48.15 -4.99
C HIS H 166 -42.90 48.30 -4.51
N GLY H 167 -41.94 47.80 -5.28
CA GLY H 167 -40.54 47.94 -4.93
C GLY H 167 -39.88 49.12 -5.61
N GLY H 168 -40.69 50.02 -6.15
CA GLY H 168 -40.18 51.19 -6.84
C GLY H 168 -40.14 51.10 -8.35
N TYR H 169 -40.72 50.06 -8.94
CA TYR H 169 -40.73 49.87 -10.39
C TYR H 169 -42.16 49.76 -10.88
N SER H 170 -42.48 50.49 -11.94
CA SER H 170 -43.84 50.56 -12.48
C SER H 170 -44.08 49.32 -13.34
N HIS H 171 -44.39 48.21 -12.69
CA HIS H 171 -44.74 47.00 -13.41
C HIS H 171 -46.08 47.19 -14.11
N PRO H 172 -46.24 46.65 -15.32
CA PRO H 172 -47.52 46.78 -16.01
C PRO H 172 -48.64 46.02 -15.31
N VAL H 173 -49.86 46.53 -15.46
CA VAL H 173 -51.05 45.93 -14.89
C VAL H 173 -51.95 45.48 -16.03
N THR H 174 -52.30 44.20 -16.05
CA THR H 174 -53.10 43.61 -17.11
C THR H 174 -54.43 43.13 -16.54
N ASP H 175 -55.52 43.50 -17.20
CA ASP H 175 -56.87 43.10 -16.80
C ASP H 175 -57.48 42.32 -17.96
N GLY H 176 -57.41 40.99 -17.86
CA GLY H 176 -57.96 40.14 -18.90
C GLY H 176 -57.07 40.06 -20.13
N TYR H 177 -57.61 39.41 -21.16
CA TYR H 177 -56.91 39.22 -22.42
C TYR H 177 -57.76 39.76 -23.56
N ILE H 178 -57.12 40.46 -24.49
CA ILE H 178 -57.81 41.00 -25.66
C ILE H 178 -57.60 40.04 -26.83
N VAL H 179 -58.71 39.49 -27.34
CA VAL H 179 -58.68 38.56 -28.45
C VAL H 179 -59.65 39.07 -29.51
N CYS H 180 -59.54 38.50 -30.71
CA CYS H 180 -60.41 38.91 -31.80
C CYS H 180 -61.87 38.62 -31.47
N GLU H 181 -62.77 39.46 -31.99
CA GLU H 181 -64.18 39.33 -31.68
C GLU H 181 -64.75 38.00 -32.16
N GLU H 182 -64.17 37.43 -33.23
CA GLU H 182 -64.63 36.15 -33.76
C GLU H 182 -64.40 34.98 -32.79
N PHE H 183 -63.42 35.08 -31.90
CA PHE H 183 -63.10 34.01 -30.95
C PHE H 183 -63.84 34.29 -29.64
N LYS H 184 -65.17 34.21 -29.67
CA LYS H 184 -65.95 34.41 -28.46
C LYS H 184 -66.41 33.09 -27.86
N ASP H 185 -67.13 32.28 -28.63
CA ASP H 185 -67.65 31.01 -28.12
C ASP H 185 -66.56 29.95 -28.06
N VAL H 186 -65.65 29.95 -29.02
CA VAL H 186 -64.59 28.93 -29.07
C VAL H 186 -63.70 29.02 -27.84
N LEU H 187 -63.30 30.25 -27.48
CA LEU H 187 -62.42 30.42 -26.33
C LEU H 187 -63.10 29.97 -25.05
N LEU H 188 -64.36 30.34 -24.85
CA LEU H 188 -65.05 29.96 -23.63
C LEU H 188 -65.29 28.46 -23.55
N THR H 189 -65.66 27.83 -24.67
CA THR H 189 -65.91 26.39 -24.63
C THR H 189 -64.61 25.62 -24.42
N ALA H 190 -63.51 26.08 -25.01
CA ALA H 190 -62.23 25.41 -24.79
C ALA H 190 -61.74 25.62 -23.36
N TRP H 191 -61.99 26.80 -22.79
CA TRP H 191 -61.67 27.04 -21.39
C TRP H 191 -62.47 26.12 -20.49
N GLU H 192 -63.77 25.95 -20.77
CA GLU H 192 -64.58 25.02 -20.00
C GLU H 192 -64.06 23.59 -20.13
N ASN H 193 -63.68 23.19 -21.34
CA ASN H 193 -63.16 21.84 -21.55
C ASN H 193 -61.87 21.61 -20.77
N GLU H 194 -60.94 22.56 -20.81
CA GLU H 194 -59.69 22.38 -20.09
C GLU H 194 -59.88 22.46 -18.57
N GLN H 195 -60.82 23.28 -18.11
CA GLN H 195 -61.16 23.30 -16.69
C GLN H 195 -61.73 21.96 -16.25
N ALA H 196 -62.60 21.37 -17.08
CA ALA H 196 -63.13 20.05 -16.76
C ALA H 196 -62.03 19.01 -16.74
N VAL H 197 -61.10 19.09 -17.69
CA VAL H 197 -60.01 18.12 -17.74
C VAL H 197 -59.13 18.21 -16.49
N ILE H 198 -58.75 19.42 -16.11
CA ILE H 198 -57.89 19.57 -14.93
C ILE H 198 -58.64 19.18 -13.67
N GLU H 199 -59.94 19.51 -13.62
CA GLU H 199 -60.74 19.14 -12.45
C GLU H 199 -60.85 17.62 -12.32
N ARG H 200 -61.07 16.91 -13.42
CA ARG H 200 -61.16 15.46 -13.35
C ARG H 200 -59.82 14.83 -13.05
N LYS H 201 -58.71 15.42 -13.54
CA LYS H 201 -57.39 14.92 -13.17
C LYS H 201 -57.14 15.07 -11.67
N GLU H 202 -57.48 16.24 -11.11
CA GLU H 202 -57.33 16.44 -9.67
C GLU H 202 -58.23 15.51 -8.88
N LYS H 203 -59.46 15.30 -9.35
CA LYS H 203 -60.37 14.38 -8.68
C LYS H 203 -59.82 12.96 -8.71
N GLU H 204 -59.24 12.55 -9.83
CA GLU H 204 -58.64 11.22 -9.92
C GLU H 204 -57.46 11.09 -8.97
N LYS H 205 -56.63 12.13 -8.86
CA LYS H 205 -55.51 12.09 -7.93
C LYS H 205 -56.02 11.97 -6.48
N LYS H 206 -57.03 12.75 -6.13
CA LYS H 206 -57.59 12.68 -4.78
C LYS H 206 -58.21 11.32 -4.51
N GLU H 207 -58.88 10.74 -5.53
CA GLU H 207 -59.46 9.42 -5.38
C GLU H 207 -58.38 8.36 -5.17
N LYS H 208 -57.27 8.46 -5.90
CA LYS H 208 -56.17 7.52 -5.72
C LYS H 208 -55.57 7.65 -4.32
N ARG H 209 -55.40 8.88 -3.85
CA ARG H 209 -54.88 9.08 -2.50
C ARG H 209 -55.83 8.50 -1.45
N ALA H 210 -57.13 8.72 -1.63
CA ALA H 210 -58.11 8.18 -0.69
C ALA H 210 -58.11 6.66 -0.70
N LEU H 211 -58.02 6.05 -1.89
CA LEU H 211 -57.98 4.60 -1.97
C LEU H 211 -56.72 4.04 -1.30
N GLY H 212 -55.58 4.71 -1.50
CA GLY H 212 -54.37 4.27 -0.83
C GLY H 212 -54.47 4.37 0.68
N ASN H 213 -55.05 5.47 1.17
CA ASN H 213 -55.23 5.64 2.61
C ASN H 213 -56.16 4.57 3.16
N TRP H 214 -57.26 4.27 2.45
CA TRP H 214 -58.17 3.23 2.90
C TRP H 214 -57.50 1.86 2.91
N LYS H 215 -56.69 1.58 1.88
CA LYS H 215 -55.99 0.31 1.83
C LYS H 215 -55.01 0.16 2.98
N LEU H 216 -54.25 1.22 3.28
CA LEU H 216 -53.29 1.14 4.37
C LEU H 216 -53.99 1.05 5.73
N LEU H 217 -55.13 1.74 5.88
CA LEU H 217 -55.92 1.58 7.09
C LEU H 217 -56.43 0.15 7.25
N ALA H 218 -56.90 -0.44 6.16
CA ALA H 218 -57.38 -1.83 6.20
C ALA H 218 -56.25 -2.78 6.58
N LYS H 219 -55.07 -2.58 6.00
CA LYS H 219 -53.95 -3.44 6.37
C LYS H 219 -53.50 -3.21 7.81
N GLY H 220 -53.58 -1.98 8.30
CA GLY H 220 -53.25 -1.73 9.70
C GLY H 220 -54.20 -2.42 10.65
N LEU H 221 -55.50 -2.36 10.36
CA LEU H 221 -56.46 -3.05 11.22
C LEU H 221 -56.31 -4.57 11.10
N LEU H 222 -55.96 -5.07 9.91
CA LEU H 222 -55.68 -6.51 9.76
C LEU H 222 -54.49 -6.92 10.61
N ILE H 223 -53.41 -6.12 10.61
CA ILE H 223 -52.26 -6.40 11.45
C ILE H 223 -52.63 -6.34 12.93
N ARG H 224 -53.42 -5.35 13.34
CA ARG H 224 -53.84 -5.26 14.74
C ARG H 224 -54.66 -6.47 15.16
N GLU H 225 -55.63 -6.90 14.34
CA GLU H 225 -56.42 -8.07 14.70
C GLU H 225 -55.61 -9.36 14.64
N ARG H 226 -54.65 -9.48 13.73
CA ARG H 226 -53.76 -10.63 13.72
C ARG H 226 -52.91 -10.68 14.98
N LEU H 227 -52.40 -9.54 15.43
CA LEU H 227 -51.65 -9.49 16.69
C LEU H 227 -52.54 -9.84 17.88
N LYS H 228 -53.79 -9.38 17.87
CA LYS H 228 -54.72 -9.74 18.93
C LYS H 228 -54.99 -11.24 18.95
N ARG H 229 -55.17 -11.85 17.78
CA ARG H 229 -55.37 -13.30 17.70
C ARG H 229 -54.13 -14.06 18.17
N ARG H 230 -52.94 -13.59 17.81
CA ARG H 230 -51.72 -14.30 18.19
C ARG H 230 -51.50 -14.25 19.70
N TYR H 231 -51.31 -13.05 20.26
CA TYR H 231 -51.06 -12.92 21.69
C TYR H 231 -52.19 -12.16 22.37
N GLY H 232 -52.53 -10.99 21.84
CA GLY H 232 -53.58 -10.18 22.43
C GLY H 232 -53.11 -9.34 23.59
N GLY H 233 -22.68 -1.44 35.43
CA GLY H 233 -22.38 -1.65 36.83
C GLY H 233 -21.05 -2.32 37.08
N THR H 234 -20.34 -1.86 38.10
CA THR H 234 -19.04 -2.45 38.43
C THR H 234 -19.18 -3.91 38.83
N SER H 235 -20.18 -4.22 39.63
CA SER H 235 -20.40 -5.61 40.04
C SER H 235 -20.74 -6.49 38.84
N SER H 236 -21.58 -5.98 37.93
CA SER H 236 -21.93 -6.75 36.74
C SER H 236 -20.71 -6.98 35.86
N GLN H 237 -19.87 -5.96 35.69
CA GLN H 237 -18.66 -6.11 34.90
C GLN H 237 -17.71 -7.13 35.54
N ALA H 238 -17.58 -7.08 36.87
CA ALA H 238 -16.73 -8.04 37.56
C ALA H 238 -17.25 -9.46 37.41
N GLU H 239 -18.57 -9.64 37.51
CA GLU H 239 -19.16 -10.97 37.33
C GLU H 239 -18.95 -11.47 35.90
N ALA H 240 -19.11 -10.59 34.91
CA ALA H 240 -18.89 -10.98 33.52
C ALA H 240 -17.44 -11.38 33.30
N ALA H 241 -16.49 -10.61 33.86
CA ALA H 241 -15.08 -10.96 33.73
C ALA H 241 -14.78 -12.29 34.41
N ARG H 242 -15.38 -12.53 35.58
CA ARG H 242 -15.14 -13.78 36.28
C ARG H 242 -15.68 -14.98 35.50
N ILE H 243 -16.89 -14.86 34.95
CA ILE H 243 -17.45 -15.98 34.21
C ILE H 243 -16.72 -16.19 32.88
N LEU H 244 -16.20 -15.10 32.28
CA LEU H 244 -15.36 -15.26 31.10
C LEU H 244 -14.07 -15.98 31.45
N ALA H 245 -13.46 -15.64 32.60
CA ALA H 245 -12.25 -16.32 33.04
C ALA H 245 -12.52 -17.78 33.41
N ALA H 246 -13.76 -18.13 33.68
CA ALA H 246 -14.14 -19.51 33.99
C ALA H 246 -14.35 -20.35 32.74
N SER H 247 -13.85 -19.90 31.59
CA SER H 247 -14.00 -20.64 30.35
C SER H 247 -13.25 -21.96 30.43
N TRP H 248 -13.73 -22.95 29.69
CA TRP H 248 -13.14 -24.28 29.73
C TRP H 248 -11.66 -24.31 29.36
N PRO H 249 -11.17 -23.60 28.32
CA PRO H 249 -9.73 -23.68 28.02
C PRO H 249 -8.89 -22.81 28.95
N GLN H 250 -9.48 -21.72 29.44
CA GLN H 250 -8.69 -20.73 30.18
C GLN H 250 -8.30 -21.23 31.57
N ASN H 251 -9.25 -21.87 32.27
CA ASN H 251 -8.97 -22.27 33.65
C ASN H 251 -7.86 -23.30 33.73
N ARG H 252 -7.85 -24.27 32.82
CA ARG H 252 -6.80 -25.29 32.83
C ARG H 252 -5.44 -24.68 32.55
N GLU H 253 -5.36 -23.74 31.60
CA GLU H 253 -4.10 -23.07 31.33
C GLU H 253 -3.63 -22.25 32.53
N ASP H 254 -4.56 -21.57 33.20
CA ASP H 254 -4.20 -20.81 34.39
C ASP H 254 -3.68 -21.72 35.49
N GLU H 255 -4.33 -22.86 35.68
CA GLU H 255 -3.86 -23.82 36.69
C GLU H 255 -2.48 -24.35 36.34
N GLU H 256 -2.24 -24.66 35.07
CA GLU H 256 -0.93 -25.16 34.65
C GLU H 256 0.15 -24.11 34.83
N LYS H 257 -0.14 -22.86 34.50
CA LYS H 257 0.85 -21.79 34.63
C LYS H 257 0.98 -21.27 36.05
N GLN H 258 0.08 -21.65 36.96
CA GLN H 258 0.21 -21.23 38.35
C GLN H 258 1.44 -21.82 39.01
N LYS H 259 1.82 -23.03 38.64
CA LYS H 259 2.99 -23.68 39.22
C LYS H 259 4.27 -22.96 38.80
N GLU H 260 14.98 -19.29 23.04
CA GLU H 260 13.66 -19.54 23.60
C GLU H 260 12.81 -18.28 23.58
N LYS H 261 13.29 -17.24 24.27
CA LYS H 261 12.55 -15.98 24.32
C LYS H 261 12.45 -15.34 22.94
N LYS H 262 13.53 -15.38 22.16
CA LYS H 262 13.49 -14.82 20.81
C LYS H 262 12.51 -15.56 19.93
N ALA H 263 12.50 -16.89 20.00
CA ALA H 263 11.54 -17.67 19.22
C ALA H 263 10.11 -17.38 19.65
N ALA H 264 9.88 -17.28 20.95
CA ALA H 264 8.54 -16.96 21.44
C ALA H 264 8.09 -15.58 20.95
N ALA H 265 8.99 -14.59 21.01
CA ALA H 265 8.64 -13.26 20.51
C ALA H 265 8.34 -13.28 19.02
N SER H 266 9.12 -14.04 18.25
CA SER H 266 8.90 -14.13 16.81
C SER H 266 7.55 -14.79 16.51
N HIS H 267 7.19 -15.83 17.24
CA HIS H 267 5.97 -16.58 16.98
C HIS H 267 4.73 -15.99 17.66
N LEU H 268 4.90 -15.00 18.53
CA LEU H 268 3.76 -14.38 19.19
C LEU H 268 3.22 -13.22 18.35
N PHE H 269 1.91 -13.03 18.43
CA PHE H 269 1.25 -11.95 17.73
C PHE H 269 1.59 -10.61 18.39
N PRO H 270 1.52 -9.51 17.63
CA PRO H 270 1.92 -8.21 18.19
C PRO H 270 1.11 -7.79 19.42
N PHE H 271 -0.18 -8.12 19.47
CA PHE H 271 -0.98 -7.71 20.62
C PHE H 271 -0.70 -8.54 21.87
N GLU H 272 -0.07 -9.70 21.71
CA GLU H 272 0.33 -10.51 22.87
C GLU H 272 1.70 -10.14 23.41
N LYS H 273 2.46 -9.29 22.69
CA LYS H 273 3.76 -8.84 23.14
C LYS H 273 3.73 -7.47 23.79
N LEU H 274 2.54 -6.88 23.95
CA LEU H 274 2.42 -5.56 24.55
C LEU H 274 1.62 -5.61 25.85
N LYS I 1 -70.04 -7.87 6.47
CA LYS I 1 -70.39 -6.70 7.26
C LYS I 1 -69.93 -6.84 8.71
N GLU I 2 -69.77 -8.08 9.16
CA GLU I 2 -69.29 -8.32 10.52
C GLU I 2 -67.87 -7.81 10.70
N GLU I 3 -67.00 -8.05 9.72
CA GLU I 3 -65.63 -7.55 9.79
C GLU I 3 -65.61 -6.02 9.76
N ILE I 4 -66.49 -5.42 8.95
CA ILE I 4 -66.58 -3.97 8.90
C ILE I 4 -67.00 -3.41 10.25
N LEU I 5 -67.99 -4.06 10.88
CA LEU I 5 -68.43 -3.61 12.20
C LEU I 5 -67.33 -3.76 13.24
N LYS I 6 -66.58 -4.86 13.18
CA LYS I 6 -65.45 -5.04 14.11
C LYS I 6 -64.39 -3.98 13.90
N ALA I 7 -64.08 -3.65 12.64
CA ALA I 7 -63.12 -2.60 12.37
C ALA I 7 -63.62 -1.25 12.87
N PHE I 8 -64.90 -0.96 12.70
CA PHE I 8 -65.47 0.28 13.20
C PHE I 8 -65.37 0.34 14.72
N LYS I 9 -65.64 -0.77 15.40
CA LYS I 9 -65.52 -0.81 16.85
C LYS I 9 -64.08 -0.60 17.29
N LEU I 10 -63.13 -1.20 16.56
CA LEU I 10 -61.71 -0.98 16.88
C LEU I 10 -61.33 0.48 16.71
N PHE I 11 -61.79 1.11 15.63
CA PHE I 11 -61.56 2.54 15.45
C PHE I 11 -62.27 3.36 16.51
N ASP I 12 -63.51 2.98 16.86
CA ASP I 12 -64.29 3.69 17.87
C ASP I 12 -63.92 3.16 19.25
N ASP I 13 -62.77 3.64 19.74
CA ASP I 13 -62.29 3.18 21.04
C ASP I 13 -63.19 3.62 22.18
N ASP I 14 -63.81 4.78 22.07
CA ASP I 14 -64.69 5.30 23.11
C ASP I 14 -66.15 4.87 22.92
N GLU I 15 -66.44 4.05 21.90
CA GLU I 15 -67.79 3.54 21.65
C GLU I 15 -68.81 4.67 21.50
N THR I 16 -68.43 5.72 20.78
CA THR I 16 -69.32 6.84 20.51
C THR I 16 -70.16 6.65 19.26
N GLY I 17 -69.92 5.59 18.49
CA GLY I 17 -70.66 5.34 17.28
C GLY I 17 -70.16 6.06 16.04
N LYS I 18 -69.16 6.92 16.19
CA LYS I 18 -68.61 7.68 15.08
C LYS I 18 -67.09 7.61 15.11
N ILE I 19 -66.49 7.62 13.92
CA ILE I 19 -65.03 7.69 13.80
C ILE I 19 -64.69 9.17 13.61
N SER I 20 -64.46 9.84 14.73
CA SER I 20 -64.19 11.28 14.71
C SER I 20 -62.75 11.54 14.26
N PHE I 21 -62.41 12.83 14.19
CA PHE I 21 -61.06 13.22 13.81
C PHE I 21 -60.03 12.71 14.81
N LYS I 22 -60.34 12.84 16.10
CA LYS I 22 -59.40 12.40 17.14
C LYS I 22 -59.16 10.90 17.07
N ASN I 23 -60.23 10.11 16.88
CA ASN I 23 -60.07 8.66 16.81
C ASN I 23 -59.25 8.26 15.59
N LEU I 24 -59.53 8.87 14.43
CA LEU I 24 -58.75 8.56 13.24
C LEU I 24 -57.29 8.94 13.41
N LYS I 25 -57.03 10.10 14.01
N LYS I 25 -57.03 10.10 14.01
CA LYS I 25 -55.64 10.51 14.26
CA LYS I 25 -55.64 10.51 14.26
C LYS I 25 -54.94 9.54 15.20
C LYS I 25 -54.94 9.54 15.20
N ARG I 26 -55.63 9.12 16.26
CA ARG I 26 -55.02 8.18 17.20
C ARG I 26 -54.73 6.84 16.53
N VAL I 27 -55.66 6.35 15.70
CA VAL I 27 -55.41 5.10 14.99
C VAL I 27 -54.23 5.23 14.04
N ALA I 28 -54.15 6.36 13.31
CA ALA I 28 -53.05 6.57 12.39
C ALA I 28 -51.71 6.63 13.13
N LYS I 29 -51.68 7.31 14.28
CA LYS I 29 -50.44 7.38 15.05
C LYS I 29 -50.05 6.02 15.62
N GLU I 30 -51.04 5.23 16.06
CA GLU I 30 -50.73 3.89 16.57
C GLU I 30 -50.18 2.99 15.46
N LEU I 31 -50.72 3.10 14.25
CA LEU I 31 -50.23 2.32 13.13
C LEU I 31 -48.89 2.81 12.61
N GLY I 32 -48.41 3.96 13.08
CA GLY I 32 -47.16 4.51 12.62
C GLY I 32 -47.25 5.36 11.36
N GLU I 33 -48.45 5.60 10.85
CA GLU I 33 -48.60 6.42 9.66
C GLU I 33 -48.29 7.89 9.98
N ASN I 34 -47.77 8.59 8.97
CA ASN I 34 -47.39 9.99 9.10
C ASN I 34 -48.34 10.89 8.31
N LEU I 35 -49.62 10.56 8.33
CA LEU I 35 -50.60 11.36 7.62
C LEU I 35 -50.85 12.68 8.35
N THR I 36 -50.89 13.77 7.59
CA THR I 36 -51.09 15.09 8.18
C THR I 36 -52.53 15.25 8.68
N ASP I 37 -52.69 16.17 9.63
CA ASP I 37 -54.01 16.43 10.21
C ASP I 37 -54.96 16.98 9.15
N GLU I 38 -54.47 17.83 8.26
CA GLU I 38 -55.32 18.34 7.19
C GLU I 38 -55.77 17.20 6.28
N GLU I 39 -54.89 16.26 5.98
CA GLU I 39 -55.30 15.10 5.20
C GLU I 39 -56.30 14.24 5.96
N LEU I 40 -56.13 14.12 7.28
CA LEU I 40 -57.07 13.35 8.09
C LEU I 40 -58.47 13.96 8.04
N GLN I 41 -58.55 15.28 8.20
CA GLN I 41 -59.87 15.92 8.16
C GLN I 41 -60.45 15.92 6.76
N GLU I 42 -59.60 15.98 5.72
CA GLU I 42 -60.08 15.83 4.36
C GLU I 42 -60.68 14.44 4.14
N MET I 43 -60.00 13.41 4.62
CA MET I 43 -60.51 12.05 4.49
C MET I 43 -61.82 11.88 5.26
N ILE I 44 -61.91 12.49 6.45
CA ILE I 44 -63.16 12.45 7.20
C ILE I 44 -64.27 13.14 6.41
N ASP I 45 -63.98 14.30 5.83
CA ASP I 45 -64.98 15.02 5.05
C ASP I 45 -65.33 14.28 3.76
N GLU I 46 -64.33 13.70 3.09
CA GLU I 46 -64.58 12.97 1.86
C GLU I 46 -65.48 11.77 2.08
N ALA I 47 -65.25 11.04 3.17
CA ALA I 47 -66.08 9.89 3.52
C ALA I 47 -67.39 10.31 4.19
N ASP I 48 -67.55 11.59 4.52
CA ASP I 48 -68.79 12.07 5.12
C ASP I 48 -69.83 12.29 4.04
N ARG I 49 -71.07 11.88 4.33
CA ARG I 49 -72.17 12.00 3.37
C ARG I 49 -73.26 12.98 3.81
N ASP I 50 -73.69 12.92 5.07
CA ASP I 50 -74.73 13.81 5.57
C ASP I 50 -74.19 15.15 6.05
N GLY I 51 -72.87 15.35 6.01
CA GLY I 51 -72.31 16.62 6.42
C GLY I 51 -72.28 16.87 7.91
N ASP I 52 -72.31 15.80 8.73
CA ASP I 52 -72.28 15.96 10.18
C ASP I 52 -70.87 16.18 10.72
N GLY I 53 -69.85 16.09 9.87
CA GLY I 53 -68.48 16.25 10.31
C GLY I 53 -67.76 14.98 10.69
N GLU I 54 -68.44 13.83 10.66
CA GLU I 54 -67.83 12.55 10.97
C GLU I 54 -68.43 11.50 10.04
N VAL I 55 -68.16 10.23 10.35
CA VAL I 55 -68.66 9.11 9.57
C VAL I 55 -69.39 8.15 10.49
N SER I 56 -70.58 7.70 10.07
CA SER I 56 -71.40 6.80 10.84
C SER I 56 -71.20 5.37 10.37
N GLU I 57 -71.98 4.44 10.94
CA GLU I 57 -71.90 3.04 10.52
C GLU I 57 -72.33 2.88 9.07
N GLN I 58 -73.41 3.55 8.66
CA GLN I 58 -73.88 3.44 7.28
C GLN I 58 -72.87 4.02 6.30
N GLU I 59 -72.28 5.17 6.63
CA GLU I 59 -71.28 5.76 5.75
C GLU I 59 -70.04 4.89 5.67
N PHE I 60 -69.63 4.28 6.79
CA PHE I 60 -68.48 3.38 6.76
C PHE I 60 -68.78 2.16 5.90
N LEU I 61 -69.99 1.61 6.01
CA LEU I 61 -70.37 0.50 5.14
C LEU I 61 -70.34 0.91 3.68
N ARG I 62 -70.84 2.10 3.37
CA ARG I 62 -70.87 2.58 1.99
C ARG I 62 -69.46 2.74 1.43
N ILE I 63 -68.55 3.33 2.23
CA ILE I 63 -67.20 3.54 1.74
C ILE I 63 -66.46 2.21 1.61
N MET I 64 -66.74 1.26 2.50
CA MET I 64 -66.13 -0.06 2.35
C MET I 64 -66.66 -0.80 1.12
N LYS I 65 -67.93 -0.58 0.77
CA LYS I 65 -68.49 -1.23 -0.40
C LYS I 65 -67.81 -0.77 -1.68
N LYS I 66 -67.50 0.52 -1.79
CA LYS I 66 -66.90 1.07 -2.99
C LYS I 66 -65.39 0.90 -3.03
N THR I 67 -64.80 0.27 -2.02
CA THR I 67 -63.36 0.03 -2.02
C THR I 67 -62.99 -0.93 -3.16
N SER I 68 -61.80 -0.74 -3.72
CA SER I 68 -61.36 -1.55 -4.84
C SER I 68 -61.24 -3.02 -4.45
N LEU I 69 -60.66 -3.29 -3.28
CA LEU I 69 -60.48 -4.66 -2.82
C LEU I 69 -60.50 -4.69 -1.30
N TYR I 70 -60.79 -5.87 -0.76
CA TYR I 70 -60.83 -6.07 0.68
C TYR I 70 -60.72 -7.55 1.03
N TYR J 1 -38.32 12.99 -60.41
CA TYR J 1 -39.74 13.18 -60.14
C TYR J 1 -40.30 12.04 -59.29
N VAL J 2 -41.19 12.38 -58.37
CA VAL J 2 -41.83 11.42 -57.47
C VAL J 2 -43.33 11.46 -57.73
N ILE J 3 -43.92 10.29 -57.92
CA ILE J 3 -45.37 10.18 -58.19
C ILE J 3 -46.10 10.06 -56.86
N CYS J 4 -47.05 10.95 -56.63
CA CYS J 4 -47.84 10.89 -55.41
C CYS J 4 -48.73 9.66 -55.40
N GLU J 5 -48.82 9.01 -54.25
CA GLU J 5 -49.67 7.83 -54.10
C GLU J 5 -51.13 8.15 -53.90
N GLU J 6 -51.48 9.43 -53.71
CA GLU J 6 -52.86 9.84 -53.50
C GLU J 6 -53.49 10.40 -54.78
N CYS J 7 -52.85 11.42 -55.38
CA CYS J 7 -53.38 12.06 -56.58
C CYS J 7 -52.75 11.52 -57.86
N GLY J 8 -51.53 10.99 -57.80
CA GLY J 8 -50.85 10.50 -58.98
C GLY J 8 -50.08 11.53 -59.76
N LYS J 9 -50.10 12.79 -59.34
CA LYS J 9 -49.38 13.85 -60.03
C LYS J 9 -47.92 13.83 -59.61
N GLU J 10 -47.02 13.85 -60.60
CA GLU J 10 -45.59 13.84 -60.32
C GLU J 10 -45.15 15.15 -59.69
N PHE J 11 -44.30 15.05 -58.67
CA PHE J 11 -43.73 16.21 -58.01
C PHE J 11 -42.25 15.98 -57.77
N MET J 12 -41.50 17.08 -57.69
CA MET J 12 -40.05 17.01 -57.48
C MET J 12 -39.69 17.03 -56.00
N ASP J 13 -40.14 18.06 -55.28
CA ASP J 13 -39.85 18.21 -53.86
C ASP J 13 -41.13 18.47 -53.09
N SER J 14 -41.25 17.86 -51.91
CA SER J 14 -42.40 18.06 -51.04
C SER J 14 -41.95 17.92 -49.61
N TYR J 15 -42.74 18.50 -48.69
CA TYR J 15 -42.39 18.46 -47.28
C TYR J 15 -42.36 17.02 -46.76
N LEU J 16 -43.37 16.22 -47.12
CA LEU J 16 -43.43 14.84 -46.65
C LEU J 16 -42.25 14.03 -47.18
N MET J 17 -41.92 14.19 -48.45
CA MET J 17 -40.76 13.49 -49.01
C MET J 17 -39.46 13.93 -48.35
N ASN J 18 -39.31 15.24 -48.11
CA ASN J 18 -38.08 15.75 -47.54
C ASN J 18 -37.90 15.28 -46.09
N HIS J 19 -38.98 15.23 -45.31
CA HIS J 19 -38.86 14.98 -43.89
C HIS J 19 -39.09 13.53 -43.49
N PHE J 20 -39.78 12.73 -44.30
CA PHE J 20 -40.06 11.35 -43.93
C PHE J 20 -39.93 10.38 -45.10
N ASP J 21 -39.43 10.84 -46.25
CA ASP J 21 -39.31 10.00 -47.45
C ASP J 21 -40.66 9.39 -47.84
N LEU J 22 -41.72 10.18 -47.70
CA LEU J 22 -43.07 9.72 -48.04
C LEU J 22 -43.43 10.23 -49.44
N PRO J 23 -43.70 9.35 -50.40
CA PRO J 23 -44.04 9.83 -51.75
C PRO J 23 -45.44 10.44 -51.82
N THR J 24 -45.61 11.61 -51.21
CA THR J 24 -46.89 12.32 -51.22
C THR J 24 -46.61 13.80 -51.37
N CYS J 25 -47.32 14.44 -52.29
CA CYS J 25 -47.14 15.87 -52.53
C CYS J 25 -47.79 16.68 -51.40
N ASP J 26 -47.43 17.96 -51.34
CA ASP J 26 -47.99 18.84 -50.33
C ASP J 26 -49.49 19.07 -50.55
N ASN J 27 -49.96 18.94 -51.80
CA ASN J 27 -51.38 19.09 -52.07
C ASN J 27 -52.19 18.00 -51.38
N CYS J 28 -51.69 16.77 -51.38
CA CYS J 28 -52.34 15.65 -50.73
C CYS J 28 -51.88 15.45 -49.30
N ARG J 29 -51.07 16.36 -48.78
CA ARG J 29 -50.56 16.25 -47.41
C ARG J 29 -51.70 16.49 -46.43
N ASP J 30 -52.26 15.41 -45.90
CA ASP J 30 -53.34 15.50 -44.92
C ASP J 30 -52.75 15.49 -43.51
N ALA J 31 -52.04 16.58 -43.21
CA ALA J 31 -51.37 16.72 -41.92
C ALA J 31 -52.34 16.86 -40.76
N ASP J 32 -53.62 17.08 -41.02
CA ASP J 32 -54.59 17.24 -39.95
C ASP J 32 -54.87 15.91 -39.26
N ASP J 33 -55.32 14.92 -40.03
CA ASP J 33 -55.68 13.61 -39.48
C ASP J 33 -54.80 12.49 -39.99
N LYS J 34 -54.69 12.33 -41.32
CA LYS J 34 -53.95 11.19 -41.86
C LYS J 34 -52.46 11.29 -41.59
N HIS J 35 -51.89 12.50 -41.70
CA HIS J 35 -50.47 12.72 -41.52
C HIS J 35 -50.18 13.48 -40.23
N LYS J 36 -50.93 13.17 -39.17
CA LYS J 36 -50.72 13.81 -37.88
C LYS J 36 -49.39 13.38 -37.28
N LEU J 37 -48.70 14.33 -36.65
CA LEU J 37 -47.43 14.08 -36.00
C LEU J 37 -47.63 13.93 -34.50
N ILE J 38 -46.96 12.94 -33.92
CA ILE J 38 -47.07 12.64 -32.49
C ILE J 38 -45.67 12.61 -31.89
N THR J 39 -45.62 12.87 -30.58
CA THR J 39 -44.34 12.86 -29.88
C THR J 39 -43.82 11.44 -29.74
N LYS J 40 -42.50 11.33 -29.52
CA LYS J 40 -41.86 10.02 -29.42
C LYS J 40 -42.40 9.25 -28.21
N THR J 41 -42.52 9.91 -27.06
CA THR J 41 -42.98 9.21 -25.86
C THR J 41 -44.42 8.74 -26.02
N GLU J 42 -45.27 9.56 -26.64
CA GLU J 42 -46.66 9.14 -26.85
C GLU J 42 -46.74 7.92 -27.75
N ALA J 43 -45.95 7.91 -28.83
CA ALA J 43 -45.93 6.75 -29.72
C ALA J 43 -45.41 5.51 -28.99
N LYS J 44 -44.35 5.66 -28.19
CA LYS J 44 -43.81 4.53 -27.46
C LYS J 44 -44.83 3.98 -26.46
N GLN J 45 -45.56 4.86 -25.79
CA GLN J 45 -46.56 4.40 -24.82
C GLN J 45 -47.74 3.73 -25.51
N GLU J 46 -48.21 4.30 -26.62
CA GLU J 46 -49.40 3.75 -27.26
C GLU J 46 -49.11 2.44 -28.00
N TYR J 47 -47.98 2.38 -28.71
CA TYR J 47 -47.68 1.24 -29.57
C TYR J 47 -46.64 0.30 -28.96
N LEU J 48 -46.19 0.55 -27.73
CA LEU J 48 -45.23 -0.31 -27.05
C LEU J 48 -43.98 -0.53 -27.88
N LEU J 49 -43.49 0.55 -28.50
CA LEU J 49 -42.31 0.49 -29.35
C LEU J 49 -41.09 0.98 -28.59
N LYS J 50 -39.96 0.30 -28.79
CA LYS J 50 -38.70 0.66 -28.16
C LYS J 50 -37.91 1.59 -29.06
N ASP J 51 -36.83 2.14 -28.50
CA ASP J 51 -35.99 3.07 -29.25
C ASP J 51 -35.35 2.39 -30.46
N CYS J 52 -34.81 1.18 -30.25
CA CYS J 52 -34.15 0.47 -31.33
C CYS J 52 -35.10 0.20 -32.49
N ASP J 53 -36.33 -0.23 -32.17
CA ASP J 53 -37.33 -0.44 -33.20
C ASP J 53 -37.64 0.83 -33.98
N LEU J 54 -37.44 1.99 -33.38
CA LEU J 54 -37.63 3.26 -34.06
C LEU J 54 -36.35 3.80 -34.68
N GLU J 55 -35.22 3.15 -34.47
CA GLU J 55 -33.94 3.66 -34.95
C GLU J 55 -33.07 2.63 -35.66
N LYS J 56 -33.27 1.33 -35.42
CA LYS J 56 -32.40 0.31 -35.99
C LYS J 56 -33.12 -0.68 -36.91
N ARG J 57 -34.44 -0.79 -36.83
CA ARG J 57 -35.18 -1.67 -37.73
C ARG J 57 -35.31 -1.00 -39.08
N GLU J 58 -34.85 -1.68 -40.12
CA GLU J 58 -34.90 -1.12 -41.46
C GLU J 58 -36.34 -1.08 -41.97
N PRO J 59 -36.76 0.02 -42.59
CA PRO J 59 -35.98 1.26 -42.72
C PRO J 59 -36.06 2.15 -41.48
N PRO J 60 -35.02 2.92 -41.22
CA PRO J 60 -35.06 3.85 -40.09
C PRO J 60 -36.18 4.87 -40.26
N LEU J 61 -36.79 5.25 -39.15
CA LEU J 61 -37.90 6.20 -39.14
C LEU J 61 -37.36 7.59 -38.81
N LYS J 62 -37.60 8.54 -39.70
CA LYS J 62 -37.14 9.91 -39.48
C LYS J 62 -38.12 10.66 -38.58
N PHE J 63 -37.66 11.81 -38.09
CA PHE J 63 -38.46 12.63 -37.18
C PHE J 63 -38.09 14.09 -37.39
N ILE J 64 -38.98 14.97 -36.93
CA ILE J 64 -38.76 16.41 -37.00
C ILE J 64 -38.65 16.95 -35.59
N VAL J 65 -37.57 17.70 -35.33
CA VAL J 65 -37.35 18.34 -34.03
C VAL J 65 -38.04 19.70 -34.09
N LYS J 66 -39.22 19.79 -33.49
CA LYS J 66 -40.02 21.01 -33.51
C LYS J 66 -40.17 21.53 -32.09
N LYS J 67 -39.96 22.83 -31.92
CA LYS J 67 -40.12 23.45 -30.60
C LYS J 67 -41.56 23.33 -30.14
N ASN J 68 -41.73 23.07 -28.85
CA ASN J 68 -43.07 22.88 -28.30
C ASN J 68 -43.88 24.17 -28.39
N PRO J 69 -45.17 24.09 -28.70
CA PRO J 69 -45.99 25.30 -28.74
C PRO J 69 -46.10 26.01 -27.39
N HIS J 70 -45.80 25.31 -26.30
CA HIS J 70 -45.82 25.91 -24.97
C HIS J 70 -44.54 26.72 -24.77
N HIS J 71 -44.26 27.07 -23.52
CA HIS J 71 -43.12 27.92 -23.20
C HIS J 71 -41.81 27.28 -23.66
N SER J 72 -40.74 28.08 -23.63
CA SER J 72 -39.41 27.64 -24.01
C SER J 72 -38.71 26.87 -22.90
N GLN J 73 -39.47 26.36 -21.95
CA GLN J 73 -38.96 25.63 -20.79
C GLN J 73 -38.09 24.45 -21.20
N TRP J 74 -38.70 23.46 -21.86
CA TRP J 74 -37.93 22.43 -22.57
C TRP J 74 -38.81 21.90 -23.70
N GLY J 75 -38.64 22.48 -24.88
CA GLY J 75 -39.38 22.02 -26.05
C GLY J 75 -38.55 21.12 -26.92
N ASP J 76 -38.40 21.47 -28.20
CA ASP J 76 -37.58 20.72 -29.14
C ASP J 76 -38.00 19.26 -29.20
N MET J 77 -39.31 19.03 -29.16
CA MET J 77 -39.85 17.69 -29.14
C MET J 77 -39.71 17.04 -30.51
N LYS J 78 -39.48 15.72 -30.50
CA LYS J 78 -39.39 14.94 -31.72
C LYS J 78 -40.78 14.48 -32.14
N LEU J 79 -41.07 14.65 -33.43
CA LEU J 79 -42.36 14.26 -33.99
C LEU J 79 -42.14 13.25 -35.11
N TYR J 80 -42.92 12.17 -35.08
CA TYR J 80 -42.86 11.12 -36.08
C TYR J 80 -44.20 11.05 -36.82
N LEU J 81 -44.13 10.58 -38.06
CA LEU J 81 -45.36 10.40 -38.85
C LEU J 81 -46.20 9.28 -38.24
N LYS J 82 -47.49 9.53 -38.09
CA LYS J 82 -48.37 8.54 -37.46
C LYS J 82 -48.46 7.28 -38.30
N LEU J 83 -48.54 7.41 -39.63
CA LEU J 83 -48.66 6.24 -40.49
C LEU J 83 -47.43 5.36 -40.38
N GLN J 84 -46.24 5.95 -40.37
CA GLN J 84 -45.02 5.15 -40.25
C GLN J 84 -44.95 4.44 -38.91
N ILE J 85 -45.34 5.12 -37.83
CA ILE J 85 -45.33 4.50 -36.51
C ILE J 85 -46.31 3.33 -36.46
N VAL J 86 -47.51 3.52 -37.02
CA VAL J 86 -48.50 2.44 -37.03
C VAL J 86 -47.99 1.27 -37.85
N LYS J 87 -47.38 1.53 -39.01
CA LYS J 87 -46.86 0.45 -39.84
C LYS J 87 -45.74 -0.31 -39.12
N ARG J 88 -44.85 0.42 -38.46
CA ARG J 88 -43.76 -0.24 -37.73
C ARG J 88 -44.30 -1.07 -36.57
N SER J 89 -45.30 -0.55 -35.85
CA SER J 89 -45.90 -1.31 -34.76
C SER J 89 -46.58 -2.58 -35.27
N LEU J 90 -47.29 -2.47 -36.40
CA LEU J 90 -47.92 -3.65 -36.98
C LEU J 90 -46.89 -4.67 -37.42
N GLU J 91 -45.78 -4.21 -38.01
CA GLU J 91 -44.73 -5.14 -38.42
C GLU J 91 -44.09 -5.83 -37.22
N VAL J 92 -43.84 -5.08 -36.14
CA VAL J 92 -43.17 -5.67 -34.98
C VAL J 92 -44.10 -6.64 -34.26
N TRP J 93 -45.34 -6.24 -34.02
CA TRP J 93 -46.28 -7.04 -33.25
C TRP J 93 -47.14 -7.97 -34.11
N GLY J 94 -47.01 -7.91 -35.43
CA GLY J 94 -47.81 -8.78 -36.28
C GLY J 94 -49.21 -8.30 -36.60
N SER J 95 -49.99 -7.96 -35.58
CA SER J 95 -51.36 -7.51 -35.79
C SER J 95 -51.76 -6.58 -34.65
N GLN J 96 -52.84 -5.81 -34.90
CA GLN J 96 -53.33 -4.88 -33.88
C GLN J 96 -53.88 -5.62 -32.67
N GLU J 97 -54.48 -6.80 -32.87
CA GLU J 97 -54.98 -7.58 -31.75
C GLU J 97 -53.84 -8.00 -30.83
N ALA J 98 -52.69 -8.36 -31.40
CA ALA J 98 -51.52 -8.70 -30.59
C ALA J 98 -51.07 -7.51 -29.76
N LEU J 99 -51.08 -6.30 -30.36
CA LEU J 99 -50.70 -5.11 -29.61
C LEU J 99 -51.68 -4.82 -28.48
N GLU J 100 -52.97 -5.00 -28.74
CA GLU J 100 -53.97 -4.80 -27.70
C GLU J 100 -53.78 -5.79 -26.56
N GLU J 101 -53.53 -7.06 -26.89
CA GLU J 101 -53.26 -8.05 -25.85
C GLU J 101 -52.00 -7.70 -25.08
N ALA J 102 -50.97 -7.20 -25.78
CA ALA J 102 -49.74 -6.82 -25.11
C ALA J 102 -49.96 -5.68 -24.13
N LYS J 103 -50.72 -4.66 -24.53
CA LYS J 103 -50.95 -3.55 -23.61
C LYS J 103 -51.84 -3.97 -22.45
N GLU J 104 -52.80 -4.87 -22.69
CA GLU J 104 -53.65 -5.37 -21.61
C GLU J 104 -52.82 -6.15 -20.59
N VAL J 105 -51.94 -7.03 -21.07
CA VAL J 105 -51.12 -7.79 -20.12
C VAL J 105 -50.10 -6.87 -19.46
N ARG J 106 -49.66 -5.82 -20.13
CA ARG J 106 -48.74 -4.87 -19.50
C ARG J 106 -49.41 -4.14 -18.35
N GLN J 107 -50.65 -3.66 -18.56
CA GLN J 107 -51.34 -2.99 -17.46
C GLN J 107 -51.72 -3.97 -16.35
N GLU J 108 -52.05 -5.21 -16.70
CA GLU J 108 -52.29 -6.22 -15.67
C GLU J 108 -51.04 -6.47 -14.85
N ASN J 109 -49.89 -6.56 -15.50
CA ASN J 109 -48.63 -6.73 -14.77
C ASN J 109 -48.32 -5.51 -13.91
N ARG J 110 -48.64 -4.31 -14.40
CA ARG J 110 -48.43 -3.12 -13.60
C ARG J 110 -49.27 -3.15 -12.32
N GLU J 111 -50.55 -3.55 -12.46
CA GLU J 111 -51.39 -3.68 -11.28
C GLU J 111 -50.86 -4.77 -10.33
N LYS J 112 -50.39 -5.88 -10.89
CA LYS J 112 -49.81 -6.94 -10.07
C LYS J 112 -48.60 -6.44 -9.31
N MET J 113 -47.73 -5.68 -9.97
CA MET J 113 -46.53 -5.18 -9.32
C MET J 113 -46.88 -4.17 -8.23
N LYS J 114 -47.84 -3.28 -8.50
CA LYS J 114 -48.19 -2.30 -7.47
C LYS J 114 -48.84 -2.97 -6.26
N GLN J 115 -49.70 -3.96 -6.48
CA GLN J 115 -50.29 -4.66 -5.34
C GLN J 115 -49.25 -5.49 -4.60
N LYS J 116 -48.29 -6.07 -5.30
CA LYS J 116 -47.22 -6.81 -4.64
C LYS J 116 -46.35 -5.88 -3.81
N LYS J 117 -46.05 -4.69 -4.32
CA LYS J 117 -45.28 -3.72 -3.55
C LYS J 117 -46.05 -3.26 -2.32
N PHE J 118 -47.37 -3.07 -2.46
CA PHE J 118 -48.20 -2.73 -1.30
C PHE J 118 -48.15 -3.84 -0.25
N ASP J 119 -48.27 -5.10 -0.70
CA ASP J 119 -48.20 -6.22 0.23
C ASP J 119 -46.84 -6.29 0.91
N LYS J 120 -45.76 -6.06 0.16
CA LYS J 120 -44.44 -6.09 0.76
C LYS J 120 -44.24 -4.97 1.78
N LYS J 121 -44.71 -3.76 1.46
CA LYS J 121 -44.51 -2.64 2.35
C LYS J 121 -45.41 -2.70 3.57
N VAL J 122 -46.51 -3.45 3.52
CA VAL J 122 -47.26 -3.69 4.75
C VAL J 122 -46.70 -4.88 5.53
N LYS J 123 -46.15 -5.88 4.84
CA LYS J 123 -45.56 -7.02 5.53
C LYS J 123 -44.30 -6.61 6.29
N GLU J 124 -43.49 -5.72 5.72
CA GLU J 124 -42.24 -5.34 6.37
C GLU J 124 -42.48 -4.64 7.72
N LEU J 125 -43.68 -4.09 7.93
CA LEU J 125 -44.02 -3.48 9.21
C LEU J 125 -45.03 -4.30 10.01
N ARG J 126 -45.63 -5.33 9.41
CA ARG J 126 -46.54 -6.19 10.16
C ARG J 126 -45.84 -6.89 11.31
N ARG J 127 -44.64 -7.42 11.08
CA ARG J 127 -43.95 -8.18 12.10
C ARG J 127 -43.19 -7.30 13.08
N ALA J 128 -43.02 -6.01 12.78
CA ALA J 128 -42.30 -5.12 13.69
C ALA J 128 -43.02 -5.00 15.03
N VAL J 129 -44.33 -4.80 15.00
CA VAL J 129 -45.10 -4.72 16.24
C VAL J 129 -45.16 -6.09 16.92
N ARG J 130 -45.25 -7.16 16.13
CA ARG J 130 -45.33 -8.50 16.69
C ARG J 130 -44.07 -8.86 17.47
N SER J 131 -42.90 -8.49 16.94
CA SER J 131 -41.64 -8.82 17.59
C SER J 131 -41.46 -8.12 18.94
N SER J 132 -42.21 -7.05 19.21
CA SER J 132 -42.11 -6.33 20.46
C SER J 132 -43.13 -6.76 21.50
N VAL J 133 -43.93 -7.79 21.20
CA VAL J 133 -44.97 -8.24 22.11
C VAL J 133 -44.38 -9.23 23.12
N TRP J 134 -43.85 -10.34 22.61
CA TRP J 134 -43.28 -11.37 23.49
C TRP J 134 -42.02 -10.84 24.16
N LYS J 135 -41.87 -11.15 25.44
CA LYS J 135 -40.73 -10.68 26.23
C LYS J 135 -39.85 -11.80 26.76
N ARG J 136 -40.45 -12.83 27.36
CA ARG J 136 -39.71 -13.94 27.93
C ARG J 136 -40.00 -15.20 27.14
N GLU J 137 -38.93 -15.86 26.67
CA GLU J 137 -39.05 -17.11 25.91
C GLU J 137 -38.76 -18.34 26.76
N THR J 138 -37.68 -18.30 27.54
CA THR J 138 -37.33 -19.42 28.39
C THR J 138 -38.37 -19.58 29.50
N ILE J 139 -38.78 -20.83 29.75
CA ILE J 139 -39.78 -21.14 30.76
C ILE J 139 -39.06 -21.48 32.05
N VAL J 140 -39.50 -20.87 33.15
CA VAL J 140 -38.89 -21.14 34.45
C VAL J 140 -39.27 -22.55 34.89
N HIS J 141 -38.27 -23.32 35.32
CA HIS J 141 -38.45 -24.71 35.72
C HIS J 141 -38.12 -24.88 37.20
N GLN J 142 -38.58 -23.96 38.04
CA GLN J 142 -38.37 -24.06 39.46
C GLN J 142 -39.12 -25.26 40.02
N HIS J 143 -38.44 -26.05 40.85
CA HIS J 143 -39.02 -27.25 41.44
C HIS J 143 -39.68 -26.86 42.76
N GLU J 144 -41.02 -26.82 42.77
CA GLU J 144 -41.78 -26.46 43.96
C GLU J 144 -42.29 -27.76 44.59
N TYR J 145 -41.44 -28.36 45.41
CA TYR J 145 -41.79 -29.60 46.09
C TYR J 145 -42.87 -29.35 47.15
N GLY J 146 -43.75 -30.33 47.30
CA GLY J 146 -44.81 -30.26 48.30
C GLY J 146 -44.36 -30.84 49.63
N PRO J 147 -45.34 -31.28 50.43
CA PRO J 147 -44.99 -31.90 51.71
C PRO J 147 -44.17 -33.17 51.53
N GLU J 148 -43.23 -33.40 52.44
CA GLU J 148 -42.36 -34.55 52.35
C GLU J 148 -43.05 -35.80 52.88
N GLU J 149 -42.72 -36.94 52.26
CA GLU J 149 -43.23 -38.24 52.66
C GLU J 149 -42.12 -39.03 53.33
N ASN J 150 -42.42 -39.60 54.49
CA ASN J 150 -41.45 -40.32 55.30
C ASN J 150 -41.56 -41.82 55.02
N LEU J 151 -40.48 -42.39 54.48
CA LEU J 151 -40.37 -43.81 54.24
C LEU J 151 -39.49 -44.45 55.31
N GLU J 152 -39.14 -45.71 55.12
CA GLU J 152 -38.30 -46.41 56.09
C GLU J 152 -36.87 -45.89 56.03
N ASP J 153 -36.10 -46.23 57.06
CA ASP J 153 -34.68 -45.86 57.16
C ASP J 153 -34.49 -44.35 57.13
N ASP J 154 -35.41 -43.62 57.76
CA ASP J 154 -35.33 -42.16 57.89
C ASP J 154 -35.24 -41.47 56.52
N MET J 155 -35.90 -42.04 55.52
CA MET J 155 -35.89 -41.47 54.19
C MET J 155 -37.03 -40.48 54.02
N TYR J 156 -36.75 -39.35 53.37
CA TYR J 156 -37.75 -38.32 53.10
C TYR J 156 -37.76 -38.05 51.60
N ARG J 157 -38.96 -38.09 51.02
CA ARG J 157 -39.13 -37.89 49.58
C ARG J 157 -39.98 -36.66 49.34
N LYS J 158 -39.52 -35.79 48.45
CA LYS J 158 -40.23 -34.58 48.06
C LYS J 158 -40.61 -34.69 46.59
N THR J 159 -41.88 -34.43 46.28
CA THR J 159 -42.39 -34.51 44.92
C THR J 159 -42.67 -33.12 44.39
N CYS J 160 -42.08 -32.81 43.24
CA CYS J 160 -42.29 -31.52 42.60
C CYS J 160 -43.67 -31.46 41.97
N THR J 161 -44.39 -30.36 42.21
CA THR J 161 -45.72 -30.18 41.65
C THR J 161 -45.70 -29.63 40.23
N MET J 162 -44.54 -29.25 39.71
CA MET J 162 -44.45 -28.67 38.38
C MET J 162 -44.16 -29.71 37.30
N CYS J 163 -43.32 -30.70 37.61
CA CYS J 163 -42.95 -31.70 36.62
C CYS J 163 -42.91 -33.12 37.19
N GLY J 164 -43.40 -33.34 38.40
CA GLY J 164 -43.36 -34.67 38.99
C GLY J 164 -41.98 -35.10 39.42
N HIS J 165 -41.05 -34.17 39.57
CA HIS J 165 -39.69 -34.51 39.98
C HIS J 165 -39.68 -35.02 41.42
N GLU J 166 -38.90 -36.07 41.66
CA GLU J 166 -38.81 -36.71 42.96
C GLU J 166 -37.40 -36.56 43.51
N LEU J 167 -37.30 -36.20 44.78
CA LEU J 167 -36.01 -36.03 45.46
C LEU J 167 -36.06 -36.81 46.76
N THR J 168 -35.23 -37.85 46.87
CA THR J 168 -35.15 -38.69 48.06
C THR J 168 -33.86 -38.38 48.80
N TYR J 169 -33.97 -38.14 50.11
CA TYR J 169 -32.81 -37.77 50.90
C TYR J 169 -32.96 -38.36 52.30
N GLU J 170 -31.90 -38.20 53.10
CA GLU J 170 -31.87 -38.66 54.48
C GLU J 170 -31.64 -37.45 55.39
N LYS J 171 -32.55 -37.25 56.34
CA LYS J 171 -32.46 -36.12 57.26
C LYS J 171 -31.81 -36.57 58.56
N MET J 172 -30.80 -35.84 59.00
CA MET J 172 -30.10 -36.15 60.24
C MET J 172 -30.90 -35.71 61.46
#